data_4XYK
#
_entry.id   4XYK
#
_cell.length_a   79.345
_cell.length_b   168.373
_cell.length_c   133.272
_cell.angle_alpha   90.00
_cell.angle_beta   103.78
_cell.angle_gamma   90.00
#
_symmetry.space_group_name_H-M   'P 1 21 1'
#
loop_
_entity.id
_entity.type
_entity.pdbx_description
1 polymer 'ATP-dependent 6-phosphofructokinase, platelet type'
2 non-polymer "ADENOSINE-5'-DIPHOSPHATE"
3 non-polymer 'PHOSPHATE ION'
#
_entity_poly.entity_id   1
_entity_poly.type   'polypeptide(L)'
_entity_poly.pdbx_seq_one_letter_code
;MSYYHHHHHHDYDIPTTENLYFQGAMDPMDADDSRAPKGSLRKFLEHLSGAGKAIGVLTSGGDAQGMNAAVRAVVRMGIY
VGAKVYFIYEGYQGMVDGGSNIAEADWESVSSILQVGGTIIGSARCQAFRTREGRLKAACNLLQRGITNLCVIGGDGSLT
GANLFRKEWSGLLEELARNGQIDKEAVQKYAYLNVVGMVGSIDNDFCGTDMTIGTDSALHRIIEVVDAIMTTAQSHQRTF
VLEVMGRHCGYLALVSALACGADWVFLPESPPEEGWEEQMCVKLSENRARKKRLNIIIVAEGAIDTQNKPITSEKIKELV
VTQLGYDTRVTILGHVQRGGTPSAFDRILASRMGVEAVIALLEATPDTPACVVSLNGNHAVRLPLMECVQMTQDVQKAMD
ERRFQDAVRLRGRSFAGNLNTYKRLAIKLPDDQIPKTNCNVAVINVGAPAAGMNAAVRSAVRVGIADGHRMLAIYDGFDG
FAKGQIKEIGWTDVGGWTGQGGSILGTKRVLPGKYLEEIATQMRTHSINALLIIGGFEAYLGLLELSAAREKHEEFCVPM
VMVPATVSNNVPGSDFSIGADTALNTITDTCDRIKQSASGTKRRVFIIETMGGYCGYLANMGGLAAGADAAYIFEEPFDI
RDLQSNVEHLTEKMKTTIQRGLVLRNESCSENYTTDFIYQLYSEEGKGVFDCRKNVLGHMQQGGAPSPFDRNFGTKISAR
AMEWITAKLKEARGRGKKFTTDDSICVLGISKRNVIFQPVAELKKQTDFEHRIPKEQWWLKLRPLMKILAKYKASYDVSD
SGQLEHVQPWSV
;
_entity_poly.pdbx_strand_id   A,B,C,D
#
# COMPACT_ATOMS: atom_id res chain seq x y z
N LEU A 45 21.17 25.85 -28.51
CA LEU A 45 21.17 25.64 -30.00
C LEU A 45 19.74 25.42 -30.50
N GLU A 46 18.78 25.59 -29.59
CA GLU A 46 17.37 25.41 -29.89
C GLU A 46 16.83 26.49 -30.82
N HIS A 47 16.42 27.63 -30.22
CA HIS A 47 15.85 28.78 -30.94
C HIS A 47 16.34 28.93 -32.38
N LEU A 48 17.64 28.69 -32.60
CA LEU A 48 18.24 28.77 -33.92
C LEU A 48 17.69 27.67 -34.84
N SER A 49 16.60 27.97 -35.52
CA SER A 49 15.97 27.01 -36.41
C SER A 49 15.80 27.57 -37.83
N GLY A 50 16.54 27.01 -38.79
CA GLY A 50 16.45 27.45 -40.16
C GLY A 50 15.19 26.98 -40.89
N ALA A 51 14.16 27.84 -40.96
CA ALA A 51 12.91 27.51 -41.63
C ALA A 51 12.84 28.14 -43.03
N GLY A 52 11.67 28.07 -43.66
CA GLY A 52 11.51 28.63 -44.99
C GLY A 52 12.08 27.81 -46.14
N LYS A 53 12.20 26.49 -45.96
CA LYS A 53 12.73 25.63 -47.01
C LYS A 53 12.18 24.21 -46.93
N ALA A 54 12.73 23.30 -47.71
CA ALA A 54 12.28 21.91 -47.71
C ALA A 54 13.44 20.89 -47.78
N ILE A 55 13.17 19.68 -47.27
CA ILE A 55 14.14 18.61 -47.28
C ILE A 55 13.64 17.39 -48.01
N GLY A 56 14.57 16.72 -48.66
CA GLY A 56 14.20 15.53 -49.40
C GLY A 56 14.99 14.38 -48.83
N VAL A 57 14.31 13.41 -48.21
CA VAL A 57 14.98 12.25 -47.64
C VAL A 57 14.66 10.97 -48.43
N LEU A 58 15.60 10.03 -48.45
CA LEU A 58 15.40 8.77 -49.14
C LEU A 58 16.37 7.72 -48.59
N THR A 59 16.22 6.49 -49.04
CA THR A 59 17.10 5.39 -48.61
C THR A 59 17.50 4.52 -49.77
N SER A 60 18.81 4.47 -50.06
CA SER A 60 19.28 3.65 -51.15
C SER A 60 20.50 2.85 -50.69
N GLY A 61 20.39 1.53 -50.62
CA GLY A 61 21.50 0.72 -50.18
C GLY A 61 21.05 -0.42 -49.31
N GLY A 62 22.02 -1.15 -48.76
CA GLY A 62 21.69 -2.26 -47.91
C GLY A 62 20.76 -1.88 -46.77
N ASP A 63 19.46 -2.08 -46.97
CA ASP A 63 18.45 -1.74 -45.96
C ASP A 63 18.81 -2.36 -44.63
N ALA A 64 19.37 -1.55 -43.74
CA ALA A 64 19.77 -2.00 -42.42
C ALA A 64 18.74 -1.58 -41.38
N GLN A 65 18.72 -2.27 -40.25
CA GLN A 65 17.79 -1.95 -39.18
C GLN A 65 18.04 -0.55 -38.67
N GLY A 66 17.03 0.03 -38.00
CA GLY A 66 17.15 1.38 -37.44
C GLY A 66 17.13 2.49 -38.49
N MET A 67 16.90 2.12 -39.73
CA MET A 67 16.88 3.09 -40.79
C MET A 67 15.62 3.94 -40.61
N ASN A 68 14.56 3.30 -40.14
CA ASN A 68 13.30 4.02 -39.91
C ASN A 68 13.48 5.01 -38.77
N ALA A 69 14.12 4.55 -37.70
CA ALA A 69 14.32 5.42 -36.57
C ALA A 69 15.08 6.66 -37.01
N ALA A 70 15.74 6.57 -38.18
CA ALA A 70 16.54 7.64 -38.74
C ALA A 70 15.67 8.66 -39.45
N VAL A 71 14.90 8.18 -40.43
CA VAL A 71 14.02 9.06 -41.16
C VAL A 71 12.96 9.66 -40.23
N ARG A 72 12.76 9.06 -39.07
CA ARG A 72 11.77 9.56 -38.14
C ARG A 72 12.30 10.84 -37.52
N ALA A 73 13.58 10.81 -37.14
CA ALA A 73 14.22 11.98 -36.53
C ALA A 73 14.39 13.12 -37.53
N VAL A 74 14.54 12.77 -38.81
CA VAL A 74 14.73 13.73 -39.87
C VAL A 74 13.45 14.48 -40.10
N VAL A 75 12.36 13.74 -40.26
CA VAL A 75 11.07 14.35 -40.49
C VAL A 75 10.61 15.24 -39.34
N ARG A 76 10.55 14.68 -38.14
CA ARG A 76 10.12 15.41 -36.98
C ARG A 76 11.01 16.58 -36.62
N MET A 77 12.25 16.52 -37.09
CA MET A 77 13.19 17.59 -36.83
C MET A 77 13.05 18.64 -37.90
N GLY A 78 13.05 18.22 -39.15
CA GLY A 78 12.89 19.18 -40.22
C GLY A 78 11.64 20.02 -40.03
N ILE A 79 10.62 19.47 -39.38
CA ILE A 79 9.36 20.19 -39.16
C ILE A 79 9.58 21.15 -38.01
N TYR A 80 10.24 20.66 -36.97
CA TYR A 80 10.53 21.49 -35.80
C TYR A 80 11.27 22.75 -36.21
N VAL A 81 12.21 22.63 -37.15
CA VAL A 81 12.96 23.80 -37.58
C VAL A 81 12.08 24.77 -38.40
N GLY A 82 10.91 24.29 -38.83
CA GLY A 82 9.98 25.13 -39.58
C GLY A 82 10.09 25.02 -41.09
N ALA A 83 10.45 23.85 -41.56
CA ALA A 83 10.60 23.63 -42.99
C ALA A 83 9.63 22.55 -43.49
N LYS A 84 9.65 22.25 -44.78
CA LYS A 84 8.79 21.19 -45.29
C LYS A 84 9.66 19.95 -45.58
N VAL A 85 9.16 18.78 -45.20
CA VAL A 85 9.90 17.54 -45.43
C VAL A 85 9.11 16.64 -46.35
N TYR A 86 9.76 16.20 -47.41
CA TYR A 86 9.12 15.32 -48.38
C TYR A 86 9.70 13.91 -48.37
N PHE A 87 8.84 12.94 -48.66
CA PHE A 87 9.24 11.54 -48.76
C PHE A 87 9.69 11.19 -50.20
N ILE A 88 10.69 10.32 -50.31
CA ILE A 88 11.18 9.87 -51.62
C ILE A 88 11.32 8.35 -51.60
N TYR A 89 10.26 7.69 -52.02
CA TYR A 89 10.19 6.23 -52.03
C TYR A 89 11.16 5.62 -52.99
N GLU A 90 11.45 4.34 -52.76
CA GLU A 90 12.36 3.57 -53.59
C GLU A 90 13.68 4.30 -53.82
N GLY A 91 14.22 4.86 -52.75
CA GLY A 91 15.49 5.58 -52.84
C GLY A 91 15.63 6.50 -54.03
N TYR A 92 16.77 6.44 -54.71
CA TYR A 92 17.04 7.26 -55.90
C TYR A 92 16.00 7.10 -57.02
N GLN A 93 15.65 5.85 -57.36
CA GLN A 93 14.67 5.59 -58.42
C GLN A 93 13.47 6.50 -58.29
N GLY A 94 13.09 6.78 -57.05
CA GLY A 94 11.95 7.64 -56.79
C GLY A 94 12.17 9.06 -57.24
N MET A 95 13.42 9.50 -57.25
CA MET A 95 13.70 10.84 -57.69
C MET A 95 13.47 10.93 -59.18
N VAL A 96 13.95 9.93 -59.90
CA VAL A 96 13.78 9.95 -61.34
C VAL A 96 12.29 9.98 -61.68
N ASP A 97 11.59 8.96 -61.19
CA ASP A 97 10.17 8.84 -61.44
C ASP A 97 9.44 10.12 -61.06
N GLY A 98 9.12 10.23 -59.77
CA GLY A 98 8.40 11.38 -59.24
C GLY A 98 6.91 11.12 -59.04
N GLY A 99 6.15 12.19 -58.74
CA GLY A 99 4.72 12.04 -58.56
C GLY A 99 4.34 11.26 -57.33
N SER A 100 3.94 10.02 -57.53
CA SER A 100 3.56 9.18 -56.40
C SER A 100 4.73 8.84 -55.51
N ASN A 101 5.95 9.05 -56.02
CA ASN A 101 7.17 8.73 -55.25
C ASN A 101 7.75 9.92 -54.51
N ILE A 102 6.91 10.95 -54.36
CA ILE A 102 7.27 12.17 -53.64
C ILE A 102 6.01 12.70 -52.95
N ALA A 103 6.06 12.82 -51.63
CA ALA A 103 4.92 13.33 -50.86
C ALA A 103 5.44 13.96 -49.59
N GLU A 104 4.66 14.89 -49.03
CA GLU A 104 5.04 15.56 -47.79
C GLU A 104 4.77 14.63 -46.61
N ALA A 105 5.53 14.77 -45.53
CA ALA A 105 5.34 13.92 -44.36
C ALA A 105 4.97 14.72 -43.10
N ASP A 106 3.89 14.32 -42.42
CA ASP A 106 3.42 14.98 -41.20
C ASP A 106 4.00 14.31 -39.96
N TRP A 107 3.89 14.98 -38.83
CA TRP A 107 4.43 14.47 -37.59
C TRP A 107 3.87 13.10 -37.31
N GLU A 108 2.63 12.87 -37.73
CA GLU A 108 1.95 11.59 -37.52
C GLU A 108 2.49 10.51 -38.47
N SER A 109 3.09 10.92 -39.58
CA SER A 109 3.64 9.98 -40.55
C SER A 109 4.71 9.03 -39.99
N VAL A 110 5.85 9.62 -39.63
CA VAL A 110 6.95 8.83 -39.10
C VAL A 110 6.71 8.29 -37.71
N SER A 111 5.44 8.18 -37.35
CA SER A 111 5.07 7.65 -36.05
C SER A 111 4.74 6.18 -36.14
N SER A 112 5.27 5.42 -35.18
CA SER A 112 5.03 3.98 -35.10
C SER A 112 5.86 3.22 -36.11
N ILE A 113 7.05 3.71 -36.42
CA ILE A 113 7.93 3.03 -37.39
C ILE A 113 9.31 2.84 -36.80
N LEU A 114 9.61 3.68 -35.83
CA LEU A 114 10.89 3.63 -35.12
C LEU A 114 11.31 2.22 -34.68
N GLN A 115 10.33 1.45 -34.19
CA GLN A 115 10.61 0.09 -33.73
C GLN A 115 10.47 -0.97 -34.86
N VAL A 116 10.91 -0.63 -36.07
CA VAL A 116 10.83 -1.57 -37.18
C VAL A 116 12.08 -1.58 -37.98
N GLY A 117 12.45 -2.73 -38.52
CA GLY A 117 13.69 -2.80 -39.25
C GLY A 117 13.46 -2.36 -40.66
N GLY A 118 14.42 -2.63 -41.52
CA GLY A 118 14.28 -2.27 -42.90
C GLY A 118 13.98 -0.80 -43.02
N THR A 119 13.24 -0.45 -44.06
CA THR A 119 12.87 0.95 -44.32
C THR A 119 11.49 1.04 -44.91
N ILE A 120 10.65 1.87 -44.31
CA ILE A 120 9.29 2.05 -44.78
C ILE A 120 9.24 2.93 -46.02
N ILE A 121 10.24 3.79 -46.16
CA ILE A 121 10.35 4.67 -47.31
C ILE A 121 10.66 3.83 -48.55
N GLY A 122 11.21 2.64 -48.34
CA GLY A 122 11.52 1.75 -49.45
C GLY A 122 12.87 2.10 -50.03
N SER A 123 13.63 1.06 -50.43
CA SER A 123 14.96 1.21 -51.00
C SER A 123 15.02 0.50 -52.35
N ALA A 124 15.90 0.98 -53.24
CA ALA A 124 16.06 0.39 -54.57
C ALA A 124 17.27 0.94 -55.31
N ARG A 125 17.90 0.10 -56.10
CA ARG A 125 19.06 0.55 -56.84
C ARG A 125 18.57 1.15 -58.15
N CYS A 126 18.88 2.43 -58.38
CA CYS A 126 18.50 3.13 -59.62
C CYS A 126 19.68 3.38 -60.58
N GLN A 127 19.65 2.74 -61.74
CA GLN A 127 20.74 2.90 -62.68
C GLN A 127 20.50 4.11 -63.54
N ALA A 128 19.23 4.41 -63.76
CA ALA A 128 18.88 5.54 -64.59
C ALA A 128 19.28 6.85 -63.93
N PHE A 129 20.10 6.77 -62.91
CA PHE A 129 20.53 7.97 -62.22
C PHE A 129 22.03 8.15 -62.38
N ARG A 130 22.71 7.04 -62.61
CA ARG A 130 24.16 7.04 -62.77
C ARG A 130 24.52 7.64 -64.14
N THR A 131 23.51 8.17 -64.82
CA THR A 131 23.70 8.76 -66.14
C THR A 131 23.08 10.15 -66.17
N ARG A 132 23.83 11.14 -66.62
CA ARG A 132 23.32 12.51 -66.70
C ARG A 132 22.04 12.57 -67.53
N GLU A 133 21.99 11.77 -68.59
CA GLU A 133 20.82 11.73 -69.47
C GLU A 133 19.52 11.51 -68.68
N GLY A 134 19.66 10.95 -67.49
CA GLY A 134 18.47 10.71 -66.66
C GLY A 134 18.57 11.35 -65.28
N ARG A 135 19.77 11.77 -64.93
CA ARG A 135 19.97 12.40 -63.63
C ARG A 135 19.26 13.74 -63.67
N LEU A 136 19.02 14.23 -64.88
CA LEU A 136 18.30 15.49 -65.06
C LEU A 136 16.83 15.34 -64.68
N LYS A 137 16.24 14.21 -65.06
CA LYS A 137 14.83 13.96 -64.76
C LYS A 137 14.65 14.03 -63.25
N ALA A 138 15.69 13.65 -62.52
CA ALA A 138 15.64 13.71 -61.05
C ALA A 138 15.67 15.17 -60.57
N ALA A 139 16.63 15.93 -61.06
CA ALA A 139 16.78 17.34 -60.72
C ALA A 139 15.46 18.06 -61.01
N CYS A 140 14.97 17.95 -62.24
CA CYS A 140 13.72 18.59 -62.65
C CYS A 140 12.58 18.33 -61.67
N ASN A 141 12.38 17.05 -61.33
CA ASN A 141 11.30 16.69 -60.44
C ASN A 141 11.44 17.32 -59.05
N LEU A 142 12.65 17.75 -58.69
CA LEU A 142 12.90 18.38 -57.38
C LEU A 142 12.39 19.82 -57.31
N LEU A 143 12.70 20.63 -58.32
CA LEU A 143 12.26 22.00 -58.36
C LEU A 143 10.72 22.06 -58.38
N GLN A 144 10.07 21.06 -58.98
CA GLN A 144 8.60 21.04 -59.04
C GLN A 144 8.00 21.01 -57.63
N ARG A 145 8.78 20.49 -56.68
CA ARG A 145 8.31 20.39 -55.29
C ARG A 145 8.97 21.45 -54.39
N GLY A 146 9.94 22.18 -54.94
CA GLY A 146 10.61 23.23 -54.21
C GLY A 146 11.62 22.76 -53.19
N ILE A 147 12.22 21.60 -53.46
CA ILE A 147 13.22 21.03 -52.55
C ILE A 147 14.61 21.51 -52.92
N THR A 148 15.24 22.22 -51.99
CA THR A 148 16.57 22.76 -52.22
C THR A 148 17.61 21.98 -51.45
N ASN A 149 17.17 21.28 -50.42
CA ASN A 149 18.10 20.50 -49.62
C ASN A 149 17.73 19.03 -49.68
N LEU A 150 18.73 18.17 -49.49
CA LEU A 150 18.53 16.72 -49.53
C LEU A 150 19.40 15.90 -48.55
N CYS A 151 18.82 14.83 -48.03
CA CYS A 151 19.51 13.96 -47.08
C CYS A 151 19.46 12.51 -47.53
N VAL A 152 20.60 11.95 -47.92
CA VAL A 152 20.65 10.58 -48.41
C VAL A 152 21.18 9.59 -47.36
N ILE A 153 20.45 8.50 -47.16
CA ILE A 153 20.83 7.48 -46.19
C ILE A 153 21.12 6.19 -46.93
N GLY A 154 22.38 6.01 -47.32
CA GLY A 154 22.74 4.79 -48.03
C GLY A 154 24.13 4.30 -47.69
N GLY A 155 24.88 3.88 -48.72
CA GLY A 155 26.22 3.37 -48.48
C GLY A 155 27.33 3.97 -49.33
N ASP A 156 28.48 3.31 -49.34
CA ASP A 156 29.65 3.75 -50.09
C ASP A 156 29.25 4.38 -51.43
N GLY A 157 28.50 3.64 -52.23
CA GLY A 157 28.12 4.18 -53.51
C GLY A 157 27.06 5.25 -53.51
N SER A 158 25.96 4.94 -52.84
CA SER A 158 24.83 5.83 -52.77
C SER A 158 25.19 7.27 -52.43
N LEU A 159 26.02 7.43 -51.42
CA LEU A 159 26.46 8.75 -51.03
C LEU A 159 27.22 9.44 -52.18
N THR A 160 28.17 8.75 -52.78
CA THR A 160 28.94 9.32 -53.87
C THR A 160 28.01 9.83 -54.95
N GLY A 161 26.83 9.24 -55.04
CA GLY A 161 25.88 9.67 -56.07
C GLY A 161 25.46 11.12 -55.91
N ALA A 162 25.13 11.50 -54.70
CA ALA A 162 24.71 12.86 -54.45
C ALA A 162 25.91 13.81 -54.48
N ASN A 163 27.10 13.30 -54.20
CA ASN A 163 28.30 14.12 -54.21
C ASN A 163 28.45 14.75 -55.60
N LEU A 164 28.06 13.99 -56.63
CA LEU A 164 28.14 14.44 -58.03
C LEU A 164 26.95 15.33 -58.28
N PHE A 165 25.78 14.83 -57.90
CA PHE A 165 24.55 15.59 -58.07
C PHE A 165 24.73 16.99 -57.53
N ARG A 166 25.42 17.10 -56.40
CA ARG A 166 25.66 18.38 -55.75
C ARG A 166 26.38 19.32 -56.71
N LYS A 167 27.40 18.80 -57.38
CA LYS A 167 28.18 19.58 -58.34
C LYS A 167 27.44 19.85 -59.67
N GLU A 168 26.93 18.78 -60.28
CA GLU A 168 26.19 18.91 -61.56
C GLU A 168 24.95 19.77 -61.47
N TRP A 169 24.46 20.05 -60.26
CA TRP A 169 23.27 20.87 -60.09
C TRP A 169 23.29 22.12 -60.95
N SER A 170 24.32 22.93 -60.77
CA SER A 170 24.43 24.15 -61.55
C SER A 170 24.38 23.85 -63.03
N GLY A 171 24.77 22.65 -63.40
CA GLY A 171 24.74 22.29 -64.79
C GLY A 171 23.42 21.68 -65.18
N LEU A 172 22.71 21.09 -64.21
CA LEU A 172 21.43 20.45 -64.50
C LEU A 172 20.35 21.50 -64.59
N LEU A 173 20.59 22.66 -64.02
CA LEU A 173 19.60 23.73 -64.09
C LEU A 173 19.78 24.54 -65.39
N GLU A 174 20.95 24.42 -65.98
CA GLU A 174 21.24 25.15 -67.20
C GLU A 174 20.49 24.51 -68.36
N GLU A 175 20.42 23.18 -68.34
CA GLU A 175 19.74 22.42 -69.37
C GLU A 175 18.20 22.50 -69.25
N LEU A 176 17.70 22.46 -68.01
CA LEU A 176 16.28 22.52 -67.71
C LEU A 176 15.71 23.85 -68.17
N ALA A 177 16.49 24.91 -67.98
CA ALA A 177 16.10 26.26 -68.35
C ALA A 177 16.19 26.45 -69.87
N ARG A 178 17.27 25.93 -70.45
CA ARG A 178 17.48 26.06 -71.89
C ARG A 178 16.33 25.40 -72.61
N ASN A 179 16.21 24.09 -72.45
CA ASN A 179 15.14 23.33 -73.11
C ASN A 179 13.80 23.86 -72.63
N GLY A 180 13.82 24.67 -71.59
CA GLY A 180 12.58 25.25 -71.09
C GLY A 180 11.59 24.25 -70.58
N GLN A 181 12.04 23.47 -69.60
CA GLN A 181 11.17 22.47 -68.99
C GLN A 181 10.72 22.94 -67.62
N ILE A 182 11.46 23.88 -67.04
CA ILE A 182 11.09 24.43 -65.73
C ILE A 182 10.98 25.93 -65.85
N ASP A 183 10.11 26.55 -65.05
CA ASP A 183 9.95 28.00 -65.08
C ASP A 183 11.35 28.65 -65.13
N LYS A 184 11.55 29.67 -65.97
CA LYS A 184 12.86 30.33 -66.09
C LYS A 184 13.29 31.04 -64.79
N GLU A 185 12.32 31.35 -63.95
CA GLU A 185 12.67 32.00 -62.70
C GLU A 185 13.46 31.05 -61.81
N ALA A 186 12.91 29.86 -61.58
CA ALA A 186 13.53 28.87 -60.72
C ALA A 186 15.01 28.69 -60.95
N VAL A 187 15.50 29.11 -62.11
CA VAL A 187 16.89 28.90 -62.44
C VAL A 187 17.81 29.64 -61.49
N GLN A 188 17.25 30.57 -60.73
CA GLN A 188 18.03 31.35 -59.81
C GLN A 188 17.57 31.24 -58.37
N LYS A 189 16.32 30.84 -58.14
CA LYS A 189 15.83 30.71 -56.76
C LYS A 189 16.39 29.42 -56.14
N TYR A 190 16.49 28.37 -56.95
CA TYR A 190 17.01 27.09 -56.50
C TYR A 190 18.33 26.79 -57.24
N ALA A 191 19.24 27.74 -57.14
CA ALA A 191 20.56 27.65 -57.76
C ALA A 191 21.54 26.86 -56.90
N TYR A 192 21.45 27.00 -55.59
CA TYR A 192 22.33 26.27 -54.69
C TYR A 192 21.67 24.98 -54.24
N LEU A 193 22.43 23.89 -54.16
CA LEU A 193 21.88 22.59 -53.75
C LEU A 193 22.69 21.96 -52.60
N ASN A 194 22.08 21.88 -51.40
CA ASN A 194 22.72 21.31 -50.22
C ASN A 194 22.28 19.89 -49.96
N VAL A 195 23.25 19.02 -49.73
CA VAL A 195 22.99 17.61 -49.48
C VAL A 195 23.80 17.11 -48.31
N VAL A 196 23.32 16.05 -47.68
CA VAL A 196 24.01 15.47 -46.55
C VAL A 196 23.79 13.98 -46.52
N GLY A 197 24.88 13.23 -46.36
CA GLY A 197 24.84 11.78 -46.33
C GLY A 197 24.78 11.24 -44.93
N MET A 198 24.31 10.02 -44.77
CA MET A 198 24.20 9.46 -43.45
C MET A 198 24.56 7.98 -43.45
N VAL A 199 25.45 7.62 -42.52
CA VAL A 199 25.93 6.27 -42.36
C VAL A 199 24.79 5.27 -42.15
N GLY A 200 24.57 4.37 -43.10
CA GLY A 200 23.50 3.39 -42.97
C GLY A 200 23.65 2.10 -43.74
N SER A 201 24.27 1.11 -43.10
CA SER A 201 24.52 -0.21 -43.67
C SER A 201 25.23 -1.07 -42.63
N ILE A 202 24.76 -2.31 -42.46
CA ILE A 202 25.35 -3.21 -41.47
C ILE A 202 26.77 -3.66 -41.79
N ASP A 203 27.28 -3.27 -42.96
CA ASP A 203 28.63 -3.64 -43.37
C ASP A 203 29.66 -2.89 -42.54
N ASN A 204 29.40 -1.62 -42.29
CA ASN A 204 30.33 -0.79 -41.52
C ASN A 204 31.65 -0.65 -42.25
N ASP A 205 31.64 -0.94 -43.55
CA ASP A 205 32.86 -0.81 -44.33
C ASP A 205 33.12 0.67 -44.55
N PHE A 206 32.82 1.48 -43.52
CA PHE A 206 33.01 2.91 -43.57
C PHE A 206 33.88 3.31 -42.40
N CYS A 207 34.96 4.02 -42.69
CA CYS A 207 35.87 4.40 -41.66
C CYS A 207 35.65 5.85 -41.25
N GLY A 208 34.69 6.49 -41.89
CA GLY A 208 34.40 7.88 -41.53
C GLY A 208 33.77 7.92 -40.14
N THR A 209 33.14 6.81 -39.77
CA THR A 209 32.49 6.66 -38.48
C THR A 209 32.84 5.29 -37.91
N ASP A 210 32.91 5.21 -36.59
CA ASP A 210 33.22 3.96 -35.96
C ASP A 210 32.09 2.93 -36.21
N MET A 211 30.86 3.33 -35.90
CA MET A 211 29.67 2.48 -36.08
C MET A 211 28.65 3.11 -37.04
N THR A 212 28.20 2.33 -38.00
CA THR A 212 27.24 2.82 -38.96
C THR A 212 25.89 2.25 -38.58
N ILE A 213 24.83 3.04 -38.72
CA ILE A 213 23.49 2.61 -38.40
C ILE A 213 23.21 1.23 -38.98
N GLY A 214 23.08 0.23 -38.10
CA GLY A 214 22.80 -1.13 -38.54
C GLY A 214 23.67 -2.16 -37.85
N THR A 215 24.95 -1.86 -37.69
CA THR A 215 25.90 -2.76 -37.05
C THR A 215 25.38 -3.47 -35.81
N ASP A 216 25.21 -2.74 -34.71
CA ASP A 216 24.72 -3.32 -33.45
C ASP A 216 23.50 -4.19 -33.71
N SER A 217 22.63 -3.79 -34.62
CA SER A 217 21.43 -4.57 -34.93
C SER A 217 21.77 -5.89 -35.61
N ALA A 218 22.57 -5.83 -36.66
CA ALA A 218 22.97 -7.03 -37.39
C ALA A 218 23.79 -7.91 -36.49
N LEU A 219 24.59 -7.29 -35.63
CA LEU A 219 25.44 -8.01 -34.70
C LEU A 219 24.55 -8.85 -33.79
N HIS A 220 23.41 -8.28 -33.43
CA HIS A 220 22.44 -8.97 -32.59
C HIS A 220 21.99 -10.23 -33.34
N ARG A 221 21.44 -10.01 -34.54
CA ARG A 221 20.95 -11.10 -35.37
C ARG A 221 21.98 -12.23 -35.43
N ILE A 222 23.24 -11.88 -35.63
CA ILE A 222 24.28 -12.89 -35.72
C ILE A 222 24.42 -13.64 -34.41
N ILE A 223 24.59 -12.90 -33.32
CA ILE A 223 24.76 -13.52 -32.02
C ILE A 223 23.54 -14.38 -31.64
N GLU A 224 22.35 -13.92 -32.03
CA GLU A 224 21.13 -14.64 -31.71
C GLU A 224 21.16 -16.00 -32.34
N VAL A 225 21.62 -16.07 -33.58
CA VAL A 225 21.68 -17.32 -34.32
C VAL A 225 22.70 -18.24 -33.67
N VAL A 226 23.86 -17.68 -33.34
CA VAL A 226 24.89 -18.48 -32.71
C VAL A 226 24.51 -19.02 -31.36
N ASP A 227 24.12 -18.12 -30.47
CA ASP A 227 23.74 -18.54 -29.14
C ASP A 227 22.73 -19.69 -29.20
N ALA A 228 21.96 -19.75 -30.29
CA ALA A 228 20.96 -20.79 -30.48
C ALA A 228 21.64 -22.02 -31.04
N ILE A 229 22.57 -21.82 -31.96
CA ILE A 229 23.27 -22.99 -32.54
C ILE A 229 24.16 -23.71 -31.54
N MET A 230 24.73 -22.97 -30.60
CA MET A 230 25.61 -23.50 -29.60
C MET A 230 24.98 -24.61 -28.73
N THR A 231 23.66 -24.61 -28.61
CA THR A 231 22.99 -25.62 -27.80
C THR A 231 22.85 -26.92 -28.61
N THR A 232 22.81 -26.80 -29.93
CA THR A 232 22.68 -27.95 -30.80
C THR A 232 24.03 -28.60 -31.04
N ALA A 233 25.10 -27.82 -30.89
CA ALA A 233 26.45 -28.33 -31.07
C ALA A 233 26.99 -28.84 -29.74
N GLN A 234 26.57 -28.27 -28.62
CA GLN A 234 27.06 -28.72 -27.31
C GLN A 234 26.51 -30.11 -26.98
N SER A 235 25.59 -30.57 -27.81
CA SER A 235 24.95 -31.86 -27.62
C SER A 235 25.61 -32.91 -28.49
N HIS A 236 25.52 -32.74 -29.80
CA HIS A 236 26.12 -33.70 -30.71
C HIS A 236 27.63 -33.48 -30.80
N GLN A 237 28.15 -32.66 -29.88
CA GLN A 237 29.58 -32.34 -29.84
C GLN A 237 30.19 -32.26 -31.22
N ARG A 238 29.71 -31.30 -32.01
CA ARG A 238 30.19 -31.09 -33.36
C ARG A 238 30.75 -29.69 -33.53
N THR A 239 31.23 -29.42 -34.75
CA THR A 239 31.80 -28.11 -35.09
C THR A 239 30.98 -27.42 -36.18
N PHE A 240 30.74 -26.12 -36.03
CA PHE A 240 29.98 -25.36 -37.01
C PHE A 240 30.82 -24.25 -37.64
N VAL A 241 30.52 -23.95 -38.90
CA VAL A 241 31.21 -22.91 -39.64
C VAL A 241 30.12 -21.93 -40.08
N LEU A 242 30.26 -20.69 -39.65
CA LEU A 242 29.28 -19.67 -39.98
C LEU A 242 29.83 -18.67 -40.97
N GLU A 243 28.93 -18.16 -41.83
CA GLU A 243 29.33 -17.20 -42.82
C GLU A 243 28.55 -15.89 -42.64
N VAL A 244 29.16 -14.93 -41.95
CA VAL A 244 28.54 -13.63 -41.74
C VAL A 244 28.65 -12.69 -42.97
N MET A 245 27.92 -11.57 -42.95
CA MET A 245 27.93 -10.64 -44.07
C MET A 245 29.20 -9.81 -44.10
N GLY A 246 29.40 -9.13 -45.21
CA GLY A 246 30.60 -8.32 -45.31
C GLY A 246 31.47 -8.75 -46.46
N ARG A 247 30.99 -8.51 -47.68
CA ARG A 247 31.74 -8.87 -48.87
C ARG A 247 33.06 -8.10 -48.93
N HIS A 248 33.08 -6.90 -48.35
CA HIS A 248 34.30 -6.07 -48.36
C HIS A 248 34.95 -6.01 -46.99
N CYS A 249 34.25 -5.38 -46.05
CA CYS A 249 34.71 -5.24 -44.68
C CYS A 249 34.42 -6.48 -43.84
N GLY A 250 35.44 -6.94 -43.13
CA GLY A 250 35.30 -8.11 -42.29
C GLY A 250 35.09 -7.64 -40.89
N TYR A 251 34.16 -6.73 -40.70
CA TYR A 251 33.86 -6.18 -39.37
C TYR A 251 32.98 -7.11 -38.53
N LEU A 252 31.71 -7.18 -38.88
CA LEU A 252 30.75 -8.03 -38.19
C LEU A 252 31.29 -9.45 -38.04
N ALA A 253 32.34 -9.78 -38.79
CA ALA A 253 32.94 -11.12 -38.70
C ALA A 253 33.82 -11.20 -37.47
N LEU A 254 34.47 -10.09 -37.15
CA LEU A 254 35.35 -10.07 -36.00
C LEU A 254 34.61 -9.83 -34.70
N VAL A 255 33.82 -8.74 -34.63
CA VAL A 255 33.05 -8.35 -33.44
C VAL A 255 32.13 -9.45 -32.97
N SER A 256 31.38 -10.04 -33.88
CA SER A 256 30.49 -11.15 -33.52
C SER A 256 31.29 -12.31 -32.88
N ALA A 257 32.36 -12.72 -33.54
CA ALA A 257 33.20 -13.78 -33.02
C ALA A 257 33.61 -13.48 -31.56
N LEU A 258 34.25 -12.32 -31.36
CA LEU A 258 34.67 -11.87 -30.04
C LEU A 258 33.53 -11.93 -29.05
N ALA A 259 32.32 -11.76 -29.56
CA ALA A 259 31.11 -11.80 -28.73
C ALA A 259 30.69 -13.19 -28.30
N CYS A 260 30.99 -14.21 -29.11
CA CYS A 260 30.58 -15.56 -28.77
C CYS A 260 31.77 -16.44 -28.45
N GLY A 261 32.89 -15.81 -28.15
CA GLY A 261 34.09 -16.57 -27.82
C GLY A 261 34.35 -17.62 -28.85
N ALA A 262 34.45 -17.21 -30.12
CA ALA A 262 34.71 -18.12 -31.24
C ALA A 262 36.10 -18.74 -31.18
N ASP A 263 36.28 -19.86 -31.87
CA ASP A 263 37.54 -20.58 -31.90
C ASP A 263 38.48 -19.97 -32.93
N TRP A 264 38.01 -19.76 -34.16
CA TRP A 264 38.88 -19.17 -35.20
C TRP A 264 38.07 -18.21 -36.09
N VAL A 265 38.72 -17.18 -36.63
CA VAL A 265 38.04 -16.22 -37.50
C VAL A 265 38.82 -15.98 -38.78
N PHE A 266 38.09 -15.65 -39.84
CA PHE A 266 38.67 -15.35 -41.14
C PHE A 266 38.24 -13.95 -41.61
N LEU A 267 39.20 -13.02 -41.69
CA LEU A 267 38.90 -11.67 -42.11
C LEU A 267 39.67 -11.30 -43.35
N PRO A 268 39.03 -10.52 -44.21
CA PRO A 268 39.61 -10.04 -45.46
C PRO A 268 40.80 -9.07 -45.23
N GLU A 269 40.81 -8.33 -44.12
CA GLU A 269 41.87 -7.35 -43.84
C GLU A 269 43.12 -7.93 -43.24
N SER A 270 42.92 -8.92 -42.41
CA SER A 270 44.00 -9.64 -41.71
C SER A 270 43.86 -11.15 -41.95
N PRO A 271 44.27 -11.66 -43.12
CA PRO A 271 44.19 -13.09 -43.47
C PRO A 271 45.09 -13.97 -42.63
N PRO A 272 44.91 -15.27 -42.74
CA PRO A 272 45.71 -16.21 -41.97
C PRO A 272 47.14 -16.38 -42.44
N GLU A 273 48.11 -16.36 -41.51
CA GLU A 273 49.54 -16.53 -41.82
C GLU A 273 49.70 -17.86 -42.55
N GLU A 274 50.54 -17.89 -43.58
CA GLU A 274 50.74 -19.12 -44.32
C GLU A 274 51.07 -20.26 -43.35
N GLY A 275 50.30 -21.33 -43.45
CA GLY A 275 50.50 -22.47 -42.58
C GLY A 275 49.44 -22.53 -41.50
N TRP A 276 48.33 -21.88 -41.79
CA TRP A 276 47.22 -21.82 -40.87
C TRP A 276 46.41 -23.12 -40.86
N GLU A 277 46.45 -23.87 -41.96
CA GLU A 277 45.69 -25.11 -42.05
C GLU A 277 45.96 -26.06 -40.90
N GLU A 278 47.24 -26.28 -40.61
CA GLU A 278 47.61 -27.18 -39.53
C GLU A 278 47.49 -26.50 -38.20
N GLN A 279 47.61 -25.17 -38.18
CA GLN A 279 47.51 -24.42 -36.94
C GLN A 279 46.10 -24.45 -36.37
N MET A 280 45.12 -24.45 -37.26
CA MET A 280 43.71 -24.49 -36.86
C MET A 280 43.42 -25.88 -36.31
N CYS A 281 43.81 -26.92 -37.04
CA CYS A 281 43.57 -28.28 -36.56
C CYS A 281 44.21 -28.47 -35.19
N VAL A 282 45.26 -27.69 -34.90
CA VAL A 282 45.95 -27.78 -33.61
C VAL A 282 45.00 -27.35 -32.50
N LYS A 283 44.26 -26.28 -32.79
CA LYS A 283 43.30 -25.75 -31.83
C LYS A 283 42.17 -26.75 -31.61
N LEU A 284 41.42 -27.08 -32.64
CA LEU A 284 40.33 -28.04 -32.52
C LEU A 284 40.76 -29.37 -31.87
N SER A 285 42.01 -29.77 -32.16
CA SER A 285 42.55 -31.01 -31.58
C SER A 285 42.69 -30.89 -30.07
N GLU A 286 43.03 -29.69 -29.59
CA GLU A 286 43.18 -29.46 -28.16
C GLU A 286 41.85 -29.15 -27.48
N ASN A 287 40.90 -28.62 -28.23
CA ASN A 287 39.59 -28.30 -27.66
C ASN A 287 38.85 -29.57 -27.39
N ARG A 288 39.27 -30.67 -27.99
CA ARG A 288 38.60 -31.95 -27.75
C ARG A 288 39.30 -32.60 -26.57
N ALA A 289 40.55 -32.25 -26.38
CA ALA A 289 41.35 -32.78 -25.29
C ALA A 289 41.03 -32.04 -24.00
N ARG A 290 40.54 -30.82 -24.14
CA ARG A 290 40.20 -30.03 -22.97
C ARG A 290 38.75 -30.24 -22.61
N LYS A 291 38.06 -31.08 -23.38
CA LYS A 291 36.64 -31.38 -23.15
C LYS A 291 35.59 -30.37 -23.66
N LYS A 292 36.01 -29.48 -24.55
CA LYS A 292 35.07 -28.50 -25.13
C LYS A 292 34.34 -29.14 -26.29
N ARG A 293 33.24 -29.80 -25.96
CA ARG A 293 32.44 -30.50 -26.95
C ARG A 293 31.75 -29.54 -27.91
N LEU A 294 32.36 -28.39 -28.20
CA LEU A 294 31.72 -27.43 -29.09
C LEU A 294 32.77 -26.53 -29.73
N ASN A 295 32.67 -26.34 -31.04
CA ASN A 295 33.57 -25.47 -31.79
C ASN A 295 32.82 -24.59 -32.79
N ILE A 296 33.05 -23.28 -32.78
CA ILE A 296 32.33 -22.37 -33.64
C ILE A 296 33.32 -21.61 -34.47
N ILE A 297 33.18 -21.75 -35.78
CA ILE A 297 34.05 -21.06 -36.71
C ILE A 297 33.29 -19.92 -37.39
N ILE A 298 33.86 -18.71 -37.34
CA ILE A 298 33.27 -17.52 -37.96
C ILE A 298 34.07 -17.12 -39.19
N VAL A 299 33.38 -17.09 -40.32
CA VAL A 299 34.04 -16.76 -41.57
C VAL A 299 33.40 -15.54 -42.23
N ALA A 300 34.23 -14.63 -42.73
CA ALA A 300 33.72 -13.43 -43.38
C ALA A 300 33.26 -13.77 -44.79
N GLU A 301 32.22 -13.07 -45.25
CA GLU A 301 31.70 -13.29 -46.59
C GLU A 301 32.77 -13.14 -47.69
N GLY A 302 33.77 -12.31 -47.42
CA GLY A 302 34.82 -12.10 -48.40
C GLY A 302 36.16 -12.48 -47.83
N ALA A 303 36.22 -13.64 -47.18
CA ALA A 303 37.47 -14.13 -46.59
C ALA A 303 38.52 -14.47 -47.64
N ILE A 304 39.79 -14.20 -47.30
CA ILE A 304 40.92 -14.46 -48.20
C ILE A 304 42.17 -14.77 -47.35
N ASP A 305 43.17 -15.37 -47.98
CA ASP A 305 44.42 -15.70 -47.30
C ASP A 305 45.51 -14.74 -47.72
N THR A 306 46.76 -15.09 -47.43
CA THR A 306 47.91 -14.23 -47.79
C THR A 306 47.76 -13.67 -49.20
N GLN A 307 47.17 -14.46 -50.10
CA GLN A 307 46.94 -14.01 -51.47
C GLN A 307 45.43 -13.85 -51.65
N ASN A 308 45.01 -13.00 -52.59
CA ASN A 308 43.58 -12.76 -52.81
C ASN A 308 42.74 -14.04 -52.86
N LYS A 309 43.41 -15.18 -53.04
CA LYS A 309 42.73 -16.47 -53.12
C LYS A 309 41.64 -16.57 -52.04
N PRO A 310 40.38 -16.62 -52.47
CA PRO A 310 39.23 -16.71 -51.55
C PRO A 310 39.28 -17.92 -50.63
N ILE A 311 38.66 -17.76 -49.47
CA ILE A 311 38.59 -18.79 -48.45
C ILE A 311 37.12 -19.14 -48.16
N THR A 312 36.54 -19.98 -49.01
CA THR A 312 35.15 -20.37 -48.85
C THR A 312 34.97 -21.15 -47.57
N SER A 313 33.74 -21.19 -47.08
CA SER A 313 33.43 -21.88 -45.84
C SER A 313 33.45 -23.37 -46.07
N GLU A 314 33.30 -23.78 -47.31
CA GLU A 314 33.33 -25.20 -47.61
C GLU A 314 34.75 -25.67 -47.57
N LYS A 315 35.66 -24.85 -48.13
CA LYS A 315 37.10 -25.18 -48.16
C LYS A 315 37.58 -25.50 -46.73
N ILE A 316 36.81 -25.07 -45.73
CA ILE A 316 37.13 -25.31 -44.32
C ILE A 316 36.42 -26.57 -43.83
N LYS A 317 35.14 -26.70 -44.19
CA LYS A 317 34.38 -27.89 -43.80
C LYS A 317 35.14 -29.12 -44.28
N GLU A 318 35.78 -28.99 -45.43
CA GLU A 318 36.58 -30.07 -46.01
C GLU A 318 37.84 -30.26 -45.17
N LEU A 319 38.54 -29.17 -44.89
CA LEU A 319 39.77 -29.22 -44.11
C LEU A 319 39.67 -29.92 -42.76
N VAL A 320 38.71 -29.54 -41.93
CA VAL A 320 38.56 -30.17 -40.61
C VAL A 320 38.04 -31.61 -40.64
N VAL A 321 37.07 -31.92 -41.51
CA VAL A 321 36.52 -33.27 -41.56
C VAL A 321 37.44 -34.23 -42.25
N THR A 322 38.25 -33.70 -43.17
CA THR A 322 39.18 -34.51 -43.94
C THR A 322 40.58 -34.48 -43.32
N GLN A 323 40.71 -34.18 -42.03
CA GLN A 323 42.03 -34.10 -41.41
C GLN A 323 41.91 -34.23 -39.90
N LEU A 324 40.66 -34.23 -39.43
CA LEU A 324 40.36 -34.36 -38.00
C LEU A 324 39.25 -35.39 -37.79
N GLY A 325 38.37 -35.50 -38.77
CA GLY A 325 37.27 -36.46 -38.67
C GLY A 325 36.06 -36.00 -37.85
N TYR A 326 36.09 -34.77 -37.33
CA TYR A 326 34.98 -34.25 -36.53
C TYR A 326 33.75 -33.99 -37.41
N ASP A 327 32.57 -34.18 -36.84
CA ASP A 327 31.34 -33.93 -37.58
C ASP A 327 31.24 -32.41 -37.75
N THR A 328 31.02 -31.96 -38.97
CA THR A 328 30.97 -30.53 -39.24
C THR A 328 29.83 -30.13 -40.13
N ARG A 329 29.22 -29.00 -39.81
CA ARG A 329 28.13 -28.45 -40.60
C ARG A 329 28.35 -26.97 -40.77
N VAL A 330 28.22 -26.47 -41.99
CA VAL A 330 28.42 -25.06 -42.25
C VAL A 330 27.12 -24.44 -42.72
N THR A 331 26.81 -23.24 -42.23
CA THR A 331 25.59 -22.58 -42.63
C THR A 331 25.83 -21.10 -42.93
N ILE A 332 25.18 -20.60 -43.98
CA ILE A 332 25.32 -19.20 -44.36
C ILE A 332 24.17 -18.40 -43.78
N LEU A 333 24.45 -17.62 -42.74
CA LEU A 333 23.41 -16.81 -42.13
C LEU A 333 22.75 -16.00 -43.22
N GLY A 334 21.49 -16.33 -43.51
CA GLY A 334 20.76 -15.62 -44.53
C GLY A 334 20.64 -14.12 -44.31
N HIS A 335 19.82 -13.47 -45.11
CA HIS A 335 19.62 -12.02 -45.01
C HIS A 335 18.97 -11.68 -43.67
N VAL A 336 19.05 -12.63 -42.74
CA VAL A 336 18.51 -12.45 -41.43
C VAL A 336 19.37 -11.45 -40.66
N GLN A 337 20.45 -11.01 -41.29
CA GLN A 337 21.37 -10.06 -40.67
C GLN A 337 20.97 -8.61 -40.96
N ARG A 338 20.19 -8.38 -42.00
CA ARG A 338 19.78 -7.03 -42.33
C ARG A 338 18.36 -6.79 -41.82
N GLY A 339 17.66 -7.87 -41.50
CA GLY A 339 16.30 -7.74 -41.00
C GLY A 339 16.21 -7.77 -39.48
N GLY A 340 14.99 -7.90 -38.96
CA GLY A 340 14.81 -7.95 -37.51
C GLY A 340 14.56 -6.60 -36.86
N THR A 341 14.27 -6.55 -35.56
CA THR A 341 14.01 -5.29 -34.84
C THR A 341 15.29 -4.54 -34.52
N PRO A 342 15.30 -3.21 -34.66
CA PRO A 342 16.48 -2.40 -34.40
C PRO A 342 16.83 -2.37 -32.92
N SER A 343 18.10 -2.59 -32.62
CA SER A 343 18.54 -2.59 -31.24
C SER A 343 18.50 -1.16 -30.71
N ALA A 344 18.65 -1.02 -29.42
CA ALA A 344 18.64 0.27 -28.77
C ALA A 344 19.74 1.18 -29.35
N PHE A 345 20.97 0.68 -29.30
CA PHE A 345 22.10 1.46 -29.80
C PHE A 345 21.76 2.03 -31.16
N ASP A 346 21.26 1.17 -32.03
CA ASP A 346 20.93 1.57 -33.38
C ASP A 346 19.91 2.71 -33.40
N ARG A 347 18.85 2.55 -32.64
CA ARG A 347 17.79 3.56 -32.61
C ARG A 347 18.35 4.89 -32.14
N ILE A 348 19.13 4.84 -31.08
CA ILE A 348 19.71 6.06 -30.55
C ILE A 348 20.60 6.72 -31.60
N LEU A 349 21.59 5.99 -32.10
CA LEU A 349 22.49 6.55 -33.09
C LEU A 349 21.71 7.11 -34.24
N ALA A 350 20.72 6.34 -34.69
CA ALA A 350 19.90 6.76 -35.81
C ALA A 350 19.21 8.09 -35.51
N SER A 351 18.49 8.13 -34.40
CA SER A 351 17.76 9.32 -34.03
C SER A 351 18.66 10.50 -33.86
N ARG A 352 19.93 10.29 -33.45
CA ARG A 352 20.84 11.42 -33.27
C ARG A 352 21.37 11.87 -34.61
N MET A 353 21.64 10.92 -35.48
CA MET A 353 22.16 11.24 -36.80
C MET A 353 21.13 11.99 -37.60
N GLY A 354 19.88 11.54 -37.57
CA GLY A 354 18.81 12.18 -38.32
C GLY A 354 18.67 13.64 -37.98
N VAL A 355 18.93 13.98 -36.73
CA VAL A 355 18.83 15.36 -36.29
C VAL A 355 20.08 16.12 -36.70
N GLU A 356 21.24 15.61 -36.30
CA GLU A 356 22.50 16.27 -36.61
C GLU A 356 22.61 16.50 -38.10
N ALA A 357 21.83 15.76 -38.88
CA ALA A 357 21.83 15.88 -40.34
C ALA A 357 20.98 17.06 -40.75
N VAL A 358 19.78 17.15 -40.18
CA VAL A 358 18.87 18.25 -40.50
C VAL A 358 19.53 19.59 -40.24
N ILE A 359 20.16 19.73 -39.09
CA ILE A 359 20.81 20.98 -38.78
C ILE A 359 21.98 21.23 -39.72
N ALA A 360 22.68 20.16 -40.08
CA ALA A 360 23.83 20.30 -40.95
C ALA A 360 23.41 20.78 -42.33
N LEU A 361 22.15 20.49 -42.68
CA LEU A 361 21.62 20.88 -43.99
C LEU A 361 21.39 22.37 -44.13
N LEU A 362 20.72 22.97 -43.14
CA LEU A 362 20.43 24.40 -43.17
C LEU A 362 21.60 25.21 -42.58
N GLU A 363 22.58 24.51 -42.05
CA GLU A 363 23.71 25.21 -41.47
C GLU A 363 24.89 25.03 -42.41
N ALA A 364 24.59 24.74 -43.67
CA ALA A 364 25.66 24.54 -44.65
C ALA A 364 25.62 25.64 -45.69
N THR A 365 26.80 26.12 -46.05
CA THR A 365 26.91 27.18 -47.03
C THR A 365 26.99 26.60 -48.44
N PRO A 366 26.60 27.38 -49.46
CA PRO A 366 26.60 26.99 -50.88
C PRO A 366 27.94 26.46 -51.40
N ASP A 367 29.02 26.84 -50.71
CA ASP A 367 30.36 26.39 -51.09
C ASP A 367 31.01 25.45 -50.08
N THR A 368 30.26 25.04 -49.05
CA THR A 368 30.78 24.14 -48.04
C THR A 368 30.67 22.67 -48.51
N PRO A 369 31.74 21.89 -48.32
CA PRO A 369 31.80 20.49 -48.72
C PRO A 369 30.61 19.70 -48.29
N ALA A 370 30.37 18.61 -48.99
CA ALA A 370 29.26 17.72 -48.68
C ALA A 370 29.62 17.03 -47.35
N CYS A 371 28.72 17.16 -46.39
CA CYS A 371 28.94 16.58 -45.09
C CYS A 371 28.25 15.23 -44.90
N VAL A 372 28.85 14.36 -44.07
CA VAL A 372 28.29 13.04 -43.78
C VAL A 372 28.26 12.81 -42.27
N VAL A 373 27.16 13.16 -41.60
CA VAL A 373 27.06 13.01 -40.15
C VAL A 373 27.46 11.64 -39.69
N SER A 374 28.16 11.58 -38.57
CA SER A 374 28.64 10.32 -38.02
C SER A 374 29.03 10.46 -36.55
N LEU A 375 28.86 9.37 -35.82
CA LEU A 375 29.18 9.37 -34.42
C LEU A 375 30.65 8.99 -34.17
N ASN A 376 31.45 9.97 -33.79
CA ASN A 376 32.86 9.70 -33.50
C ASN A 376 33.14 9.80 -32.02
N GLY A 377 33.77 8.77 -31.46
CA GLY A 377 34.05 8.77 -30.05
C GLY A 377 32.78 8.62 -29.25
N ASN A 378 32.05 9.71 -29.08
CA ASN A 378 30.83 9.69 -28.31
C ASN A 378 29.90 10.82 -28.74
N HIS A 379 30.51 11.88 -29.27
CA HIS A 379 29.74 13.02 -29.71
C HIS A 379 29.67 13.02 -31.23
N ALA A 380 28.49 13.31 -31.75
CA ALA A 380 28.23 13.36 -33.17
C ALA A 380 28.95 14.54 -33.84
N VAL A 381 29.73 14.26 -34.87
CA VAL A 381 30.45 15.30 -35.60
C VAL A 381 30.31 15.08 -37.10
N ARG A 382 30.13 16.17 -37.86
CA ARG A 382 29.96 16.10 -39.31
C ARG A 382 31.34 16.02 -39.97
N LEU A 383 31.42 15.28 -41.07
CA LEU A 383 32.67 15.10 -41.80
C LEU A 383 32.47 15.20 -43.31
N PRO A 384 33.53 15.55 -44.04
CA PRO A 384 33.46 15.68 -45.49
C PRO A 384 33.20 14.35 -46.19
N LEU A 385 32.25 14.35 -47.11
CA LEU A 385 31.87 13.16 -47.83
C LEU A 385 33.00 12.57 -48.64
N MET A 386 33.50 13.30 -49.62
CA MET A 386 34.59 12.82 -50.47
C MET A 386 35.74 12.20 -49.66
N GLU A 387 36.27 12.98 -48.71
CA GLU A 387 37.39 12.53 -47.88
C GLU A 387 37.09 11.20 -47.17
N CYS A 388 35.81 10.97 -46.85
CA CYS A 388 35.40 9.73 -46.17
C CYS A 388 35.38 8.54 -47.12
N VAL A 389 34.81 8.74 -48.31
CA VAL A 389 34.75 7.67 -49.32
C VAL A 389 36.18 7.25 -49.70
N GLN A 390 37.10 8.21 -49.63
CA GLN A 390 38.49 7.95 -49.97
C GLN A 390 38.98 6.87 -49.06
N MET A 391 38.91 7.11 -47.77
CA MET A 391 39.37 6.16 -46.78
C MET A 391 38.75 4.80 -47.04
N THR A 392 37.44 4.77 -47.27
CA THR A 392 36.75 3.52 -47.52
C THR A 392 37.30 2.78 -48.72
N GLN A 393 37.64 3.53 -49.76
CA GLN A 393 38.17 2.93 -50.97
C GLN A 393 39.59 2.49 -50.78
N ASP A 394 40.34 3.22 -49.95
CA ASP A 394 41.74 2.88 -49.71
C ASP A 394 41.94 1.52 -49.06
N VAL A 395 40.98 1.10 -48.23
CA VAL A 395 41.03 -0.18 -47.54
C VAL A 395 41.01 -1.29 -48.55
N GLN A 396 40.21 -1.09 -49.59
CA GLN A 396 40.12 -2.06 -50.67
C GLN A 396 41.41 -2.05 -51.53
N LYS A 397 42.02 -0.87 -51.60
CA LYS A 397 43.26 -0.69 -52.37
C LYS A 397 44.35 -1.53 -51.74
N ALA A 398 44.58 -1.34 -50.45
CA ALA A 398 45.60 -2.09 -49.74
C ALA A 398 45.41 -3.61 -49.81
N MET A 399 44.20 -4.08 -49.53
CA MET A 399 43.89 -5.51 -49.57
C MET A 399 44.25 -6.20 -50.87
N ASP A 400 44.04 -5.51 -51.97
CA ASP A 400 44.31 -6.09 -53.28
C ASP A 400 45.78 -6.11 -53.58
N GLU A 401 46.56 -5.30 -52.85
CA GLU A 401 48.01 -5.22 -53.07
C GLU A 401 48.78 -5.92 -51.94
N ARG A 402 48.17 -6.93 -51.35
CA ARG A 402 48.77 -7.65 -50.24
C ARG A 402 49.39 -6.70 -49.21
N ARG A 403 48.71 -5.60 -48.90
CA ARG A 403 49.22 -4.62 -47.93
C ARG A 403 48.34 -4.66 -46.66
N PHE A 404 47.81 -5.84 -46.39
CA PHE A 404 46.92 -6.11 -45.27
C PHE A 404 47.24 -5.32 -44.03
N GLN A 405 48.53 -5.31 -43.67
CA GLN A 405 49.03 -4.62 -42.50
C GLN A 405 48.61 -3.15 -42.37
N ASP A 406 48.60 -2.47 -43.52
CA ASP A 406 48.22 -1.07 -43.57
C ASP A 406 46.69 -0.97 -43.69
N ALA A 407 46.08 -1.94 -44.38
CA ALA A 407 44.65 -1.94 -44.59
C ALA A 407 43.91 -2.09 -43.28
N VAL A 408 44.57 -2.61 -42.27
CA VAL A 408 43.93 -2.78 -40.98
C VAL A 408 43.87 -1.46 -40.23
N ARG A 409 44.98 -0.74 -40.21
CA ARG A 409 45.04 0.51 -39.49
C ARG A 409 44.40 1.60 -40.31
N LEU A 410 43.53 1.21 -41.21
CA LEU A 410 42.86 2.13 -42.10
C LEU A 410 41.37 1.98 -41.95
N ARG A 411 40.93 0.87 -41.36
CA ARG A 411 39.49 0.63 -41.18
C ARG A 411 39.02 1.21 -39.85
N GLY A 412 39.97 1.37 -38.92
CA GLY A 412 39.64 1.92 -37.62
C GLY A 412 40.74 1.71 -36.62
N ARG A 413 41.02 2.74 -35.82
CA ARG A 413 42.07 2.65 -34.82
C ARG A 413 41.66 1.75 -33.66
N SER A 414 40.46 1.23 -33.73
CA SER A 414 39.96 0.34 -32.69
C SER A 414 40.03 -1.08 -33.21
N PHE A 415 39.88 -1.22 -34.52
CA PHE A 415 39.91 -2.51 -35.17
C PHE A 415 41.19 -3.25 -34.76
N ALA A 416 42.31 -2.55 -34.84
CA ALA A 416 43.56 -3.24 -34.51
C ALA A 416 43.55 -3.75 -33.10
N GLY A 417 43.04 -2.92 -32.20
CA GLY A 417 43.01 -3.34 -30.82
C GLY A 417 42.04 -4.46 -30.59
N ASN A 418 41.01 -4.57 -31.43
CA ASN A 418 40.01 -5.63 -31.29
C ASN A 418 40.58 -6.96 -31.76
N LEU A 419 41.23 -6.98 -32.93
CA LEU A 419 41.82 -8.21 -33.44
C LEU A 419 42.87 -8.74 -32.45
N ASN A 420 43.75 -7.86 -32.01
CA ASN A 420 44.78 -8.25 -31.04
C ASN A 420 44.15 -8.82 -29.78
N THR A 421 43.13 -8.13 -29.26
CA THR A 421 42.44 -8.56 -28.06
C THR A 421 41.92 -9.97 -28.25
N TYR A 422 41.14 -10.18 -29.30
CA TYR A 422 40.58 -11.52 -29.55
C TYR A 422 41.62 -12.59 -29.60
N LYS A 423 42.50 -12.55 -30.60
CA LYS A 423 43.56 -13.55 -30.79
C LYS A 423 44.34 -13.89 -29.51
N ARG A 424 44.92 -12.87 -28.88
CA ARG A 424 45.72 -13.02 -27.67
C ARG A 424 44.84 -13.47 -26.54
N LEU A 425 43.65 -13.98 -26.84
CA LEU A 425 42.71 -14.47 -25.82
C LEU A 425 42.01 -15.75 -26.29
N ALA A 426 42.25 -16.17 -27.53
CA ALA A 426 41.68 -17.40 -28.06
C ALA A 426 42.78 -18.42 -28.35
N ILE A 427 44.01 -18.07 -27.97
CA ILE A 427 45.18 -18.91 -28.19
C ILE A 427 46.10 -18.89 -26.97
N LYS A 428 46.22 -20.04 -26.34
CA LYS A 428 47.08 -20.22 -25.19
C LYS A 428 48.42 -20.84 -25.60
N LEU A 429 49.39 -20.02 -25.97
CA LEU A 429 50.70 -20.61 -26.23
C LEU A 429 51.13 -21.56 -25.06
N PRO A 430 51.61 -22.78 -25.39
CA PRO A 430 52.05 -23.81 -24.43
C PRO A 430 52.44 -23.36 -23.03
N ASP A 431 51.96 -24.10 -22.03
CA ASP A 431 52.22 -23.79 -20.63
C ASP A 431 53.67 -23.39 -20.28
N ASP A 432 54.63 -24.06 -20.92
CA ASP A 432 56.05 -23.81 -20.69
C ASP A 432 56.69 -22.67 -21.51
N GLN A 433 55.97 -22.18 -22.50
CA GLN A 433 56.48 -21.10 -23.33
C GLN A 433 56.00 -19.74 -22.80
N ILE A 434 55.23 -19.79 -21.71
CA ILE A 434 54.73 -18.58 -21.06
C ILE A 434 55.62 -18.23 -19.88
N PRO A 435 56.41 -17.16 -20.01
CA PRO A 435 57.32 -16.72 -18.95
C PRO A 435 56.57 -16.27 -17.71
N LYS A 436 56.41 -17.18 -16.74
CA LYS A 436 55.67 -16.89 -15.49
C LYS A 436 56.30 -15.68 -14.77
N THR A 437 55.50 -14.94 -13.99
CA THR A 437 56.01 -13.77 -13.27
C THR A 437 55.91 -14.06 -11.77
N ASN A 438 55.28 -15.19 -11.46
CA ASN A 438 55.09 -15.64 -10.08
C ASN A 438 54.43 -14.55 -9.21
N CYS A 439 53.32 -14.02 -9.72
CA CYS A 439 52.57 -12.99 -9.02
C CYS A 439 51.13 -13.43 -8.89
N ASN A 440 50.49 -13.02 -7.80
CA ASN A 440 49.10 -13.41 -7.58
C ASN A 440 48.12 -12.26 -7.85
N VAL A 441 47.31 -12.41 -8.89
CA VAL A 441 46.31 -11.42 -9.26
C VAL A 441 44.92 -12.01 -9.03
N ALA A 442 44.05 -11.22 -8.40
CA ALA A 442 42.73 -11.71 -8.10
C ALA A 442 41.60 -10.85 -8.66
N VAL A 443 40.54 -11.50 -9.14
CA VAL A 443 39.39 -10.79 -9.69
C VAL A 443 38.21 -10.99 -8.78
N ILE A 444 37.24 -10.09 -8.87
CA ILE A 444 36.06 -10.17 -8.03
C ILE A 444 34.90 -9.34 -8.58
N ASN A 445 33.66 -9.75 -8.28
CA ASN A 445 32.48 -9.03 -8.75
C ASN A 445 31.74 -8.38 -7.60
N VAL A 446 31.98 -7.09 -7.38
CA VAL A 446 31.35 -6.36 -6.27
C VAL A 446 30.19 -5.51 -6.76
N GLY A 447 29.04 -5.67 -6.12
CA GLY A 447 27.88 -4.88 -6.52
C GLY A 447 26.72 -5.72 -7.00
N ALA A 448 25.76 -5.10 -7.69
CA ALA A 448 24.60 -5.82 -8.22
C ALA A 448 24.99 -6.53 -9.49
N PRO A 449 24.46 -7.74 -9.69
CA PRO A 449 24.77 -8.51 -10.89
C PRO A 449 24.40 -7.77 -12.15
N ALA A 450 25.35 -7.70 -13.10
CA ALA A 450 25.15 -7.03 -14.38
C ALA A 450 25.41 -7.98 -15.54
N ALA A 451 24.47 -8.05 -16.49
CA ALA A 451 24.60 -8.90 -17.68
C ALA A 451 25.92 -8.65 -18.41
N GLY A 452 26.61 -9.71 -18.80
CA GLY A 452 27.86 -9.53 -19.49
C GLY A 452 28.99 -9.32 -18.53
N MET A 453 28.81 -9.74 -17.28
CA MET A 453 29.84 -9.57 -16.28
C MET A 453 30.83 -10.73 -16.39
N ASN A 454 30.29 -11.91 -16.61
CA ASN A 454 31.12 -13.12 -16.73
C ASN A 454 32.09 -12.94 -17.88
N ALA A 455 31.69 -12.11 -18.84
CA ALA A 455 32.53 -11.82 -20.01
C ALA A 455 33.75 -11.04 -19.59
N ALA A 456 33.55 -10.15 -18.63
CA ALA A 456 34.62 -9.31 -18.11
C ALA A 456 35.59 -10.12 -17.33
N VAL A 457 35.14 -11.25 -16.76
CA VAL A 457 35.98 -12.15 -15.97
C VAL A 457 36.79 -13.07 -16.90
N ARG A 458 36.11 -13.60 -17.92
CA ARG A 458 36.74 -14.49 -18.89
C ARG A 458 37.99 -13.80 -19.42
N SER A 459 37.81 -12.57 -19.90
CA SER A 459 38.92 -11.78 -20.43
C SER A 459 39.97 -11.56 -19.36
N ALA A 460 39.57 -10.94 -18.27
CA ALA A 460 40.45 -10.64 -17.17
C ALA A 460 41.37 -11.78 -16.78
N VAL A 461 40.82 -12.99 -16.70
CA VAL A 461 41.58 -14.17 -16.35
C VAL A 461 42.55 -14.60 -17.43
N ARG A 462 42.04 -14.83 -18.64
CA ARG A 462 42.92 -15.25 -19.71
C ARG A 462 44.02 -14.26 -20.05
N VAL A 463 43.71 -12.98 -20.10
CA VAL A 463 44.71 -11.94 -20.41
C VAL A 463 45.72 -11.88 -19.27
N GLY A 464 45.39 -12.56 -18.17
CA GLY A 464 46.25 -12.61 -17.01
C GLY A 464 47.19 -13.81 -17.06
N ILE A 465 46.62 -15.01 -17.25
CA ILE A 465 47.42 -16.24 -17.35
C ILE A 465 48.37 -16.11 -18.55
N ALA A 466 47.86 -15.55 -19.65
CA ALA A 466 48.67 -15.40 -20.84
C ALA A 466 49.69 -14.30 -20.67
N ASP A 467 49.64 -13.58 -19.56
CA ASP A 467 50.61 -12.52 -19.33
C ASP A 467 51.65 -13.01 -18.35
N GLY A 468 51.39 -14.14 -17.70
CA GLY A 468 52.36 -14.69 -16.78
C GLY A 468 52.03 -14.53 -15.31
N HIS A 469 50.74 -14.48 -15.00
CA HIS A 469 50.29 -14.35 -13.63
C HIS A 469 49.42 -15.54 -13.24
N ARG A 470 49.36 -15.86 -11.96
CA ARG A 470 48.51 -16.94 -11.48
C ARG A 470 47.21 -16.27 -11.02
N MET A 471 46.09 -16.81 -11.44
CA MET A 471 44.84 -16.17 -11.13
C MET A 471 44.05 -16.70 -9.95
N LEU A 472 43.57 -15.76 -9.14
CA LEU A 472 42.76 -16.06 -7.97
C LEU A 472 41.36 -15.42 -8.13
N ALA A 473 40.30 -16.21 -7.93
CA ALA A 473 38.94 -15.73 -8.08
C ALA A 473 38.23 -15.55 -6.73
N ILE A 474 37.76 -14.34 -6.47
CA ILE A 474 37.09 -14.09 -5.21
C ILE A 474 35.58 -14.25 -5.45
N TYR A 475 35.00 -15.29 -4.86
CA TYR A 475 33.56 -15.54 -5.01
C TYR A 475 32.68 -14.74 -4.04
N ASP A 476 31.41 -14.56 -4.36
CA ASP A 476 30.51 -13.83 -3.48
C ASP A 476 31.03 -12.43 -3.12
N GLY A 477 31.47 -11.69 -4.13
CA GLY A 477 31.98 -10.35 -3.90
C GLY A 477 32.77 -10.19 -2.62
N PHE A 478 32.64 -9.06 -1.94
CA PHE A 478 33.36 -8.83 -0.70
C PHE A 478 32.95 -9.81 0.39
N ASP A 479 31.65 -10.03 0.51
CA ASP A 479 31.12 -10.92 1.53
C ASP A 479 31.93 -12.21 1.58
N GLY A 480 32.34 -12.70 0.41
CA GLY A 480 33.11 -13.92 0.37
C GLY A 480 34.59 -13.66 0.57
N PHE A 481 35.05 -12.49 0.11
CA PHE A 481 36.46 -12.09 0.23
C PHE A 481 36.90 -12.21 1.68
N ALA A 482 36.10 -11.64 2.58
CA ALA A 482 36.39 -11.68 4.00
C ALA A 482 36.22 -13.08 4.56
N LYS A 483 35.31 -13.85 4.00
CA LYS A 483 35.09 -15.20 4.47
C LYS A 483 36.19 -16.15 4.00
N GLY A 484 36.92 -15.73 2.96
CA GLY A 484 37.98 -16.55 2.40
C GLY A 484 37.53 -17.39 1.21
N GLN A 485 36.46 -16.98 0.56
CA GLN A 485 35.92 -17.71 -0.57
C GLN A 485 36.79 -17.47 -1.79
N ILE A 486 38.09 -17.65 -1.61
CA ILE A 486 39.04 -17.43 -2.68
C ILE A 486 39.57 -18.75 -3.22
N LYS A 487 39.70 -18.84 -4.55
CA LYS A 487 40.18 -20.07 -5.21
C LYS A 487 40.88 -19.74 -6.53
N GLU A 488 42.07 -20.29 -6.74
CA GLU A 488 42.79 -20.09 -8.00
C GLU A 488 42.05 -20.77 -9.18
N ILE A 489 41.78 -20.00 -10.23
CA ILE A 489 41.11 -20.53 -11.40
C ILE A 489 42.04 -20.58 -12.61
N GLY A 490 41.69 -21.41 -13.59
CA GLY A 490 42.56 -21.54 -14.75
C GLY A 490 42.03 -20.97 -16.05
N TRP A 491 42.65 -21.36 -17.16
CA TRP A 491 42.26 -20.88 -18.45
C TRP A 491 41.04 -21.61 -18.97
N THR A 492 41.03 -22.94 -18.89
CA THR A 492 39.89 -23.75 -19.37
C THR A 492 38.66 -23.56 -18.48
N ASP A 493 38.86 -22.92 -17.33
CA ASP A 493 37.78 -22.67 -16.38
C ASP A 493 36.82 -21.59 -16.88
N VAL A 494 37.37 -20.41 -17.14
CA VAL A 494 36.58 -19.28 -17.64
C VAL A 494 36.24 -19.45 -19.11
N GLY A 495 36.15 -20.70 -19.54
CA GLY A 495 35.83 -20.95 -20.94
C GLY A 495 34.35 -21.04 -21.28
N GLY A 496 33.86 -20.12 -22.10
CA GLY A 496 32.46 -20.15 -22.46
C GLY A 496 31.62 -19.27 -21.54
N TRP A 497 32.16 -18.11 -21.21
CA TRP A 497 31.49 -17.20 -20.31
C TRP A 497 31.00 -15.95 -21.03
N THR A 498 31.73 -15.56 -22.08
CA THR A 498 31.38 -14.39 -22.84
C THR A 498 29.92 -14.40 -23.20
N GLY A 499 29.32 -15.58 -23.24
CA GLY A 499 27.93 -15.65 -23.62
C GLY A 499 26.94 -15.69 -22.49
N GLN A 500 27.37 -16.12 -21.32
CA GLN A 500 26.44 -16.21 -20.22
C GLN A 500 26.28 -14.87 -19.54
N GLY A 501 25.09 -14.68 -18.97
CA GLY A 501 24.76 -13.44 -18.28
C GLY A 501 24.87 -13.60 -16.78
N GLY A 502 24.35 -12.63 -16.04
CA GLY A 502 24.40 -12.76 -14.62
C GLY A 502 25.80 -12.85 -14.05
N SER A 503 26.00 -13.55 -12.95
CA SER A 503 27.36 -13.63 -12.43
C SER A 503 27.59 -15.03 -11.94
N ILE A 504 28.86 -15.44 -11.94
CA ILE A 504 29.23 -16.79 -11.51
C ILE A 504 30.04 -16.72 -10.22
N LEU A 505 30.95 -15.76 -10.17
CA LEU A 505 31.78 -15.56 -8.99
C LEU A 505 30.95 -14.85 -7.91
N GLY A 506 29.63 -14.89 -8.08
CA GLY A 506 28.79 -14.24 -7.11
C GLY A 506 29.03 -12.75 -7.13
N THR A 507 28.26 -12.03 -6.33
CA THR A 507 28.39 -10.58 -6.25
C THR A 507 27.42 -9.92 -5.27
N LYS A 508 27.96 -9.36 -4.19
CA LYS A 508 27.15 -8.70 -3.18
C LYS A 508 27.47 -7.23 -3.16
N ARG A 509 26.42 -6.41 -3.04
CA ARG A 509 26.58 -4.96 -3.03
C ARG A 509 27.21 -4.54 -1.71
N VAL A 510 27.63 -5.54 -0.93
CA VAL A 510 28.25 -5.31 0.36
C VAL A 510 29.57 -4.54 0.22
N LEU A 511 29.89 -3.74 1.23
CA LEU A 511 31.13 -2.95 1.23
C LEU A 511 32.14 -3.52 2.25
N PRO A 512 33.43 -3.12 2.14
CA PRO A 512 34.49 -3.59 3.05
C PRO A 512 34.59 -2.83 4.39
N GLY A 513 34.01 -1.64 4.40
CA GLY A 513 33.99 -0.78 5.58
C GLY A 513 34.15 -1.45 6.93
N LYS A 514 33.19 -2.29 7.32
CA LYS A 514 33.20 -3.00 8.61
C LYS A 514 34.16 -4.17 8.62
N TYR A 515 34.21 -4.86 7.49
CA TYR A 515 35.05 -6.03 7.34
C TYR A 515 36.42 -5.79 6.69
N LEU A 516 37.09 -4.70 7.06
CA LEU A 516 38.40 -4.39 6.48
C LEU A 516 39.43 -5.43 6.85
N GLU A 517 39.69 -5.56 8.15
CA GLU A 517 40.64 -6.52 8.69
C GLU A 517 40.47 -7.91 8.07
N GLU A 518 39.29 -8.49 8.23
CA GLU A 518 39.03 -9.82 7.71
C GLU A 518 39.61 -9.98 6.32
N ILE A 519 39.53 -8.92 5.52
CA ILE A 519 40.04 -8.95 4.17
C ILE A 519 41.56 -8.97 4.18
N ALA A 520 42.15 -7.99 4.83
CA ALA A 520 43.60 -7.91 4.88
C ALA A 520 44.27 -9.23 5.18
N THR A 521 43.95 -9.80 6.35
CA THR A 521 44.52 -11.06 6.77
C THR A 521 44.28 -12.13 5.71
N GLN A 522 43.06 -12.18 5.18
CA GLN A 522 42.73 -13.16 4.18
C GLN A 522 43.36 -12.79 2.84
N MET A 523 43.85 -11.57 2.70
CA MET A 523 44.44 -11.13 1.44
C MET A 523 45.91 -11.50 1.28
N ARG A 524 46.76 -10.81 2.01
CA ARG A 524 48.18 -11.10 1.94
C ARG A 524 48.45 -12.59 2.19
N THR A 525 47.57 -13.23 2.96
CA THR A 525 47.72 -14.64 3.26
C THR A 525 47.70 -15.44 1.96
N HIS A 526 47.39 -14.75 0.85
CA HIS A 526 47.36 -15.36 -0.49
C HIS A 526 48.39 -14.69 -1.42
N SER A 527 49.23 -13.85 -0.84
CA SER A 527 50.26 -13.16 -1.58
C SER A 527 49.66 -12.37 -2.73
N ILE A 528 48.60 -11.62 -2.46
CA ILE A 528 47.94 -10.81 -3.48
C ILE A 528 48.55 -9.42 -3.59
N ASN A 529 48.94 -9.03 -4.80
CA ASN A 529 49.54 -7.73 -5.04
C ASN A 529 48.82 -7.02 -6.16
N ALA A 530 47.67 -7.53 -6.55
CA ALA A 530 46.90 -6.91 -7.62
C ALA A 530 45.44 -7.28 -7.45
N LEU A 531 44.56 -6.30 -7.51
CA LEU A 531 43.14 -6.57 -7.37
C LEU A 531 42.28 -5.94 -8.51
N LEU A 532 41.58 -6.77 -9.26
CA LEU A 532 40.70 -6.27 -10.32
C LEU A 532 39.26 -6.34 -9.84
N ILE A 533 38.53 -5.25 -10.01
CA ILE A 533 37.16 -5.22 -9.55
C ILE A 533 36.18 -5.01 -10.69
N ILE A 534 35.20 -5.90 -10.77
CA ILE A 534 34.18 -5.84 -11.80
C ILE A 534 32.87 -5.66 -11.10
N GLY A 535 32.48 -4.39 -10.90
CA GLY A 535 31.22 -4.06 -10.23
C GLY A 535 30.67 -2.66 -10.47
N GLY A 536 29.51 -2.41 -9.90
CA GLY A 536 28.87 -1.12 -10.04
C GLY A 536 29.38 -0.05 -9.07
N PHE A 537 28.49 0.85 -8.66
CA PHE A 537 28.81 1.94 -7.74
C PHE A 537 29.38 1.41 -6.43
N GLU A 538 28.87 0.26 -5.98
CA GLU A 538 29.32 -0.35 -4.74
C GLU A 538 30.81 -0.64 -4.82
N ALA A 539 31.34 -0.69 -6.03
CA ALA A 539 32.76 -0.93 -6.22
C ALA A 539 33.55 0.39 -6.09
N TYR A 540 33.07 1.44 -6.76
CA TYR A 540 33.74 2.74 -6.69
C TYR A 540 33.78 3.25 -5.27
N LEU A 541 32.71 2.97 -4.52
CA LEU A 541 32.61 3.38 -3.12
C LEU A 541 33.40 2.44 -2.20
N GLY A 542 33.31 1.13 -2.48
CA GLY A 542 34.01 0.13 -1.69
C GLY A 542 35.52 0.22 -1.81
N LEU A 543 35.99 0.77 -2.94
CA LEU A 543 37.42 0.94 -3.21
C LEU A 543 37.89 2.26 -2.67
N LEU A 544 36.99 3.23 -2.65
CA LEU A 544 37.35 4.51 -2.12
C LEU A 544 37.60 4.45 -0.62
N GLU A 545 37.51 3.25 -0.02
CA GLU A 545 37.75 3.06 1.42
C GLU A 545 39.10 2.38 1.63
N LEU A 546 39.44 1.46 0.75
CA LEU A 546 40.71 0.79 0.88
C LEU A 546 41.79 1.80 0.54
N SER A 547 41.51 2.65 -0.46
CA SER A 547 42.47 3.66 -0.89
C SER A 547 42.82 4.60 0.23
N ALA A 548 42.02 4.54 1.29
CA ALA A 548 42.21 5.34 2.50
C ALA A 548 42.60 4.41 3.65
N ALA A 549 42.81 3.14 3.33
CA ALA A 549 43.19 2.16 4.31
C ALA A 549 44.66 1.74 4.12
N ARG A 550 45.30 2.33 3.11
CA ARG A 550 46.70 2.06 2.82
C ARG A 550 47.57 2.39 4.03
N GLU A 551 47.65 3.66 4.40
CA GLU A 551 48.47 4.08 5.55
C GLU A 551 48.03 3.49 6.89
N LYS A 552 47.23 2.42 6.83
CA LYS A 552 46.76 1.75 8.05
C LYS A 552 46.58 0.25 7.82
N HIS A 553 46.90 -0.19 6.60
CA HIS A 553 46.85 -1.61 6.21
C HIS A 553 47.74 -1.88 4.98
N GLU A 554 48.56 -2.90 5.11
CA GLU A 554 49.53 -3.26 4.11
C GLU A 554 48.96 -3.82 2.82
N GLU A 555 48.15 -4.86 2.95
CA GLU A 555 47.56 -5.52 1.80
C GLU A 555 46.76 -4.56 0.90
N PHE A 556 46.68 -3.28 1.28
CA PHE A 556 45.92 -2.31 0.52
C PHE A 556 46.84 -1.31 -0.16
N CYS A 557 48.12 -1.65 -0.21
CA CYS A 557 49.11 -0.78 -0.81
C CYS A 557 49.60 -1.40 -2.09
N VAL A 558 48.67 -1.69 -2.99
CA VAL A 558 49.02 -2.31 -4.28
C VAL A 558 48.12 -1.74 -5.38
N PRO A 559 48.30 -2.16 -6.65
CA PRO A 559 47.48 -1.65 -7.75
C PRO A 559 46.08 -2.26 -7.72
N MET A 560 45.08 -1.41 -8.00
CA MET A 560 43.68 -1.80 -8.02
C MET A 560 42.92 -1.06 -9.09
N VAL A 561 42.29 -1.80 -10.00
CA VAL A 561 41.53 -1.20 -11.11
C VAL A 561 40.12 -1.68 -11.06
N MET A 562 39.18 -0.73 -11.06
CA MET A 562 37.76 -1.01 -11.03
C MET A 562 37.18 -0.79 -12.43
N VAL A 563 36.38 -1.75 -12.91
CA VAL A 563 35.79 -1.63 -14.25
C VAL A 563 34.26 -1.56 -14.13
N PRO A 564 33.64 -0.54 -14.75
CA PRO A 564 32.18 -0.35 -14.72
C PRO A 564 31.43 -1.64 -15.10
N ALA A 565 30.59 -2.12 -14.19
CA ALA A 565 29.83 -3.33 -14.44
C ALA A 565 28.50 -3.30 -13.70
N THR A 566 27.58 -2.51 -14.24
CA THR A 566 26.26 -2.40 -13.65
C THR A 566 25.29 -1.92 -14.72
N VAL A 567 24.02 -2.29 -14.55
CA VAL A 567 22.97 -1.92 -15.51
C VAL A 567 22.46 -0.50 -15.28
N SER A 568 22.88 0.11 -14.18
CA SER A 568 22.44 1.45 -13.82
C SER A 568 23.27 2.50 -14.57
N ASN A 569 24.57 2.24 -14.67
CA ASN A 569 25.51 3.15 -15.33
C ASN A 569 25.76 4.40 -14.48
N ASN A 570 25.65 4.24 -13.16
CA ASN A 570 25.85 5.32 -12.23
C ASN A 570 27.31 5.47 -11.85
N VAL A 571 28.14 4.57 -12.38
CA VAL A 571 29.57 4.57 -12.06
C VAL A 571 30.24 5.85 -12.55
N PRO A 572 30.67 6.73 -11.63
CA PRO A 572 31.32 7.97 -12.02
C PRO A 572 32.70 7.73 -12.61
N GLY A 573 33.02 8.45 -13.66
CA GLY A 573 34.33 8.24 -14.25
C GLY A 573 34.20 7.37 -15.48
N SER A 574 33.00 7.31 -16.07
CA SER A 574 32.75 6.50 -17.27
C SER A 574 31.36 6.81 -17.80
N ASP A 575 31.25 7.00 -19.10
CA ASP A 575 29.97 7.30 -19.72
C ASP A 575 29.15 6.04 -19.94
N PHE A 576 29.80 4.89 -19.85
CA PHE A 576 29.08 3.65 -20.03
C PHE A 576 29.43 2.62 -18.99
N SER A 577 28.61 1.57 -18.91
CA SER A 577 28.82 0.47 -17.96
C SER A 577 28.54 -0.89 -18.59
N ILE A 578 29.19 -1.91 -18.07
CA ILE A 578 29.00 -3.24 -18.60
C ILE A 578 27.67 -3.80 -18.16
N GLY A 579 26.91 -4.27 -19.15
CA GLY A 579 25.61 -4.85 -18.92
C GLY A 579 24.52 -3.82 -19.01
N ALA A 580 24.88 -2.60 -19.37
CA ALA A 580 23.91 -1.51 -19.46
C ALA A 580 23.15 -1.58 -20.77
N ASP A 581 23.92 -1.68 -21.86
CA ASP A 581 23.33 -1.77 -23.17
C ASP A 581 22.50 -3.03 -23.28
N THR A 582 22.62 -3.94 -22.33
CA THR A 582 21.86 -5.20 -22.32
C THR A 582 20.46 -4.93 -21.83
N ALA A 583 20.35 -4.51 -20.58
CA ALA A 583 19.07 -4.20 -19.98
C ALA A 583 18.35 -3.16 -20.81
N LEU A 584 19.11 -2.20 -21.33
CA LEU A 584 18.54 -1.15 -22.15
C LEU A 584 17.89 -1.75 -23.40
N ASN A 585 18.43 -2.86 -23.90
CA ASN A 585 17.91 -3.55 -25.07
C ASN A 585 16.66 -4.38 -24.68
N THR A 586 16.68 -4.93 -23.48
CA THR A 586 15.54 -5.71 -22.98
C THR A 586 14.37 -4.77 -22.71
N ILE A 587 14.64 -3.57 -22.18
CA ILE A 587 13.61 -2.57 -21.91
C ILE A 587 12.99 -2.06 -23.20
N THR A 588 13.82 -1.55 -24.10
CA THR A 588 13.32 -1.05 -25.38
C THR A 588 12.49 -2.10 -26.06
N ASP A 589 12.85 -3.37 -25.88
CA ASP A 589 12.11 -4.47 -26.49
C ASP A 589 10.77 -4.57 -25.80
N THR A 590 10.80 -4.82 -24.49
CA THR A 590 9.56 -4.93 -23.74
C THR A 590 8.60 -3.78 -23.98
N CYS A 591 9.12 -2.59 -24.21
CA CYS A 591 8.31 -1.41 -24.44
C CYS A 591 7.58 -1.51 -25.77
N ASP A 592 8.13 -2.26 -26.71
CA ASP A 592 7.50 -2.45 -28.01
C ASP A 592 6.36 -3.46 -27.91
N ARG A 593 6.54 -4.47 -27.07
CA ARG A 593 5.51 -5.47 -26.90
C ARG A 593 4.36 -4.89 -26.13
N ILE A 594 4.65 -3.86 -25.31
CA ILE A 594 3.64 -3.17 -24.49
C ILE A 594 2.93 -2.16 -25.38
N LYS A 595 3.68 -1.62 -26.34
CA LYS A 595 3.13 -0.66 -27.30
C LYS A 595 2.34 -1.45 -28.31
N GLN A 596 2.16 -2.76 -28.05
CA GLN A 596 1.37 -3.69 -28.90
C GLN A 596 -0.10 -3.79 -28.39
N LYS A 602 -7.75 0.88 -28.74
CA LYS A 602 -7.62 2.30 -29.00
C LYS A 602 -7.69 3.14 -27.72
N ARG A 603 -6.92 4.23 -27.66
CA ARG A 603 -6.92 5.14 -26.51
C ARG A 603 -6.56 4.51 -25.16
N ARG A 604 -5.26 4.29 -24.97
CA ARG A 604 -4.70 3.73 -23.74
C ARG A 604 -3.24 4.17 -23.52
N VAL A 605 -2.93 4.49 -22.27
CA VAL A 605 -1.60 4.96 -21.90
C VAL A 605 -0.95 4.02 -20.86
N PHE A 606 0.34 3.76 -21.04
CA PHE A 606 1.06 2.89 -20.12
C PHE A 606 2.15 3.65 -19.37
N ILE A 607 2.35 3.30 -18.10
CA ILE A 607 3.35 3.92 -17.27
C ILE A 607 4.28 2.82 -16.81
N ILE A 608 5.49 2.77 -17.39
CA ILE A 608 6.50 1.76 -17.04
C ILE A 608 7.62 2.30 -16.13
N GLU A 609 7.87 1.61 -15.02
CA GLU A 609 8.89 2.06 -14.07
C GLU A 609 10.18 1.28 -14.21
N THR A 610 11.13 1.85 -14.94
CA THR A 610 12.41 1.19 -15.15
C THR A 610 13.23 1.30 -13.88
N MET A 611 14.20 0.41 -13.71
CA MET A 611 15.05 0.47 -12.53
C MET A 611 16.39 1.11 -12.87
N GLY A 612 17.23 1.22 -11.84
CA GLY A 612 18.53 1.84 -12.00
C GLY A 612 18.78 2.96 -11.01
N GLY A 613 18.59 2.64 -9.73
CA GLY A 613 18.80 3.62 -8.67
C GLY A 613 18.29 4.99 -9.06
N TYR A 614 19.04 6.03 -8.71
CA TYR A 614 18.67 7.40 -9.04
C TYR A 614 19.11 7.77 -10.45
N CYS A 615 20.05 7.00 -10.99
CA CYS A 615 20.58 7.21 -12.33
C CYS A 615 19.48 6.97 -13.37
N GLY A 616 19.02 8.05 -13.99
CA GLY A 616 17.94 7.93 -14.96
C GLY A 616 18.39 7.49 -16.33
N TYR A 617 19.62 7.00 -16.42
CA TYR A 617 20.16 6.56 -17.70
C TYR A 617 19.23 5.59 -18.35
N LEU A 618 19.07 4.43 -17.73
CA LEU A 618 18.19 3.40 -18.27
C LEU A 618 16.82 3.95 -18.64
N ALA A 619 16.28 4.80 -17.79
CA ALA A 619 14.97 5.36 -18.01
C ALA A 619 14.91 6.26 -19.22
N ASN A 620 15.95 7.07 -19.45
CA ASN A 620 15.98 8.00 -20.57
C ASN A 620 16.28 7.36 -21.94
N MET A 621 17.40 6.66 -22.02
CA MET A 621 17.80 6.00 -23.25
C MET A 621 16.71 5.05 -23.76
N GLY A 622 15.99 4.40 -22.83
CA GLY A 622 14.93 3.48 -23.18
C GLY A 622 13.72 4.26 -23.68
N GLY A 623 13.53 5.42 -23.06
CA GLY A 623 12.44 6.28 -23.43
C GLY A 623 12.62 6.82 -24.82
N LEU A 624 13.86 7.07 -25.21
CA LEU A 624 14.18 7.61 -26.53
C LEU A 624 14.23 6.51 -27.62
N ALA A 625 14.49 5.30 -27.16
CA ALA A 625 14.57 4.16 -28.06
C ALA A 625 13.23 3.55 -28.37
N ALA A 626 12.26 3.72 -27.48
CA ALA A 626 10.96 3.16 -27.73
C ALA A 626 10.02 4.30 -28.05
N GLY A 627 10.55 5.51 -28.15
CA GLY A 627 9.69 6.65 -28.48
C GLY A 627 8.61 6.93 -27.46
N ALA A 628 8.98 7.08 -26.20
CA ALA A 628 8.01 7.36 -25.16
C ALA A 628 7.62 8.83 -25.22
N ASP A 629 6.42 9.14 -24.74
CA ASP A 629 5.94 10.51 -24.78
C ASP A 629 6.58 11.39 -23.71
N ALA A 630 7.18 10.73 -22.72
CA ALA A 630 7.89 11.40 -21.64
C ALA A 630 8.52 10.42 -20.66
N ALA A 631 9.75 10.72 -20.28
CA ALA A 631 10.48 9.89 -19.32
C ALA A 631 10.90 10.75 -18.11
N TYR A 632 10.29 10.45 -16.98
CA TYR A 632 10.58 11.23 -15.80
C TYR A 632 11.77 10.70 -15.02
N ILE A 633 12.92 11.35 -15.17
CA ILE A 633 14.11 10.91 -14.46
C ILE A 633 14.33 11.82 -13.27
N PHE A 634 15.22 11.42 -12.38
CA PHE A 634 15.51 12.22 -11.20
C PHE A 634 16.32 13.45 -11.54
N GLU A 635 17.37 13.27 -12.36
CA GLU A 635 18.28 14.35 -12.76
C GLU A 635 17.60 15.59 -13.30
N GLU A 636 16.31 15.46 -13.62
CA GLU A 636 15.54 16.58 -14.15
C GLU A 636 14.27 16.84 -13.34
N PRO A 637 14.37 17.77 -12.40
CA PRO A 637 13.24 18.12 -11.54
C PRO A 637 12.01 18.44 -12.34
N PHE A 638 10.85 18.24 -11.71
CA PHE A 638 9.56 18.53 -12.33
C PHE A 638 8.45 18.64 -11.27
N ASP A 639 7.54 19.58 -11.46
CA ASP A 639 6.42 19.82 -10.53
C ASP A 639 5.10 19.30 -11.10
N ILE A 640 4.03 19.48 -10.35
CA ILE A 640 2.74 19.01 -10.80
C ILE A 640 2.35 19.70 -12.09
N ARG A 641 3.07 20.75 -12.45
CA ARG A 641 2.78 21.45 -13.69
C ARG A 641 3.39 20.78 -14.93
N ASP A 642 4.65 20.37 -14.82
CA ASP A 642 5.32 19.72 -15.96
C ASP A 642 4.56 18.45 -16.24
N LEU A 643 3.91 17.94 -15.20
CA LEU A 643 3.14 16.71 -15.28
C LEU A 643 1.81 17.05 -15.92
N GLN A 644 1.18 18.11 -15.42
CA GLN A 644 -0.11 18.56 -15.96
C GLN A 644 -0.05 18.97 -17.46
N SER A 645 1.01 19.73 -17.80
CA SER A 645 1.21 20.23 -19.17
C SER A 645 1.63 19.11 -20.11
N ASN A 646 1.73 17.89 -19.60
CA ASN A 646 2.07 16.74 -20.44
C ASN A 646 0.87 15.85 -20.68
N VAL A 647 -0.11 15.87 -19.78
CA VAL A 647 -1.31 15.09 -19.94
C VAL A 647 -2.14 15.74 -21.06
N GLU A 648 -1.93 17.04 -21.24
CA GLU A 648 -2.63 17.77 -22.28
C GLU A 648 -2.13 17.29 -23.64
N HIS A 649 -0.81 17.25 -23.77
CA HIS A 649 -0.20 16.80 -25.02
C HIS A 649 -0.67 15.39 -25.28
N LEU A 650 -0.82 14.60 -24.22
CA LEU A 650 -1.26 13.22 -24.40
C LEU A 650 -2.70 13.16 -24.83
N THR A 651 -3.45 14.22 -24.58
CA THR A 651 -4.85 14.27 -24.92
C THR A 651 -5.01 14.62 -26.39
N GLU A 652 -4.18 15.56 -26.85
CA GLU A 652 -4.21 15.96 -28.26
C GLU A 652 -3.75 14.85 -29.23
N LYS A 653 -3.09 13.85 -28.69
CA LYS A 653 -2.62 12.74 -29.50
C LYS A 653 -3.75 11.72 -29.65
N MET A 654 -4.65 11.69 -28.66
CA MET A 654 -5.76 10.77 -28.68
C MET A 654 -6.82 11.26 -29.67
N LYS A 655 -6.36 12.11 -30.59
CA LYS A 655 -7.24 12.68 -31.61
C LYS A 655 -6.73 12.19 -32.97
N THR A 656 -5.42 12.11 -33.08
CA THR A 656 -4.79 11.64 -34.30
C THR A 656 -4.95 10.12 -34.48
N THR A 657 -4.07 9.54 -35.30
CA THR A 657 -4.05 8.09 -35.57
C THR A 657 -3.45 7.31 -34.39
N ILE A 658 -2.41 7.89 -33.80
CA ILE A 658 -1.72 7.25 -32.69
C ILE A 658 -2.56 7.37 -31.45
N GLN A 659 -3.31 6.31 -31.15
CA GLN A 659 -4.17 6.27 -29.97
C GLN A 659 -3.49 5.51 -28.82
N ARG A 660 -2.17 5.58 -28.74
CA ARG A 660 -1.42 4.89 -27.69
C ARG A 660 -0.71 5.92 -26.86
N GLY A 661 -0.17 5.47 -25.73
CA GLY A 661 0.57 6.37 -24.85
C GLY A 661 1.58 5.64 -23.99
N LEU A 662 2.82 6.11 -23.99
CA LEU A 662 3.87 5.47 -23.20
C LEU A 662 4.72 6.45 -22.40
N VAL A 663 4.83 6.22 -21.10
CA VAL A 663 5.61 7.09 -20.24
C VAL A 663 6.45 6.26 -19.30
N LEU A 664 7.75 6.55 -19.26
CA LEU A 664 8.65 5.81 -18.40
C LEU A 664 9.03 6.64 -17.20
N ARG A 665 9.18 5.99 -16.05
CA ARG A 665 9.56 6.66 -14.79
C ARG A 665 10.73 5.98 -14.08
N ASN A 666 11.73 6.78 -13.73
CA ASN A 666 12.91 6.26 -13.07
C ASN A 666 12.53 5.71 -11.70
N GLU A 667 13.03 4.52 -11.37
CA GLU A 667 12.78 3.80 -10.11
C GLU A 667 12.48 4.75 -8.94
N SER A 668 13.30 5.79 -8.79
CA SER A 668 13.09 6.74 -7.73
C SER A 668 13.50 8.13 -8.11
N CYS A 669 12.73 8.72 -9.02
CA CYS A 669 12.97 10.07 -9.49
C CYS A 669 12.39 11.12 -8.55
N SER A 670 11.43 10.71 -7.71
CA SER A 670 10.81 11.62 -6.76
C SER A 670 10.21 10.80 -5.66
N GLU A 671 10.31 11.26 -4.43
CA GLU A 671 9.78 10.52 -3.32
C GLU A 671 8.27 10.63 -3.21
N ASN A 672 7.69 11.64 -3.82
CA ASN A 672 6.25 11.81 -3.74
C ASN A 672 5.49 11.31 -4.98
N TYR A 673 5.99 11.69 -6.15
CA TYR A 673 5.33 11.26 -7.38
C TYR A 673 5.85 9.89 -7.79
N THR A 674 5.13 8.88 -7.33
CA THR A 674 5.50 7.50 -7.59
C THR A 674 4.74 6.93 -8.75
N THR A 675 5.11 5.74 -9.17
CA THR A 675 4.47 5.07 -10.28
C THR A 675 2.97 5.09 -10.13
N ASP A 676 2.52 4.91 -8.89
CA ASP A 676 1.11 4.93 -8.61
C ASP A 676 0.56 6.34 -8.76
N PHE A 677 1.28 7.33 -8.23
CA PHE A 677 0.87 8.73 -8.31
C PHE A 677 0.70 9.13 -9.74
N ILE A 678 1.75 8.92 -10.52
CA ILE A 678 1.72 9.23 -11.94
C ILE A 678 0.50 8.61 -12.63
N TYR A 679 0.24 7.33 -12.36
CA TYR A 679 -0.91 6.65 -12.92
C TYR A 679 -2.22 7.20 -12.34
N GLN A 680 -2.26 7.49 -11.05
CA GLN A 680 -3.46 8.02 -10.41
C GLN A 680 -3.88 9.34 -11.00
N LEU A 681 -2.90 10.16 -11.36
CA LEU A 681 -3.16 11.48 -11.96
C LEU A 681 -3.66 11.32 -13.39
N TYR A 682 -2.81 10.72 -14.23
CA TYR A 682 -3.17 10.48 -15.63
C TYR A 682 -4.54 9.83 -15.83
N SER A 683 -4.97 9.01 -14.87
CA SER A 683 -6.28 8.36 -14.99
C SER A 683 -7.41 9.39 -14.82
N GLU A 684 -7.43 10.05 -13.67
CA GLU A 684 -8.48 11.03 -13.39
C GLU A 684 -8.43 12.25 -14.30
N GLU A 685 -7.26 12.53 -14.84
CA GLU A 685 -7.12 13.68 -15.70
C GLU A 685 -7.42 13.35 -17.15
N GLY A 686 -7.63 12.07 -17.44
CA GLY A 686 -7.95 11.64 -18.80
C GLY A 686 -9.39 11.21 -18.84
N LYS A 687 -9.81 10.50 -17.80
CA LYS A 687 -11.17 10.00 -17.67
C LYS A 687 -12.10 10.54 -18.73
N GLY A 688 -12.32 9.77 -19.79
CA GLY A 688 -13.20 10.19 -20.86
C GLY A 688 -12.51 10.29 -22.20
N VAL A 689 -11.19 10.38 -22.19
CA VAL A 689 -10.43 10.51 -23.42
C VAL A 689 -9.58 9.28 -23.67
N PHE A 690 -9.02 8.72 -22.60
CA PHE A 690 -8.17 7.55 -22.74
C PHE A 690 -8.08 6.74 -21.46
N ASP A 691 -7.63 5.50 -21.60
CA ASP A 691 -7.48 4.55 -20.49
C ASP A 691 -5.99 4.42 -20.21
N CYS A 692 -5.63 3.89 -19.05
CA CYS A 692 -4.21 3.74 -18.72
C CYS A 692 -3.92 2.73 -17.60
N ARG A 693 -2.78 2.06 -17.72
CA ARG A 693 -2.37 1.06 -16.74
C ARG A 693 -0.95 1.36 -16.31
N LYS A 694 -0.40 0.53 -15.43
CA LYS A 694 0.97 0.74 -14.96
C LYS A 694 1.73 -0.57 -14.84
N ASN A 695 3.03 -0.55 -15.12
CA ASN A 695 3.88 -1.74 -15.05
C ASN A 695 5.23 -1.43 -14.41
N VAL A 696 5.65 -2.28 -13.47
CA VAL A 696 6.92 -2.08 -12.78
C VAL A 696 7.96 -3.10 -13.24
N LEU A 697 8.67 -2.76 -14.29
CA LEU A 697 9.67 -3.67 -14.83
C LEU A 697 10.50 -4.29 -13.72
N GLY A 698 10.47 -5.61 -13.63
CA GLY A 698 11.23 -6.34 -12.62
C GLY A 698 12.67 -6.47 -13.00
N HIS A 699 13.39 -7.29 -12.27
CA HIS A 699 14.79 -7.47 -12.58
C HIS A 699 14.97 -8.17 -13.92
N MET A 700 13.90 -8.32 -14.69
CA MET A 700 14.00 -9.03 -15.96
C MET A 700 14.99 -8.31 -16.86
N GLN A 701 15.23 -7.06 -16.50
CA GLN A 701 16.12 -6.21 -17.26
C GLN A 701 17.54 -6.77 -17.21
N GLN A 702 18.17 -6.64 -16.05
CA GLN A 702 19.53 -7.11 -15.90
C GLN A 702 19.47 -8.59 -15.67
N GLY A 703 19.30 -9.37 -16.73
CA GLY A 703 19.18 -10.81 -16.56
C GLY A 703 19.57 -11.59 -17.80
N GLY A 704 18.78 -11.47 -18.86
CA GLY A 704 19.03 -12.17 -20.10
C GLY A 704 20.46 -12.17 -20.63
N ALA A 705 20.73 -13.00 -21.64
CA ALA A 705 22.06 -13.09 -22.23
C ALA A 705 22.55 -11.68 -22.57
N PRO A 706 23.84 -11.40 -22.31
CA PRO A 706 24.41 -10.07 -22.59
C PRO A 706 24.37 -9.65 -24.06
N SER A 707 24.13 -8.37 -24.30
CA SER A 707 24.08 -7.85 -25.67
C SER A 707 25.47 -7.85 -26.26
N PRO A 708 25.59 -8.11 -27.56
CA PRO A 708 26.89 -8.13 -28.23
C PRO A 708 27.76 -6.93 -27.88
N PHE A 709 27.15 -5.80 -27.57
CA PHE A 709 27.91 -4.59 -27.24
C PHE A 709 28.61 -4.76 -25.90
N ASP A 710 27.99 -5.56 -25.04
CA ASP A 710 28.55 -5.85 -23.72
C ASP A 710 29.56 -7.02 -23.83
N ARG A 711 29.19 -8.04 -24.59
CA ARG A 711 30.04 -9.17 -24.82
C ARG A 711 31.39 -8.68 -25.31
N ASN A 712 31.40 -7.50 -25.92
CA ASN A 712 32.64 -6.93 -26.42
C ASN A 712 33.18 -5.98 -25.38
N PHE A 713 32.36 -5.05 -24.90
CA PHE A 713 32.81 -4.10 -23.90
C PHE A 713 33.42 -4.83 -22.72
N GLY A 714 32.80 -5.92 -22.30
CA GLY A 714 33.34 -6.62 -21.16
C GLY A 714 34.71 -7.15 -21.48
N THR A 715 34.90 -7.78 -22.64
CA THR A 715 36.20 -8.35 -23.00
C THR A 715 37.21 -7.28 -23.43
N LYS A 716 36.74 -6.25 -24.14
CA LYS A 716 37.62 -5.18 -24.64
C LYS A 716 38.31 -4.34 -23.57
N ILE A 717 37.56 -3.52 -22.82
CA ILE A 717 38.13 -2.66 -21.79
C ILE A 717 38.55 -3.38 -20.49
N SER A 718 38.45 -4.71 -20.46
CA SER A 718 38.92 -5.44 -19.28
C SER A 718 40.35 -5.87 -19.51
N ALA A 719 40.75 -6.04 -20.76
CA ALA A 719 42.11 -6.43 -21.07
C ALA A 719 43.06 -5.26 -20.78
N ARG A 720 42.71 -4.06 -21.28
CA ARG A 720 43.54 -2.87 -21.07
C ARG A 720 43.62 -2.54 -19.59
N ALA A 721 42.77 -3.21 -18.80
CA ALA A 721 42.73 -3.01 -17.36
C ALA A 721 43.72 -4.00 -16.74
N MET A 722 43.92 -5.13 -17.41
CA MET A 722 44.85 -6.17 -16.94
C MET A 722 46.29 -5.78 -17.26
N GLU A 723 46.45 -5.02 -18.33
CA GLU A 723 47.76 -4.57 -18.74
C GLU A 723 48.19 -3.42 -17.89
N TRP A 724 47.24 -2.60 -17.45
CA TRP A 724 47.60 -1.47 -16.58
C TRP A 724 48.19 -2.06 -15.29
N ILE A 725 47.79 -3.28 -15.00
CA ILE A 725 48.28 -3.99 -13.83
C ILE A 725 49.69 -4.54 -14.09
N THR A 726 49.82 -5.32 -15.16
CA THR A 726 51.11 -5.91 -15.54
C THR A 726 52.16 -4.82 -15.69
N ALA A 727 51.75 -3.65 -16.20
CA ALA A 727 52.62 -2.51 -16.41
C ALA A 727 53.00 -1.80 -15.10
N LYS A 728 52.06 -1.70 -14.17
CA LYS A 728 52.31 -1.07 -12.89
C LYS A 728 52.73 -2.05 -11.82
N LEU A 729 52.62 -3.34 -12.13
CA LEU A 729 53.00 -4.39 -11.20
C LEU A 729 54.43 -4.84 -11.47
N LYS A 730 54.92 -4.62 -12.69
CA LYS A 730 56.28 -5.02 -13.03
C LYS A 730 57.21 -3.80 -12.98
N GLU A 731 56.67 -2.72 -12.42
CA GLU A 731 57.42 -1.48 -12.29
C GLU A 731 58.34 -1.52 -11.06
N ALA A 732 57.80 -1.29 -9.86
CA ALA A 732 58.62 -1.31 -8.64
C ALA A 732 59.32 -2.65 -8.49
N LYS A 738 55.51 -0.82 -2.85
CA LYS A 738 55.73 0.62 -2.71
C LYS A 738 54.55 1.47 -3.22
N PHE A 739 53.39 0.83 -3.35
CA PHE A 739 52.20 1.52 -3.84
C PHE A 739 51.52 2.36 -2.78
N THR A 740 51.48 3.67 -3.02
CA THR A 740 50.85 4.59 -2.08
C THR A 740 50.08 5.69 -2.82
N THR A 741 50.72 6.28 -3.82
CA THR A 741 50.14 7.37 -4.59
C THR A 741 48.72 7.01 -4.98
N ASP A 742 47.89 8.04 -5.20
CA ASP A 742 46.50 7.81 -5.54
C ASP A 742 46.24 7.36 -6.97
N ASP A 743 47.28 7.13 -7.73
CA ASP A 743 47.10 6.67 -9.11
C ASP A 743 47.30 5.16 -9.16
N SER A 744 47.42 4.55 -7.99
CA SER A 744 47.63 3.11 -7.92
C SER A 744 46.28 2.45 -8.02
N ILE A 745 45.25 3.21 -7.64
CA ILE A 745 43.88 2.71 -7.70
C ILE A 745 42.99 3.71 -8.44
N CYS A 746 42.63 3.38 -9.67
CA CYS A 746 41.80 4.26 -10.48
C CYS A 746 40.56 3.57 -11.00
N VAL A 747 39.81 4.27 -11.84
CA VAL A 747 38.60 3.76 -12.48
C VAL A 747 38.77 3.79 -14.01
N LEU A 748 38.78 2.62 -14.62
CA LEU A 748 38.96 2.56 -16.05
C LEU A 748 37.65 2.62 -16.80
N GLY A 749 37.34 3.81 -17.29
CA GLY A 749 36.09 3.97 -18.02
C GLY A 749 36.10 5.01 -19.10
N ILE A 750 35.30 4.79 -20.11
CA ILE A 750 35.16 5.67 -21.25
C ILE A 750 34.92 7.11 -20.81
N SER A 751 35.66 8.05 -21.40
CA SER A 751 35.51 9.46 -21.08
C SER A 751 35.16 10.20 -22.37
N LYS A 752 36.16 10.80 -23.02
CA LYS A 752 35.94 11.52 -24.27
C LYS A 752 35.63 10.52 -25.38
N ARG A 753 36.61 10.33 -26.26
CA ARG A 753 36.46 9.38 -27.35
C ARG A 753 36.97 8.03 -26.89
N ASN A 754 38.02 8.05 -26.07
CA ASN A 754 38.62 6.81 -25.58
C ASN A 754 38.63 6.73 -24.07
N VAL A 755 38.98 5.55 -23.54
CA VAL A 755 39.08 5.30 -22.09
C VAL A 755 40.33 5.90 -21.49
N ILE A 756 40.29 6.13 -20.18
CA ILE A 756 41.42 6.70 -19.46
C ILE A 756 41.33 6.31 -18.01
N PHE A 757 42.51 6.14 -17.39
CA PHE A 757 42.59 5.76 -15.99
C PHE A 757 42.59 6.98 -15.05
N GLN A 758 41.46 7.20 -14.38
CA GLN A 758 41.29 8.33 -13.48
C GLN A 758 41.37 7.85 -12.01
N PRO A 759 42.33 8.38 -11.26
CA PRO A 759 42.49 8.01 -9.84
C PRO A 759 41.23 8.26 -9.00
N VAL A 760 40.74 7.21 -8.35
CA VAL A 760 39.53 7.29 -7.54
C VAL A 760 39.57 8.48 -6.62
N ALA A 761 40.76 9.06 -6.44
CA ALA A 761 40.88 10.20 -5.57
C ALA A 761 40.19 11.47 -6.10
N GLU A 762 40.60 11.89 -7.30
CA GLU A 762 40.07 13.10 -7.90
C GLU A 762 38.70 12.92 -8.45
N LEU A 763 38.08 11.76 -8.19
CA LEU A 763 36.72 11.52 -8.64
C LEU A 763 35.68 11.84 -7.54
N LYS A 764 36.18 12.20 -6.36
CA LYS A 764 35.32 12.53 -5.24
C LYS A 764 34.55 13.80 -5.58
N LYS A 765 35.16 14.62 -6.44
CA LYS A 765 34.55 15.88 -6.85
C LYS A 765 33.29 15.67 -7.67
N GLN A 766 33.43 15.18 -8.91
CA GLN A 766 32.29 14.95 -9.81
C GLN A 766 31.50 13.70 -9.45
N THR A 767 30.96 13.66 -8.24
CA THR A 767 30.16 12.52 -7.81
C THR A 767 29.18 12.87 -6.68
N ASP A 768 27.93 12.46 -6.82
CA ASP A 768 26.92 12.70 -5.81
C ASP A 768 26.76 11.42 -4.98
N PHE A 769 27.42 11.38 -3.82
CA PHE A 769 27.38 10.19 -2.97
C PHE A 769 26.02 9.98 -2.30
N GLU A 770 25.25 11.05 -2.20
CA GLU A 770 23.93 10.99 -1.58
C GLU A 770 22.92 10.23 -2.46
N HIS A 771 23.04 10.42 -3.77
CA HIS A 771 22.15 9.76 -4.71
C HIS A 771 22.87 8.71 -5.52
N ARG A 772 24.18 8.59 -5.29
CA ARG A 772 25.01 7.62 -5.99
C ARG A 772 24.98 7.77 -7.49
N ILE A 773 25.18 8.99 -7.99
CA ILE A 773 25.21 9.28 -9.42
C ILE A 773 26.26 10.32 -9.69
N PRO A 774 26.97 10.20 -10.82
CA PRO A 774 28.00 11.21 -11.13
C PRO A 774 27.41 12.63 -11.26
N LYS A 775 28.13 13.64 -10.80
CA LYS A 775 27.62 14.99 -10.89
C LYS A 775 27.30 15.34 -12.32
N GLU A 776 28.35 15.43 -13.14
CA GLU A 776 28.15 15.77 -14.54
C GLU A 776 27.84 14.49 -15.32
N GLN A 777 26.73 14.48 -16.03
CA GLN A 777 26.32 13.34 -16.85
C GLN A 777 26.06 13.76 -18.30
N TRP A 778 26.83 13.16 -19.21
CA TRP A 778 26.76 13.48 -20.63
C TRP A 778 25.42 13.29 -21.31
N TRP A 779 24.82 12.11 -21.13
CA TRP A 779 23.56 11.81 -21.78
C TRP A 779 22.42 12.72 -21.44
N LEU A 780 22.66 13.83 -20.75
CA LEU A 780 21.57 14.77 -20.42
C LEU A 780 21.39 15.77 -21.55
N LYS A 781 22.34 15.76 -22.49
CA LYS A 781 22.32 16.65 -23.63
C LYS A 781 21.27 16.16 -24.60
N LEU A 782 20.90 14.89 -24.51
CA LEU A 782 19.88 14.32 -25.39
C LEU A 782 18.48 14.60 -24.84
N ARG A 783 18.39 15.31 -23.72
CA ARG A 783 17.09 15.60 -23.13
C ARG A 783 16.14 16.41 -24.03
N PRO A 784 16.58 17.58 -24.50
CA PRO A 784 15.67 18.36 -25.36
C PRO A 784 15.33 17.58 -26.60
N LEU A 785 16.33 16.93 -27.17
CA LEU A 785 16.14 16.13 -28.37
C LEU A 785 15.08 15.07 -28.14
N MET A 786 15.36 14.16 -27.21
CA MET A 786 14.45 13.07 -26.88
C MET A 786 12.96 13.48 -26.83
N LYS A 787 12.72 14.69 -26.32
CA LYS A 787 11.37 15.19 -26.15
C LYS A 787 10.73 15.76 -27.39
N ILE A 788 11.50 16.52 -28.17
CA ILE A 788 10.93 17.11 -29.37
C ILE A 788 10.48 15.99 -30.30
N LEU A 789 10.92 14.76 -30.04
CA LEU A 789 10.52 13.62 -30.86
C LEU A 789 9.13 13.13 -30.47
N ALA A 790 8.40 13.98 -29.76
CA ALA A 790 7.04 13.67 -29.33
C ALA A 790 6.36 14.94 -28.83
N LYS A 791 7.18 15.96 -28.57
CA LYS A 791 6.73 17.25 -28.07
C LYS A 791 5.85 17.06 -26.81
N LEU B 41 -11.75 -38.57 -5.23
CA LEU B 41 -10.78 -39.68 -4.97
C LEU B 41 -9.33 -39.18 -5.10
N ARG B 42 -8.68 -38.95 -3.96
CA ARG B 42 -7.29 -38.47 -3.91
C ARG B 42 -6.29 -39.58 -4.27
N LYS B 43 -5.56 -39.40 -5.38
CA LYS B 43 -4.60 -40.39 -5.86
C LYS B 43 -3.16 -39.93 -5.66
N PHE B 44 -2.59 -40.38 -4.54
CA PHE B 44 -1.22 -40.05 -4.18
C PHE B 44 -0.36 -41.30 -4.12
N LEU B 45 0.20 -41.66 -5.27
CA LEU B 45 1.05 -42.83 -5.38
C LEU B 45 2.41 -42.50 -4.81
N GLU B 46 2.51 -41.36 -4.13
CA GLU B 46 3.76 -40.93 -3.50
C GLU B 46 4.34 -42.06 -2.63
N HIS B 47 3.44 -42.76 -1.93
CA HIS B 47 3.84 -43.87 -1.06
C HIS B 47 4.45 -44.99 -1.91
N LEU B 48 3.63 -45.61 -2.77
CA LEU B 48 4.08 -46.69 -3.65
C LEU B 48 5.25 -46.21 -4.48
N SER B 49 6.41 -46.82 -4.26
CA SER B 49 7.62 -46.44 -4.98
C SER B 49 8.71 -47.53 -4.89
N GLY B 50 9.14 -48.03 -6.04
CA GLY B 50 10.15 -49.07 -6.06
C GLY B 50 11.51 -48.50 -5.70
N ALA B 51 11.99 -48.89 -4.51
CA ALA B 51 13.28 -48.42 -4.04
C ALA B 51 14.40 -49.41 -4.28
N GLY B 52 15.63 -49.00 -3.94
CA GLY B 52 16.80 -49.85 -4.14
C GLY B 52 17.18 -50.13 -5.59
N LYS B 53 16.21 -49.96 -6.49
CA LYS B 53 16.44 -50.19 -7.92
C LYS B 53 17.36 -49.12 -8.52
N ALA B 54 17.91 -49.41 -9.70
CA ALA B 54 18.79 -48.46 -10.40
C ALA B 54 18.25 -48.08 -11.78
N ILE B 55 18.19 -46.77 -12.07
CA ILE B 55 17.66 -46.27 -13.34
C ILE B 55 18.76 -45.64 -14.14
N GLY B 56 18.64 -45.75 -15.45
CA GLY B 56 19.64 -45.19 -16.32
C GLY B 56 19.00 -44.32 -17.39
N VAL B 57 19.41 -43.06 -17.49
CA VAL B 57 18.87 -42.15 -18.49
C VAL B 57 19.97 -41.57 -19.40
N LEU B 58 19.80 -41.76 -20.70
CA LEU B 58 20.74 -41.27 -21.69
C LEU B 58 19.97 -40.57 -22.80
N THR B 59 20.69 -39.94 -23.71
CA THR B 59 20.05 -39.25 -24.83
C THR B 59 20.78 -39.55 -26.14
N SER B 60 20.07 -40.14 -27.09
CA SER B 60 20.65 -40.51 -28.40
C SER B 60 19.68 -40.18 -29.55
N GLY B 61 20.06 -39.23 -30.39
CA GLY B 61 19.21 -38.84 -31.49
C GLY B 61 19.27 -37.35 -31.70
N GLY B 62 18.36 -36.83 -32.52
CA GLY B 62 18.33 -35.40 -32.80
C GLY B 62 18.09 -34.58 -31.54
N ASP B 63 19.17 -34.08 -30.97
CA ASP B 63 19.13 -33.27 -29.76
C ASP B 63 18.14 -32.14 -29.92
N ALA B 64 16.96 -32.32 -29.35
CA ALA B 64 15.90 -31.33 -29.40
C ALA B 64 15.78 -30.60 -28.07
N GLN B 65 15.19 -29.40 -28.09
CA GLN B 65 15.01 -28.60 -26.89
C GLN B 65 14.13 -29.32 -25.87
N GLY B 66 14.15 -28.86 -24.64
CA GLY B 66 13.36 -29.49 -23.60
C GLY B 66 13.85 -30.88 -23.20
N MET B 67 14.97 -31.31 -23.77
CA MET B 67 15.51 -32.62 -23.46
C MET B 67 16.06 -32.61 -22.05
N ASN B 68 16.56 -31.46 -21.63
CA ASN B 68 17.11 -31.32 -20.29
C ASN B 68 15.95 -31.34 -19.31
N ALA B 69 14.89 -30.61 -19.56
CA ALA B 69 13.75 -30.59 -18.64
C ALA B 69 13.18 -31.99 -18.42
N ALA B 70 13.55 -32.91 -19.30
CA ALA B 70 13.14 -34.31 -19.26
C ALA B 70 14.01 -35.08 -18.33
N VAL B 71 15.32 -35.13 -18.58
CA VAL B 71 16.20 -35.85 -17.69
C VAL B 71 16.15 -35.27 -16.28
N ARG B 72 15.62 -34.06 -16.15
CA ARG B 72 15.54 -33.39 -14.87
C ARG B 72 14.41 -34.01 -14.09
N ALA B 73 13.30 -34.27 -14.77
CA ALA B 73 12.15 -34.87 -14.11
C ALA B 73 12.38 -36.34 -13.79
N VAL B 74 13.26 -36.99 -14.55
CA VAL B 74 13.62 -38.40 -14.35
C VAL B 74 14.51 -38.61 -13.13
N VAL B 75 15.58 -37.83 -13.04
CA VAL B 75 16.50 -37.92 -11.91
C VAL B 75 15.79 -37.59 -10.58
N ARG B 76 15.15 -36.43 -10.50
CA ARG B 76 14.47 -36.02 -9.28
C ARG B 76 13.31 -36.92 -8.87
N MET B 77 12.75 -37.66 -9.83
CA MET B 77 11.64 -38.55 -9.55
C MET B 77 12.23 -39.88 -9.12
N GLY B 78 13.21 -40.38 -9.87
CA GLY B 78 13.82 -41.65 -9.53
C GLY B 78 14.34 -41.65 -8.11
N ILE B 79 14.70 -40.47 -7.61
CA ILE B 79 15.21 -40.34 -6.26
C ILE B 79 14.03 -40.32 -5.31
N TYR B 80 13.00 -39.60 -5.69
CA TYR B 80 11.81 -39.51 -4.86
C TYR B 80 11.26 -40.89 -4.54
N VAL B 81 11.26 -41.77 -5.54
CA VAL B 81 10.77 -43.13 -5.36
C VAL B 81 11.73 -43.95 -4.51
N GLY B 82 12.90 -43.38 -4.24
CA GLY B 82 13.85 -44.07 -3.41
C GLY B 82 14.76 -45.00 -4.18
N ALA B 83 15.19 -44.61 -5.38
CA ALA B 83 16.08 -45.45 -6.12
C ALA B 83 17.32 -44.66 -6.52
N LYS B 84 18.29 -45.32 -7.15
CA LYS B 84 19.50 -44.64 -7.56
C LYS B 84 19.45 -44.33 -9.04
N VAL B 85 19.79 -43.10 -9.39
CA VAL B 85 19.78 -42.69 -10.78
C VAL B 85 21.17 -42.38 -11.28
N TYR B 86 21.58 -43.03 -12.37
CA TYR B 86 22.91 -42.81 -12.93
C TYR B 86 22.85 -42.11 -14.26
N PHE B 87 23.91 -41.34 -14.53
CA PHE B 87 24.03 -40.59 -15.78
C PHE B 87 24.75 -41.41 -16.87
N ILE B 88 24.30 -41.27 -18.11
CA ILE B 88 24.95 -41.97 -19.21
C ILE B 88 25.27 -40.99 -20.32
N TYR B 89 26.47 -40.40 -20.26
CA TYR B 89 26.92 -39.41 -21.26
C TYR B 89 27.06 -39.96 -22.68
N GLU B 90 27.05 -39.08 -23.67
CA GLU B 90 27.18 -39.45 -25.06
C GLU B 90 26.21 -40.57 -25.46
N GLY B 91 24.95 -40.45 -25.06
CA GLY B 91 23.95 -41.45 -25.41
C GLY B 91 24.42 -42.89 -25.28
N TYR B 92 24.13 -43.71 -26.30
CA TYR B 92 24.52 -45.12 -26.31
C TYR B 92 26.02 -45.36 -26.19
N GLN B 93 26.83 -44.57 -26.90
CA GLN B 93 28.30 -44.71 -26.84
C GLN B 93 28.80 -44.74 -25.41
N GLY B 94 28.12 -44.02 -24.52
CA GLY B 94 28.52 -44.01 -23.12
C GLY B 94 28.38 -45.37 -22.45
N MET B 95 27.39 -46.15 -22.89
CA MET B 95 27.18 -47.48 -22.34
C MET B 95 28.34 -48.41 -22.72
N VAL B 96 28.72 -48.41 -23.99
CA VAL B 96 29.81 -49.22 -24.44
C VAL B 96 31.10 -48.93 -23.64
N ASP B 97 31.49 -47.65 -23.68
CA ASP B 97 32.68 -47.17 -22.97
C ASP B 97 32.59 -47.47 -21.48
N GLY B 98 31.91 -46.60 -20.74
CA GLY B 98 31.76 -46.82 -19.31
C GLY B 98 32.72 -45.97 -18.49
N GLY B 99 32.77 -46.20 -17.20
CA GLY B 99 33.67 -45.44 -16.36
C GLY B 99 33.27 -43.98 -16.23
N SER B 100 34.01 -43.10 -16.89
CA SER B 100 33.73 -41.66 -16.85
C SER B 100 32.43 -41.29 -17.50
N ASN B 101 31.83 -42.24 -18.22
CA ASN B 101 30.56 -41.99 -18.89
C ASN B 101 29.37 -42.53 -18.11
N ILE B 102 29.59 -42.78 -16.81
CA ILE B 102 28.56 -43.26 -15.89
C ILE B 102 28.77 -42.71 -14.46
N ALA B 103 27.83 -41.91 -13.97
CA ALA B 103 27.91 -41.33 -12.63
C ALA B 103 26.53 -41.15 -12.03
N GLU B 104 26.48 -41.20 -10.72
CA GLU B 104 25.22 -41.03 -10.06
C GLU B 104 24.86 -39.54 -10.12
N ALA B 105 23.57 -39.25 -10.07
CA ALA B 105 23.12 -37.87 -10.12
C ALA B 105 22.32 -37.46 -8.89
N ASP B 106 22.71 -36.36 -8.27
CA ASP B 106 22.03 -35.85 -7.09
C ASP B 106 20.96 -34.82 -7.46
N TRP B 107 20.09 -34.52 -6.50
CA TRP B 107 19.00 -33.57 -6.71
C TRP B 107 19.55 -32.26 -7.22
N GLU B 108 20.77 -31.94 -6.79
CA GLU B 108 21.46 -30.71 -7.17
C GLU B 108 22.03 -30.80 -8.60
N SER B 109 22.27 -32.01 -9.09
CA SER B 109 22.82 -32.19 -10.43
C SER B 109 21.90 -31.64 -11.52
N VAL B 110 20.72 -32.21 -11.65
CA VAL B 110 19.78 -31.76 -12.67
C VAL B 110 19.14 -30.44 -12.34
N SER B 111 19.83 -29.59 -11.57
CA SER B 111 19.31 -28.27 -11.22
C SER B 111 19.95 -27.20 -12.11
N SER B 112 19.14 -26.25 -12.57
CA SER B 112 19.62 -25.17 -13.39
C SER B 112 19.91 -25.60 -14.82
N ILE B 113 19.16 -26.59 -15.31
CA ILE B 113 19.36 -27.08 -16.65
C ILE B 113 18.04 -27.09 -17.40
N LEU B 114 16.95 -27.10 -16.66
CA LEU B 114 15.61 -27.13 -17.25
C LEU B 114 15.41 -26.08 -18.35
N GLN B 115 15.92 -24.88 -18.09
CA GLN B 115 15.79 -23.77 -19.03
C GLN B 115 16.90 -23.71 -20.11
N VAL B 116 17.31 -24.86 -20.65
CA VAL B 116 18.34 -24.89 -21.67
C VAL B 116 18.03 -25.91 -22.75
N GLY B 117 18.43 -25.60 -23.97
CA GLY B 117 18.11 -26.50 -25.06
C GLY B 117 19.09 -27.63 -25.11
N GLY B 118 19.10 -28.33 -26.22
CA GLY B 118 20.03 -29.42 -26.37
C GLY B 118 19.95 -30.36 -25.19
N THR B 119 21.08 -30.98 -24.86
CA THR B 119 21.17 -31.93 -23.76
C THR B 119 22.53 -31.88 -23.09
N ILE B 120 22.54 -31.70 -21.77
CA ILE B 120 23.78 -31.64 -21.02
C ILE B 120 24.40 -33.01 -20.86
N ILE B 121 23.56 -34.04 -20.90
CA ILE B 121 24.01 -35.41 -20.77
C ILE B 121 24.84 -35.78 -21.99
N GLY B 122 24.64 -35.04 -23.09
CA GLY B 122 25.40 -35.30 -24.31
C GLY B 122 24.77 -36.40 -25.14
N SER B 123 24.76 -36.22 -26.46
CA SER B 123 24.22 -37.21 -27.39
C SER B 123 25.28 -37.59 -28.41
N ALA B 124 25.15 -38.79 -28.96
CA ALA B 124 26.09 -39.31 -29.96
C ALA B 124 25.61 -40.61 -30.59
N ARG B 125 25.93 -40.77 -31.86
CA ARG B 125 25.55 -41.99 -32.56
C ARG B 125 26.58 -43.10 -32.34
N CYS B 126 26.17 -44.17 -31.66
CA CYS B 126 27.09 -45.28 -31.40
C CYS B 126 26.83 -46.46 -32.31
N GLN B 127 27.80 -46.78 -33.16
CA GLN B 127 27.64 -47.89 -34.08
C GLN B 127 28.11 -49.18 -33.43
N ALA B 128 29.10 -49.05 -32.55
CA ALA B 128 29.63 -50.20 -31.81
C ALA B 128 28.59 -50.83 -30.86
N PHE B 129 27.31 -50.45 -31.05
CA PHE B 129 26.23 -50.96 -30.22
C PHE B 129 25.28 -51.77 -31.10
N ARG B 130 25.25 -51.41 -32.39
CA ARG B 130 24.38 -52.07 -33.35
C ARG B 130 24.87 -53.47 -33.70
N THR B 131 25.87 -53.91 -32.94
CA THR B 131 26.50 -55.21 -33.11
C THR B 131 26.60 -55.92 -31.78
N ARG B 132 26.12 -57.15 -31.72
CA ARG B 132 26.19 -57.92 -30.48
C ARG B 132 27.63 -57.99 -29.95
N GLU B 133 28.58 -58.07 -30.87
CA GLU B 133 30.00 -58.16 -30.50
C GLU B 133 30.39 -57.00 -29.58
N GLY B 134 29.62 -55.92 -29.62
CA GLY B 134 29.94 -54.81 -28.74
C GLY B 134 28.79 -54.43 -27.84
N ARG B 135 27.62 -55.03 -28.08
CA ARG B 135 26.44 -54.73 -27.29
C ARG B 135 26.60 -55.36 -25.92
N LEU B 136 27.50 -56.34 -25.85
CA LEU B 136 27.80 -57.04 -24.61
C LEU B 136 28.58 -56.14 -23.66
N LYS B 137 29.53 -55.39 -24.22
CA LYS B 137 30.35 -54.45 -23.43
C LYS B 137 29.45 -53.46 -22.73
N ALA B 138 28.34 -53.13 -23.38
CA ALA B 138 27.37 -52.21 -22.79
C ALA B 138 26.68 -52.91 -21.61
N ALA B 139 26.16 -54.11 -21.87
CA ALA B 139 25.48 -54.88 -20.82
C ALA B 139 26.39 -55.07 -19.62
N CYS B 140 27.59 -55.59 -19.85
CA CYS B 140 28.55 -55.81 -18.78
C CYS B 140 28.74 -54.57 -17.92
N ASN B 141 28.94 -53.43 -18.56
CA ASN B 141 29.18 -52.19 -17.81
C ASN B 141 27.98 -51.79 -16.95
N LEU B 142 26.79 -52.30 -17.29
CA LEU B 142 25.58 -51.97 -16.50
C LEU B 142 25.56 -52.72 -15.19
N LEU B 143 25.83 -54.01 -15.24
CA LEU B 143 25.81 -54.81 -14.02
C LEU B 143 26.85 -54.31 -13.02
N GLN B 144 27.95 -53.76 -13.52
CA GLN B 144 29.00 -53.25 -12.65
C GLN B 144 28.48 -52.09 -11.78
N ARG B 145 27.41 -51.44 -12.24
CA ARG B 145 26.83 -50.32 -11.51
C ARG B 145 25.49 -50.68 -10.85
N GLY B 146 25.02 -51.90 -11.09
CA GLY B 146 23.78 -52.35 -10.49
C GLY B 146 22.51 -51.76 -11.09
N ILE B 147 22.56 -51.39 -12.36
CA ILE B 147 21.42 -50.81 -13.06
C ILE B 147 20.55 -51.87 -13.76
N THR B 148 19.33 -52.07 -13.26
CA THR B 148 18.43 -53.07 -13.81
C THR B 148 17.36 -52.47 -14.73
N ASN B 149 17.16 -51.16 -14.61
CA ASN B 149 16.16 -50.47 -15.40
C ASN B 149 16.84 -49.39 -16.23
N LEU B 150 16.26 -49.04 -17.37
CA LEU B 150 16.84 -48.04 -18.23
C LEU B 150 15.81 -47.20 -18.97
N CYS B 151 16.08 -45.90 -19.12
CA CYS B 151 15.19 -44.97 -19.81
C CYS B 151 15.92 -44.25 -20.95
N VAL B 152 15.54 -44.54 -22.18
CA VAL B 152 16.15 -43.96 -23.37
C VAL B 152 15.28 -42.87 -24.00
N ILE B 153 15.93 -41.73 -24.24
CA ILE B 153 15.28 -40.55 -24.82
C ILE B 153 15.90 -40.29 -26.21
N GLY B 154 15.34 -40.89 -27.25
CA GLY B 154 15.90 -40.64 -28.57
C GLY B 154 14.83 -40.55 -29.63
N GLY B 155 15.08 -41.21 -30.76
CA GLY B 155 14.14 -41.22 -31.87
C GLY B 155 13.80 -42.60 -32.44
N ASP B 156 13.18 -42.62 -33.62
CA ASP B 156 12.75 -43.86 -34.30
C ASP B 156 13.74 -45.00 -34.14
N GLY B 157 15.01 -44.70 -34.42
CA GLY B 157 16.06 -45.69 -34.32
C GLY B 157 16.55 -45.96 -32.92
N SER B 158 16.92 -44.93 -32.18
CA SER B 158 17.45 -45.09 -30.81
C SER B 158 16.59 -45.97 -29.93
N LEU B 159 15.28 -45.76 -30.00
CA LEU B 159 14.36 -46.59 -29.23
C LEU B 159 14.40 -48.06 -29.63
N THR B 160 14.30 -48.34 -30.92
CA THR B 160 14.35 -49.72 -31.43
C THR B 160 15.62 -50.43 -30.93
N GLY B 161 16.63 -49.63 -30.60
CA GLY B 161 17.89 -50.15 -30.10
C GLY B 161 17.73 -50.86 -28.78
N ALA B 162 17.02 -50.25 -27.85
CA ALA B 162 16.77 -50.81 -26.53
C ALA B 162 15.73 -51.95 -26.58
N ASN B 163 14.85 -51.92 -27.59
CA ASN B 163 13.84 -52.94 -27.77
C ASN B 163 14.51 -54.32 -27.98
N LEU B 164 15.69 -54.31 -28.63
CA LEU B 164 16.47 -55.54 -28.87
C LEU B 164 17.25 -55.83 -27.62
N PHE B 165 17.94 -54.82 -27.12
CA PHE B 165 18.74 -54.97 -25.90
C PHE B 165 17.87 -55.59 -24.81
N ARG B 166 16.59 -55.21 -24.81
CA ARG B 166 15.64 -55.76 -23.84
C ARG B 166 15.56 -57.29 -23.97
N LYS B 167 15.48 -57.77 -25.20
CA LYS B 167 15.39 -59.19 -25.45
C LYS B 167 16.72 -59.91 -25.30
N GLU B 168 17.75 -59.41 -25.95
CA GLU B 168 19.05 -60.03 -25.89
C GLU B 168 19.62 -60.11 -24.48
N TRP B 169 19.08 -59.34 -23.53
CA TRP B 169 19.57 -59.33 -22.15
C TRP B 169 19.83 -60.73 -21.61
N SER B 170 18.79 -61.56 -21.62
CA SER B 170 18.90 -62.92 -21.12
C SER B 170 20.05 -63.64 -21.84
N GLY B 171 20.32 -63.27 -23.09
CA GLY B 171 21.41 -63.93 -23.77
C GLY B 171 22.73 -63.21 -23.57
N LEU B 172 22.69 -61.92 -23.22
CA LEU B 172 23.95 -61.17 -22.98
C LEU B 172 24.54 -61.51 -21.61
N LEU B 173 23.71 -62.02 -20.69
CA LEU B 173 24.16 -62.41 -19.36
C LEU B 173 24.68 -63.86 -19.37
N GLU B 174 24.36 -64.56 -20.46
CA GLU B 174 24.78 -65.94 -20.65
C GLU B 174 26.24 -65.99 -21.07
N GLU B 175 26.63 -65.01 -21.87
CA GLU B 175 28.01 -64.95 -22.33
C GLU B 175 28.96 -64.37 -21.29
N LEU B 176 28.48 -63.35 -20.58
CA LEU B 176 29.27 -62.68 -19.56
C LEU B 176 29.58 -63.63 -18.40
N ALA B 177 28.62 -64.51 -18.07
CA ALA B 177 28.79 -65.46 -16.99
C ALA B 177 29.66 -66.61 -17.48
N ARG B 178 29.49 -67.02 -18.74
CA ARG B 178 30.29 -68.11 -19.32
C ARG B 178 31.74 -67.70 -19.35
N ASN B 179 32.01 -66.63 -20.09
CA ASN B 179 33.38 -66.14 -20.22
C ASN B 179 33.92 -65.72 -18.88
N GLY B 180 33.02 -65.69 -17.90
CA GLY B 180 33.43 -65.30 -16.56
C GLY B 180 33.99 -63.89 -16.47
N GLN B 181 33.24 -62.91 -16.97
CA GLN B 181 33.66 -61.52 -16.92
C GLN B 181 32.92 -60.76 -15.82
N ILE B 182 31.79 -61.31 -15.39
CA ILE B 182 30.99 -60.71 -14.30
C ILE B 182 30.72 -61.78 -13.24
N ASP B 183 30.58 -61.35 -11.98
CA ASP B 183 30.31 -62.27 -10.89
C ASP B 183 29.22 -63.25 -11.33
N LYS B 184 29.42 -64.54 -11.07
CA LYS B 184 28.45 -65.56 -11.46
C LYS B 184 27.11 -65.41 -10.75
N GLU B 185 27.11 -64.73 -9.60
CA GLU B 185 25.86 -64.49 -8.86
C GLU B 185 24.97 -63.54 -9.65
N ALA B 186 25.50 -62.39 -10.04
CA ALA B 186 24.76 -61.40 -10.82
C ALA B 186 23.95 -61.99 -11.96
N VAL B 187 24.34 -63.15 -12.47
CA VAL B 187 23.65 -63.78 -13.58
C VAL B 187 22.17 -64.02 -13.26
N GLN B 188 21.82 -63.92 -11.98
CA GLN B 188 20.45 -64.17 -11.57
C GLN B 188 19.79 -63.01 -10.84
N LYS B 189 20.60 -62.16 -10.19
CA LYS B 189 20.06 -61.02 -9.47
C LYS B 189 19.58 -59.97 -10.47
N TYR B 190 20.30 -59.84 -11.58
CA TYR B 190 19.98 -58.88 -12.62
C TYR B 190 19.61 -59.65 -13.90
N ALA B 191 18.64 -60.54 -13.77
CA ALA B 191 18.20 -61.38 -14.88
C ALA B 191 17.15 -60.66 -15.77
N TYR B 192 16.26 -59.90 -15.13
CA TYR B 192 15.24 -59.13 -15.85
C TYR B 192 15.72 -57.71 -16.16
N LEU B 193 15.45 -57.26 -17.37
CA LEU B 193 15.85 -55.93 -17.81
C LEU B 193 14.68 -55.08 -18.27
N ASN B 194 14.34 -54.04 -17.51
CA ASN B 194 13.22 -53.16 -17.87
C ASN B 194 13.72 -51.86 -18.50
N VAL B 195 13.09 -51.49 -19.61
CA VAL B 195 13.45 -50.28 -20.35
C VAL B 195 12.20 -49.53 -20.76
N VAL B 196 12.36 -48.23 -20.95
CA VAL B 196 11.26 -47.36 -21.36
C VAL B 196 11.78 -46.24 -22.29
N GLY B 197 11.10 -46.06 -23.43
CA GLY B 197 11.51 -45.05 -24.40
C GLY B 197 10.73 -43.78 -24.21
N MET B 198 11.26 -42.69 -24.73
CA MET B 198 10.59 -41.42 -24.57
C MET B 198 10.71 -40.54 -25.81
N VAL B 199 9.56 -40.06 -26.25
CA VAL B 199 9.49 -39.23 -27.42
C VAL B 199 10.39 -38.01 -27.32
N GLY B 200 11.42 -37.95 -28.18
CA GLY B 200 12.36 -36.82 -28.15
C GLY B 200 13.08 -36.48 -29.46
N SER B 201 12.50 -35.55 -30.22
CA SER B 201 13.05 -35.10 -31.49
C SER B 201 12.02 -34.18 -32.16
N ILE B 202 12.52 -33.04 -32.66
CA ILE B 202 11.66 -32.05 -33.31
C ILE B 202 10.98 -32.49 -34.58
N ASP B 203 11.38 -33.66 -35.07
CA ASP B 203 10.82 -34.18 -36.32
C ASP B 203 9.35 -34.53 -36.14
N ASN B 204 9.04 -35.13 -35.00
CA ASN B 204 7.69 -35.54 -34.70
C ASN B 204 7.23 -36.63 -35.69
N ASP B 205 8.17 -37.28 -36.36
CA ASP B 205 7.85 -38.34 -37.32
C ASP B 205 7.43 -39.59 -36.55
N PHE B 206 6.71 -39.36 -35.45
CA PHE B 206 6.22 -40.43 -34.57
C PHE B 206 4.72 -40.26 -34.39
N CYS B 207 4.01 -41.32 -34.67
CA CYS B 207 2.58 -41.28 -34.56
C CYS B 207 2.10 -41.94 -33.28
N GLY B 208 3.05 -42.37 -32.46
CA GLY B 208 2.66 -42.99 -31.22
C GLY B 208 2.15 -41.89 -30.30
N THR B 209 2.62 -40.69 -30.58
CA THR B 209 2.24 -39.49 -29.81
C THR B 209 1.96 -38.33 -30.75
N ASP B 210 1.05 -37.45 -30.34
CA ASP B 210 0.71 -36.30 -31.17
C ASP B 210 1.91 -35.37 -31.27
N MET B 211 2.45 -34.93 -30.13
CA MET B 211 3.60 -34.04 -30.07
C MET B 211 4.80 -34.70 -29.36
N THR B 212 5.97 -34.56 -29.95
CA THR B 212 7.16 -35.14 -29.37
C THR B 212 7.99 -34.01 -28.75
N ILE B 213 8.62 -34.31 -27.62
CA ILE B 213 9.45 -33.31 -26.94
C ILE B 213 10.40 -32.61 -27.92
N GLY B 214 10.07 -31.36 -28.23
CA GLY B 214 10.89 -30.57 -29.14
C GLY B 214 10.07 -29.80 -30.16
N THR B 215 9.03 -30.42 -30.70
CA THR B 215 8.20 -29.78 -31.71
C THR B 215 7.92 -28.31 -31.41
N ASP B 216 7.12 -28.03 -30.39
CA ASP B 216 6.74 -26.67 -30.03
C ASP B 216 7.98 -25.78 -29.96
N SER B 217 9.09 -26.37 -29.52
CA SER B 217 10.32 -25.58 -29.43
C SER B 217 10.89 -25.23 -30.81
N ALA B 218 11.10 -26.23 -31.66
CA ALA B 218 11.62 -26.02 -33.00
C ALA B 218 10.64 -25.15 -33.80
N LEU B 219 9.36 -25.28 -33.52
CA LEU B 219 8.33 -24.51 -34.21
C LEU B 219 8.51 -23.05 -33.87
N HIS B 220 8.92 -22.78 -32.64
CA HIS B 220 9.15 -21.43 -32.18
C HIS B 220 10.27 -20.87 -33.03
N ARG B 221 11.40 -21.57 -33.01
CA ARG B 221 12.57 -21.17 -33.78
C ARG B 221 12.23 -20.89 -35.22
N ILE B 222 11.38 -21.70 -35.81
CA ILE B 222 11.00 -21.50 -37.19
C ILE B 222 10.21 -20.18 -37.37
N ILE B 223 9.15 -20.00 -36.58
CA ILE B 223 8.32 -18.81 -36.65
C ILE B 223 9.13 -17.54 -36.34
N GLU B 224 10.09 -17.64 -35.44
CA GLU B 224 10.90 -16.48 -35.06
C GLU B 224 11.65 -15.98 -36.27
N VAL B 225 12.23 -16.92 -37.00
CA VAL B 225 12.99 -16.60 -38.19
C VAL B 225 12.07 -15.97 -39.22
N VAL B 226 10.91 -16.58 -39.44
CA VAL B 226 9.93 -16.05 -40.39
C VAL B 226 9.43 -14.62 -40.05
N ASP B 227 8.87 -14.46 -38.86
CA ASP B 227 8.38 -13.17 -38.41
C ASP B 227 9.42 -12.06 -38.58
N ALA B 228 10.68 -12.45 -38.57
CA ALA B 228 11.78 -11.52 -38.73
C ALA B 228 11.97 -11.27 -40.22
N ILE B 229 11.92 -12.34 -41.01
CA ILE B 229 12.10 -12.25 -42.47
C ILE B 229 10.94 -11.51 -43.13
N MET B 230 9.77 -11.60 -42.53
CA MET B 230 8.57 -10.94 -43.03
C MET B 230 8.68 -9.40 -43.06
N THR B 231 9.56 -8.81 -42.25
CA THR B 231 9.77 -7.33 -42.24
C THR B 231 10.79 -6.89 -43.34
N THR B 232 11.64 -7.81 -43.80
CA THR B 232 12.63 -7.57 -44.88
C THR B 232 12.03 -7.83 -46.27
N ALA B 233 10.98 -8.65 -46.32
CA ALA B 233 10.26 -8.97 -47.56
C ALA B 233 9.09 -8.00 -47.81
N GLN B 234 8.51 -7.45 -46.74
CA GLN B 234 7.39 -6.50 -46.85
C GLN B 234 7.88 -5.11 -47.31
N SER B 235 9.20 -4.95 -47.38
CA SER B 235 9.83 -3.70 -47.86
C SER B 235 10.26 -3.79 -49.35
N HIS B 236 11.16 -4.74 -49.67
CA HIS B 236 11.62 -4.93 -51.05
C HIS B 236 10.59 -5.71 -51.87
N GLN B 237 9.38 -5.86 -51.29
CA GLN B 237 8.27 -6.59 -51.89
C GLN B 237 8.76 -7.82 -52.69
N ARG B 238 9.42 -8.75 -51.99
CA ARG B 238 9.96 -9.93 -52.66
C ARG B 238 9.29 -11.22 -52.16
N THR B 239 9.78 -12.36 -52.63
CA THR B 239 9.24 -13.65 -52.21
C THR B 239 10.37 -14.50 -51.66
N PHE B 240 10.08 -15.18 -50.55
CA PHE B 240 11.04 -16.07 -49.89
C PHE B 240 10.62 -17.56 -49.87
N VAL B 241 11.61 -18.45 -49.93
CA VAL B 241 11.39 -19.87 -49.91
C VAL B 241 12.21 -20.39 -48.74
N LEU B 242 11.52 -21.01 -47.77
CA LEU B 242 12.16 -21.57 -46.57
C LEU B 242 12.20 -23.07 -46.59
N GLU B 243 13.26 -23.60 -46.01
CA GLU B 243 13.44 -25.04 -45.94
C GLU B 243 13.52 -25.53 -44.48
N VAL B 244 12.39 -25.93 -43.95
CA VAL B 244 12.34 -26.42 -42.58
C VAL B 244 12.89 -27.84 -42.48
N MET B 245 13.14 -28.29 -41.26
CA MET B 245 13.65 -29.65 -41.04
C MET B 245 12.53 -30.69 -41.24
N GLY B 246 12.93 -31.94 -41.33
CA GLY B 246 11.95 -33.00 -41.54
C GLY B 246 12.29 -33.83 -42.77
N ARG B 247 13.38 -34.60 -42.72
CA ARG B 247 13.76 -35.43 -43.87
C ARG B 247 12.69 -36.48 -44.19
N HIS B 248 11.94 -36.90 -43.18
CA HIS B 248 10.90 -37.89 -43.37
C HIS B 248 9.48 -37.33 -43.20
N CYS B 249 9.21 -36.83 -42.00
CA CYS B 249 7.92 -36.23 -41.67
C CYS B 249 7.86 -34.76 -42.01
N GLY B 250 6.80 -34.42 -42.74
CA GLY B 250 6.58 -33.04 -43.15
C GLY B 250 5.63 -32.36 -42.19
N TYR B 251 5.95 -32.50 -40.91
CA TYR B 251 5.12 -31.90 -39.86
C TYR B 251 5.46 -30.45 -39.65
N LEU B 252 6.62 -30.19 -39.05
CA LEU B 252 7.06 -28.84 -38.79
C LEU B 252 6.93 -27.98 -39.99
N ALA B 253 6.76 -28.62 -41.15
CA ALA B 253 6.62 -27.89 -42.40
C ALA B 253 5.16 -27.39 -42.53
N LEU B 254 4.18 -28.15 -42.05
CA LEU B 254 2.78 -27.73 -42.17
C LEU B 254 2.38 -26.77 -41.07
N VAL B 255 2.61 -27.19 -39.83
CA VAL B 255 2.25 -26.39 -38.68
C VAL B 255 2.84 -25.00 -38.76
N SER B 256 4.13 -24.90 -39.03
CA SER B 256 4.77 -23.60 -39.11
C SER B 256 4.09 -22.73 -40.15
N ALA B 257 3.87 -23.31 -41.32
CA ALA B 257 3.24 -22.56 -42.40
C ALA B 257 1.91 -21.98 -41.94
N LEU B 258 1.05 -22.84 -41.39
CA LEU B 258 -0.26 -22.43 -40.89
C LEU B 258 -0.14 -21.32 -39.83
N ALA B 259 1.02 -21.27 -39.19
CA ALA B 259 1.27 -20.29 -38.13
C ALA B 259 1.64 -18.93 -38.67
N CYS B 260 2.21 -18.89 -39.87
CA CYS B 260 2.61 -17.60 -40.42
C CYS B 260 1.77 -17.20 -41.64
N GLY B 261 0.63 -17.86 -41.81
CA GLY B 261 -0.22 -17.56 -42.97
C GLY B 261 0.55 -17.67 -44.28
N ALA B 262 1.25 -18.80 -44.46
CA ALA B 262 2.06 -19.03 -45.66
C ALA B 262 1.24 -19.10 -46.94
N ASP B 263 1.90 -18.86 -48.07
CA ASP B 263 1.21 -18.88 -49.34
C ASP B 263 1.08 -20.28 -49.91
N TRP B 264 2.17 -21.06 -49.89
CA TRP B 264 2.16 -22.43 -50.39
C TRP B 264 3.09 -23.35 -49.56
N VAL B 265 2.72 -24.61 -49.46
CA VAL B 265 3.53 -25.54 -48.69
C VAL B 265 3.78 -26.83 -49.47
N PHE B 266 4.92 -27.46 -49.19
CA PHE B 266 5.32 -28.69 -49.85
C PHE B 266 5.55 -29.78 -48.82
N LEU B 267 4.67 -30.78 -48.76
CA LEU B 267 4.83 -31.85 -47.79
C LEU B 267 5.07 -33.20 -48.45
N PRO B 268 5.93 -34.02 -47.85
CA PRO B 268 6.26 -35.35 -48.36
C PRO B 268 5.06 -36.34 -48.30
N GLU B 269 4.06 -36.02 -47.49
CA GLU B 269 2.90 -36.92 -47.34
C GLU B 269 1.81 -36.55 -48.31
N SER B 270 1.66 -35.26 -48.50
CA SER B 270 0.64 -34.80 -49.38
C SER B 270 1.23 -33.94 -50.43
N PRO B 271 1.88 -34.55 -51.42
CA PRO B 271 2.52 -33.79 -52.52
C PRO B 271 1.55 -32.93 -53.33
N PRO B 272 2.10 -32.10 -54.22
CA PRO B 272 1.24 -31.26 -55.04
C PRO B 272 0.63 -32.01 -56.26
N GLU B 273 -0.66 -31.80 -56.49
CA GLU B 273 -1.37 -32.43 -57.59
C GLU B 273 -0.67 -32.04 -58.88
N GLU B 274 -0.52 -32.98 -59.81
CA GLU B 274 0.16 -32.71 -61.08
C GLU B 274 -0.42 -31.45 -61.70
N GLY B 275 0.43 -30.49 -62.05
CA GLY B 275 -0.04 -29.23 -62.61
C GLY B 275 0.01 -28.10 -61.60
N TRP B 276 0.78 -28.32 -60.53
CA TRP B 276 0.94 -27.34 -59.46
C TRP B 276 1.84 -26.18 -59.88
N GLU B 277 2.71 -26.43 -60.84
CA GLU B 277 3.63 -25.38 -61.27
C GLU B 277 2.92 -24.12 -61.67
N GLU B 278 1.86 -24.24 -62.47
CA GLU B 278 1.12 -23.07 -62.95
C GLU B 278 0.11 -22.61 -61.92
N GLN B 279 -0.36 -23.56 -61.13
CA GLN B 279 -1.33 -23.22 -60.10
C GLN B 279 -0.71 -22.29 -59.05
N MET B 280 0.58 -22.51 -58.73
CA MET B 280 1.31 -21.71 -57.74
C MET B 280 1.49 -20.30 -58.28
N CYS B 281 1.96 -20.21 -59.51
CA CYS B 281 2.14 -18.90 -60.10
C CYS B 281 0.81 -18.15 -60.12
N VAL B 282 -0.29 -18.90 -60.21
CA VAL B 282 -1.62 -18.31 -60.22
C VAL B 282 -1.82 -17.51 -58.94
N LYS B 283 -1.37 -18.10 -57.84
CA LYS B 283 -1.50 -17.46 -56.54
C LYS B 283 -0.62 -16.22 -56.45
N LEU B 284 0.68 -16.40 -56.66
CA LEU B 284 1.62 -15.31 -56.56
C LEU B 284 1.21 -14.17 -57.46
N SER B 285 0.63 -14.51 -58.61
CA SER B 285 0.19 -13.50 -59.56
C SER B 285 -0.95 -12.67 -59.00
N GLU B 286 -1.81 -13.32 -58.22
CA GLU B 286 -2.96 -12.67 -57.63
C GLU B 286 -2.59 -11.93 -56.36
N ASN B 287 -1.55 -12.41 -55.69
CA ASN B 287 -1.09 -11.79 -54.47
C ASN B 287 -0.40 -10.46 -54.75
N ARG B 288 -0.06 -10.21 -56.02
CA ARG B 288 0.58 -8.94 -56.39
C ARG B 288 -0.53 -8.01 -56.84
N ALA B 289 -1.61 -8.60 -57.30
CA ALA B 289 -2.75 -7.84 -57.76
C ALA B 289 -3.62 -7.42 -56.58
N ARG B 290 -3.51 -8.15 -55.46
CA ARG B 290 -4.29 -7.81 -54.26
C ARG B 290 -3.48 -6.90 -53.37
N LYS B 291 -2.27 -6.58 -53.81
CA LYS B 291 -1.36 -5.69 -53.10
C LYS B 291 -0.53 -6.33 -51.96
N LYS B 292 -0.48 -7.65 -51.88
CA LYS B 292 0.30 -8.31 -50.84
C LYS B 292 1.78 -8.32 -51.26
N ARG B 293 2.48 -7.25 -50.91
CA ARG B 293 3.87 -7.09 -51.26
C ARG B 293 4.77 -8.07 -50.50
N LEU B 294 4.27 -9.24 -50.17
CA LEU B 294 5.05 -10.25 -49.45
C LEU B 294 4.51 -11.66 -49.68
N ASN B 295 5.42 -12.56 -50.03
CA ASN B 295 5.11 -13.96 -50.30
C ASN B 295 6.11 -14.88 -49.61
N ILE B 296 5.60 -15.81 -48.79
CA ILE B 296 6.43 -16.77 -48.04
C ILE B 296 6.10 -18.20 -48.45
N ILE B 297 7.13 -18.91 -48.88
CA ILE B 297 6.99 -20.30 -49.29
C ILE B 297 7.69 -21.25 -48.28
N ILE B 298 6.95 -22.26 -47.82
CA ILE B 298 7.46 -23.22 -46.86
C ILE B 298 7.65 -24.58 -47.52
N VAL B 299 8.87 -25.06 -47.53
CA VAL B 299 9.18 -26.32 -48.16
C VAL B 299 9.75 -27.30 -47.15
N ALA B 300 9.27 -28.54 -47.19
CA ALA B 300 9.77 -29.58 -46.30
C ALA B 300 11.14 -30.08 -46.77
N GLU B 301 11.99 -30.42 -45.81
CA GLU B 301 13.32 -30.90 -46.13
C GLU B 301 13.29 -32.10 -47.10
N GLY B 302 12.20 -32.86 -47.05
CA GLY B 302 12.09 -34.01 -47.91
C GLY B 302 10.88 -33.92 -48.79
N ALA B 303 10.71 -32.76 -49.42
CA ALA B 303 9.58 -32.51 -50.30
C ALA B 303 9.64 -33.32 -51.60
N ILE B 304 8.48 -33.79 -52.04
CA ILE B 304 8.37 -34.59 -53.25
C ILE B 304 7.02 -34.32 -53.89
N ASP B 305 6.86 -34.74 -55.15
CA ASP B 305 5.61 -34.56 -55.86
C ASP B 305 4.90 -35.89 -56.05
N THR B 306 3.89 -35.94 -56.92
CA THR B 306 3.16 -37.16 -57.19
C THR B 306 4.06 -38.39 -57.23
N GLN B 307 5.27 -38.19 -57.72
CA GLN B 307 6.26 -39.26 -57.79
C GLN B 307 7.40 -38.92 -56.82
N ASN B 308 8.10 -39.94 -56.34
CA ASN B 308 9.19 -39.75 -55.41
C ASN B 308 10.16 -38.62 -55.78
N LYS B 309 10.06 -38.14 -57.01
CA LYS B 309 10.92 -37.06 -57.49
C LYS B 309 10.98 -35.93 -56.48
N PRO B 310 12.19 -35.69 -55.91
CA PRO B 310 12.40 -34.62 -54.92
C PRO B 310 12.05 -33.19 -55.43
N ILE B 311 11.56 -32.37 -54.51
CA ILE B 311 11.20 -31.01 -54.87
C ILE B 311 12.10 -30.07 -54.11
N THR B 312 13.28 -29.83 -54.66
CA THR B 312 14.23 -28.92 -54.01
C THR B 312 13.70 -27.49 -53.93
N SER B 313 14.23 -26.70 -53.00
CA SER B 313 13.83 -25.31 -52.84
C SER B 313 14.38 -24.42 -53.99
N GLU B 314 15.38 -24.92 -54.71
CA GLU B 314 15.95 -24.17 -55.83
C GLU B 314 15.05 -24.36 -57.04
N LYS B 315 14.63 -25.60 -57.26
CA LYS B 315 13.75 -25.93 -58.37
C LYS B 315 12.55 -24.95 -58.35
N ILE B 316 12.24 -24.45 -57.15
CA ILE B 316 11.14 -23.53 -56.95
C ILE B 316 11.60 -22.10 -57.22
N LYS B 317 12.74 -21.72 -56.65
CA LYS B 317 13.31 -20.38 -56.86
C LYS B 317 13.41 -20.11 -58.36
N GLU B 318 13.74 -21.15 -59.11
CA GLU B 318 13.84 -21.06 -60.56
C GLU B 318 12.45 -20.87 -61.15
N LEU B 319 11.51 -21.71 -60.71
CA LEU B 319 10.14 -21.67 -61.19
C LEU B 319 9.47 -20.29 -61.13
N VAL B 320 9.57 -19.62 -59.98
CA VAL B 320 8.94 -18.32 -59.84
C VAL B 320 9.63 -17.16 -60.57
N VAL B 321 10.96 -17.13 -60.49
CA VAL B 321 11.67 -16.06 -61.17
C VAL B 321 11.74 -16.21 -62.66
N THR B 322 11.70 -17.45 -63.13
CA THR B 322 11.78 -17.72 -64.57
C THR B 322 10.38 -17.88 -65.19
N GLN B 323 9.35 -17.38 -64.51
CA GLN B 323 8.00 -17.52 -65.04
C GLN B 323 7.10 -16.40 -64.49
N LEU B 324 7.65 -15.64 -63.56
CA LEU B 324 6.94 -14.53 -62.94
C LEU B 324 7.83 -13.31 -62.88
N GLY B 325 9.14 -13.53 -62.80
CA GLY B 325 10.05 -12.40 -62.73
C GLY B 325 10.19 -11.75 -61.36
N TYR B 326 9.45 -12.22 -60.35
CA TYR B 326 9.54 -11.65 -59.01
C TYR B 326 10.92 -11.95 -58.40
N ASP B 327 11.43 -11.02 -57.60
CA ASP B 327 12.72 -11.21 -56.95
C ASP B 327 12.51 -12.30 -55.92
N THR B 328 13.36 -13.32 -55.94
CA THR B 328 13.22 -14.43 -54.99
C THR B 328 14.53 -14.84 -54.33
N ARG B 329 14.44 -15.12 -53.04
CA ARG B 329 15.58 -15.57 -52.24
C ARG B 329 15.18 -16.76 -51.39
N VAL B 330 15.95 -17.84 -51.48
CA VAL B 330 15.65 -19.02 -50.71
C VAL B 330 16.72 -19.26 -49.65
N THR B 331 16.27 -19.62 -48.45
CA THR B 331 17.21 -19.85 -47.37
C THR B 331 16.86 -21.10 -46.58
N ILE B 332 17.89 -21.87 -46.25
CA ILE B 332 17.74 -23.12 -45.48
C ILE B 332 17.94 -22.88 -43.98
N LEU B 333 16.84 -22.85 -43.23
CA LEU B 333 16.93 -22.63 -41.79
C LEU B 333 17.94 -23.61 -41.22
N GLY B 334 19.09 -23.10 -40.81
CA GLY B 334 20.13 -23.95 -40.25
C GLY B 334 19.69 -24.76 -39.07
N HIS B 335 20.61 -25.40 -38.37
CA HIS B 335 20.26 -26.20 -37.20
C HIS B 335 19.67 -25.36 -36.08
N VAL B 336 19.31 -24.13 -36.42
CA VAL B 336 18.74 -23.23 -35.41
C VAL B 336 17.38 -23.75 -35.01
N GLN B 337 16.95 -24.85 -35.63
CA GLN B 337 15.64 -25.46 -35.32
C GLN B 337 15.71 -26.46 -34.16
N ARG B 338 16.90 -27.01 -33.94
CA ARG B 338 17.10 -27.96 -32.83
C ARG B 338 17.64 -27.26 -31.56
N GLY B 339 18.22 -26.08 -31.75
CA GLY B 339 18.76 -25.34 -30.62
C GLY B 339 17.82 -24.28 -30.08
N GLY B 340 18.31 -23.46 -29.17
CA GLY B 340 17.50 -22.41 -28.59
C GLY B 340 16.88 -22.87 -27.30
N THR B 341 16.24 -21.94 -26.59
CA THR B 341 15.59 -22.20 -25.31
C THR B 341 14.30 -22.97 -25.47
N PRO B 342 14.08 -23.98 -24.61
CA PRO B 342 12.84 -24.77 -24.69
C PRO B 342 11.60 -23.92 -24.38
N SER B 343 10.50 -24.16 -25.09
CA SER B 343 9.23 -23.43 -24.88
C SER B 343 8.56 -23.99 -23.65
N ALA B 344 7.51 -23.32 -23.22
CA ALA B 344 6.77 -23.75 -22.06
C ALA B 344 6.18 -25.13 -22.32
N PHE B 345 5.48 -25.25 -23.45
CA PHE B 345 4.85 -26.49 -23.81
C PHE B 345 5.85 -27.64 -23.72
N ASP B 346 7.02 -27.44 -24.31
CA ASP B 346 8.04 -28.46 -24.28
C ASP B 346 8.49 -28.85 -22.86
N ARG B 347 8.78 -27.86 -22.04
CA ARG B 347 9.23 -28.14 -20.68
C ARG B 347 8.18 -28.95 -19.90
N ILE B 348 6.92 -28.54 -19.99
CA ILE B 348 5.84 -29.25 -19.29
C ILE B 348 5.77 -30.70 -19.76
N LEU B 349 5.60 -30.90 -21.07
CA LEU B 349 5.51 -32.23 -21.65
C LEU B 349 6.72 -33.06 -21.22
N ALA B 350 7.90 -32.45 -21.31
CA ALA B 350 9.13 -33.13 -20.91
C ALA B 350 9.08 -33.55 -19.44
N SER B 351 8.84 -32.58 -18.55
CA SER B 351 8.78 -32.86 -17.14
C SER B 351 7.73 -33.87 -16.79
N ARG B 352 6.64 -33.94 -17.56
CA ARG B 352 5.59 -34.93 -17.28
C ARG B 352 5.96 -36.31 -17.79
N MET B 353 6.61 -36.33 -18.95
CA MET B 353 7.05 -37.57 -19.57
C MET B 353 8.13 -38.20 -18.69
N GLY B 354 9.08 -37.39 -18.24
CA GLY B 354 10.15 -37.91 -17.40
C GLY B 354 9.64 -38.64 -16.19
N VAL B 355 8.54 -38.17 -15.63
CA VAL B 355 7.97 -38.78 -14.47
C VAL B 355 7.20 -40.03 -14.83
N GLU B 356 6.23 -39.87 -15.72
CA GLU B 356 5.44 -41.00 -16.13
C GLU B 356 6.33 -42.13 -16.60
N ALA B 357 7.58 -41.83 -16.97
CA ALA B 357 8.51 -42.85 -17.45
C ALA B 357 9.08 -43.61 -16.27
N VAL B 358 9.45 -42.85 -15.25
CA VAL B 358 10.02 -43.44 -14.05
C VAL B 358 9.05 -44.43 -13.43
N ILE B 359 7.80 -44.03 -13.31
CA ILE B 359 6.83 -44.91 -12.71
C ILE B 359 6.64 -46.15 -13.58
N ALA B 360 6.70 -45.97 -14.89
CA ALA B 360 6.49 -47.08 -15.82
C ALA B 360 7.57 -48.11 -15.72
N LEU B 361 8.75 -47.65 -15.33
CA LEU B 361 9.88 -48.55 -15.22
C LEU B 361 9.75 -49.51 -14.05
N LEU B 362 9.38 -48.97 -12.89
CA LEU B 362 9.23 -49.80 -11.72
C LEU B 362 7.84 -50.33 -11.63
N GLU B 363 6.99 -50.04 -12.61
CA GLU B 363 5.62 -50.59 -12.62
C GLU B 363 5.48 -51.54 -13.82
N ALA B 364 6.62 -52.00 -14.30
CA ALA B 364 6.63 -52.88 -15.44
C ALA B 364 7.07 -54.26 -15.02
N THR B 365 6.35 -55.27 -15.51
CA THR B 365 6.67 -56.65 -15.19
C THR B 365 7.71 -57.15 -16.18
N PRO B 366 8.48 -58.18 -15.77
CA PRO B 366 9.54 -58.82 -16.56
C PRO B 366 9.09 -59.24 -17.96
N ASP B 367 7.80 -59.56 -18.10
CA ASP B 367 7.26 -59.98 -19.38
C ASP B 367 6.36 -58.91 -20.05
N THR B 368 6.30 -57.71 -19.49
CA THR B 368 5.46 -56.66 -20.08
C THR B 368 6.23 -55.95 -21.20
N PRO B 369 5.54 -55.73 -22.32
CA PRO B 369 6.15 -55.08 -23.47
C PRO B 369 6.88 -53.80 -23.13
N ALA B 370 7.83 -53.42 -23.98
CA ALA B 370 8.58 -52.18 -23.81
C ALA B 370 7.61 -51.01 -24.01
N CYS B 371 7.52 -50.15 -23.00
CA CYS B 371 6.63 -48.98 -23.01
C CYS B 371 7.33 -47.69 -23.43
N VAL B 372 6.59 -46.83 -24.14
CA VAL B 372 7.11 -45.55 -24.63
C VAL B 372 6.14 -44.45 -24.26
N VAL B 373 6.37 -43.87 -23.08
CA VAL B 373 5.49 -42.82 -22.57
C VAL B 373 5.26 -41.76 -23.63
N SER B 374 4.04 -41.25 -23.67
CA SER B 374 3.66 -40.22 -24.62
C SER B 374 2.38 -39.52 -24.19
N LEU B 375 2.23 -38.26 -24.61
CA LEU B 375 1.04 -37.49 -24.29
C LEU B 375 -0.03 -37.62 -25.38
N ASN B 376 -1.13 -38.27 -25.05
CA ASN B 376 -2.22 -38.44 -26.02
C ASN B 376 -3.43 -37.68 -25.54
N GLY B 377 -3.99 -36.90 -26.45
CA GLY B 377 -5.15 -36.12 -26.10
C GLY B 377 -4.81 -34.99 -25.15
N ASN B 378 -4.65 -35.36 -23.88
CA ASN B 378 -4.33 -34.40 -22.84
C ASN B 378 -3.68 -35.08 -21.66
N HIS B 379 -3.95 -36.38 -21.52
CA HIS B 379 -3.38 -37.16 -20.43
C HIS B 379 -2.31 -38.11 -20.95
N ALA B 380 -1.20 -38.16 -20.23
CA ALA B 380 -0.07 -39.00 -20.59
C ALA B 380 -0.42 -40.47 -20.43
N VAL B 381 -0.10 -41.27 -21.43
CA VAL B 381 -0.38 -42.71 -21.41
C VAL B 381 0.77 -43.49 -22.03
N ARG B 382 1.11 -44.62 -21.42
CA ARG B 382 2.22 -45.44 -21.90
C ARG B 382 1.72 -46.31 -23.03
N LEU B 383 2.59 -46.54 -24.02
CA LEU B 383 2.22 -47.35 -25.18
C LEU B 383 3.34 -48.32 -25.52
N PRO B 384 3.02 -49.42 -26.23
CA PRO B 384 4.02 -50.40 -26.63
C PRO B 384 5.01 -49.84 -27.66
N LEU B 385 6.30 -50.06 -27.42
CA LEU B 385 7.32 -49.55 -28.29
C LEU B 385 7.24 -50.09 -29.71
N MET B 386 7.39 -51.40 -29.85
CA MET B 386 7.33 -52.05 -31.17
C MET B 386 6.12 -51.58 -31.99
N GLU B 387 4.93 -51.66 -31.41
CA GLU B 387 3.69 -51.26 -32.09
C GLU B 387 3.76 -49.81 -32.60
N CYS B 388 4.51 -48.97 -31.91
CA CYS B 388 4.64 -47.57 -32.30
C CYS B 388 5.59 -47.38 -33.48
N VAL B 389 6.72 -48.06 -33.41
CA VAL B 389 7.73 -47.96 -34.47
C VAL B 389 7.13 -48.50 -35.78
N GLN B 390 6.15 -49.37 -35.64
CA GLN B 390 5.50 -49.93 -36.80
C GLN B 390 4.79 -48.83 -37.53
N MET B 391 3.93 -48.09 -36.84
CA MET B 391 3.19 -47.02 -37.49
C MET B 391 4.14 -46.02 -38.12
N THR B 392 5.22 -45.67 -37.42
CA THR B 392 6.22 -44.72 -37.92
C THR B 392 6.82 -45.21 -39.21
N GLN B 393 7.15 -46.51 -39.26
CA GLN B 393 7.74 -47.10 -40.46
C GLN B 393 6.74 -47.24 -41.59
N ASP B 394 5.46 -47.41 -41.25
CA ASP B 394 4.38 -47.55 -42.22
C ASP B 394 4.13 -46.27 -42.99
N VAL B 395 4.38 -45.11 -42.38
CA VAL B 395 4.18 -43.85 -43.07
C VAL B 395 5.21 -43.80 -44.20
N GLN B 396 6.41 -44.27 -43.94
CA GLN B 396 7.45 -44.28 -44.95
C GLN B 396 7.15 -45.27 -46.05
N LYS B 397 6.36 -46.30 -45.72
CA LYS B 397 6.00 -47.35 -46.66
C LYS B 397 5.03 -46.83 -47.70
N ALA B 398 3.97 -46.17 -47.23
CA ALA B 398 2.97 -45.63 -48.13
C ALA B 398 3.54 -44.59 -49.10
N MET B 399 4.34 -43.67 -48.57
CA MET B 399 4.93 -42.60 -49.38
C MET B 399 5.76 -43.15 -50.54
N ASP B 400 6.48 -44.24 -50.29
CA ASP B 400 7.35 -44.84 -51.30
C ASP B 400 6.53 -45.58 -52.31
N GLU B 401 5.28 -45.85 -51.96
CA GLU B 401 4.34 -46.56 -52.83
C GLU B 401 3.17 -45.69 -53.28
N ARG B 402 3.49 -44.42 -53.60
CA ARG B 402 2.52 -43.43 -54.04
C ARG B 402 1.15 -43.67 -53.41
N ARG B 403 1.16 -44.01 -52.12
CA ARG B 403 -0.10 -44.23 -51.39
C ARG B 403 -0.36 -43.03 -50.46
N PHE B 404 0.16 -41.87 -50.86
CA PHE B 404 0.07 -40.62 -50.11
C PHE B 404 -1.24 -40.45 -49.34
N GLN B 405 -2.36 -40.81 -49.97
CA GLN B 405 -3.66 -40.66 -49.36
C GLN B 405 -3.81 -41.45 -48.05
N ASP B 406 -3.13 -42.60 -47.97
CA ASP B 406 -3.16 -43.44 -46.78
C ASP B 406 -2.05 -43.03 -45.80
N ALA B 407 -0.93 -42.53 -46.30
CA ALA B 407 0.19 -42.11 -45.45
C ALA B 407 -0.15 -40.86 -44.62
N VAL B 408 -1.21 -40.17 -44.99
CA VAL B 408 -1.65 -38.98 -44.26
C VAL B 408 -2.44 -39.37 -43.02
N ARG B 409 -3.43 -40.24 -43.19
CA ARG B 409 -4.24 -40.71 -42.08
C ARG B 409 -3.48 -41.78 -41.30
N LEU B 410 -2.16 -41.70 -41.33
CA LEU B 410 -1.34 -42.67 -40.60
C LEU B 410 -0.34 -41.90 -39.74
N ARG B 411 -0.18 -40.61 -40.02
CA ARG B 411 0.75 -39.75 -39.27
C ARG B 411 0.02 -39.12 -38.07
N GLY B 412 -1.30 -38.97 -38.19
CA GLY B 412 -2.08 -38.40 -37.09
C GLY B 412 -3.48 -38.04 -37.55
N ARG B 413 -4.46 -38.35 -36.72
CA ARG B 413 -5.82 -38.03 -37.09
C ARG B 413 -6.12 -36.55 -37.04
N SER B 414 -5.11 -35.74 -36.73
CA SER B 414 -5.30 -34.30 -36.68
C SER B 414 -4.59 -33.73 -37.87
N PHE B 415 -3.56 -34.42 -38.33
CA PHE B 415 -2.79 -33.99 -39.49
C PHE B 415 -3.76 -33.72 -40.65
N ALA B 416 -4.63 -34.67 -40.95
CA ALA B 416 -5.59 -34.51 -42.06
C ALA B 416 -6.41 -33.24 -41.87
N GLY B 417 -6.83 -33.00 -40.63
CA GLY B 417 -7.63 -31.83 -40.33
C GLY B 417 -6.83 -30.54 -40.46
N ASN B 418 -5.53 -30.62 -40.19
CA ASN B 418 -4.67 -29.46 -40.28
C ASN B 418 -4.41 -29.08 -41.73
N LEU B 419 -4.07 -30.06 -42.55
CA LEU B 419 -3.84 -29.79 -43.96
C LEU B 419 -5.12 -29.22 -44.60
N ASN B 420 -6.25 -29.89 -44.34
CA ASN B 420 -7.52 -29.46 -44.88
C ASN B 420 -7.78 -28.02 -44.46
N THR B 421 -7.59 -27.73 -43.17
CA THR B 421 -7.81 -26.37 -42.63
C THR B 421 -6.94 -25.34 -43.33
N TYR B 422 -5.63 -25.57 -43.39
CA TYR B 422 -4.75 -24.61 -44.05
C TYR B 422 -5.19 -24.26 -45.47
N LYS B 423 -5.13 -25.28 -46.35
CA LYS B 423 -5.50 -25.16 -47.75
C LYS B 423 -6.82 -24.43 -47.99
N ARG B 424 -7.93 -24.93 -47.41
CA ARG B 424 -9.27 -24.32 -47.58
C ARG B 424 -9.31 -22.92 -46.97
N LEU B 425 -8.13 -22.40 -46.60
CA LEU B 425 -8.02 -21.07 -46.00
C LEU B 425 -6.94 -20.22 -46.67
N ALA B 426 -6.17 -20.85 -47.56
CA ALA B 426 -5.10 -20.17 -48.30
C ALA B 426 -5.40 -20.09 -49.80
N ILE B 427 -6.62 -20.50 -50.19
CA ILE B 427 -7.03 -20.49 -51.60
C ILE B 427 -8.52 -20.06 -51.76
N LYS B 428 -8.71 -18.90 -52.41
CA LYS B 428 -10.04 -18.39 -52.61
C LYS B 428 -10.52 -18.69 -54.02
N LEU B 429 -11.29 -19.78 -54.17
CA LEU B 429 -11.84 -20.13 -55.48
C LEU B 429 -12.64 -18.95 -55.96
N PRO B 430 -12.38 -18.51 -57.19
CA PRO B 430 -13.05 -17.37 -57.80
C PRO B 430 -14.41 -16.95 -57.21
N ASP B 431 -14.57 -15.64 -57.08
CA ASP B 431 -15.77 -15.03 -56.50
C ASP B 431 -17.09 -15.61 -57.00
N ASP B 432 -17.15 -15.95 -58.27
CA ASP B 432 -18.37 -16.50 -58.87
C ASP B 432 -18.57 -18.03 -58.75
N GLN B 433 -17.50 -18.74 -58.39
CA GLN B 433 -17.58 -20.19 -58.24
C GLN B 433 -17.95 -20.57 -56.82
N ILE B 434 -18.14 -19.57 -55.99
CA ILE B 434 -18.51 -19.80 -54.61
C ILE B 434 -20.03 -19.63 -54.46
N PRO B 435 -20.75 -20.74 -54.23
CA PRO B 435 -22.21 -20.71 -54.07
C PRO B 435 -22.65 -19.92 -52.85
N LYS B 436 -22.96 -18.65 -53.05
CA LYS B 436 -23.37 -17.76 -51.98
C LYS B 436 -24.59 -18.33 -51.24
N THR B 437 -24.72 -18.06 -49.94
CA THR B 437 -25.86 -18.56 -49.17
C THR B 437 -26.73 -17.38 -48.74
N ASN B 438 -26.23 -16.19 -49.05
CA ASN B 438 -26.93 -14.94 -48.73
C ASN B 438 -27.36 -14.90 -47.26
N CYS B 439 -26.40 -15.10 -46.35
CA CYS B 439 -26.65 -15.08 -44.92
C CYS B 439 -25.62 -14.15 -44.29
N ASN B 440 -26.01 -13.50 -43.20
CA ASN B 440 -25.10 -12.58 -42.52
C ASN B 440 -24.52 -13.17 -41.22
N VAL B 441 -23.21 -13.43 -41.21
CA VAL B 441 -22.54 -13.96 -40.02
C VAL B 441 -21.60 -12.86 -39.50
N ALA B 442 -21.62 -12.65 -38.19
CA ALA B 442 -20.77 -11.62 -37.60
C ALA B 442 -19.86 -12.19 -36.52
N VAL B 443 -18.65 -11.66 -36.47
CA VAL B 443 -17.63 -12.04 -35.49
C VAL B 443 -17.38 -10.86 -34.53
N ILE B 444 -16.86 -11.16 -33.36
CA ILE B 444 -16.60 -10.12 -32.39
C ILE B 444 -15.65 -10.57 -31.29
N ASN B 445 -14.89 -9.64 -30.72
CA ASN B 445 -13.93 -9.98 -29.66
C ASN B 445 -14.40 -9.40 -28.32
N VAL B 446 -15.01 -10.24 -27.49
CA VAL B 446 -15.51 -9.80 -26.20
C VAL B 446 -14.59 -10.26 -25.11
N GLY B 447 -14.19 -9.33 -24.25
CA GLY B 447 -13.30 -9.66 -23.16
C GLY B 447 -11.96 -8.98 -23.22
N ALA B 448 -11.00 -9.48 -22.44
CA ALA B 448 -9.68 -8.89 -22.41
C ALA B 448 -8.90 -9.33 -23.62
N PRO B 449 -8.06 -8.44 -24.14
CA PRO B 449 -7.26 -8.80 -25.30
C PRO B 449 -6.31 -9.97 -25.00
N ALA B 450 -6.34 -10.97 -25.87
CA ALA B 450 -5.49 -12.16 -25.76
C ALA B 450 -4.66 -12.39 -27.03
N ALA B 451 -3.35 -12.59 -26.85
CA ALA B 451 -2.48 -12.80 -27.98
C ALA B 451 -2.96 -13.96 -28.86
N GLY B 452 -2.91 -13.74 -30.17
CA GLY B 452 -3.34 -14.78 -31.08
C GLY B 452 -4.82 -14.75 -31.28
N MET B 453 -5.43 -13.59 -31.05
CA MET B 453 -6.88 -13.45 -31.19
C MET B 453 -7.18 -13.06 -32.63
N ASN B 454 -6.31 -12.22 -33.18
CA ASN B 454 -6.50 -11.79 -34.55
C ASN B 454 -6.47 -13.03 -35.44
N ALA B 455 -5.72 -14.03 -35.04
CA ALA B 455 -5.62 -15.27 -35.82
C ALA B 455 -6.96 -15.98 -35.89
N ALA B 456 -7.70 -15.92 -34.80
CA ALA B 456 -9.00 -16.55 -34.70
C ALA B 456 -9.99 -15.87 -35.65
N VAL B 457 -9.82 -14.56 -35.80
CA VAL B 457 -10.69 -13.79 -36.67
C VAL B 457 -10.36 -14.06 -38.13
N ARG B 458 -9.06 -14.13 -38.46
CA ARG B 458 -8.62 -14.40 -39.83
C ARG B 458 -9.27 -15.67 -40.35
N SER B 459 -9.15 -16.72 -39.54
CA SER B 459 -9.75 -18.01 -39.86
C SER B 459 -11.26 -17.87 -39.95
N ALA B 460 -11.88 -17.46 -38.85
CA ALA B 460 -13.32 -17.29 -38.77
C ALA B 460 -13.92 -16.61 -40.02
N VAL B 461 -13.29 -15.52 -40.45
CA VAL B 461 -13.77 -14.76 -41.62
C VAL B 461 -13.62 -15.54 -42.93
N ARG B 462 -12.41 -15.98 -43.24
CA ARG B 462 -12.15 -16.71 -44.49
C ARG B 462 -12.92 -18.03 -44.61
N VAL B 463 -12.97 -18.82 -43.55
CA VAL B 463 -13.71 -20.07 -43.57
C VAL B 463 -15.21 -19.78 -43.72
N GLY B 464 -15.58 -18.51 -43.56
CA GLY B 464 -16.96 -18.05 -43.68
C GLY B 464 -17.25 -17.64 -45.12
N ILE B 465 -16.44 -16.73 -45.64
CA ILE B 465 -16.59 -16.25 -47.03
C ILE B 465 -16.48 -17.44 -47.99
N ALA B 466 -15.50 -18.30 -47.73
CA ALA B 466 -15.25 -19.49 -48.55
C ALA B 466 -16.31 -20.54 -48.33
N ASP B 467 -17.28 -20.27 -47.47
CA ASP B 467 -18.37 -21.19 -47.19
C ASP B 467 -19.65 -20.66 -47.80
N GLY B 468 -19.62 -19.38 -48.18
CA GLY B 468 -20.78 -18.76 -48.81
C GLY B 468 -21.59 -17.82 -47.94
N HIS B 469 -20.92 -17.13 -47.04
CA HIS B 469 -21.61 -16.20 -46.18
C HIS B 469 -20.96 -14.85 -46.32
N ARG B 470 -21.72 -13.80 -45.98
CA ARG B 470 -21.16 -12.46 -46.02
C ARG B 470 -20.72 -12.17 -44.59
N MET B 471 -19.50 -11.66 -44.43
CA MET B 471 -18.96 -11.40 -43.11
C MET B 471 -19.12 -9.97 -42.57
N LEU B 472 -19.60 -9.88 -41.33
CA LEU B 472 -19.79 -8.63 -40.60
C LEU B 472 -18.89 -8.62 -39.36
N ALA B 473 -18.03 -7.61 -39.23
CA ALA B 473 -17.13 -7.51 -38.10
C ALA B 473 -17.61 -6.53 -37.03
N ILE B 474 -17.83 -7.02 -35.83
CA ILE B 474 -18.25 -6.14 -34.74
C ILE B 474 -17.04 -5.55 -33.99
N TYR B 475 -16.76 -4.26 -34.19
CA TYR B 475 -15.63 -3.63 -33.50
C TYR B 475 -15.91 -3.22 -32.03
N ASP B 476 -14.84 -3.09 -31.24
CA ASP B 476 -14.97 -2.68 -29.84
C ASP B 476 -15.92 -3.56 -29.06
N GLY B 477 -15.74 -4.88 -29.20
CA GLY B 477 -16.57 -5.82 -28.49
C GLY B 477 -18.02 -5.40 -28.41
N PHE B 478 -18.68 -5.66 -27.28
CA PHE B 478 -20.10 -5.28 -27.13
C PHE B 478 -20.31 -3.79 -27.08
N ASP B 479 -19.39 -3.11 -26.41
CA ASP B 479 -19.47 -1.66 -26.33
C ASP B 479 -19.75 -1.04 -27.68
N GLY B 480 -19.11 -1.57 -28.72
CA GLY B 480 -19.28 -1.10 -30.08
C GLY B 480 -20.50 -1.74 -30.72
N PHE B 481 -20.82 -2.96 -30.31
CA PHE B 481 -21.97 -3.71 -30.85
C PHE B 481 -23.25 -2.90 -30.67
N ALA B 482 -23.45 -2.41 -29.46
CA ALA B 482 -24.62 -1.62 -29.17
C ALA B 482 -24.52 -0.24 -29.86
N LYS B 483 -23.29 0.23 -30.06
CA LYS B 483 -23.07 1.52 -30.70
C LYS B 483 -23.27 1.46 -32.23
N GLY B 484 -23.18 0.26 -32.78
CA GLY B 484 -23.34 0.09 -34.22
C GLY B 484 -22.02 0.06 -34.96
N GLN B 485 -20.93 -0.21 -34.23
CA GLN B 485 -19.60 -0.26 -34.81
C GLN B 485 -19.47 -1.53 -35.62
N ILE B 486 -20.42 -1.76 -36.53
CA ILE B 486 -20.43 -2.96 -37.37
C ILE B 486 -20.06 -2.60 -38.79
N LYS B 487 -19.26 -3.45 -39.44
CA LYS B 487 -18.81 -3.23 -40.82
C LYS B 487 -18.45 -4.55 -41.51
N GLU B 488 -18.99 -4.76 -42.70
CA GLU B 488 -18.68 -5.96 -43.44
C GLU B 488 -17.22 -5.99 -43.92
N ILE B 489 -16.49 -7.04 -43.57
CA ILE B 489 -15.10 -7.18 -43.97
C ILE B 489 -14.94 -8.28 -45.02
N GLY B 490 -13.84 -8.23 -45.76
CA GLY B 490 -13.63 -9.20 -46.81
C GLY B 490 -12.54 -10.19 -46.54
N TRP B 491 -12.12 -10.88 -47.60
CA TRP B 491 -11.07 -11.88 -47.51
C TRP B 491 -9.70 -11.23 -47.46
N THR B 492 -9.42 -10.33 -48.39
CA THR B 492 -8.13 -9.63 -48.42
C THR B 492 -7.93 -8.71 -47.20
N ASP B 493 -9.00 -8.52 -46.42
CA ASP B 493 -8.96 -7.68 -45.22
C ASP B 493 -8.22 -8.34 -44.06
N VAL B 494 -8.70 -9.51 -43.64
CA VAL B 494 -8.08 -10.27 -42.55
C VAL B 494 -6.83 -11.02 -43.00
N GLY B 495 -6.12 -10.43 -43.96
CA GLY B 495 -4.93 -11.06 -44.51
C GLY B 495 -3.69 -10.63 -43.78
N GLY B 496 -2.99 -11.58 -43.19
CA GLY B 496 -1.79 -11.24 -42.46
C GLY B 496 -2.08 -10.88 -41.01
N TRP B 497 -2.97 -11.68 -40.45
CA TRP B 497 -3.40 -11.49 -39.07
C TRP B 497 -2.91 -12.59 -38.14
N THR B 498 -2.79 -13.80 -38.69
CA THR B 498 -2.35 -14.94 -37.91
C THR B 498 -1.06 -14.64 -37.17
N GLY B 499 -0.28 -13.66 -37.64
CA GLY B 499 0.98 -13.28 -37.01
C GLY B 499 0.94 -12.16 -35.98
N GLN B 500 -0.08 -11.31 -36.07
CA GLN B 500 -0.22 -10.18 -35.15
C GLN B 500 -0.88 -10.54 -33.82
N GLY B 501 -0.45 -9.88 -32.75
CA GLY B 501 -0.99 -10.17 -31.45
C GLY B 501 -2.02 -9.15 -31.10
N GLY B 502 -2.35 -9.05 -29.81
CA GLY B 502 -3.37 -8.10 -29.40
C GLY B 502 -4.66 -8.27 -30.19
N SER B 503 -5.47 -7.21 -30.29
CA SER B 503 -6.73 -7.29 -31.06
C SER B 503 -6.83 -6.14 -32.04
N ILE B 504 -7.62 -6.35 -33.08
CA ILE B 504 -7.81 -5.32 -34.08
C ILE B 504 -9.26 -4.86 -34.04
N LEU B 505 -10.16 -5.82 -33.93
CA LEU B 505 -11.59 -5.49 -33.88
C LEU B 505 -11.92 -4.95 -32.49
N GLY B 506 -10.89 -4.55 -31.75
CA GLY B 506 -11.10 -4.04 -30.40
C GLY B 506 -11.62 -5.14 -29.52
N THR B 507 -11.88 -4.81 -28.25
CA THR B 507 -12.42 -5.78 -27.31
C THR B 507 -12.57 -5.21 -25.91
N LYS B 508 -13.80 -5.20 -25.41
CA LYS B 508 -14.10 -4.68 -24.06
C LYS B 508 -14.74 -5.73 -23.20
N ARG B 509 -14.34 -5.75 -21.93
CA ARG B 509 -14.91 -6.71 -20.97
C ARG B 509 -16.25 -6.16 -20.49
N VAL B 510 -17.20 -6.07 -21.41
CA VAL B 510 -18.51 -5.54 -21.06
C VAL B 510 -19.63 -6.51 -21.40
N LEU B 511 -20.43 -6.86 -20.40
CA LEU B 511 -21.55 -7.81 -20.60
C LEU B 511 -22.71 -7.12 -21.29
N PRO B 512 -23.64 -7.90 -21.87
CA PRO B 512 -24.83 -7.37 -22.57
C PRO B 512 -26.05 -7.13 -21.62
N GLY B 513 -25.76 -6.65 -20.40
CA GLY B 513 -26.84 -6.37 -19.45
C GLY B 513 -27.80 -5.28 -19.89
N LYS B 514 -27.73 -4.14 -19.18
CA LYS B 514 -28.58 -2.99 -19.46
C LYS B 514 -28.35 -2.55 -20.90
N TYR B 515 -27.27 -3.05 -21.49
CA TYR B 515 -26.89 -2.74 -22.87
C TYR B 515 -27.45 -3.77 -23.85
N LEU B 516 -28.61 -4.33 -23.54
CA LEU B 516 -29.21 -5.35 -24.40
C LEU B 516 -30.17 -4.80 -25.48
N GLU B 517 -30.70 -3.60 -25.23
CA GLU B 517 -31.63 -2.93 -26.13
C GLU B 517 -30.99 -2.66 -27.51
N GLU B 518 -30.13 -1.65 -27.57
CA GLU B 518 -29.44 -1.26 -28.80
C GLU B 518 -28.93 -2.43 -29.61
N ILE B 519 -28.77 -3.59 -28.96
CA ILE B 519 -28.27 -4.79 -29.64
C ILE B 519 -29.38 -5.56 -30.35
N ALA B 520 -30.47 -5.78 -29.63
CA ALA B 520 -31.59 -6.51 -30.19
C ALA B 520 -31.89 -6.05 -31.60
N THR B 521 -32.14 -4.75 -31.72
CA THR B 521 -32.47 -4.16 -33.01
C THR B 521 -31.33 -4.25 -34.01
N GLN B 522 -30.23 -3.56 -33.70
CA GLN B 522 -29.08 -3.55 -34.57
C GLN B 522 -28.73 -4.95 -35.04
N MET B 523 -29.08 -5.96 -34.26
CA MET B 523 -28.80 -7.34 -34.61
C MET B 523 -29.79 -7.87 -35.64
N ARG B 524 -30.98 -7.29 -35.66
CA ARG B 524 -31.99 -7.73 -36.62
C ARG B 524 -31.95 -6.86 -37.87
N THR B 525 -31.34 -5.68 -37.77
CA THR B 525 -31.25 -4.75 -38.90
C THR B 525 -30.36 -5.31 -39.99
N HIS B 526 -29.22 -5.90 -39.63
CA HIS B 526 -28.33 -6.49 -40.63
C HIS B 526 -28.69 -7.96 -40.85
N SER B 527 -29.87 -8.35 -40.36
CA SER B 527 -30.36 -9.73 -40.50
C SER B 527 -29.24 -10.73 -40.28
N ILE B 528 -28.83 -10.89 -39.02
CA ILE B 528 -27.77 -11.82 -38.70
C ILE B 528 -28.37 -13.10 -38.15
N ASN B 529 -27.98 -14.24 -38.72
CA ASN B 529 -28.50 -15.55 -38.31
C ASN B 529 -27.43 -16.39 -37.61
N ALA B 530 -26.22 -15.84 -37.53
CA ALA B 530 -25.08 -16.52 -36.92
C ALA B 530 -24.14 -15.62 -36.19
N LEU B 531 -23.77 -16.04 -34.99
CA LEU B 531 -22.88 -15.26 -34.14
C LEU B 531 -21.61 -16.02 -33.76
N LEU B 532 -20.48 -15.33 -33.78
CA LEU B 532 -19.21 -15.93 -33.43
C LEU B 532 -18.47 -15.03 -32.45
N ILE B 533 -18.26 -15.51 -31.22
CA ILE B 533 -17.57 -14.75 -30.19
C ILE B 533 -16.23 -15.38 -29.83
N ILE B 534 -15.21 -14.56 -29.77
CA ILE B 534 -13.87 -15.00 -29.43
C ILE B 534 -13.33 -14.15 -28.28
N GLY B 535 -13.57 -14.58 -27.05
CA GLY B 535 -13.09 -13.86 -25.89
C GLY B 535 -12.89 -14.68 -24.63
N GLY B 536 -12.41 -14.02 -23.58
CA GLY B 536 -12.14 -14.68 -22.32
C GLY B 536 -13.41 -15.08 -21.62
N PHE B 537 -13.40 -14.91 -20.29
CA PHE B 537 -14.54 -15.30 -19.46
C PHE B 537 -15.75 -14.43 -19.69
N GLU B 538 -15.52 -13.25 -20.26
CA GLU B 538 -16.60 -12.29 -20.52
C GLU B 538 -17.58 -12.87 -21.52
N ALA B 539 -17.08 -13.71 -22.42
CA ALA B 539 -17.90 -14.34 -23.43
C ALA B 539 -18.94 -15.28 -22.82
N TYR B 540 -18.49 -16.27 -22.05
CA TYR B 540 -19.40 -17.22 -21.43
C TYR B 540 -20.43 -16.54 -20.55
N LEU B 541 -20.06 -15.41 -19.97
CA LEU B 541 -20.96 -14.68 -19.12
C LEU B 541 -22.00 -13.96 -19.96
N GLY B 542 -21.62 -13.62 -21.19
CA GLY B 542 -22.52 -12.91 -22.08
C GLY B 542 -23.59 -13.76 -22.72
N LEU B 543 -23.18 -14.90 -23.27
CA LEU B 543 -24.14 -15.77 -23.92
C LEU B 543 -25.38 -15.97 -23.05
N LEU B 544 -25.15 -16.22 -21.76
CA LEU B 544 -26.24 -16.42 -20.84
C LEU B 544 -27.23 -15.24 -20.86
N GLU B 545 -26.69 -14.03 -20.86
CA GLU B 545 -27.53 -12.83 -20.88
C GLU B 545 -28.31 -12.72 -22.15
N LEU B 546 -27.85 -13.41 -23.18
CA LEU B 546 -28.54 -13.40 -24.46
C LEU B 546 -29.52 -14.56 -24.47
N SER B 547 -29.09 -15.70 -23.93
CA SER B 547 -29.96 -16.87 -23.89
C SER B 547 -31.18 -16.52 -23.01
N ALA B 548 -30.97 -15.60 -22.04
CA ALA B 548 -32.05 -15.14 -21.15
C ALA B 548 -32.92 -14.18 -21.91
N ALA B 549 -32.40 -13.70 -23.03
CA ALA B 549 -33.12 -12.76 -23.86
C ALA B 549 -33.80 -13.51 -25.01
N ARG B 550 -33.72 -14.84 -24.99
CA ARG B 550 -34.37 -15.63 -26.02
C ARG B 550 -35.88 -15.32 -26.09
N GLU B 551 -36.42 -14.78 -25.01
CA GLU B 551 -37.84 -14.45 -24.96
C GLU B 551 -38.06 -13.06 -25.52
N LYS B 552 -37.90 -12.06 -24.66
CA LYS B 552 -38.13 -10.69 -25.08
C LYS B 552 -37.71 -10.46 -26.52
N HIS B 553 -36.40 -10.34 -26.75
CA HIS B 553 -35.86 -10.07 -28.07
C HIS B 553 -35.60 -11.38 -28.82
N GLU B 554 -36.57 -11.80 -29.64
CA GLU B 554 -36.50 -13.04 -30.41
C GLU B 554 -35.35 -13.12 -31.44
N GLU B 555 -34.84 -11.96 -31.84
CA GLU B 555 -33.78 -11.92 -32.85
C GLU B 555 -32.53 -12.67 -32.43
N PHE B 556 -32.48 -13.10 -31.16
CA PHE B 556 -31.34 -13.85 -30.64
C PHE B 556 -31.51 -15.37 -30.68
N CYS B 557 -32.49 -15.80 -31.44
CA CYS B 557 -32.76 -17.23 -31.54
C CYS B 557 -32.01 -17.81 -32.71
N VAL B 558 -30.69 -17.87 -32.60
CA VAL B 558 -29.84 -18.43 -33.66
C VAL B 558 -28.60 -19.10 -33.06
N PRO B 559 -27.82 -19.81 -33.89
CA PRO B 559 -26.60 -20.50 -33.45
C PRO B 559 -25.51 -19.54 -32.97
N MET B 560 -24.95 -19.83 -31.79
CA MET B 560 -23.90 -19.05 -31.17
C MET B 560 -22.75 -19.94 -30.67
N VAL B 561 -21.55 -19.69 -31.21
CA VAL B 561 -20.36 -20.45 -30.83
C VAL B 561 -19.35 -19.54 -30.15
N MET B 562 -18.89 -19.92 -28.96
CA MET B 562 -17.92 -19.13 -28.22
C MET B 562 -16.54 -19.79 -28.31
N VAL B 563 -15.47 -18.99 -28.41
CA VAL B 563 -14.13 -19.60 -28.47
C VAL B 563 -13.20 -19.03 -27.40
N PRO B 564 -12.61 -19.91 -26.56
CA PRO B 564 -11.69 -19.50 -25.49
C PRO B 564 -10.60 -18.57 -25.98
N ALA B 565 -10.56 -17.38 -25.40
CA ALA B 565 -9.55 -16.40 -25.81
C ALA B 565 -9.15 -15.49 -24.66
N THR B 566 -8.33 -16.01 -23.76
CA THR B 566 -7.88 -15.22 -22.64
C THR B 566 -6.62 -15.85 -22.08
N VAL B 567 -5.76 -15.01 -21.51
CA VAL B 567 -4.52 -15.49 -20.95
C VAL B 567 -4.72 -16.27 -19.64
N SER B 568 -5.87 -16.04 -19.00
CA SER B 568 -6.19 -16.68 -17.74
C SER B 568 -6.47 -18.17 -17.89
N ASN B 569 -7.26 -18.53 -18.90
CA ASN B 569 -7.68 -19.91 -19.18
C ASN B 569 -8.76 -20.35 -18.17
N ASN B 570 -9.54 -19.39 -17.68
CA ASN B 570 -10.61 -19.63 -16.73
C ASN B 570 -11.88 -20.01 -17.46
N VAL B 571 -11.85 -19.99 -18.79
CA VAL B 571 -13.01 -20.31 -19.61
C VAL B 571 -13.44 -21.74 -19.40
N PRO B 572 -14.57 -21.96 -18.72
CA PRO B 572 -15.09 -23.31 -18.43
C PRO B 572 -15.54 -24.01 -19.70
N GLY B 573 -15.27 -25.31 -19.80
CA GLY B 573 -15.65 -26.05 -20.99
C GLY B 573 -14.50 -26.16 -21.97
N SER B 574 -13.28 -25.98 -21.48
CA SER B 574 -12.08 -26.05 -22.31
C SER B 574 -10.83 -26.09 -21.45
N ASP B 575 -9.97 -27.05 -21.70
CA ASP B 575 -8.77 -27.19 -20.91
C ASP B 575 -7.75 -26.16 -21.30
N PHE B 576 -7.96 -25.49 -22.41
CA PHE B 576 -6.99 -24.47 -22.83
C PHE B 576 -7.69 -23.24 -23.35
N SER B 577 -6.92 -22.14 -23.51
CA SER B 577 -7.46 -20.88 -24.02
C SER B 577 -6.50 -20.24 -24.99
N ILE B 578 -7.04 -19.38 -25.85
CA ILE B 578 -6.18 -18.69 -26.82
C ILE B 578 -5.39 -17.56 -26.17
N GLY B 579 -4.08 -17.56 -26.39
CA GLY B 579 -3.20 -16.54 -25.83
C GLY B 579 -2.69 -16.95 -24.47
N ALA B 580 -3.02 -18.15 -24.05
CA ALA B 580 -2.57 -18.64 -22.76
C ALA B 580 -1.13 -19.10 -22.84
N ASP B 581 -0.85 -19.99 -23.79
CA ASP B 581 0.48 -20.53 -23.95
C ASP B 581 1.44 -19.42 -24.34
N THR B 582 0.92 -18.23 -24.64
CA THR B 582 1.79 -17.11 -25.01
C THR B 582 2.32 -16.47 -23.71
N ALA B 583 1.41 -15.96 -22.91
CA ALA B 583 1.78 -15.33 -21.65
C ALA B 583 2.60 -16.30 -20.83
N LEU B 584 2.19 -17.57 -20.89
CA LEU B 584 2.90 -18.61 -20.15
C LEU B 584 4.34 -18.73 -20.63
N ASN B 585 4.57 -18.47 -21.91
CA ASN B 585 5.92 -18.54 -22.44
C ASN B 585 6.66 -17.29 -22.01
N THR B 586 5.95 -16.16 -21.94
CA THR B 586 6.56 -14.88 -21.54
C THR B 586 6.92 -14.95 -20.08
N ILE B 587 6.06 -15.56 -19.28
CA ILE B 587 6.36 -15.71 -17.87
C ILE B 587 7.57 -16.63 -17.62
N THR B 588 7.51 -17.84 -18.17
CA THR B 588 8.59 -18.82 -17.97
C THR B 588 9.91 -18.22 -18.36
N ASP B 589 9.89 -17.34 -19.35
CA ASP B 589 11.10 -16.67 -19.79
C ASP B 589 11.57 -15.69 -18.72
N THR B 590 10.71 -14.72 -18.40
CA THR B 590 11.06 -13.71 -17.42
C THR B 590 11.59 -14.33 -16.13
N CYS B 591 11.10 -15.51 -15.79
CA CYS B 591 11.53 -16.17 -14.57
C CYS B 591 12.95 -16.60 -14.68
N ASP B 592 13.36 -16.95 -15.89
CA ASP B 592 14.71 -17.38 -16.09
C ASP B 592 15.64 -16.20 -15.97
N ARG B 593 15.19 -15.04 -16.43
CA ARG B 593 16.02 -13.86 -16.36
C ARG B 593 16.12 -13.41 -14.92
N ILE B 594 15.12 -13.75 -14.13
CA ILE B 594 15.12 -13.37 -12.73
C ILE B 594 15.97 -14.36 -11.98
N LYS B 595 15.94 -15.60 -12.42
CA LYS B 595 16.71 -16.65 -11.76
C LYS B 595 18.14 -16.36 -12.06
N GLN B 596 18.38 -15.33 -12.83
CA GLN B 596 19.73 -14.95 -13.19
C GLN B 596 20.32 -14.10 -12.05
N SER B 597 19.61 -13.03 -11.73
CA SER B 597 20.03 -12.12 -10.68
C SER B 597 19.94 -12.76 -9.34
N ALA B 598 19.36 -13.94 -9.31
CA ALA B 598 19.22 -14.63 -8.04
C ALA B 598 20.35 -15.59 -7.86
N SER B 599 21.07 -15.86 -8.94
CA SER B 599 22.22 -16.75 -8.88
C SER B 599 23.49 -15.93 -8.82
N GLY B 600 23.45 -14.74 -9.40
CA GLY B 600 24.63 -13.89 -9.37
C GLY B 600 24.91 -13.48 -7.94
N THR B 601 23.85 -13.11 -7.25
CA THR B 601 23.99 -12.75 -5.86
C THR B 601 23.52 -13.97 -5.12
N LYS B 602 24.48 -14.71 -4.59
CA LYS B 602 24.22 -15.92 -3.82
C LYS B 602 23.22 -15.68 -2.68
N ARG B 603 22.49 -16.72 -2.31
CA ARG B 603 21.49 -16.67 -1.23
C ARG B 603 20.50 -15.55 -1.40
N ARG B 604 19.55 -15.74 -2.31
CA ARG B 604 18.50 -14.75 -2.59
C ARG B 604 17.23 -15.42 -3.13
N VAL B 605 16.08 -15.01 -2.60
CA VAL B 605 14.80 -15.58 -3.01
C VAL B 605 13.90 -14.52 -3.64
N PHE B 606 13.22 -14.88 -4.71
CA PHE B 606 12.32 -13.95 -5.38
C PHE B 606 10.88 -14.42 -5.31
N ILE B 607 9.96 -13.47 -5.17
CA ILE B 607 8.52 -13.74 -5.08
C ILE B 607 7.83 -13.02 -6.23
N ILE B 608 7.41 -13.76 -7.25
CA ILE B 608 6.76 -13.16 -8.39
C ILE B 608 5.27 -13.42 -8.36
N GLU B 609 4.50 -12.35 -8.58
CA GLU B 609 3.04 -12.43 -8.62
C GLU B 609 2.50 -12.44 -10.04
N THR B 610 2.21 -13.63 -10.55
CA THR B 610 1.64 -13.79 -11.89
C THR B 610 0.16 -13.40 -11.87
N MET B 611 -0.37 -12.91 -12.98
CA MET B 611 -1.78 -12.53 -13.03
C MET B 611 -2.66 -13.64 -13.56
N GLY B 612 -3.96 -13.41 -13.57
CA GLY B 612 -4.83 -14.43 -14.09
C GLY B 612 -5.98 -14.71 -13.16
N GLY B 613 -6.67 -13.64 -12.77
CA GLY B 613 -7.81 -13.76 -11.88
C GLY B 613 -7.56 -14.78 -10.79
N TYR B 614 -8.55 -15.61 -10.51
CA TYR B 614 -8.42 -16.61 -9.48
C TYR B 614 -7.84 -17.86 -10.10
N CYS B 615 -8.00 -17.98 -11.40
CA CYS B 615 -7.48 -19.16 -12.08
C CYS B 615 -5.96 -19.23 -11.92
N GLY B 616 -5.48 -20.22 -11.17
CA GLY B 616 -4.06 -20.34 -10.93
C GLY B 616 -3.32 -21.06 -12.04
N TYR B 617 -3.93 -21.14 -13.21
CA TYR B 617 -3.29 -21.85 -14.32
C TYR B 617 -1.94 -21.27 -14.64
N LEU B 618 -1.92 -20.01 -15.03
CA LEU B 618 -0.68 -19.34 -15.36
C LEU B 618 0.38 -19.51 -14.28
N ALA B 619 -0.06 -19.30 -13.05
CA ALA B 619 0.83 -19.39 -11.90
C ALA B 619 1.43 -20.75 -11.76
N ASN B 620 0.64 -21.81 -11.96
CA ASN B 620 1.13 -23.18 -11.82
C ASN B 620 2.01 -23.65 -12.98
N MET B 621 1.49 -23.59 -14.19
CA MET B 621 2.26 -24.01 -15.36
C MET B 621 3.58 -23.29 -15.49
N GLY B 622 3.61 -22.02 -15.09
CA GLY B 622 4.82 -21.23 -15.16
C GLY B 622 5.80 -21.63 -14.09
N GLY B 623 5.29 -21.99 -12.92
CA GLY B 623 6.16 -22.39 -11.84
C GLY B 623 6.80 -23.74 -12.12
N LEU B 624 6.11 -24.61 -12.84
CA LEU B 624 6.63 -25.92 -13.18
C LEU B 624 7.58 -25.79 -14.35
N ALA B 625 7.40 -24.76 -15.15
CA ALA B 625 8.24 -24.57 -16.31
C ALA B 625 9.54 -23.84 -16.02
N ALA B 626 9.57 -23.12 -14.90
CA ALA B 626 10.75 -22.38 -14.50
C ALA B 626 11.43 -23.04 -13.31
N GLY B 627 10.78 -24.06 -12.76
CA GLY B 627 11.30 -24.80 -11.61
C GLY B 627 11.24 -23.99 -10.32
N ALA B 628 10.06 -23.44 -10.04
CA ALA B 628 9.85 -22.64 -8.85
C ALA B 628 9.71 -23.54 -7.65
N ASP B 629 10.28 -23.11 -6.53
CA ASP B 629 10.24 -23.91 -5.32
C ASP B 629 8.82 -24.11 -4.79
N ALA B 630 7.89 -23.26 -5.24
CA ALA B 630 6.50 -23.37 -4.83
C ALA B 630 5.73 -22.28 -5.53
N ALA B 631 4.53 -22.63 -5.94
CA ALA B 631 3.59 -21.73 -6.60
C ALA B 631 2.24 -21.77 -5.86
N TYR B 632 1.92 -20.68 -5.16
CA TYR B 632 0.70 -20.60 -4.40
C TYR B 632 -0.49 -20.16 -5.21
N ILE B 633 -1.33 -21.11 -5.57
CA ILE B 633 -2.53 -20.81 -6.34
C ILE B 633 -3.73 -20.79 -5.39
N PHE B 634 -4.85 -20.30 -5.88
CA PHE B 634 -6.04 -20.21 -5.08
C PHE B 634 -6.67 -21.56 -4.93
N GLU B 635 -6.78 -22.30 -6.03
CA GLU B 635 -7.41 -23.63 -6.04
C GLU B 635 -6.90 -24.64 -5.00
N GLU B 636 -5.76 -24.33 -4.38
CA GLU B 636 -5.13 -25.17 -3.37
C GLU B 636 -4.88 -24.36 -2.09
N PRO B 637 -5.81 -24.47 -1.15
CA PRO B 637 -5.73 -23.77 0.13
C PRO B 637 -4.43 -24.02 0.85
N PHE B 638 -4.09 -23.10 1.74
CA PHE B 638 -2.87 -23.24 2.52
C PHE B 638 -2.90 -22.27 3.71
N ASP B 639 -2.41 -22.75 4.84
CA ASP B 639 -2.33 -21.94 6.07
C ASP B 639 -0.88 -21.46 6.33
N ILE B 640 -0.68 -20.74 7.43
CA ILE B 640 0.64 -20.23 7.76
C ILE B 640 1.65 -21.36 7.98
N ARG B 641 1.12 -22.59 8.05
CA ARG B 641 1.95 -23.77 8.28
C ARG B 641 2.53 -24.28 6.99
N ASP B 642 1.73 -24.36 5.93
CA ASP B 642 2.20 -24.83 4.63
C ASP B 642 3.26 -23.82 4.17
N LEU B 643 3.13 -22.58 4.63
CA LEU B 643 4.05 -21.51 4.26
C LEU B 643 5.30 -21.67 5.09
N GLN B 644 5.10 -21.90 6.39
CA GLN B 644 6.21 -22.08 7.31
C GLN B 644 7.06 -23.29 6.92
N SER B 645 6.40 -24.41 6.67
CA SER B 645 7.08 -25.67 6.31
C SER B 645 7.74 -25.59 4.94
N ASN B 646 7.60 -24.47 4.27
CA ASN B 646 8.23 -24.33 2.97
C ASN B 646 9.45 -23.45 3.06
N VAL B 647 9.47 -22.58 4.06
CA VAL B 647 10.58 -21.66 4.28
C VAL B 647 11.73 -22.49 4.79
N GLU B 648 11.39 -23.58 5.46
CA GLU B 648 12.40 -24.49 5.99
C GLU B 648 13.13 -25.17 4.83
N HIS B 649 12.36 -25.73 3.90
CA HIS B 649 12.93 -26.37 2.72
C HIS B 649 13.80 -25.37 1.97
N LEU B 650 13.38 -24.10 1.91
CA LEU B 650 14.17 -23.07 1.21
C LEU B 650 15.50 -22.77 1.95
N THR B 651 15.56 -23.09 3.24
CA THR B 651 16.74 -22.82 4.02
C THR B 651 17.72 -23.93 3.79
N GLU B 652 17.24 -25.16 3.74
CA GLU B 652 18.13 -26.31 3.51
C GLU B 652 18.75 -26.28 2.12
N LYS B 653 18.18 -25.49 1.22
CA LYS B 653 18.73 -25.41 -0.11
C LYS B 653 19.88 -24.41 -0.09
N MET B 654 19.74 -23.41 0.78
CA MET B 654 20.75 -22.37 0.92
C MET B 654 22.02 -22.94 1.56
N LYS B 655 22.17 -24.26 1.45
CA LYS B 655 23.33 -24.98 1.97
C LYS B 655 24.04 -25.63 0.79
N THR B 656 23.26 -26.08 -0.18
CA THR B 656 23.81 -26.75 -1.36
C THR B 656 24.39 -25.75 -2.34
N THR B 657 24.54 -26.16 -3.59
CA THR B 657 25.08 -25.32 -4.63
C THR B 657 24.07 -24.29 -5.06
N ILE B 658 22.81 -24.72 -5.20
CA ILE B 658 21.76 -23.83 -5.63
C ILE B 658 21.41 -22.84 -4.55
N GLN B 659 22.00 -21.65 -4.58
CA GLN B 659 21.74 -20.61 -3.59
C GLN B 659 20.69 -19.60 -4.07
N ARG B 660 19.69 -20.10 -4.82
CA ARG B 660 18.62 -19.27 -5.37
C ARG B 660 17.26 -19.73 -4.85
N GLY B 661 16.24 -18.88 -5.00
CA GLY B 661 14.88 -19.22 -4.56
C GLY B 661 13.81 -18.53 -5.38
N LEU B 662 12.87 -19.30 -5.90
CA LEU B 662 11.83 -18.73 -6.73
C LEU B 662 10.44 -19.21 -6.35
N VAL B 663 9.59 -18.26 -5.97
CA VAL B 663 8.23 -18.59 -5.56
C VAL B 663 7.17 -17.77 -6.30
N LEU B 664 6.23 -18.44 -6.94
CA LEU B 664 5.23 -17.70 -7.67
C LEU B 664 3.93 -17.66 -6.88
N ARG B 665 3.23 -16.53 -6.95
CA ARG B 665 1.94 -16.37 -6.27
C ARG B 665 0.83 -15.91 -7.23
N ASN B 666 -0.31 -16.61 -7.19
CA ASN B 666 -1.44 -16.24 -8.04
C ASN B 666 -1.99 -14.88 -7.60
N GLU B 667 -2.26 -14.02 -8.60
CA GLU B 667 -2.76 -12.66 -8.41
C GLU B 667 -3.62 -12.48 -7.14
N SER B 668 -4.57 -13.39 -6.95
CA SER B 668 -5.44 -13.34 -5.77
C SER B 668 -5.85 -14.74 -5.25
N CYS B 669 -4.84 -15.49 -4.80
CA CYS B 669 -5.05 -16.81 -4.27
C CYS B 669 -5.48 -16.72 -2.83
N SER B 670 -5.28 -15.56 -2.21
CA SER B 670 -5.65 -15.35 -0.81
C SER B 670 -5.79 -13.84 -0.54
N GLU B 671 -6.86 -13.48 0.16
CA GLU B 671 -7.12 -12.09 0.46
C GLU B 671 -6.19 -11.56 1.54
N ASN B 672 -5.65 -12.45 2.39
CA ASN B 672 -4.78 -12.03 3.49
C ASN B 672 -3.33 -12.18 3.17
N TYR B 673 -2.96 -13.34 2.64
CA TYR B 673 -1.59 -13.61 2.29
C TYR B 673 -1.32 -13.04 0.92
N THR B 674 -0.87 -11.78 0.87
CA THR B 674 -0.57 -11.09 -0.38
C THR B 674 0.90 -11.15 -0.70
N THR B 675 1.28 -10.68 -1.88
CA THR B 675 2.66 -10.69 -2.31
C THR B 675 3.57 -10.05 -1.30
N ASP B 676 3.10 -9.02 -0.62
CA ASP B 676 3.89 -8.34 0.39
C ASP B 676 3.98 -9.23 1.62
N PHE B 677 2.85 -9.84 2.01
CA PHE B 677 2.82 -10.72 3.18
C PHE B 677 3.83 -11.83 2.99
N ILE B 678 3.63 -12.59 1.92
CA ILE B 678 4.52 -13.69 1.59
C ILE B 678 5.97 -13.25 1.71
N TYR B 679 6.30 -12.08 1.16
CA TYR B 679 7.66 -11.54 1.20
C TYR B 679 8.03 -11.08 2.61
N GLN B 680 7.09 -10.45 3.30
CA GLN B 680 7.34 -9.99 4.65
C GLN B 680 7.70 -11.14 5.58
N LEU B 681 7.11 -12.31 5.36
CA LEU B 681 7.39 -13.49 6.19
C LEU B 681 8.73 -14.07 5.83
N TYR B 682 8.86 -14.47 4.58
CA TYR B 682 10.10 -15.03 4.09
C TYR B 682 11.31 -14.17 4.45
N SER B 683 11.13 -12.87 4.63
CA SER B 683 12.28 -12.01 4.95
C SER B 683 12.71 -12.24 6.42
N GLU B 684 11.77 -12.04 7.32
CA GLU B 684 12.05 -12.19 8.75
C GLU B 684 12.37 -13.62 9.07
N GLU B 685 11.80 -14.58 8.35
CA GLU B 685 12.04 -15.98 8.64
C GLU B 685 13.34 -16.53 8.05
N GLY B 686 14.02 -15.72 7.25
CA GLY B 686 15.29 -16.14 6.67
C GLY B 686 16.39 -15.36 7.35
N LYS B 687 16.18 -14.05 7.48
CA LYS B 687 17.12 -13.12 8.11
C LYS B 687 18.35 -13.84 8.65
N GLY B 688 19.46 -13.83 7.90
CA GLY B 688 20.68 -14.49 8.33
C GLY B 688 21.09 -15.65 7.40
N VAL B 689 20.14 -16.21 6.67
CA VAL B 689 20.41 -17.33 5.76
C VAL B 689 20.23 -16.88 4.32
N PHE B 690 19.23 -16.06 4.00
CA PHE B 690 19.07 -15.60 2.62
C PHE B 690 18.35 -14.26 2.47
N ASP B 691 18.55 -13.61 1.33
CA ASP B 691 17.93 -12.33 1.06
C ASP B 691 16.69 -12.62 0.22
N CYS B 692 15.89 -11.60 -0.08
CA CYS B 692 14.72 -11.85 -0.91
C CYS B 692 14.01 -10.57 -1.31
N ARG B 693 13.47 -10.57 -2.54
CA ARG B 693 12.77 -9.40 -3.09
C ARG B 693 11.45 -9.83 -3.67
N LYS B 694 10.67 -8.90 -4.21
CA LYS B 694 9.38 -9.27 -4.78
C LYS B 694 9.12 -8.52 -6.09
N ASN B 695 8.46 -9.20 -7.02
CA ASN B 695 8.11 -8.60 -8.32
C ASN B 695 6.66 -8.91 -8.72
N VAL B 696 5.95 -7.92 -9.24
CA VAL B 696 4.56 -8.12 -9.62
C VAL B 696 4.49 -8.05 -11.14
N LEU B 697 4.56 -9.18 -11.81
CA LEU B 697 4.49 -9.20 -13.26
C LEU B 697 3.31 -8.37 -13.74
N GLY B 698 3.60 -7.38 -14.59
CA GLY B 698 2.59 -6.50 -15.13
C GLY B 698 1.92 -7.14 -16.33
N HIS B 699 1.17 -6.35 -17.09
CA HIS B 699 0.51 -6.89 -18.24
C HIS B 699 1.44 -7.26 -19.38
N MET B 700 2.73 -7.27 -19.10
CA MET B 700 3.72 -7.63 -20.11
C MET B 700 3.48 -9.07 -20.60
N GLN B 701 2.86 -9.88 -19.75
CA GLN B 701 2.56 -11.27 -20.05
C GLN B 701 1.65 -11.33 -21.28
N GLN B 702 0.41 -10.90 -21.13
CA GLN B 702 -0.55 -10.89 -22.23
C GLN B 702 -0.31 -9.68 -23.12
N GLY B 703 0.76 -9.75 -23.91
CA GLY B 703 1.08 -8.64 -24.80
C GLY B 703 1.87 -8.97 -26.06
N GLY B 704 3.11 -9.40 -25.89
CA GLY B 704 3.97 -9.70 -27.03
C GLY B 704 3.34 -10.55 -28.12
N ALA B 705 4.06 -10.74 -29.22
CA ALA B 705 3.60 -11.53 -30.35
C ALA B 705 3.12 -12.91 -29.88
N PRO B 706 1.99 -13.41 -30.40
CA PRO B 706 1.45 -14.73 -30.02
C PRO B 706 2.39 -15.89 -30.27
N SER B 707 2.36 -16.87 -29.38
CA SER B 707 3.23 -18.04 -29.48
C SER B 707 2.72 -18.91 -30.59
N PRO B 708 3.63 -19.57 -31.32
CA PRO B 708 3.24 -20.46 -32.44
C PRO B 708 2.07 -21.42 -32.14
N PHE B 709 1.94 -21.81 -30.88
CA PHE B 709 0.88 -22.71 -30.44
C PHE B 709 -0.46 -21.96 -30.49
N ASP B 710 -0.41 -20.65 -30.27
CA ASP B 710 -1.62 -19.80 -30.27
C ASP B 710 -1.92 -19.37 -31.71
N ARG B 711 -0.87 -19.13 -32.46
CA ARG B 711 -1.03 -18.76 -33.85
C ARG B 711 -1.78 -19.86 -34.57
N ASN B 712 -1.64 -21.09 -34.07
CA ASN B 712 -2.30 -22.24 -34.64
C ASN B 712 -3.64 -22.45 -33.97
N PHE B 713 -3.64 -22.58 -32.65
CA PHE B 713 -4.88 -22.78 -31.91
C PHE B 713 -5.96 -21.77 -32.37
N GLY B 714 -5.54 -20.50 -32.50
CA GLY B 714 -6.47 -19.47 -32.92
C GLY B 714 -7.10 -19.79 -34.26
N THR B 715 -6.24 -20.12 -35.22
CA THR B 715 -6.69 -20.44 -36.57
C THR B 715 -7.40 -21.80 -36.66
N LYS B 716 -6.87 -22.78 -35.94
CA LYS B 716 -7.41 -24.15 -35.96
C LYS B 716 -8.85 -24.29 -35.45
N ILE B 717 -9.02 -24.13 -34.14
CA ILE B 717 -10.34 -24.33 -33.56
C ILE B 717 -11.31 -23.22 -33.83
N SER B 718 -10.87 -22.23 -34.59
CA SER B 718 -11.77 -21.15 -34.91
C SER B 718 -12.49 -21.50 -36.19
N ALA B 719 -11.86 -22.31 -37.04
CA ALA B 719 -12.49 -22.65 -38.30
C ALA B 719 -13.61 -23.64 -38.05
N ARG B 720 -13.32 -24.63 -37.21
CA ARG B 720 -14.32 -25.63 -36.89
C ARG B 720 -15.48 -24.99 -36.15
N ALA B 721 -15.31 -23.73 -35.79
CA ALA B 721 -16.34 -23.01 -35.05
C ALA B 721 -17.17 -22.26 -36.06
N MET B 722 -16.57 -22.00 -37.23
CA MET B 722 -17.24 -21.28 -38.32
C MET B 722 -18.10 -22.25 -39.11
N GLU B 723 -17.72 -23.52 -39.12
CA GLU B 723 -18.47 -24.56 -39.85
C GLU B 723 -19.69 -24.99 -39.05
N TRP B 724 -19.53 -25.02 -37.72
CA TRP B 724 -20.61 -25.39 -36.83
C TRP B 724 -21.73 -24.37 -37.09
N ILE B 725 -21.36 -23.19 -37.55
CA ILE B 725 -22.34 -22.15 -37.87
C ILE B 725 -22.96 -22.43 -39.24
N THR B 726 -22.10 -22.61 -40.23
CA THR B 726 -22.52 -22.88 -41.61
C THR B 726 -23.42 -24.12 -41.61
N ALA B 727 -23.07 -25.10 -40.78
CA ALA B 727 -23.86 -26.32 -40.70
C ALA B 727 -25.16 -26.16 -39.95
N LYS B 728 -25.19 -25.29 -38.96
CA LYS B 728 -26.44 -25.08 -38.25
C LYS B 728 -27.28 -23.96 -38.84
N LEU B 729 -26.94 -23.58 -40.07
CA LEU B 729 -27.67 -22.57 -40.86
C LEU B 729 -28.44 -23.40 -41.90
N LYS B 730 -27.93 -24.60 -42.18
CA LYS B 730 -28.55 -25.49 -43.16
C LYS B 730 -29.55 -26.45 -42.52
N GLU B 731 -29.48 -26.59 -41.19
CA GLU B 731 -30.38 -27.45 -40.44
C GLU B 731 -31.83 -27.08 -40.67
N ALA B 732 -32.30 -26.06 -39.93
CA ALA B 732 -33.69 -25.59 -40.04
C ALA B 732 -33.92 -24.63 -41.20
N ARG B 733 -33.26 -24.87 -42.33
CA ARG B 733 -33.45 -24.03 -43.51
C ARG B 733 -34.79 -24.36 -44.12
N GLY B 734 -34.92 -25.58 -44.62
CA GLY B 734 -36.18 -26.01 -45.20
C GLY B 734 -37.10 -26.49 -44.09
N ARG B 735 -36.62 -26.28 -42.86
CA ARG B 735 -37.31 -26.66 -41.62
C ARG B 735 -37.27 -25.54 -40.56
N LYS B 738 -36.15 -21.72 -36.84
CA LYS B 738 -36.03 -20.99 -35.57
C LYS B 738 -35.24 -21.86 -34.58
N PHE B 739 -34.56 -21.20 -33.63
CA PHE B 739 -33.75 -21.87 -32.61
C PHE B 739 -34.19 -21.52 -31.20
N THR B 740 -34.58 -22.54 -30.43
CA THR B 740 -35.05 -22.35 -29.05
C THR B 740 -34.49 -23.41 -28.11
N THR B 741 -33.79 -24.38 -28.68
CA THR B 741 -33.21 -25.47 -27.91
C THR B 741 -32.05 -24.97 -27.07
N ASP B 742 -31.46 -25.86 -26.29
CA ASP B 742 -30.32 -25.50 -25.46
C ASP B 742 -29.01 -25.70 -26.19
N ASP B 743 -29.02 -26.51 -27.24
CA ASP B 743 -27.79 -26.74 -28.01
C ASP B 743 -27.75 -25.80 -29.21
N SER B 744 -28.34 -24.62 -29.06
CA SER B 744 -28.36 -23.63 -30.11
C SER B 744 -27.33 -22.53 -29.87
N ILE B 745 -26.74 -22.53 -28.68
CA ILE B 745 -25.71 -21.56 -28.30
C ILE B 745 -24.74 -22.23 -27.34
N CYS B 746 -23.80 -23.00 -27.92
CA CYS B 746 -22.82 -23.73 -27.12
C CYS B 746 -21.40 -23.10 -27.20
N VAL B 747 -20.47 -23.68 -26.43
CA VAL B 747 -19.08 -23.23 -26.43
C VAL B 747 -18.17 -24.34 -26.86
N LEU B 748 -17.35 -24.09 -27.86
CA LEU B 748 -16.44 -25.10 -28.37
C LEU B 748 -15.15 -24.98 -27.64
N GLY B 749 -14.73 -26.09 -27.06
CA GLY B 749 -13.49 -26.14 -26.32
C GLY B 749 -12.93 -27.54 -26.09
N ILE B 750 -11.61 -27.62 -25.97
CA ILE B 750 -10.90 -28.89 -25.72
C ILE B 750 -11.35 -29.54 -24.41
N SER B 751 -11.78 -30.80 -24.49
CA SER B 751 -12.23 -31.54 -23.34
C SER B 751 -11.30 -32.75 -23.12
N LYS B 752 -11.74 -33.91 -23.58
CA LYS B 752 -10.92 -35.10 -23.44
C LYS B 752 -9.71 -34.99 -24.34
N ARG B 753 -9.67 -35.83 -25.35
CA ARG B 753 -8.58 -35.80 -26.29
C ARG B 753 -8.93 -34.75 -27.34
N ASN B 754 -10.21 -34.68 -27.65
CA ASN B 754 -10.62 -33.74 -28.68
C ASN B 754 -11.63 -32.73 -28.20
N VAL B 755 -11.89 -31.73 -29.04
CA VAL B 755 -12.86 -30.66 -28.74
C VAL B 755 -14.30 -31.14 -28.90
N ILE B 756 -15.20 -30.46 -28.22
CA ILE B 756 -16.60 -30.80 -28.28
C ILE B 756 -17.41 -29.57 -27.96
N PHE B 757 -18.60 -29.47 -28.55
CA PHE B 757 -19.49 -28.34 -28.32
C PHE B 757 -20.46 -28.61 -27.13
N GLN B 758 -20.26 -27.86 -26.05
CA GLN B 758 -21.09 -28.01 -24.85
C GLN B 758 -21.97 -26.80 -24.70
N PRO B 759 -23.29 -27.02 -24.67
CA PRO B 759 -24.24 -25.91 -24.53
C PRO B 759 -24.01 -25.12 -23.25
N VAL B 760 -23.83 -23.82 -23.40
CA VAL B 760 -23.57 -22.93 -22.29
C VAL B 760 -24.55 -23.17 -21.13
N ALA B 761 -25.63 -23.88 -21.44
CA ALA B 761 -26.65 -24.17 -20.44
C ALA B 761 -26.15 -25.11 -19.35
N GLU B 762 -25.73 -26.31 -19.75
CA GLU B 762 -25.25 -27.29 -18.81
C GLU B 762 -23.87 -27.01 -18.28
N LEU B 763 -23.32 -25.83 -18.56
CA LEU B 763 -22.00 -25.49 -18.04
C LEU B 763 -22.13 -24.67 -16.79
N LYS B 764 -23.37 -24.34 -16.41
CA LYS B 764 -23.62 -23.55 -15.21
C LYS B 764 -23.17 -24.35 -13.99
N LYS B 765 -23.24 -25.67 -14.11
CA LYS B 765 -22.87 -26.54 -13.01
C LYS B 765 -21.38 -26.44 -12.66
N GLN B 766 -20.52 -26.94 -13.55
CA GLN B 766 -19.09 -26.93 -13.29
C GLN B 766 -18.48 -25.55 -13.55
N THR B 767 -18.87 -24.54 -12.77
CA THR B 767 -18.32 -23.20 -12.94
C THR B 767 -18.56 -22.35 -11.70
N ASP B 768 -17.48 -21.77 -11.20
CA ASP B 768 -17.50 -20.91 -10.02
C ASP B 768 -17.59 -19.47 -10.49
N PHE B 769 -18.80 -18.94 -10.49
CA PHE B 769 -19.03 -17.57 -10.94
C PHE B 769 -18.49 -16.49 -10.01
N GLU B 770 -18.35 -16.87 -8.75
CA GLU B 770 -17.87 -15.95 -7.75
C GLU B 770 -16.41 -15.61 -8.00
N HIS B 771 -15.60 -16.61 -8.33
CA HIS B 771 -14.16 -16.40 -8.57
C HIS B 771 -13.82 -16.50 -10.07
N ARG B 772 -14.83 -16.78 -10.87
CA ARG B 772 -14.67 -16.88 -12.31
C ARG B 772 -13.67 -17.95 -12.73
N ILE B 773 -13.85 -19.17 -12.25
CA ILE B 773 -12.95 -20.27 -12.60
C ILE B 773 -13.78 -21.52 -12.66
N PRO B 774 -13.51 -22.39 -13.61
CA PRO B 774 -14.27 -23.63 -13.74
C PRO B 774 -14.12 -24.48 -12.48
N LYS B 775 -15.20 -25.14 -12.05
CA LYS B 775 -15.15 -25.95 -10.85
C LYS B 775 -14.04 -27.01 -10.92
N GLU B 776 -14.20 -27.95 -11.83
CA GLU B 776 -13.18 -28.99 -11.98
C GLU B 776 -12.12 -28.50 -12.93
N GLN B 777 -10.86 -28.53 -12.49
CA GLN B 777 -9.75 -28.11 -13.33
C GLN B 777 -8.73 -29.24 -13.42
N TRP B 778 -8.53 -29.70 -14.64
CA TRP B 778 -7.60 -30.81 -14.88
C TRP B 778 -6.18 -30.64 -14.43
N TRP B 779 -5.57 -29.51 -14.77
CA TRP B 779 -4.17 -29.24 -14.45
C TRP B 779 -3.82 -29.22 -12.97
N LEU B 780 -4.76 -29.62 -12.12
CA LEU B 780 -4.47 -29.65 -10.70
C LEU B 780 -3.83 -31.00 -10.33
N LYS B 781 -3.88 -31.92 -11.28
CA LYS B 781 -3.33 -33.26 -11.10
C LYS B 781 -1.81 -33.15 -11.09
N LEU B 782 -1.32 -32.06 -11.65
CA LEU B 782 0.12 -31.83 -11.73
C LEU B 782 0.69 -31.18 -10.47
N ARG B 783 -0.18 -30.90 -9.50
CA ARG B 783 0.24 -30.26 -8.28
C ARG B 783 1.26 -31.06 -7.49
N PRO B 784 0.96 -32.34 -7.17
CA PRO B 784 1.97 -33.09 -6.40
C PRO B 784 3.26 -33.21 -7.17
N LEU B 785 3.12 -33.54 -8.43
CA LEU B 785 4.27 -33.66 -9.30
C LEU B 785 5.09 -32.37 -9.26
N MET B 786 4.48 -31.27 -9.68
CA MET B 786 5.16 -29.99 -9.73
C MET B 786 6.03 -29.71 -8.51
N LYS B 787 5.56 -30.11 -7.35
CA LYS B 787 6.27 -29.84 -6.12
C LYS B 787 7.38 -30.78 -5.79
N ILE B 788 7.20 -32.08 -6.05
CA ILE B 788 8.27 -33.04 -5.74
C ILE B 788 9.51 -32.73 -6.60
N LEU B 789 9.29 -31.93 -7.64
CA LEU B 789 10.36 -31.58 -8.55
C LEU B 789 11.06 -30.34 -8.03
N ALA B 790 10.52 -29.78 -6.95
CA ALA B 790 11.08 -28.59 -6.32
C ALA B 790 11.80 -28.93 -5.02
N LYS B 791 11.86 -30.22 -4.68
CA LYS B 791 12.50 -30.74 -3.49
C LYS B 791 11.67 -30.44 -2.26
N PHE C 44 -23.93 30.36 -5.25
CA PHE C 44 -25.07 30.87 -6.07
C PHE C 44 -25.63 32.21 -5.59
N LEU C 45 -26.06 32.26 -4.33
CA LEU C 45 -26.62 33.49 -3.76
C LEU C 45 -25.53 34.47 -3.30
N GLU C 46 -24.27 34.02 -3.22
CA GLU C 46 -23.17 34.88 -2.77
C GLU C 46 -22.88 36.04 -3.73
N HIS C 47 -23.72 36.16 -4.75
CA HIS C 47 -23.56 37.21 -5.75
C HIS C 47 -23.53 38.57 -5.07
N LEU C 48 -24.72 39.14 -4.86
CA LEU C 48 -24.86 40.45 -4.23
C LEU C 48 -24.39 40.36 -2.79
N SER C 49 -23.31 41.08 -2.50
CA SER C 49 -22.73 41.07 -1.16
C SER C 49 -23.01 42.40 -0.47
N GLY C 50 -21.95 43.18 -0.25
CA GLY C 50 -22.09 44.47 0.41
C GLY C 50 -20.79 45.00 1.02
N ALA C 51 -20.47 46.27 0.80
CA ALA C 51 -19.23 46.82 1.35
C ALA C 51 -19.49 48.14 2.00
N GLY C 52 -18.43 48.91 2.19
CA GLY C 52 -18.57 50.23 2.79
C GLY C 52 -18.95 50.22 4.26
N LYS C 53 -20.21 49.87 4.54
CA LYS C 53 -20.71 49.83 5.92
C LYS C 53 -19.89 48.88 6.79
N ALA C 54 -20.15 48.92 8.10
CA ALA C 54 -19.46 48.08 9.08
C ALA C 54 -20.44 47.44 10.06
N ILE C 55 -20.05 46.29 10.64
CA ILE C 55 -20.91 45.57 11.58
C ILE C 55 -20.29 45.39 12.94
N GLY C 56 -21.15 45.47 13.95
CA GLY C 56 -20.68 45.30 15.30
C GLY C 56 -21.21 44.03 15.95
N VAL C 57 -20.30 43.25 16.52
CA VAL C 57 -20.69 42.01 17.18
C VAL C 57 -20.35 42.02 18.67
N LEU C 58 -21.26 41.47 19.47
CA LEU C 58 -21.07 41.40 20.91
C LEU C 58 -21.79 40.23 21.53
N THR C 59 -21.53 40.00 22.81
CA THR C 59 -22.18 38.92 23.52
C THR C 59 -22.62 39.34 24.90
N SER C 60 -23.93 39.29 25.17
CA SER C 60 -24.47 39.69 26.47
C SER C 60 -25.50 38.69 26.95
N GLY C 61 -25.18 37.97 28.02
CA GLY C 61 -26.09 36.97 28.58
C GLY C 61 -25.37 35.73 29.08
N GLY C 62 -26.14 34.70 29.44
CA GLY C 62 -25.54 33.48 29.92
C GLY C 62 -24.52 32.91 28.96
N ASP C 63 -23.26 33.21 29.20
CA ASP C 63 -22.18 32.74 28.35
C ASP C 63 -22.23 31.23 28.17
N ALA C 64 -22.80 30.80 27.05
CA ALA C 64 -22.93 29.39 26.73
C ALA C 64 -21.84 28.94 25.76
N GLN C 65 -21.54 27.64 25.75
CA GLN C 65 -20.52 27.11 24.86
C GLN C 65 -20.90 27.36 23.39
N GLY C 66 -19.92 27.23 22.49
CA GLY C 66 -20.20 27.41 21.08
C GLY C 66 -20.46 28.85 20.72
N MET C 67 -20.36 29.72 21.69
CA MET C 67 -20.60 31.11 21.41
C MET C 67 -19.43 31.61 20.55
N ASN C 68 -18.24 31.09 20.80
CA ASN C 68 -17.06 31.51 20.05
C ASN C 68 -17.22 31.06 18.64
N ALA C 69 -17.66 29.81 18.44
CA ALA C 69 -17.84 29.28 17.08
C ALA C 69 -18.81 30.11 16.26
N ALA C 70 -19.58 30.95 16.96
CA ALA C 70 -20.58 31.84 16.33
C ALA C 70 -19.95 33.12 15.83
N VAL C 71 -19.32 33.85 16.77
CA VAL C 71 -18.64 35.09 16.43
C VAL C 71 -17.52 34.82 15.39
N ARG C 72 -17.15 33.57 15.19
CA ARG C 72 -16.10 33.21 14.24
C ARG C 72 -16.69 33.23 12.84
N ALA C 73 -17.91 32.71 12.72
CA ALA C 73 -18.59 32.67 11.44
C ALA C 73 -19.06 34.06 11.04
N VAL C 74 -19.34 34.91 12.02
CA VAL C 74 -19.80 36.26 11.74
C VAL C 74 -18.70 37.14 11.17
N VAL C 75 -17.55 37.06 11.82
CA VAL C 75 -16.39 37.82 11.41
C VAL C 75 -15.93 37.35 10.03
N ARG C 76 -15.59 36.07 9.90
CA ARG C 76 -15.12 35.56 8.62
C ARG C 76 -16.10 35.74 7.49
N MET C 77 -17.39 35.83 7.79
CA MET C 77 -18.40 35.98 6.76
C MET C 77 -18.54 37.42 6.43
N GLY C 78 -18.62 38.25 7.45
CA GLY C 78 -18.76 39.68 7.22
C GLY C 78 -17.65 40.25 6.34
N ILE C 79 -16.49 39.57 6.39
CA ILE C 79 -15.35 39.98 5.58
C ILE C 79 -15.52 39.46 4.17
N TYR C 80 -15.94 38.20 4.06
CA TYR C 80 -16.16 37.56 2.76
C TYR C 80 -17.11 38.44 1.94
N VAL C 81 -18.13 39.02 2.57
CA VAL C 81 -19.10 39.86 1.88
C VAL C 81 -18.52 41.19 1.48
N GLY C 82 -17.36 41.50 2.05
CA GLY C 82 -16.66 42.74 1.78
C GLY C 82 -16.98 43.91 2.69
N ALA C 83 -17.20 43.64 3.96
CA ALA C 83 -17.51 44.72 4.88
C ALA C 83 -16.54 44.68 6.02
N LYS C 84 -16.63 45.66 6.90
CA LYS C 84 -15.74 45.70 8.05
C LYS C 84 -16.43 45.15 9.27
N VAL C 85 -15.72 44.36 10.03
CA VAL C 85 -16.32 43.79 11.23
C VAL C 85 -15.55 44.27 12.44
N TYR C 86 -16.28 44.83 13.41
CA TYR C 86 -15.68 45.32 14.64
C TYR C 86 -16.05 44.51 15.88
N PHE C 87 -15.12 44.43 16.82
CA PHE C 87 -15.33 43.69 18.05
C PHE C 87 -15.94 44.55 19.16
N ILE C 88 -16.83 43.97 19.94
CA ILE C 88 -17.44 44.71 21.03
C ILE C 88 -17.32 43.93 22.32
N TYR C 89 -16.24 44.18 23.06
CA TYR C 89 -15.98 43.48 24.32
C TYR C 89 -16.99 43.80 25.42
N GLU C 90 -17.08 42.91 26.38
CA GLU C 90 -17.99 43.08 27.52
C GLU C 90 -19.43 43.36 27.10
N GLY C 91 -19.92 42.58 26.15
CA GLY C 91 -21.27 42.78 25.67
C GLY C 91 -21.69 44.23 25.52
N TYR C 92 -22.89 44.55 25.99
CA TYR C 92 -23.41 45.90 25.86
C TYR C 92 -22.50 46.95 26.51
N GLN C 93 -21.99 46.65 27.71
CA GLN C 93 -21.13 47.60 28.42
C GLN C 93 -20.04 48.16 27.52
N GLY C 94 -19.58 47.35 26.58
CA GLY C 94 -18.54 47.79 25.67
C GLY C 94 -19.02 48.91 24.78
N MET C 95 -20.30 48.90 24.42
CA MET C 95 -20.84 49.95 23.56
C MET C 95 -20.81 51.30 24.28
N VAL C 96 -21.28 51.31 25.52
CA VAL C 96 -21.31 52.54 26.29
C VAL C 96 -19.90 53.12 26.41
N ASP C 97 -19.00 52.29 26.94
CA ASP C 97 -17.61 52.67 27.12
C ASP C 97 -17.03 53.15 25.80
N GLY C 98 -16.58 52.20 24.99
CA GLY C 98 -15.98 52.53 23.72
C GLY C 98 -14.46 52.45 23.75
N GLY C 99 -13.83 52.98 22.71
CA GLY C 99 -12.38 52.96 22.65
C GLY C 99 -11.74 51.59 22.66
N SER C 100 -11.21 51.20 23.82
CA SER C 100 -10.54 49.94 23.97
C SER C 100 -11.48 48.77 23.85
N ASN C 101 -12.77 49.07 23.88
CA ASN C 101 -13.77 48.04 23.79
C ASN C 101 -14.33 47.93 22.38
N ILE C 102 -13.63 48.47 21.41
CA ILE C 102 -14.07 48.41 20.01
C ILE C 102 -12.86 48.33 19.10
N ALA C 103 -12.74 47.23 18.35
CA ALA C 103 -11.62 47.05 17.43
C ALA C 103 -12.02 46.18 16.26
N GLU C 104 -11.33 46.36 15.14
CA GLU C 104 -11.62 45.59 13.93
C GLU C 104 -11.05 44.19 14.05
N ALA C 105 -11.71 43.22 13.42
CA ALA C 105 -11.25 41.85 13.53
C ALA C 105 -10.82 41.30 12.19
N ASP C 106 -9.62 40.75 12.14
CA ASP C 106 -9.08 40.16 10.91
C ASP C 106 -9.37 38.67 10.87
N TRP C 107 -9.17 38.08 9.69
CA TRP C 107 -9.43 36.66 9.46
C TRP C 107 -8.67 35.82 10.45
N GLU C 108 -7.50 36.33 10.82
CA GLU C 108 -6.63 35.65 11.77
C GLU C 108 -7.15 35.74 13.20
N SER C 109 -7.92 36.78 13.48
CA SER C 109 -8.48 37.02 14.80
C SER C 109 -9.34 35.89 15.35
N VAL C 110 -10.49 35.67 14.71
CA VAL C 110 -11.40 34.63 15.14
C VAL C 110 -10.88 33.23 14.85
N SER C 111 -9.56 33.08 14.74
CA SER C 111 -8.97 31.77 14.50
C SER C 111 -8.48 31.12 15.80
N SER C 112 -8.72 29.81 15.94
CA SER C 112 -8.30 29.07 17.11
C SER C 112 -9.16 29.38 18.34
N ILE C 113 -10.43 29.68 18.12
CA ILE C 113 -11.34 29.98 19.23
C ILE C 113 -12.58 29.12 19.13
N LEU C 114 -12.87 28.67 17.92
CA LEU C 114 -14.00 27.81 17.67
C LEU C 114 -14.12 26.66 18.66
N GLN C 115 -13.00 26.05 19.01
CA GLN C 115 -13.02 24.94 19.92
C GLN C 115 -12.92 25.31 21.39
N VAL C 116 -13.58 26.39 21.78
CA VAL C 116 -13.54 26.78 23.18
C VAL C 116 -14.90 27.26 23.66
N GLY C 117 -15.17 27.05 24.95
CA GLY C 117 -16.46 27.46 25.46
C GLY C 117 -16.50 28.93 25.80
N GLY C 118 -17.51 29.34 26.56
CA GLY C 118 -17.62 30.73 26.93
C GLY C 118 -17.50 31.65 25.74
N THR C 119 -17.01 32.86 25.97
CA THR C 119 -16.86 33.84 24.91
C THR C 119 -15.58 34.65 25.05
N ILE C 120 -14.76 34.69 24.00
CA ILE C 120 -13.52 35.46 24.06
C ILE C 120 -13.79 36.95 23.97
N ILE C 121 -14.90 37.32 23.35
CA ILE C 121 -15.29 38.73 23.23
C ILE C 121 -15.62 39.29 24.61
N GLY C 122 -16.01 38.42 25.53
CA GLY C 122 -16.36 38.84 26.87
C GLY C 122 -17.81 39.22 26.97
N SER C 123 -18.45 38.83 28.07
CA SER C 123 -19.84 39.16 28.28
C SER C 123 -19.97 39.91 29.59
N ALA C 124 -21.04 40.70 29.68
CA ALA C 124 -21.28 41.46 30.89
C ALA C 124 -22.63 42.13 30.89
N ARG C 125 -23.24 42.28 32.06
CA ARG C 125 -24.52 42.95 32.14
C ARG C 125 -24.32 44.44 32.30
N CYS C 126 -24.83 45.21 31.34
CA CYS C 126 -24.72 46.66 31.37
C CYS C 126 -26.08 47.34 31.69
N GLN C 127 -26.13 48.02 32.84
CA GLN C 127 -27.36 48.68 33.27
C GLN C 127 -27.44 50.07 32.70
N ALA C 128 -26.28 50.67 32.52
CA ALA C 128 -26.17 52.02 31.98
C ALA C 128 -26.62 52.07 30.51
N PHE C 129 -27.34 51.03 30.08
CA PHE C 129 -27.82 50.96 28.72
C PHE C 129 -29.34 50.90 28.74
N ARG C 130 -29.89 50.38 29.82
CA ARG C 130 -31.33 50.27 29.95
C ARG C 130 -31.95 51.66 30.16
N THR C 131 -31.11 52.68 30.04
CA THR C 131 -31.54 54.06 30.24
C THR C 131 -31.15 54.93 29.05
N ARG C 132 -32.10 55.66 28.49
CA ARG C 132 -31.79 56.52 27.35
C ARG C 132 -30.63 57.48 27.66
N GLU C 133 -30.60 57.94 28.90
CA GLU C 133 -29.56 58.87 29.35
C GLU C 133 -28.15 58.35 29.04
N GLY C 134 -28.01 57.04 28.90
CA GLY C 134 -26.71 56.47 28.62
C GLY C 134 -26.71 55.65 27.34
N ARG C 135 -27.91 55.32 26.88
CA ARG C 135 -28.04 54.53 25.65
C ARG C 135 -27.57 55.36 24.48
N LEU C 136 -27.45 56.66 24.72
CA LEU C 136 -27.00 57.64 23.74
C LEU C 136 -25.48 57.54 23.54
N LYS C 137 -24.74 57.39 24.65
CA LYS C 137 -23.28 57.25 24.61
C LYS C 137 -22.91 56.04 23.75
N ALA C 138 -23.79 55.03 23.77
CA ALA C 138 -23.57 53.83 22.98
C ALA C 138 -23.71 54.19 21.50
N ALA C 139 -24.82 54.80 21.16
CA ALA C 139 -25.10 55.19 19.78
C ALA C 139 -23.97 56.05 19.27
N CYS C 140 -23.63 57.11 20.01
CA CYS C 140 -22.56 58.01 19.59
C CYS C 140 -21.30 57.25 19.23
N ASN C 141 -20.89 56.34 20.11
CA ASN C 141 -19.66 55.61 19.87
C ASN C 141 -19.69 54.75 18.63
N LEU C 142 -20.89 54.39 18.19
CA LEU C 142 -21.04 53.56 17.00
C LEU C 142 -20.77 54.34 15.72
N LEU C 143 -21.29 55.57 15.67
CA LEU C 143 -21.07 56.42 14.50
C LEU C 143 -19.59 56.78 14.35
N GLN C 144 -18.88 56.86 15.48
CA GLN C 144 -17.45 57.19 15.45
C GLN C 144 -16.65 56.11 14.73
N ARG C 145 -17.23 54.90 14.65
CA ARG C 145 -16.55 53.80 13.98
C ARG C 145 -17.21 53.47 12.64
N GLY C 146 -18.32 54.13 12.34
CA GLY C 146 -18.99 53.91 11.06
C GLY C 146 -19.80 52.64 11.01
N ILE C 147 -20.25 52.16 12.15
CA ILE C 147 -21.04 50.94 12.19
C ILE C 147 -22.53 51.26 12.03
N THR C 148 -23.15 50.68 11.00
CA THR C 148 -24.56 50.89 10.71
C THR C 148 -25.39 49.63 11.00
N ASN C 149 -24.74 48.47 11.08
CA ASN C 149 -25.41 47.19 11.34
C ASN C 149 -24.84 46.56 12.64
N LEU C 150 -25.67 45.77 13.31
CA LEU C 150 -25.24 45.15 14.56
C LEU C 150 -25.84 43.76 14.73
N CYS C 151 -25.07 42.84 15.32
CA CYS C 151 -25.46 41.45 15.59
C CYS C 151 -25.26 41.12 17.09
N VAL C 152 -26.37 41.00 17.82
CA VAL C 152 -26.33 40.70 19.24
C VAL C 152 -26.59 39.22 19.54
N ILE C 153 -25.67 38.61 20.30
CA ILE C 153 -25.76 37.21 20.67
C ILE C 153 -25.99 37.10 22.17
N GLY C 154 -27.24 37.08 22.59
CA GLY C 154 -27.54 37.02 24.01
C GLY C 154 -28.75 36.19 24.32
N GLY C 155 -29.60 36.72 25.21
CA GLY C 155 -30.82 36.02 25.62
C GLY C 155 -32.11 36.84 25.58
N ASP C 156 -33.15 36.28 26.20
CA ASP C 156 -34.47 36.91 26.26
C ASP C 156 -34.41 38.42 26.43
N GLY C 157 -33.66 38.87 27.43
CA GLY C 157 -33.52 40.30 27.70
C GLY C 157 -32.58 41.04 26.76
N SER C 158 -31.37 40.53 26.59
CA SER C 158 -30.34 41.14 25.75
C SER C 158 -30.84 41.51 24.37
N LEU C 159 -31.60 40.62 23.75
CA LEU C 159 -32.13 40.89 22.43
C LEU C 159 -33.11 42.06 22.48
N THR C 160 -34.09 42.00 23.39
CA THR C 160 -35.10 43.05 23.51
C THR C 160 -34.44 44.42 23.63
N GLY C 161 -33.20 44.41 24.08
CA GLY C 161 -32.43 45.64 24.23
C GLY C 161 -32.20 46.36 22.91
N ALA C 162 -31.71 45.65 21.90
CA ALA C 162 -31.45 46.20 20.60
C ALA C 162 -32.77 46.46 19.88
N ASN C 163 -33.83 45.77 20.26
CA ASN C 163 -35.12 45.95 19.60
C ASN C 163 -35.58 47.39 19.82
N LEU C 164 -35.22 47.93 20.99
CA LEU C 164 -35.57 49.30 21.35
C LEU C 164 -34.55 50.19 20.71
N PHE C 165 -33.28 49.83 20.83
CA PHE C 165 -32.20 50.61 20.24
C PHE C 165 -32.49 50.82 18.74
N ARG C 166 -33.01 49.80 18.09
CA ARG C 166 -33.34 49.87 16.67
C ARG C 166 -34.29 51.03 16.43
N LYS C 167 -35.31 51.11 17.28
CA LYS C 167 -36.33 52.18 17.18
C LYS C 167 -35.81 53.56 17.62
N GLU C 168 -35.24 53.63 18.82
CA GLU C 168 -34.73 54.90 19.33
C GLU C 168 -33.62 55.52 18.49
N TRP C 169 -33.03 54.71 17.61
CA TRP C 169 -31.96 55.17 16.76
C TRP C 169 -32.23 56.53 16.14
N SER C 170 -33.32 56.64 15.38
CA SER C 170 -33.69 57.91 14.76
C SER C 170 -33.77 59.00 15.81
N GLY C 171 -34.13 58.63 17.02
CA GLY C 171 -34.25 59.64 18.07
C GLY C 171 -32.93 59.90 18.75
N LEU C 172 -32.04 58.93 18.71
CA LEU C 172 -30.74 59.11 19.34
C LEU C 172 -29.81 59.95 18.46
N LEU C 173 -30.06 59.94 17.17
CA LEU C 173 -29.21 60.72 16.30
C LEU C 173 -29.72 62.14 16.30
N GLU C 174 -30.93 62.33 16.79
CA GLU C 174 -31.53 63.67 16.82
C GLU C 174 -30.93 64.50 17.93
N GLU C 175 -30.57 63.84 19.03
CA GLU C 175 -29.97 64.51 20.17
C GLU C 175 -28.47 64.70 19.99
N LEU C 176 -27.82 63.74 19.35
CA LEU C 176 -26.39 63.82 19.09
C LEU C 176 -26.07 64.97 18.12
N ALA C 177 -26.94 65.19 17.14
CA ALA C 177 -26.73 66.26 16.15
C ALA C 177 -27.09 67.59 16.76
N ARG C 178 -28.15 67.58 17.55
CA ARG C 178 -28.60 68.78 18.22
C ARG C 178 -27.49 69.31 19.13
N ASN C 179 -27.13 68.51 20.14
CA ASN C 179 -26.08 68.86 21.11
C ASN C 179 -24.77 69.07 20.38
N GLY C 180 -24.72 68.70 19.10
CA GLY C 180 -23.49 68.89 18.37
C GLY C 180 -22.34 68.03 18.84
N GLN C 181 -22.57 66.74 19.06
CA GLN C 181 -21.51 65.85 19.50
C GLN C 181 -20.96 65.00 18.35
N ILE C 182 -21.78 64.81 17.31
CA ILE C 182 -21.34 64.06 16.14
C ILE C 182 -21.49 64.96 14.93
N ASP C 183 -20.61 64.75 13.95
CA ASP C 183 -20.64 65.52 12.70
C ASP C 183 -22.09 65.65 12.23
N LYS C 184 -22.51 66.87 11.92
CA LYS C 184 -23.88 67.10 11.48
C LYS C 184 -24.21 66.28 10.24
N GLU C 185 -23.20 65.95 9.45
CA GLU C 185 -23.43 65.16 8.25
C GLU C 185 -23.93 63.77 8.63
N ALA C 186 -23.18 63.08 9.47
CA ALA C 186 -23.52 61.73 9.86
C ALA C 186 -24.99 61.49 10.18
N VAL C 187 -25.69 62.54 10.59
CA VAL C 187 -27.08 62.45 10.96
C VAL C 187 -27.96 61.90 9.83
N GLN C 188 -27.40 61.84 8.62
CA GLN C 188 -28.17 61.32 7.50
C GLN C 188 -27.51 60.15 6.80
N LYS C 189 -26.21 59.95 6.97
CA LYS C 189 -25.55 58.82 6.32
C LYS C 189 -25.80 57.52 7.09
N TYR C 190 -25.91 57.65 8.39
CA TYR C 190 -26.16 56.53 9.28
C TYR C 190 -27.54 56.68 9.92
N ALA C 191 -28.54 57.04 9.12
CA ALA C 191 -29.91 57.24 9.61
C ALA C 191 -30.64 55.91 9.91
N TYR C 192 -30.40 54.91 9.09
CA TYR C 192 -31.02 53.61 9.27
C TYR C 192 -30.10 52.71 10.10
N LEU C 193 -30.70 51.96 11.01
CA LEU C 193 -29.94 51.06 11.88
C LEU C 193 -30.49 49.64 11.85
N ASN C 194 -29.72 48.73 11.25
CA ASN C 194 -30.12 47.34 11.13
C ASN C 194 -29.47 46.49 12.23
N VAL C 195 -30.27 45.64 12.88
CA VAL C 195 -29.80 44.75 13.92
C VAL C 195 -30.38 43.35 13.76
N VAL C 196 -29.66 42.35 14.28
CA VAL C 196 -30.12 40.98 14.19
C VAL C 196 -29.73 40.24 15.45
N GLY C 197 -30.68 39.50 16.04
CA GLY C 197 -30.39 38.76 17.27
C GLY C 197 -30.05 37.31 16.98
N MET C 198 -29.42 36.63 17.94
CA MET C 198 -29.03 35.24 17.74
C MET C 198 -29.17 34.42 18.99
N VAL C 199 -29.86 33.30 18.86
CA VAL C 199 -30.11 32.41 19.98
C VAL C 199 -28.82 31.94 20.65
N GLY C 200 -28.59 32.36 21.88
CA GLY C 200 -27.39 31.94 22.59
C GLY C 200 -27.50 31.89 24.09
N SER C 201 -27.79 30.71 24.63
CA SER C 201 -27.94 30.47 26.06
C SER C 201 -28.45 29.04 26.25
N ILE C 202 -27.78 28.32 27.15
CA ILE C 202 -28.10 26.92 27.43
C ILE C 202 -29.49 26.70 28.02
N ASP C 203 -30.15 27.78 28.41
CA ASP C 203 -31.49 27.69 28.99
C ASP C 203 -32.49 27.16 27.97
N ASN C 204 -32.40 27.68 26.75
CA ASN C 204 -33.32 27.28 25.68
C ASN C 204 -34.74 27.73 25.97
N ASP C 205 -34.89 28.66 26.92
CA ASP C 205 -36.22 29.17 27.28
C ASP C 205 -36.71 30.04 26.14
N PHE C 206 -36.41 29.62 24.93
CA PHE C 206 -36.80 30.38 23.75
C PHE C 206 -37.58 29.43 22.83
N CYS C 207 -38.77 29.86 22.44
CA CYS C 207 -39.61 29.03 21.59
C CYS C 207 -39.52 29.46 20.13
N GLY C 208 -38.71 30.47 19.84
CA GLY C 208 -38.57 30.90 18.45
C GLY C 208 -37.72 29.91 17.66
N THR C 209 -36.92 29.15 18.39
CA THR C 209 -36.03 28.13 17.84
C THR C 209 -36.07 26.88 18.72
N ASP C 210 -35.96 25.71 18.07
CA ASP C 210 -36.03 24.45 18.80
C ASP C 210 -34.83 24.33 19.75
N MET C 211 -33.63 24.51 19.20
CA MET C 211 -32.38 24.45 19.97
C MET C 211 -31.60 25.79 19.89
N THR C 212 -31.14 26.24 21.05
CA THR C 212 -30.38 27.49 21.15
C THR C 212 -28.91 27.15 21.37
N ILE C 213 -28.05 27.89 20.70
CA ILE C 213 -26.61 27.67 20.85
C ILE C 213 -26.19 27.50 22.30
N GLY C 214 -25.91 26.25 22.68
CA GLY C 214 -25.49 25.98 24.03
C GLY C 214 -26.13 24.74 24.58
N THR C 215 -27.42 24.54 24.32
CA THR C 215 -28.10 23.37 24.82
C THR C 215 -27.33 22.06 24.75
N ASP C 216 -27.07 21.56 23.55
CA ASP C 216 -26.36 20.32 23.35
C ASP C 216 -25.07 20.26 24.16
N SER C 217 -24.39 21.39 24.28
CA SER C 217 -23.16 21.49 25.05
C SER C 217 -23.41 21.39 26.54
N ALA C 218 -24.36 22.16 27.05
CA ALA C 218 -24.66 22.08 28.48
C ALA C 218 -25.25 20.72 28.79
N LEU C 219 -25.97 20.15 27.83
CA LEU C 219 -26.57 18.82 28.00
C LEU C 219 -25.44 17.79 28.17
N HIS C 220 -24.33 17.95 27.46
CA HIS C 220 -23.18 17.06 27.60
C HIS C 220 -22.68 17.13 29.05
N ARG C 221 -22.28 18.33 29.46
CA ARG C 221 -21.79 18.59 30.80
C ARG C 221 -22.67 17.92 31.84
N ILE C 222 -23.98 17.99 31.67
CA ILE C 222 -24.91 17.37 32.60
C ILE C 222 -24.78 15.84 32.58
N ILE C 223 -24.90 15.27 31.39
CA ILE C 223 -24.78 13.81 31.23
C ILE C 223 -23.41 13.29 31.67
N GLU C 224 -22.37 14.07 31.41
CA GLU C 224 -21.00 13.71 31.80
C GLU C 224 -20.97 13.55 33.31
N VAL C 225 -21.55 14.51 34.04
CA VAL C 225 -21.58 14.47 35.51
C VAL C 225 -22.36 13.26 36.01
N VAL C 226 -23.53 13.06 35.43
CA VAL C 226 -24.37 11.92 35.79
C VAL C 226 -23.68 10.58 35.56
N ASP C 227 -23.29 10.34 34.31
CA ASP C 227 -22.65 9.09 33.95
C ASP C 227 -21.52 8.77 34.90
N ALA C 228 -20.98 9.80 35.53
CA ALA C 228 -19.89 9.60 36.47
C ALA C 228 -20.47 9.26 37.82
N ILE C 229 -21.51 9.98 38.22
CA ILE C 229 -22.11 9.74 39.52
C ILE C 229 -22.76 8.38 39.63
N MET C 230 -23.22 7.85 38.50
CA MET C 230 -23.91 6.56 38.46
C MET C 230 -23.04 5.39 38.89
N THR C 231 -21.72 5.56 38.82
CA THR C 231 -20.79 4.50 39.20
C THR C 231 -20.54 4.54 40.69
N THR C 232 -20.73 5.70 41.30
CA THR C 232 -20.55 5.87 42.74
C THR C 232 -21.83 5.49 43.46
N ALA C 233 -22.94 5.53 42.73
CA ALA C 233 -24.23 5.18 43.32
C ALA C 233 -24.56 3.72 43.12
N GLN C 234 -24.06 3.13 42.04
CA GLN C 234 -24.30 1.71 41.75
C GLN C 234 -23.50 0.82 42.70
N SER C 235 -22.64 1.44 43.52
CA SER C 235 -21.83 0.71 44.51
C SER C 235 -22.46 0.80 45.89
N HIS C 236 -22.58 2.02 46.40
CA HIS C 236 -23.17 2.21 47.71
C HIS C 236 -24.69 2.13 47.60
N GLN C 237 -25.18 1.63 46.48
CA GLN C 237 -26.61 1.49 46.27
C GLN C 237 -27.41 2.61 46.93
N ARG C 238 -27.13 3.84 46.50
CA ARG C 238 -27.83 5.00 47.05
C ARG C 238 -28.62 5.77 45.99
N THR C 239 -29.28 6.84 46.41
CA THR C 239 -30.09 7.67 45.53
C THR C 239 -29.59 9.11 45.50
N PHE C 240 -29.50 9.67 44.30
CA PHE C 240 -29.03 11.03 44.13
C PHE C 240 -30.08 11.98 43.57
N VAL C 241 -30.00 13.24 43.97
CA VAL C 241 -30.92 14.27 43.50
C VAL C 241 -30.05 15.34 42.89
N LEU C 242 -30.23 15.56 41.60
CA LEU C 242 -29.43 16.53 40.89
C LEU C 242 -30.25 17.78 40.57
N GLU C 243 -29.59 18.93 40.57
CA GLU C 243 -30.26 20.17 40.27
C GLU C 243 -29.65 20.83 39.02
N VAL C 244 -30.31 20.67 37.87
CA VAL C 244 -29.84 21.27 36.63
C VAL C 244 -30.22 22.74 36.52
N MET C 245 -29.64 23.44 35.56
CA MET C 245 -29.94 24.86 35.34
C MET C 245 -31.31 25.07 34.67
N GLY C 246 -31.78 26.32 34.67
CA GLY C 246 -33.06 26.62 34.05
C GLY C 246 -34.04 27.22 35.04
N ARG C 247 -33.76 28.45 35.48
CA ARG C 247 -34.62 29.14 36.44
C ARG C 247 -36.03 29.33 35.88
N HIS C 248 -36.13 29.36 34.55
CA HIS C 248 -37.44 29.53 33.93
C HIS C 248 -37.85 28.31 33.14
N CYS C 249 -37.12 28.00 32.10
CA CYS C 249 -37.47 26.85 31.28
C CYS C 249 -36.92 25.55 31.85
N GLY C 250 -37.77 24.53 31.94
CA GLY C 250 -37.34 23.24 32.47
C GLY C 250 -36.99 22.30 31.33
N TYR C 251 -36.19 22.80 30.42
CA TYR C 251 -35.77 22.00 29.28
C TYR C 251 -34.63 21.05 29.62
N LEU C 252 -33.45 21.60 29.81
CA LEU C 252 -32.29 20.76 30.09
C LEU C 252 -32.58 19.77 31.19
N ALA C 253 -33.67 20.00 31.90
CA ALA C 253 -34.06 19.13 33.01
C ALA C 253 -34.80 17.93 32.49
N LEU C 254 -35.50 18.09 31.39
CA LEU C 254 -36.22 16.96 30.83
C LEU C 254 -35.34 16.14 29.91
N VAL C 255 -34.72 16.80 28.95
CA VAL C 255 -33.86 16.12 27.98
C VAL C 255 -32.75 15.31 28.63
N SER C 256 -32.05 15.91 29.58
CA SER C 256 -30.97 15.22 30.26
C SER C 256 -31.50 13.97 30.94
N ALA C 257 -32.62 14.11 31.65
CA ALA C 257 -33.24 12.99 32.34
C ALA C 257 -33.50 11.83 31.39
N LEU C 258 -34.15 12.15 30.28
CA LEU C 258 -34.45 11.16 29.28
C LEU C 258 -33.19 10.49 28.75
N ALA C 259 -32.08 11.23 28.81
CA ALA C 259 -30.79 10.76 28.33
C ALA C 259 -30.09 9.78 29.26
N CYS C 260 -30.35 9.86 30.55
CA CYS C 260 -29.73 8.97 31.51
C CYS C 260 -30.77 8.03 32.14
N GLY C 261 -31.92 7.88 31.48
CA GLY C 261 -32.95 7.00 32.03
C GLY C 261 -33.21 7.27 33.50
N ALA C 262 -33.53 8.53 33.80
CA ALA C 262 -33.80 8.93 35.18
C ALA C 262 -35.06 8.28 35.72
N ASP C 263 -35.21 8.31 37.04
CA ASP C 263 -36.36 7.72 37.70
C ASP C 263 -37.54 8.68 37.77
N TRP C 264 -37.28 9.92 38.18
CA TRP C 264 -38.32 10.95 38.29
C TRP C 264 -37.76 12.34 37.93
N VAL C 265 -38.59 13.21 37.37
CA VAL C 265 -38.17 14.56 37.01
C VAL C 265 -39.15 15.58 37.54
N PHE C 266 -38.64 16.79 37.73
CA PHE C 266 -39.49 17.88 38.21
C PHE C 266 -39.35 19.02 37.23
N LEU C 267 -40.42 19.41 36.56
CA LEU C 267 -40.35 20.52 35.60
C LEU C 267 -41.33 21.61 35.96
N PRO C 268 -40.94 22.89 35.71
CA PRO C 268 -41.75 24.08 36.00
C PRO C 268 -42.98 24.19 35.12
N GLU C 269 -42.93 23.60 33.93
CA GLU C 269 -44.06 23.63 33.00
C GLU C 269 -45.12 22.56 33.23
N SER C 270 -44.66 21.38 33.67
CA SER C 270 -45.50 20.21 33.98
C SER C 270 -45.22 19.69 35.38
N PRO C 271 -45.70 20.41 36.39
CA PRO C 271 -45.49 20.00 37.79
C PRO C 271 -46.11 18.67 38.10
N PRO C 272 -45.84 18.14 39.29
CA PRO C 272 -46.37 16.86 39.71
C PRO C 272 -47.83 16.92 40.17
N GLU C 273 -48.63 15.93 39.76
CA GLU C 273 -50.04 15.84 40.13
C GLU C 273 -50.12 15.74 41.65
N GLU C 274 -51.08 16.41 42.25
CA GLU C 274 -51.22 16.40 43.69
C GLU C 274 -51.28 14.96 44.13
N GLY C 275 -50.34 14.61 45.00
CA GLY C 275 -50.25 13.26 45.54
C GLY C 275 -49.02 12.58 44.96
N TRP C 276 -48.04 13.38 44.58
CA TRP C 276 -46.85 12.83 43.97
C TRP C 276 -45.90 12.33 45.02
N GLU C 277 -46.03 12.89 46.20
CA GLU C 277 -45.12 12.49 47.26
C GLU C 277 -45.12 11.00 47.46
N GLU C 278 -46.31 10.40 47.52
CA GLU C 278 -46.40 8.94 47.76
C GLU C 278 -46.15 8.14 46.48
N GLN C 279 -46.45 8.77 45.36
CA GLN C 279 -46.26 8.10 44.09
C GLN C 279 -44.79 7.92 43.79
N MET C 280 -43.96 8.86 44.21
CA MET C 280 -42.53 8.75 43.95
C MET C 280 -41.96 7.61 44.79
N CYS C 281 -42.30 7.62 46.08
CA CYS C 281 -41.85 6.58 46.99
C CYS C 281 -42.28 5.22 46.47
N VAL C 282 -43.38 5.17 45.73
CA VAL C 282 -43.86 3.92 45.16
C VAL C 282 -42.86 3.38 44.16
N LYS C 283 -42.31 4.28 43.37
CA LYS C 283 -41.31 3.92 42.39
C LYS C 283 -40.04 3.43 43.07
N LEU C 284 -39.40 4.30 43.84
CA LEU C 284 -38.17 3.95 44.52
C LEU C 284 -38.30 2.63 45.31
N SER C 285 -39.49 2.38 45.82
CA SER C 285 -39.75 1.18 46.60
C SER C 285 -39.71 -0.04 45.73
N GLU C 286 -40.14 0.12 44.48
CA GLU C 286 -40.11 -0.99 43.53
C GLU C 286 -38.75 -1.17 42.88
N ASN C 287 -37.99 -0.09 42.75
CA ASN C 287 -36.66 -0.16 42.15
C ASN C 287 -35.74 -0.99 43.05
N ARG C 288 -36.03 -1.02 44.34
CA ARG C 288 -35.20 -1.79 45.26
C ARG C 288 -35.67 -3.23 45.22
N ALA C 289 -36.94 -3.39 44.85
CA ALA C 289 -37.53 -4.70 44.77
C ALA C 289 -37.15 -5.37 43.46
N ARG C 290 -36.82 -4.54 42.47
CA ARG C 290 -36.41 -5.09 41.17
C ARG C 290 -34.89 -5.20 41.08
N LYS C 291 -34.20 -4.85 42.17
CA LYS C 291 -32.75 -4.92 42.27
C LYS C 291 -31.98 -3.76 41.64
N LYS C 292 -32.63 -2.64 41.38
CA LYS C 292 -31.92 -1.49 40.81
C LYS C 292 -31.22 -0.72 41.93
N ARG C 293 -29.99 -1.12 42.21
CA ARG C 293 -29.22 -0.49 43.28
C ARG C 293 -28.76 0.92 42.96
N LEU C 294 -29.60 1.64 42.22
CA LEU C 294 -29.29 3.00 41.83
C LEU C 294 -30.58 3.76 41.46
N ASN C 295 -30.66 4.97 41.98
CA ASN C 295 -31.79 5.87 41.72
C ASN C 295 -31.30 7.29 41.48
N ILE C 296 -31.62 7.86 40.32
CA ILE C 296 -31.18 9.22 39.98
C ILE C 296 -32.40 10.11 39.81
N ILE C 297 -32.40 11.21 40.55
CA ILE C 297 -33.48 12.19 40.51
C ILE C 297 -33.02 13.51 39.86
N ILE C 298 -33.76 13.95 38.84
CA ILE C 298 -33.43 15.19 38.13
C ILE C 298 -34.45 16.27 38.47
N VAL C 299 -33.96 17.37 39.02
CA VAL C 299 -34.82 18.49 39.42
C VAL C 299 -34.44 19.79 38.69
N ALA C 300 -35.44 20.52 38.22
CA ALA C 300 -35.20 21.76 37.53
C ALA C 300 -34.89 22.85 38.54
N GLU C 301 -34.03 23.78 38.14
CA GLU C 301 -33.62 24.86 39.01
C GLU C 301 -34.81 25.67 39.51
N GLY C 302 -35.89 25.65 38.75
CA GLY C 302 -37.06 26.39 39.16
C GLY C 302 -38.24 25.47 39.23
N ALA C 303 -38.10 24.33 39.90
CA ALA C 303 -39.20 23.36 40.02
C ALA C 303 -40.35 23.86 40.91
N ILE C 304 -41.58 23.51 40.54
CA ILE C 304 -42.81 23.91 41.27
C ILE C 304 -43.91 22.80 41.17
N ASP C 305 -44.90 22.85 42.03
CA ASP C 305 -45.94 21.84 42.00
C ASP C 305 -47.20 22.47 41.45
N THR C 306 -48.33 21.78 41.60
CA THR C 306 -49.62 22.30 41.13
C THR C 306 -49.76 23.81 41.37
N GLN C 307 -49.16 24.29 42.46
CA GLN C 307 -49.17 25.70 42.83
C GLN C 307 -47.74 26.23 42.72
N ASN C 308 -47.58 27.55 42.52
CA ASN C 308 -46.26 28.17 42.38
C ASN C 308 -45.26 27.75 43.46
N LYS C 309 -45.74 27.09 44.51
CA LYS C 309 -44.90 26.64 45.62
C LYS C 309 -43.67 25.91 45.09
N PRO C 310 -42.46 26.48 45.33
CA PRO C 310 -41.21 25.88 44.88
C PRO C 310 -40.96 24.47 45.42
N ILE C 311 -40.22 23.68 44.62
CA ILE C 311 -39.86 22.31 45.00
C ILE C 311 -38.33 22.16 45.07
N THR C 312 -37.76 22.54 46.22
CA THR C 312 -36.32 22.49 46.42
C THR C 312 -35.86 21.05 46.39
N SER C 313 -34.58 20.86 46.06
CA SER C 313 -33.99 19.54 45.99
C SER C 313 -33.83 18.92 47.36
N GLU C 314 -33.85 19.78 48.39
CA GLU C 314 -33.74 19.34 49.78
C GLU C 314 -35.07 18.80 50.23
N LYS C 315 -36.14 19.52 49.88
CA LYS C 315 -37.51 19.13 50.22
C LYS C 315 -37.72 17.67 49.76
N ILE C 316 -36.92 17.22 48.80
CA ILE C 316 -37.00 15.86 48.28
C ILE C 316 -36.09 14.95 49.07
N LYS C 317 -34.86 15.40 49.30
CA LYS C 317 -33.88 14.64 50.07
C LYS C 317 -34.53 14.25 51.39
N GLU C 318 -35.33 15.15 51.96
CA GLU C 318 -36.02 14.88 53.21
C GLU C 318 -37.10 13.82 52.98
N LEU C 319 -37.91 14.04 51.96
CA LEU C 319 -39.00 13.14 51.62
C LEU C 319 -38.60 11.67 51.52
N VAL C 320 -37.58 11.38 50.72
CA VAL C 320 -37.18 10.00 50.53
C VAL C 320 -36.52 9.34 51.74
N VAL C 321 -35.68 10.11 52.42
CA VAL C 321 -34.96 9.52 53.53
C VAL C 321 -35.86 9.44 54.76
N THR C 322 -36.81 10.36 54.87
CA THR C 322 -37.70 10.37 56.03
C THR C 322 -38.98 9.59 55.73
N GLN C 323 -38.99 8.78 54.69
CA GLN C 323 -40.18 8.03 54.36
C GLN C 323 -39.82 6.72 53.69
N LEU C 324 -38.53 6.54 53.43
CA LEU C 324 -38.02 5.32 52.80
C LEU C 324 -36.77 4.83 53.49
N GLY C 325 -36.04 5.76 54.06
CA GLY C 325 -34.83 5.41 54.76
C GLY C 325 -33.62 5.17 53.88
N TYR C 326 -33.76 5.38 52.57
CA TYR C 326 -32.64 5.16 51.65
C TYR C 326 -31.60 6.26 51.83
N ASP C 327 -30.34 5.89 51.71
CA ASP C 327 -29.28 6.89 51.83
C ASP C 327 -29.42 7.84 50.63
N THR C 328 -29.35 9.14 50.85
CA THR C 328 -29.54 10.10 49.76
C THR C 328 -28.59 11.30 49.87
N ARG C 329 -28.11 11.71 48.71
CA ARG C 329 -27.21 12.84 48.62
C ARG C 329 -27.63 13.73 47.44
N VAL C 330 -27.81 15.03 47.66
CA VAL C 330 -28.23 15.93 46.62
C VAL C 330 -27.13 16.91 46.26
N THR C 331 -26.89 17.08 44.97
CA THR C 331 -25.83 17.98 44.55
C THR C 331 -26.31 18.91 43.47
N ILE C 332 -25.93 20.18 43.58
CA ILE C 332 -26.28 21.21 42.60
C ILE C 332 -25.18 21.37 41.56
N LEU C 333 -25.40 20.82 40.37
CA LEU C 333 -24.41 20.93 39.29
C LEU C 333 -24.02 22.39 39.13
N GLY C 334 -22.81 22.72 39.53
CA GLY C 334 -22.35 24.09 39.42
C GLY C 334 -22.44 24.66 38.02
N HIS C 335 -21.83 25.82 37.81
CA HIS C 335 -21.81 26.48 36.50
C HIS C 335 -21.07 25.63 35.43
N VAL C 336 -20.83 24.37 35.76
CA VAL C 336 -20.10 23.47 34.86
C VAL C 336 -20.97 23.18 33.67
N GLN C 337 -22.17 23.75 33.68
CA GLN C 337 -23.10 23.53 32.62
C GLN C 337 -23.00 24.59 31.56
N ARG C 338 -22.44 25.74 31.90
CA ARG C 338 -22.26 26.82 30.94
C ARG C 338 -20.83 26.78 30.39
N GLY C 339 -19.95 26.09 31.10
CA GLY C 339 -18.57 26.01 30.68
C GLY C 339 -18.28 24.70 29.96
N GLY C 340 -17.02 24.47 29.62
CA GLY C 340 -16.62 23.25 28.93
C GLY C 340 -16.44 23.48 27.45
N THR C 341 -16.01 22.43 26.74
CA THR C 341 -15.81 22.49 25.30
C THR C 341 -17.13 22.32 24.52
N PRO C 342 -17.38 23.17 23.52
CA PRO C 342 -18.60 23.12 22.71
C PRO C 342 -18.72 21.83 21.96
N SER C 343 -19.92 21.25 21.90
CA SER C 343 -20.12 20.00 21.19
C SER C 343 -20.18 20.25 19.69
N ALA C 344 -20.22 19.16 18.93
CA ALA C 344 -20.28 19.25 17.50
C ALA C 344 -21.55 19.97 17.08
N PHE C 345 -22.70 19.48 17.53
CA PHE C 345 -24.00 20.07 17.21
C PHE C 345 -23.94 21.58 17.45
N ASP C 346 -23.42 21.98 18.61
CA ASP C 346 -23.34 23.39 18.95
C ASP C 346 -22.47 24.20 17.99
N ARG C 347 -21.29 23.70 17.66
CA ARG C 347 -20.42 24.43 16.75
C ARG C 347 -21.07 24.61 15.37
N ILE C 348 -21.67 23.54 14.85
CA ILE C 348 -22.33 23.59 13.55
C ILE C 348 -23.42 24.66 13.59
N LEU C 349 -24.39 24.48 14.49
CA LEU C 349 -25.50 25.41 14.63
C LEU C 349 -24.95 26.81 14.78
N ALA C 350 -23.92 26.99 15.61
CA ALA C 350 -23.33 28.31 15.82
C ALA C 350 -22.76 28.86 14.54
N SER C 351 -21.94 28.06 13.86
CA SER C 351 -21.32 28.52 12.63
C SER C 351 -22.34 28.83 11.54
N ARG C 352 -23.45 28.12 11.53
CA ARG C 352 -24.47 28.36 10.54
C ARG C 352 -25.27 29.58 10.89
N MET C 353 -25.51 29.83 12.19
CA MET C 353 -26.27 30.99 12.60
C MET C 353 -25.48 32.26 12.37
N GLY C 354 -24.19 32.23 12.69
CA GLY C 354 -23.37 33.41 12.48
C GLY C 354 -23.39 33.93 11.05
N VAL C 355 -23.52 33.00 10.10
CA VAL C 355 -23.56 33.37 8.69
C VAL C 355 -24.93 33.88 8.27
N GLU C 356 -25.95 33.04 8.49
CA GLU C 356 -27.32 33.39 8.18
C GLU C 356 -27.65 34.71 8.83
N ALA C 357 -26.90 35.09 9.85
CA ALA C 357 -27.13 36.37 10.53
C ALA C 357 -26.53 37.51 9.74
N VAL C 358 -25.30 37.29 9.26
CA VAL C 358 -24.60 38.29 8.46
C VAL C 358 -25.38 38.66 7.23
N ILE C 359 -25.86 37.65 6.51
CA ILE C 359 -26.62 37.90 5.28
C ILE C 359 -27.93 38.61 5.61
N ALA C 360 -28.54 38.27 6.74
CA ALA C 360 -29.80 38.89 7.15
C ALA C 360 -29.61 40.36 7.47
N LEU C 361 -28.40 40.72 7.87
CA LEU C 361 -28.09 42.10 8.23
C LEU C 361 -28.09 42.98 7.00
N LEU C 362 -27.38 42.56 5.97
CA LEU C 362 -27.31 43.35 4.77
C LEU C 362 -28.45 43.05 3.79
N GLU C 363 -29.28 42.09 4.14
CA GLU C 363 -30.42 41.74 3.30
C GLU C 363 -31.68 42.21 4.00
N ALA C 364 -31.53 43.20 4.85
CA ALA C 364 -32.64 43.72 5.61
C ALA C 364 -32.93 45.16 5.22
N THR C 365 -34.21 45.51 5.07
CA THR C 365 -34.61 46.85 4.70
C THR C 365 -34.81 47.70 5.95
N PRO C 366 -34.68 49.03 5.79
CA PRO C 366 -34.83 50.01 6.87
C PRO C 366 -36.13 49.88 7.65
N ASP C 367 -37.14 49.31 7.02
CA ASP C 367 -38.43 49.18 7.68
C ASP C 367 -38.79 47.73 7.99
N THR C 368 -37.85 46.83 7.73
CA THR C 368 -38.09 45.41 7.99
C THR C 368 -37.88 45.09 9.47
N PRO C 369 -38.82 44.33 10.08
CA PRO C 369 -38.73 43.94 11.49
C PRO C 369 -37.37 43.35 11.89
N ALA C 370 -37.05 43.43 13.17
CA ALA C 370 -35.77 42.90 13.64
C ALA C 370 -35.80 41.38 13.54
N CYS C 371 -34.78 40.82 12.90
CA CYS C 371 -34.74 39.37 12.72
C CYS C 371 -33.87 38.68 13.73
N VAL C 372 -34.25 37.44 14.07
CA VAL C 372 -33.51 36.60 15.01
C VAL C 372 -33.27 35.22 14.41
N VAL C 373 -32.18 35.06 13.67
CA VAL C 373 -31.85 33.79 13.01
C VAL C 373 -31.99 32.64 13.96
N SER C 374 -32.53 31.54 13.47
CA SER C 374 -32.75 30.36 14.30
C SER C 374 -32.94 29.13 13.43
N LEU C 375 -32.52 28.00 13.96
CA LEU C 375 -32.65 26.76 13.22
C LEU C 375 -34.00 26.13 13.49
N ASN C 376 -34.86 26.08 12.48
CA ASN C 376 -36.16 25.45 12.64
C ASN C 376 -36.23 24.21 11.77
N GLY C 377 -36.63 23.09 12.38
CA GLY C 377 -36.72 21.83 11.67
C GLY C 377 -35.36 21.26 11.31
N ASN C 378 -34.75 21.84 10.28
CA ASN C 378 -33.44 21.40 9.80
C ASN C 378 -32.75 22.52 9.03
N HIS C 379 -33.53 23.45 8.48
CA HIS C 379 -32.99 24.57 7.72
C HIS C 379 -33.15 25.84 8.51
N ALA C 380 -32.10 26.66 8.48
CA ALA C 380 -32.07 27.93 9.19
C ALA C 380 -33.01 28.91 8.56
N VAL C 381 -33.83 29.55 9.40
CA VAL C 381 -34.78 30.54 8.93
C VAL C 381 -34.82 31.71 9.90
N ARG C 382 -34.89 32.91 9.36
CA ARG C 382 -34.93 34.10 10.20
C ARG C 382 -36.38 34.35 10.68
N LEU C 383 -36.54 34.92 11.87
CA LEU C 383 -37.87 35.19 12.41
C LEU C 383 -37.89 36.54 13.09
N PRO C 384 -39.09 37.11 13.30
CA PRO C 384 -39.23 38.42 13.96
C PRO C 384 -38.88 38.38 15.44
N LEU C 385 -38.03 39.31 15.87
CA LEU C 385 -37.62 39.35 17.26
C LEU C 385 -38.76 39.49 18.26
N MET C 386 -39.48 40.61 18.23
CA MET C 386 -40.61 40.88 19.11
C MET C 386 -41.54 39.69 19.18
N GLU C 387 -42.01 39.20 18.03
CA GLU C 387 -42.93 38.06 18.01
C GLU C 387 -42.32 36.84 18.70
N CYS C 388 -41.00 36.72 18.69
CA CYS C 388 -40.35 35.60 19.36
C CYS C 388 -40.33 35.80 20.88
N VAL C 389 -39.99 37.01 21.31
CA VAL C 389 -39.92 37.30 22.74
C VAL C 389 -41.30 37.13 23.37
N GLN C 390 -42.34 37.38 22.58
CA GLN C 390 -43.71 37.26 23.06
C GLN C 390 -43.96 35.85 23.52
N MET C 391 -43.69 34.89 22.63
CA MET C 391 -43.91 33.50 22.95
C MET C 391 -43.17 33.14 24.22
N THR C 392 -41.90 33.57 24.29
CA THR C 392 -41.05 33.27 25.45
C THR C 392 -41.66 33.81 26.72
N GLN C 393 -42.18 35.04 26.65
CA GLN C 393 -42.80 35.67 27.79
C GLN C 393 -44.11 35.03 28.11
N ASP C 394 -44.81 34.53 27.09
CA ASP C 394 -46.11 33.87 27.34
C ASP C 394 -46.02 32.58 28.16
N VAL C 395 -44.92 31.85 28.01
CA VAL C 395 -44.76 30.61 28.77
C VAL C 395 -44.71 30.90 30.27
N GLN C 396 -44.09 32.02 30.66
CA GLN C 396 -44.01 32.43 32.06
C GLN C 396 -45.39 32.89 32.57
N LYS C 397 -46.17 33.44 31.65
CA LYS C 397 -47.50 33.92 31.97
C LYS C 397 -48.39 32.75 32.38
N ALA C 398 -48.43 31.73 31.54
CA ALA C 398 -49.25 30.56 31.79
C ALA C 398 -48.86 29.86 33.09
N MET C 399 -47.57 29.67 33.31
CA MET C 399 -47.11 29.00 34.52
C MET C 399 -47.55 29.73 35.78
N ASP C 400 -47.52 31.05 35.73
CA ASP C 400 -47.90 31.82 36.89
C ASP C 400 -49.40 31.78 37.13
N GLU C 401 -50.14 31.34 36.12
CA GLU C 401 -51.58 31.30 36.26
C GLU C 401 -52.06 29.85 36.21
N ARG C 402 -51.34 28.95 36.86
CA ARG C 402 -51.70 27.53 36.88
C ARG C 402 -52.32 27.03 35.57
N ARG C 403 -51.77 27.49 34.44
CA ARG C 403 -52.27 27.07 33.14
C ARG C 403 -51.21 26.17 32.49
N PHE C 404 -50.47 25.46 33.34
CA PHE C 404 -49.39 24.58 32.93
C PHE C 404 -49.67 23.84 31.64
N GLN C 405 -50.89 23.33 31.52
CA GLN C 405 -51.32 22.58 30.33
C GLN C 405 -51.07 23.32 29.00
N ASP C 406 -51.24 24.63 29.02
CA ASP C 406 -51.06 25.44 27.82
C ASP C 406 -49.61 25.88 27.71
N ALA C 407 -48.97 26.10 28.86
CA ALA C 407 -47.59 26.55 28.91
C ALA C 407 -46.68 25.51 28.32
N VAL C 408 -47.14 24.27 28.25
CA VAL C 408 -46.34 23.20 27.70
C VAL C 408 -46.34 23.23 26.15
N ARG C 409 -47.52 23.41 25.59
CA ARG C 409 -47.65 23.46 24.14
C ARG C 409 -47.30 24.85 23.64
N LEU C 410 -46.52 25.56 24.43
CA LEU C 410 -46.11 26.90 24.06
C LEU C 410 -44.59 26.95 24.04
N ARG C 411 -43.93 25.99 24.68
CA ARG C 411 -42.47 25.96 24.72
C ARG C 411 -41.90 25.24 23.50
N GLY C 412 -42.72 24.37 22.91
CA GLY C 412 -42.30 23.64 21.73
C GLY C 412 -43.20 22.46 21.43
N ARG C 413 -43.49 22.25 20.15
CA ARG C 413 -44.35 21.15 19.74
C ARG C 413 -43.69 19.80 19.88
N SER C 414 -42.45 19.79 20.36
CA SER C 414 -41.72 18.55 20.55
C SER C 414 -41.67 18.26 22.05
N PHE C 415 -41.71 19.31 22.84
CA PHE C 415 -41.67 19.21 24.29
C PHE C 415 -42.72 18.23 24.80
N ALA C 416 -43.95 18.47 24.38
CA ALA C 416 -45.08 17.64 24.78
C ALA C 416 -44.80 16.20 24.41
N GLY C 417 -44.23 15.98 23.22
CA GLY C 417 -43.91 14.63 22.78
C GLY C 417 -42.77 13.99 23.54
N ASN C 418 -41.87 14.81 24.09
CA ASN C 418 -40.75 14.31 24.87
C ASN C 418 -41.22 13.98 26.25
N LEU C 419 -41.97 14.87 26.87
CA LEU C 419 -42.42 14.57 28.21
C LEU C 419 -43.25 13.28 28.16
N ASN C 420 -44.15 13.23 27.18
CA ASN C 420 -44.99 12.06 27.00
C ASN C 420 -44.11 10.83 26.83
N THR C 421 -43.13 10.88 25.94
CA THR C 421 -42.26 9.73 25.73
C THR C 421 -41.59 9.25 27.01
N TYR C 422 -40.94 10.18 27.71
CA TYR C 422 -40.25 9.84 28.94
C TYR C 422 -41.12 9.12 29.95
N LYS C 423 -42.15 9.82 30.41
CA LYS C 423 -43.05 9.32 31.41
C LYS C 423 -43.62 7.95 31.01
N ARG C 424 -44.18 7.86 29.81
CA ARG C 424 -44.76 6.59 29.34
C ARG C 424 -43.73 5.49 29.15
N LEU C 425 -42.52 5.74 29.63
CA LEU C 425 -41.40 4.82 29.49
C LEU C 425 -40.64 4.68 30.83
N ALA C 426 -41.02 5.46 31.84
CA ALA C 426 -40.38 5.37 33.17
C ALA C 426 -41.33 4.84 34.29
N ILE C 427 -42.53 4.44 33.92
CA ILE C 427 -43.55 3.96 34.84
C ILE C 427 -44.32 2.76 34.27
N LYS C 428 -44.18 1.61 34.91
CA LYS C 428 -44.85 0.41 34.45
C LYS C 428 -46.08 0.14 35.27
N LEU C 429 -47.22 0.57 34.76
CA LEU C 429 -48.47 0.34 35.45
C LEU C 429 -48.56 -1.16 35.64
N PRO C 430 -48.92 -1.59 36.85
CA PRO C 430 -49.07 -2.99 37.25
C PRO C 430 -49.34 -3.98 36.10
N ASP C 431 -48.64 -5.11 36.16
CA ASP C 431 -48.74 -6.16 35.17
C ASP C 431 -50.17 -6.52 34.74
N ASP C 432 -51.09 -6.50 35.69
CA ASP C 432 -52.48 -6.85 35.43
C ASP C 432 -53.34 -5.72 34.90
N GLN C 433 -52.84 -4.49 34.96
CA GLN C 433 -53.62 -3.33 34.51
C GLN C 433 -53.30 -3.01 33.06
N ILE C 434 -52.40 -3.80 32.49
CA ILE C 434 -51.99 -3.65 31.10
C ILE C 434 -52.74 -4.63 30.21
N PRO C 435 -53.71 -4.12 29.43
CA PRO C 435 -54.52 -4.95 28.52
C PRO C 435 -53.62 -5.65 27.48
N LYS C 436 -53.20 -6.87 27.78
CA LYS C 436 -52.36 -7.62 26.84
C LYS C 436 -53.03 -7.71 25.47
N THR C 437 -52.23 -7.82 24.41
CA THR C 437 -52.78 -7.94 23.03
C THR C 437 -52.44 -9.33 22.49
N ASN C 438 -51.65 -10.05 23.25
CA ASN C 438 -51.24 -11.39 22.87
C ASN C 438 -50.64 -11.42 21.48
N CYS C 439 -49.69 -10.52 21.24
CA CYS C 439 -48.99 -10.45 19.96
C CYS C 439 -47.47 -10.53 20.18
N ASN C 440 -46.76 -11.10 19.24
CA ASN C 440 -45.29 -11.20 19.37
C ASN C 440 -44.54 -10.21 18.50
N VAL C 441 -43.87 -9.25 19.13
CA VAL C 441 -43.09 -8.25 18.42
C VAL C 441 -41.64 -8.51 18.75
N ALA C 442 -40.80 -8.49 17.73
CA ALA C 442 -39.40 -8.76 17.94
C ALA C 442 -38.50 -7.62 17.44
N VAL C 443 -37.44 -7.32 18.20
CA VAL C 443 -36.48 -6.28 17.84
C VAL C 443 -35.15 -6.91 17.44
N ILE C 444 -34.31 -6.17 16.70
CA ILE C 444 -33.03 -6.71 16.28
C ILE C 444 -32.08 -5.60 15.84
N ASN C 445 -30.78 -5.86 15.94
CA ASN C 445 -29.76 -4.91 15.53
C ASN C 445 -28.97 -5.41 14.32
N VAL C 446 -29.33 -4.96 13.11
CA VAL C 446 -28.67 -5.36 11.88
C VAL C 446 -27.75 -4.27 11.36
N GLY C 447 -26.50 -4.64 11.11
CA GLY C 447 -25.53 -3.68 10.61
C GLY C 447 -24.34 -3.52 11.52
N ALA C 448 -23.61 -2.40 11.36
CA ALA C 448 -22.44 -2.12 12.19
C ALA C 448 -22.90 -1.53 13.46
N PRO C 449 -22.21 -1.84 14.55
CA PRO C 449 -22.58 -1.29 15.85
C PRO C 449 -22.48 0.25 15.84
N ALA C 450 -23.52 0.92 16.34
CA ALA C 450 -23.54 2.38 16.41
C ALA C 450 -23.84 2.85 17.82
N ALA C 451 -23.03 3.76 18.35
CA ALA C 451 -23.27 4.24 19.70
C ALA C 451 -24.72 4.73 19.93
N GLY C 452 -25.33 4.30 21.01
CA GLY C 452 -26.66 4.77 21.29
C GLY C 452 -27.69 3.87 20.65
N MET C 453 -27.28 2.62 20.38
CA MET C 453 -28.17 1.64 19.77
C MET C 453 -28.98 0.98 20.88
N ASN C 454 -28.31 0.66 21.99
CA ASN C 454 -28.99 0.03 23.10
C ASN C 454 -30.13 0.91 23.56
N ALA C 455 -29.94 2.22 23.42
CA ALA C 455 -30.95 3.16 23.83
C ALA C 455 -32.20 2.93 23.03
N ALA C 456 -32.02 2.63 21.76
CA ALA C 456 -33.16 2.41 20.89
C ALA C 456 -33.88 1.16 21.22
N VAL C 457 -33.17 0.19 21.79
CA VAL C 457 -33.78 -1.08 22.18
C VAL C 457 -34.55 -0.90 23.47
N ARG C 458 -33.98 -0.16 24.41
CA ARG C 458 -34.64 0.09 25.70
C ARG C 458 -36.01 0.63 25.42
N SER C 459 -36.06 1.73 24.68
CA SER C 459 -37.31 2.35 24.32
C SER C 459 -38.21 1.34 23.63
N ALA C 460 -37.80 0.86 22.46
CA ALA C 460 -38.57 -0.08 21.69
C ALA C 460 -39.20 -1.18 22.50
N VAL C 461 -38.46 -1.67 23.50
CA VAL C 461 -38.95 -2.75 24.32
C VAL C 461 -40.03 -2.33 25.29
N ARG C 462 -39.71 -1.32 26.09
CA ARG C 462 -40.66 -0.83 27.05
C ARG C 462 -41.93 -0.30 26.42
N VAL C 463 -41.82 0.61 25.45
CA VAL C 463 -42.99 1.16 24.77
C VAL C 463 -43.84 0.04 24.16
N GLY C 464 -43.27 -1.16 24.10
CA GLY C 464 -43.96 -2.31 23.53
C GLY C 464 -44.72 -3.07 24.60
N ILE C 465 -44.03 -3.43 25.67
CA ILE C 465 -44.64 -4.13 26.81
C ILE C 465 -45.77 -3.24 27.37
N ALA C 466 -45.48 -1.94 27.51
CA ALA C 466 -46.44 -0.99 28.05
C ALA C 466 -47.57 -0.75 27.08
N ASP C 467 -47.49 -1.34 25.90
CA ASP C 467 -48.55 -1.19 24.90
C ASP C 467 -49.37 -2.46 24.84
N GLY C 468 -48.87 -3.54 25.44
CA GLY C 468 -49.58 -4.80 25.45
C GLY C 468 -49.02 -5.87 24.53
N HIS C 469 -47.72 -5.84 24.30
CA HIS C 469 -47.16 -6.84 23.43
C HIS C 469 -46.10 -7.61 24.18
N ARG C 470 -45.82 -8.84 23.75
CA ARG C 470 -44.76 -9.61 24.38
C ARG C 470 -43.53 -9.37 23.52
N MET C 471 -42.41 -9.09 24.15
CA MET C 471 -41.22 -8.77 23.40
C MET C 471 -40.22 -9.89 23.20
N LEU C 472 -39.79 -10.04 21.95
CA LEU C 472 -38.80 -11.04 21.57
C LEU C 472 -37.54 -10.33 21.05
N ALA C 473 -36.38 -10.64 21.63
CA ALA C 473 -35.10 -10.04 21.22
C ALA C 473 -34.26 -10.96 20.32
N ILE C 474 -33.94 -10.50 19.12
CA ILE C 474 -33.13 -11.28 18.18
C ILE C 474 -31.67 -10.90 18.35
N TYR C 475 -30.88 -11.83 18.88
CA TYR C 475 -29.48 -11.57 19.10
C TYR C 475 -28.61 -11.83 17.86
N ASP C 476 -27.44 -11.20 17.81
CA ASP C 476 -26.51 -11.39 16.69
C ASP C 476 -27.14 -11.04 15.35
N GLY C 477 -27.84 -9.91 15.29
CA GLY C 477 -28.46 -9.48 14.05
C GLY C 477 -29.10 -10.63 13.30
N PHE C 478 -28.96 -10.60 11.98
CA PHE C 478 -29.53 -11.64 11.13
C PHE C 478 -28.82 -13.00 11.32
N ASP C 479 -27.50 -12.96 11.43
CA ASP C 479 -26.71 -14.18 11.61
C ASP C 479 -27.32 -15.05 12.71
N GLY C 480 -27.82 -14.39 13.74
CA GLY C 480 -28.43 -15.11 14.85
C GLY C 480 -29.90 -15.41 14.59
N PHE C 481 -30.57 -14.52 13.88
CA PHE C 481 -31.98 -14.66 13.56
C PHE C 481 -32.20 -16.01 12.89
N ALA C 482 -31.36 -16.31 11.92
CA ALA C 482 -31.47 -17.58 11.22
C ALA C 482 -31.02 -18.72 12.12
N LYS C 483 -30.13 -18.43 13.07
CA LYS C 483 -29.66 -19.46 13.99
C LYS C 483 -30.67 -19.77 15.10
N GLY C 484 -31.63 -18.89 15.33
CA GLY C 484 -32.59 -19.12 16.38
C GLY C 484 -32.21 -18.46 17.71
N GLN C 485 -31.28 -17.51 17.65
CA GLN C 485 -30.81 -16.77 18.81
C GLN C 485 -31.86 -15.77 19.24
N ILE C 486 -33.09 -16.26 19.39
CA ILE C 486 -34.22 -15.43 19.79
C ILE C 486 -34.63 -15.75 21.22
N LYS C 487 -34.93 -14.73 22.01
CA LYS C 487 -35.31 -14.89 23.40
C LYS C 487 -36.20 -13.73 23.88
N GLU C 488 -37.31 -14.08 24.51
CA GLU C 488 -38.20 -13.06 25.00
C GLU C 488 -37.56 -12.28 26.14
N ILE C 489 -37.53 -10.96 26.03
CA ILE C 489 -36.97 -10.13 27.09
C ILE C 489 -38.08 -9.36 27.81
N GLY C 490 -37.77 -8.87 29.00
CA GLY C 490 -38.78 -8.16 29.77
C GLY C 490 -38.49 -6.69 29.95
N TRP C 491 -39.19 -6.06 30.90
CA TRP C 491 -39.03 -4.63 31.17
C TRP C 491 -37.78 -4.35 32.00
N THR C 492 -37.63 -5.08 33.08
CA THR C 492 -36.48 -4.91 33.95
C THR C 492 -35.19 -5.32 33.25
N ASP C 493 -35.32 -5.97 32.12
CA ASP C 493 -34.15 -6.45 31.35
C ASP C 493 -33.41 -5.33 30.65
N VAL C 494 -34.12 -4.59 29.82
CA VAL C 494 -33.54 -3.48 29.07
C VAL C 494 -33.42 -2.23 29.94
N GLY C 495 -33.23 -2.41 31.26
CA GLY C 495 -33.13 -1.28 32.18
C GLY C 495 -31.70 -0.79 32.35
N GLY C 496 -31.44 0.47 32.03
CA GLY C 496 -30.09 1.02 32.14
C GLY C 496 -29.25 0.85 30.88
N TRP C 497 -29.89 1.05 29.75
CA TRP C 497 -29.21 0.89 28.48
C TRP C 497 -29.07 2.21 27.77
N THR C 498 -29.97 3.14 28.07
CA THR C 498 -29.92 4.43 27.43
C THR C 498 -28.55 5.05 27.57
N GLY C 499 -27.79 4.62 28.57
CA GLY C 499 -26.47 5.18 28.78
C GLY C 499 -25.30 4.41 28.17
N GLN C 500 -25.52 3.12 27.92
CA GLN C 500 -24.48 2.27 27.36
C GLN C 500 -24.37 2.40 25.85
N GLY C 501 -23.14 2.31 25.35
CA GLY C 501 -22.88 2.41 23.93
C GLY C 501 -22.75 1.04 23.29
N GLY C 502 -22.20 1.02 22.10
CA GLY C 502 -22.09 -0.27 21.43
C GLY C 502 -23.43 -1.00 21.34
N SER C 503 -23.38 -2.32 21.24
CA SER C 503 -24.60 -3.11 21.14
C SER C 503 -24.57 -4.26 22.15
N ILE C 504 -25.75 -4.77 22.49
CA ILE C 504 -25.87 -5.87 23.43
C ILE C 504 -26.52 -7.07 22.71
N LEU C 505 -27.54 -6.79 21.92
CA LEU C 505 -28.21 -7.84 21.17
C LEU C 505 -27.35 -8.22 19.96
N GLY C 506 -26.08 -7.83 20.02
CA GLY C 506 -25.19 -8.15 18.91
C GLY C 506 -25.65 -7.48 17.63
N THR C 507 -24.84 -7.58 16.57
CA THR C 507 -25.18 -6.96 15.30
C THR C 507 -24.19 -7.29 14.20
N LYS C 508 -24.68 -7.93 13.16
CA LYS C 508 -23.85 -8.31 12.03
C LYS C 508 -24.38 -7.72 10.72
N ARG C 509 -23.45 -7.38 9.81
CA ARG C 509 -23.82 -6.80 8.52
C ARG C 509 -24.36 -7.84 7.55
N VAL C 510 -24.56 -9.06 8.03
CA VAL C 510 -25.03 -10.16 7.18
C VAL C 510 -26.43 -9.93 6.67
N LEU C 511 -26.62 -10.12 5.36
CA LEU C 511 -27.92 -9.93 4.73
C LEU C 511 -28.80 -11.12 5.01
N PRO C 512 -30.14 -10.92 4.98
CA PRO C 512 -31.15 -11.95 5.23
C PRO C 512 -31.49 -12.83 4.03
N GLY C 513 -30.73 -12.63 2.96
CA GLY C 513 -30.97 -13.37 1.75
C GLY C 513 -30.74 -14.86 1.83
N LYS C 514 -29.48 -15.25 1.59
CA LYS C 514 -29.05 -16.66 1.55
C LYS C 514 -29.62 -17.64 2.57
N TYR C 515 -30.13 -17.11 3.67
CA TYR C 515 -30.67 -17.97 4.69
C TYR C 515 -32.14 -17.68 4.96
N LEU C 516 -32.88 -17.22 3.97
CA LEU C 516 -34.30 -16.93 4.18
C LEU C 516 -35.12 -18.07 4.80
N GLU C 517 -34.79 -19.32 4.47
CA GLU C 517 -35.52 -20.45 5.01
C GLU C 517 -35.18 -20.69 6.49
N GLU C 518 -33.91 -20.52 6.85
CA GLU C 518 -33.49 -20.72 8.23
C GLU C 518 -34.08 -19.60 9.09
N ILE C 519 -34.71 -18.64 8.46
CA ILE C 519 -35.30 -17.53 9.19
C ILE C 519 -36.80 -17.74 9.23
N ALA C 520 -37.33 -18.39 8.20
CA ALA C 520 -38.77 -18.63 8.11
C ALA C 520 -39.21 -19.68 9.13
N THR C 521 -38.52 -20.81 9.09
CA THR C 521 -38.84 -21.90 9.98
C THR C 521 -38.79 -21.37 11.42
N GLN C 522 -37.76 -20.59 11.71
CA GLN C 522 -37.58 -20.03 13.04
C GLN C 522 -38.70 -19.05 13.32
N MET C 523 -39.03 -18.25 12.32
CA MET C 523 -40.07 -17.26 12.44
C MET C 523 -41.32 -17.84 13.07
N ARG C 524 -41.65 -19.04 12.64
CA ARG C 524 -42.83 -19.72 13.15
C ARG C 524 -42.64 -20.19 14.59
N THR C 525 -41.51 -20.82 14.87
CA THR C 525 -41.19 -21.37 16.20
C THR C 525 -41.56 -20.41 17.34
N HIS C 526 -41.53 -19.12 17.03
CA HIS C 526 -41.84 -18.12 18.03
C HIS C 526 -43.11 -17.38 17.68
N SER C 527 -43.67 -17.68 16.51
CA SER C 527 -44.90 -17.03 16.08
C SER C 527 -44.78 -15.52 16.21
N ILE C 528 -43.82 -14.96 15.47
CA ILE C 528 -43.57 -13.52 15.47
C ILE C 528 -44.54 -12.80 14.54
N ASN C 529 -44.89 -11.56 14.88
CA ASN C 529 -45.81 -10.76 14.07
C ASN C 529 -45.28 -9.37 13.67
N ALA C 530 -44.44 -8.78 14.53
CA ALA C 530 -43.84 -7.48 14.26
C ALA C 530 -42.33 -7.54 14.48
N LEU C 531 -41.59 -6.88 13.59
CA LEU C 531 -40.14 -6.84 13.68
C LEU C 531 -39.58 -5.44 13.55
N LEU C 532 -38.85 -4.99 14.57
CA LEU C 532 -38.23 -3.68 14.56
C LEU C 532 -36.74 -3.90 14.23
N ILE C 533 -36.14 -2.91 13.57
CA ILE C 533 -34.74 -3.01 13.21
C ILE C 533 -34.01 -1.73 13.55
N ILE C 534 -32.80 -1.88 14.09
CA ILE C 534 -31.98 -0.74 14.45
C ILE C 534 -30.66 -0.90 13.70
N GLY C 535 -30.60 -0.48 12.44
CA GLY C 535 -29.36 -0.62 11.69
C GLY C 535 -29.19 0.44 10.62
N GLY C 536 -28.01 0.47 10.01
CA GLY C 536 -27.73 1.45 8.97
C GLY C 536 -28.23 0.98 7.62
N PHE C 537 -27.50 1.32 6.57
CA PHE C 537 -27.92 0.93 5.23
C PHE C 537 -28.11 -0.56 5.18
N GLU C 538 -27.44 -1.27 6.08
CA GLU C 538 -27.55 -2.71 6.13
C GLU C 538 -28.99 -3.12 6.31
N ALA C 539 -29.64 -2.56 7.33
CA ALA C 539 -31.02 -2.88 7.63
C ALA C 539 -31.92 -2.56 6.45
N TYR C 540 -31.65 -1.45 5.77
CA TYR C 540 -32.44 -1.04 4.61
C TYR C 540 -32.52 -2.21 3.64
N LEU C 541 -31.36 -2.71 3.22
CA LEU C 541 -31.31 -3.83 2.31
C LEU C 541 -32.05 -5.00 2.95
N GLY C 542 -32.06 -5.05 4.27
CA GLY C 542 -32.77 -6.13 4.90
C GLY C 542 -34.26 -6.07 4.62
N LEU C 543 -34.87 -4.93 4.92
CA LEU C 543 -36.30 -4.77 4.71
C LEU C 543 -36.67 -4.96 3.28
N LEU C 544 -35.88 -4.39 2.38
CA LEU C 544 -36.16 -4.51 0.95
C LEU C 544 -36.08 -5.95 0.46
N GLU C 545 -35.16 -6.75 1.00
CA GLU C 545 -35.03 -8.16 0.60
C GLU C 545 -36.20 -8.99 1.14
N LEU C 546 -36.72 -8.58 2.29
CA LEU C 546 -37.83 -9.29 2.88
C LEU C 546 -39.14 -8.92 2.25
N SER C 547 -39.22 -7.71 1.66
CA SER C 547 -40.43 -7.21 0.97
C SER C 547 -40.85 -8.14 -0.17
N ALA C 548 -40.11 -8.12 -1.29
CA ALA C 548 -40.40 -8.98 -2.45
C ALA C 548 -40.27 -10.49 -2.13
N ALA C 549 -39.77 -10.80 -0.94
CA ALA C 549 -39.62 -12.18 -0.52
C ALA C 549 -40.80 -12.59 0.34
N ARG C 550 -41.99 -12.06 0.04
CA ARG C 550 -43.22 -12.38 0.78
C ARG C 550 -43.97 -13.48 0.07
N GLU C 551 -44.40 -13.22 -1.17
CA GLU C 551 -45.13 -14.20 -1.96
C GLU C 551 -44.37 -15.51 -1.85
N LYS C 552 -43.05 -15.38 -1.75
CA LYS C 552 -42.15 -16.51 -1.62
C LYS C 552 -42.42 -17.23 -0.29
N HIS C 553 -41.85 -16.70 0.80
CA HIS C 553 -42.02 -17.27 2.14
C HIS C 553 -43.16 -16.53 2.87
N GLU C 554 -44.33 -17.18 2.95
CA GLU C 554 -45.52 -16.57 3.56
C GLU C 554 -45.36 -16.24 5.05
N GLU C 555 -44.14 -16.35 5.55
CA GLU C 555 -43.88 -16.06 6.96
C GLU C 555 -43.46 -14.60 7.16
N PHE C 556 -43.13 -13.93 6.06
CA PHE C 556 -42.65 -12.57 6.12
C PHE C 556 -43.76 -11.58 5.86
N CYS C 557 -45.00 -12.00 6.02
CA CYS C 557 -46.11 -11.09 5.78
C CYS C 557 -46.60 -10.48 7.06
N VAL C 558 -45.88 -9.49 7.58
CA VAL C 558 -46.24 -8.82 8.84
C VAL C 558 -45.62 -7.44 8.94
N PRO C 559 -46.05 -6.64 9.91
CA PRO C 559 -45.51 -5.28 10.07
C PRO C 559 -44.04 -5.26 10.46
N MET C 560 -43.26 -4.45 9.74
CA MET C 560 -41.82 -4.30 9.96
C MET C 560 -41.40 -2.83 9.81
N VAL C 561 -40.68 -2.31 10.80
CA VAL C 561 -40.24 -0.92 10.76
C VAL C 561 -38.79 -0.84 11.12
N MET C 562 -37.99 -0.19 10.27
CA MET C 562 -36.58 -0.01 10.56
C MET C 562 -36.37 1.43 11.03
N VAL C 563 -35.28 1.63 11.74
CA VAL C 563 -34.94 2.93 12.28
C VAL C 563 -33.45 3.17 12.03
N PRO C 564 -33.11 4.34 11.46
CA PRO C 564 -31.72 4.73 11.14
C PRO C 564 -30.78 4.52 12.33
N ALA C 565 -29.77 3.65 12.16
CA ALA C 565 -28.81 3.36 13.23
C ALA C 565 -27.43 3.03 12.68
N THR C 566 -26.77 4.07 12.17
CA THR C 566 -25.42 3.90 11.65
C THR C 566 -24.66 5.22 11.76
N VAL C 567 -23.34 5.13 11.92
CA VAL C 567 -22.52 6.33 12.05
C VAL C 567 -22.30 7.01 10.71
N SER C 568 -22.66 6.31 9.63
CA SER C 568 -22.49 6.84 8.28
C SER C 568 -23.55 7.88 7.91
N ASN C 569 -24.79 7.56 8.26
CA ASN C 569 -25.92 8.41 7.98
C ASN C 569 -26.28 8.35 6.50
N ASN C 570 -26.03 7.18 5.91
CA ASN C 570 -26.34 6.93 4.53
C ASN C 570 -27.78 6.40 4.37
N VAL C 571 -28.46 6.18 5.48
CA VAL C 571 -29.81 5.64 5.46
C VAL C 571 -30.71 6.60 4.77
N PRO C 572 -31.21 6.25 3.57
CA PRO C 572 -32.11 7.10 2.79
C PRO C 572 -33.48 7.16 3.43
N GLY C 573 -34.04 8.35 3.47
CA GLY C 573 -35.34 8.48 4.07
C GLY C 573 -35.20 9.04 5.48
N SER C 574 -34.09 9.71 5.72
CA SER C 574 -33.82 10.32 7.02
C SER C 574 -32.58 11.21 6.94
N ASP C 575 -32.72 12.45 7.44
CA ASP C 575 -31.62 13.39 7.42
C ASP C 575 -30.60 13.07 8.51
N PHE C 576 -30.96 12.22 9.47
CA PHE C 576 -30.03 11.84 10.53
C PHE C 576 -30.06 10.35 10.82
N SER C 577 -29.04 9.89 11.56
CA SER C 577 -28.94 8.47 11.93
C SER C 577 -28.53 8.32 13.38
N ILE C 578 -28.91 7.19 13.98
CA ILE C 578 -28.56 6.95 15.36
C ILE C 578 -27.10 6.58 15.43
N GLY C 579 -26.37 7.30 16.29
CA GLY C 579 -24.93 7.07 16.47
C GLY C 579 -24.08 7.94 15.60
N ALA C 580 -24.74 8.79 14.83
CA ALA C 580 -24.08 9.68 13.90
C ALA C 580 -23.43 10.81 14.69
N ASP C 581 -24.25 11.51 15.46
CA ASP C 581 -23.77 12.64 16.20
C ASP C 581 -22.71 12.23 17.20
N THR C 582 -22.57 10.94 17.47
CA THR C 582 -21.58 10.49 18.42
C THR C 582 -20.21 10.49 17.75
N ALA C 583 -20.08 9.65 16.72
CA ALA C 583 -18.84 9.54 15.98
C ALA C 583 -18.39 10.94 15.55
N LEU C 584 -19.34 11.76 15.16
CA LEU C 584 -19.05 13.12 14.71
C LEU C 584 -18.45 13.95 15.84
N ASN C 585 -18.90 13.65 17.05
CA ASN C 585 -18.41 14.32 18.23
C ASN C 585 -16.98 13.82 18.55
N THR C 586 -16.75 12.52 18.37
CA THR C 586 -15.42 11.95 18.64
C THR C 586 -14.43 12.44 17.59
N ILE C 587 -14.89 12.59 16.34
CA ILE C 587 -14.06 13.08 15.25
C ILE C 587 -13.69 14.54 15.47
N THR C 588 -14.71 15.38 15.65
CA THR C 588 -14.49 16.79 15.89
C THR C 588 -13.54 16.99 17.05
N ASP C 589 -13.57 16.10 18.04
CA ASP C 589 -12.67 16.14 19.19
C ASP C 589 -11.23 15.83 18.76
N THR C 590 -11.05 14.62 18.27
CA THR C 590 -9.75 14.15 17.80
C THR C 590 -9.07 15.17 16.90
N CYS C 591 -9.84 15.91 16.11
CA CYS C 591 -9.27 16.91 15.22
C CYS C 591 -8.65 18.06 15.96
N ASP C 592 -9.21 18.38 17.12
CA ASP C 592 -8.69 19.47 17.91
C ASP C 592 -7.40 19.03 18.56
N ARG C 593 -7.34 17.75 18.91
CA ARG C 593 -6.16 17.19 19.54
C ARG C 593 -5.05 17.10 18.52
N ILE C 594 -5.41 17.01 17.24
CA ILE C 594 -4.41 16.95 16.16
C ILE C 594 -4.00 18.37 15.81
N LYS C 595 -4.96 19.28 15.91
CA LYS C 595 -4.70 20.65 15.62
C LYS C 595 -3.78 21.21 16.68
N GLN C 596 -3.48 20.36 17.64
CA GLN C 596 -2.63 20.75 18.74
C GLN C 596 -1.20 20.57 18.30
N SER C 597 -0.89 19.37 17.84
CA SER C 597 0.45 19.03 17.42
C SER C 597 0.79 19.73 16.11
N ALA C 598 -0.19 20.39 15.52
CA ALA C 598 0.05 21.09 14.27
C ALA C 598 0.37 22.54 14.55
N SER C 599 0.05 22.97 15.76
CA SER C 599 0.32 24.35 16.16
C SER C 599 1.61 24.39 16.95
N GLY C 600 1.89 23.34 17.69
CA GLY C 600 3.12 23.31 18.44
C GLY C 600 4.30 23.37 17.49
N THR C 601 4.21 22.63 16.39
CA THR C 601 5.28 22.62 15.41
C THR C 601 4.82 23.51 14.27
N LYS C 602 5.25 24.76 14.26
CA LYS C 602 4.84 25.67 13.22
C LYS C 602 4.95 25.09 11.80
N ARG C 603 4.09 25.58 10.91
CA ARG C 603 4.05 25.18 9.50
C ARG C 603 3.96 23.66 9.28
N ARG C 604 2.76 23.11 9.53
CA ARG C 604 2.48 21.69 9.35
C ARG C 604 1.01 21.47 8.97
N VAL C 605 0.78 20.53 8.06
CA VAL C 605 -0.57 20.19 7.59
C VAL C 605 -0.90 18.72 7.81
N PHE C 606 -2.11 18.45 8.26
CA PHE C 606 -2.52 17.07 8.50
C PHE C 606 -3.61 16.69 7.55
N ILE C 607 -3.62 15.41 7.19
CA ILE C 607 -4.64 14.84 6.31
C ILE C 607 -5.33 13.67 7.05
N ILE C 608 -6.56 13.88 7.51
CA ILE C 608 -7.27 12.82 8.22
C ILE C 608 -8.36 12.16 7.37
N GLU C 609 -8.35 10.84 7.33
CA GLU C 609 -9.32 10.12 6.55
C GLU C 609 -10.44 9.56 7.42
N THR C 610 -11.56 10.28 7.49
CA THR C 610 -12.72 9.84 8.26
C THR C 610 -13.43 8.70 7.50
N MET C 611 -14.18 7.86 8.22
CA MET C 611 -14.89 6.74 7.58
C MET C 611 -16.33 7.03 7.34
N GLY C 612 -17.03 6.06 6.79
CA GLY C 612 -18.43 6.31 6.53
C GLY C 612 -18.80 6.10 5.08
N GLY C 613 -18.44 4.93 4.60
CA GLY C 613 -18.74 4.57 3.22
C GLY C 613 -18.55 5.72 2.26
N TYR C 614 -19.44 5.85 1.28
CA TYR C 614 -19.37 6.93 0.28
C TYR C 614 -20.04 8.18 0.82
N CYS C 615 -20.88 7.97 1.81
CA CYS C 615 -21.57 9.07 2.45
C CYS C 615 -20.57 9.99 3.10
N GLY C 616 -20.37 11.17 2.53
CA GLY C 616 -19.42 12.11 3.09
C GLY C 616 -19.94 12.89 4.26
N TYR C 617 -21.06 12.45 4.84
CA TYR C 617 -21.67 13.17 5.96
C TYR C 617 -20.64 13.42 7.05
N LEU C 618 -20.18 12.34 7.64
CA LEU C 618 -19.19 12.45 8.71
C LEU C 618 -17.99 13.36 8.36
N ALA C 619 -17.49 13.20 7.14
CA ALA C 619 -16.36 13.96 6.69
C ALA C 619 -16.66 15.45 6.62
N ASN C 620 -17.86 15.82 6.18
CA ASN C 620 -18.22 17.25 6.05
C ASN C 620 -18.53 17.94 7.37
N MET C 621 -19.50 17.42 8.09
CA MET C 621 -19.87 17.99 9.38
C MET C 621 -18.68 18.11 10.32
N GLY C 622 -17.75 17.14 10.25
CA GLY C 622 -16.58 17.15 11.11
C GLY C 622 -15.61 18.21 10.65
N GLY C 623 -15.54 18.38 9.33
CA GLY C 623 -14.64 19.36 8.77
C GLY C 623 -15.07 20.78 9.10
N LEU C 624 -16.38 20.98 9.17
CA LEU C 624 -16.93 22.29 9.49
C LEU C 624 -16.88 22.54 10.99
N ALA C 625 -16.90 21.47 11.77
CA ALA C 625 -16.89 21.56 13.24
C ALA C 625 -15.49 21.76 13.80
N ALA C 626 -14.50 21.36 13.04
CA ALA C 626 -13.15 21.50 13.49
C ALA C 626 -12.45 22.61 12.72
N GLY C 627 -13.17 23.20 11.77
CA GLY C 627 -12.59 24.27 10.96
C GLY C 627 -11.49 23.78 10.02
N ALA C 628 -11.75 22.71 9.26
CA ALA C 628 -10.78 22.16 8.33
C ALA C 628 -10.68 23.05 7.12
N ASP C 629 -9.47 23.14 6.58
CA ASP C 629 -9.25 23.98 5.41
C ASP C 629 -9.95 23.43 4.18
N ALA C 630 -10.33 22.17 4.24
CA ALA C 630 -11.06 21.56 3.15
C ALA C 630 -11.35 20.12 3.46
N ALA C 631 -12.53 19.67 3.04
CA ALA C 631 -12.96 18.29 3.26
C ALA C 631 -13.41 17.69 1.93
N TYR C 632 -12.66 16.70 1.44
CA TYR C 632 -12.98 16.08 0.18
C TYR C 632 -13.95 14.95 0.28
N ILE C 633 -15.21 15.20 -0.04
CA ILE C 633 -16.20 14.15 0.06
C ILE C 633 -16.45 13.63 -1.35
N PHE C 634 -17.16 12.50 -1.43
CA PHE C 634 -17.43 11.91 -2.72
C PHE C 634 -18.47 12.72 -3.45
N GLU C 635 -19.57 13.03 -2.77
CA GLU C 635 -20.67 13.78 -3.36
C GLU C 635 -20.32 15.04 -4.13
N GLU C 636 -19.09 15.52 -3.99
CA GLU C 636 -18.67 16.72 -4.69
C GLU C 636 -17.37 16.42 -5.44
N PRO C 637 -17.52 16.14 -6.73
CA PRO C 637 -16.38 15.82 -7.60
C PRO C 637 -15.28 16.86 -7.56
N PHE C 638 -14.05 16.45 -7.85
CA PHE C 638 -12.95 17.39 -7.87
C PHE C 638 -11.77 16.81 -8.68
N ASP C 639 -11.04 17.69 -9.36
CA ASP C 639 -9.91 17.26 -10.17
C ASP C 639 -8.61 17.76 -9.56
N ILE C 640 -7.50 17.44 -10.22
CA ILE C 640 -6.18 17.85 -9.74
C ILE C 640 -6.03 19.36 -9.67
N ARG C 641 -7.05 20.07 -10.17
CA ARG C 641 -7.03 21.51 -10.16
C ARG C 641 -7.67 22.03 -8.87
N ASP C 642 -8.81 21.45 -8.48
CA ASP C 642 -9.46 21.87 -7.24
C ASP C 642 -8.50 21.59 -6.09
N LEU C 643 -7.66 20.59 -6.31
CA LEU C 643 -6.67 20.19 -5.31
C LEU C 643 -5.50 21.15 -5.37
N GLN C 644 -5.02 21.41 -6.58
CA GLN C 644 -3.92 22.33 -6.81
C GLN C 644 -4.27 23.73 -6.27
N SER C 645 -5.46 24.21 -6.63
CA SER C 645 -5.93 25.54 -6.21
C SER C 645 -6.21 25.65 -4.73
N ASN C 646 -6.03 24.57 -4.00
CA ASN C 646 -6.27 24.59 -2.58
C ASN C 646 -4.96 24.57 -1.82
N VAL C 647 -3.92 24.01 -2.44
CA VAL C 647 -2.63 23.94 -1.81
C VAL C 647 -2.07 25.35 -1.78
N GLU C 648 -2.51 26.14 -2.76
CA GLU C 648 -2.09 27.53 -2.86
C GLU C 648 -2.65 28.29 -1.69
N HIS C 649 -3.94 28.06 -1.41
CA HIS C 649 -4.57 28.75 -0.30
C HIS C 649 -3.88 28.36 0.99
N LEU C 650 -3.44 27.11 1.08
CA LEU C 650 -2.78 26.60 2.26
C LEU C 650 -1.39 27.26 2.44
N THR C 651 -0.82 27.70 1.36
CA THR C 651 0.50 28.31 1.42
C THR C 651 0.43 29.75 1.92
N GLU C 652 -0.61 30.46 1.48
CA GLU C 652 -0.80 31.84 1.88
C GLU C 652 -1.15 31.94 3.35
N LYS C 653 -1.55 30.82 3.95
CA LYS C 653 -1.89 30.77 5.38
C LYS C 653 -0.63 30.61 6.19
N MET C 654 0.35 29.93 5.60
CA MET C 654 1.62 29.69 6.27
C MET C 654 2.45 30.98 6.32
N LYS C 655 1.79 32.14 6.17
CA LYS C 655 2.46 33.45 6.19
C LYS C 655 1.89 34.15 7.39
N THR C 656 0.62 33.88 7.68
CA THR C 656 -0.10 34.49 8.82
C THR C 656 0.26 33.88 10.17
N THR C 657 -0.57 34.12 11.19
CA THR C 657 -0.32 33.60 12.52
C THR C 657 -0.63 32.12 12.53
N ILE C 658 -1.69 31.74 11.84
CA ILE C 658 -2.10 30.35 11.78
C ILE C 658 -1.19 29.54 10.87
N GLN C 659 -0.22 28.86 11.46
CA GLN C 659 0.72 28.05 10.68
C GLN C 659 0.34 26.57 10.72
N ARG C 660 -0.95 26.27 10.75
CA ARG C 660 -1.42 24.90 10.82
C ARG C 660 -2.21 24.63 9.57
N GLY C 661 -2.51 23.35 9.32
CA GLY C 661 -3.29 22.94 8.18
C GLY C 661 -4.03 21.64 8.43
N LEU C 662 -5.34 21.62 8.21
CA LEU C 662 -6.15 20.42 8.41
C LEU C 662 -7.08 20.16 7.24
N VAL C 663 -6.96 18.94 6.71
CA VAL C 663 -7.76 18.50 5.57
C VAL C 663 -8.35 17.10 5.81
N LEU C 664 -9.67 17.00 5.70
CA LEU C 664 -10.33 15.73 5.89
C LEU C 664 -10.70 15.11 4.57
N ARG C 665 -10.58 13.79 4.47
CA ARG C 665 -10.94 13.09 3.25
C ARG C 665 -11.87 11.90 3.53
N ASN C 666 -12.95 11.81 2.77
CA ASN C 666 -13.93 10.76 2.93
C ASN C 666 -13.29 9.40 2.60
N GLU C 667 -13.57 8.41 3.45
CA GLU C 667 -13.03 7.05 3.30
C GLU C 667 -12.80 6.63 1.86
N SER C 668 -13.76 6.92 1.01
CA SER C 668 -13.64 6.56 -0.39
C SER C 668 -14.35 7.57 -1.29
N CYS C 669 -13.80 8.78 -1.39
CA CYS C 669 -14.39 9.82 -2.22
C CYS C 669 -13.86 9.73 -3.65
N SER C 670 -12.74 9.06 -3.83
CA SER C 670 -12.14 8.90 -5.15
C SER C 670 -11.25 7.66 -5.12
N GLU C 671 -11.33 6.87 -6.17
CA GLU C 671 -10.57 5.65 -6.29
C GLU C 671 -9.11 5.91 -6.59
N ASN C 672 -8.81 7.07 -7.19
CA ASN C 672 -7.45 7.43 -7.56
C ASN C 672 -6.77 8.33 -6.54
N TYR C 673 -7.48 9.37 -6.10
CA TYR C 673 -6.91 10.27 -5.10
C TYR C 673 -7.17 9.75 -3.68
N THR C 674 -6.29 8.88 -3.21
CA THR C 674 -6.42 8.31 -1.89
C THR C 674 -5.70 9.15 -0.86
N THR C 675 -5.88 8.77 0.40
CA THR C 675 -5.24 9.50 1.47
C THR C 675 -3.72 9.70 1.22
N ASP C 676 -3.08 8.66 0.68
CA ASP C 676 -1.66 8.74 0.38
C ASP C 676 -1.42 9.73 -0.75
N PHE C 677 -2.25 9.66 -1.76
CA PHE C 677 -2.09 10.57 -2.89
C PHE C 677 -2.18 12.02 -2.45
N ILE C 678 -3.26 12.35 -1.76
CA ILE C 678 -3.48 13.70 -1.27
C ILE C 678 -2.24 14.18 -0.46
N TYR C 679 -1.73 13.30 0.40
CA TYR C 679 -0.54 13.60 1.19
C TYR C 679 0.70 13.71 0.30
N GLN C 680 0.82 12.78 -0.65
CA GLN C 680 1.96 12.78 -1.56
C GLN C 680 2.03 14.05 -2.34
N LEU C 681 0.89 14.60 -2.71
CA LEU C 681 0.90 15.84 -3.48
C LEU C 681 1.23 17.00 -2.57
N TYR C 682 0.43 17.14 -1.52
CA TYR C 682 0.61 18.24 -0.58
C TYR C 682 2.04 18.38 -0.10
N SER C 683 2.75 17.27 -0.05
CA SER C 683 4.11 17.32 0.43
C SER C 683 5.04 17.97 -0.57
N GLU C 684 5.11 17.39 -1.76
CA GLU C 684 5.99 17.84 -2.83
C GLU C 684 5.58 19.22 -3.33
N GLU C 685 4.35 19.61 -3.09
CA GLU C 685 3.85 20.91 -3.53
C GLU C 685 4.08 22.00 -2.46
N GLY C 686 4.47 21.60 -1.25
CA GLY C 686 4.70 22.60 -0.21
C GLY C 686 6.18 22.64 0.06
N LYS C 687 6.82 21.47 -0.02
CA LYS C 687 8.26 21.34 0.20
C LYS C 687 8.96 22.69 0.27
N GLY C 688 9.20 23.17 1.48
CA GLY C 688 9.87 24.45 1.63
C GLY C 688 9.02 25.48 2.35
N VAL C 689 7.73 25.23 2.40
CA VAL C 689 6.81 26.15 3.06
C VAL C 689 6.17 25.50 4.26
N PHE C 690 5.82 24.22 4.16
CA PHE C 690 5.20 23.53 5.28
C PHE C 690 5.41 22.04 5.23
N ASP C 691 5.30 21.42 6.40
CA ASP C 691 5.46 19.99 6.55
C ASP C 691 4.06 19.40 6.58
N CYS C 692 3.95 18.07 6.49
CA CYS C 692 2.62 17.45 6.55
C CYS C 692 2.60 15.94 6.80
N ARG C 693 1.60 15.46 7.53
CA ARG C 693 1.49 14.04 7.83
C ARG C 693 0.09 13.55 7.48
N LYS C 694 -0.16 12.28 7.69
CA LYS C 694 -1.46 11.73 7.41
C LYS C 694 -1.96 10.76 8.50
N ASN C 695 -3.27 10.77 8.79
CA ASN C 695 -3.85 9.89 9.79
C ASN C 695 -5.15 9.28 9.29
N VAL C 696 -5.33 7.97 9.53
CA VAL C 696 -6.53 7.26 9.07
C VAL C 696 -7.36 6.89 10.29
N LEU C 697 -8.30 7.75 10.66
CA LEU C 697 -9.14 7.51 11.82
C LEU C 697 -9.69 6.12 11.77
N GLY C 698 -9.52 5.36 12.86
CA GLY C 698 -10.00 3.98 12.92
C GLY C 698 -11.43 3.91 13.40
N HIS C 699 -11.87 2.72 13.75
CA HIS C 699 -13.21 2.56 14.23
C HIS C 699 -13.40 3.20 15.59
N MET C 700 -12.41 3.98 16.02
CA MET C 700 -12.47 4.70 17.30
C MET C 700 -13.66 5.66 17.28
N GLN C 701 -14.07 6.05 16.08
CA GLN C 701 -15.20 6.96 15.91
C GLN C 701 -16.46 6.30 16.45
N GLN C 702 -16.96 5.30 15.72
CA GLN C 702 -18.16 4.60 16.13
C GLN C 702 -17.78 3.63 17.22
N GLY C 703 -17.63 4.12 18.45
CA GLY C 703 -17.27 3.24 19.54
C GLY C 703 -17.68 3.70 20.93
N GLY C 704 -17.10 4.82 21.36
CA GLY C 704 -17.35 5.36 22.68
C GLY C 704 -18.79 5.50 23.10
N ALA C 705 -19.01 5.79 24.38
CA ALA C 705 -20.34 6.03 24.90
C ALA C 705 -21.08 6.97 23.99
N PRO C 706 -22.34 6.67 23.72
CA PRO C 706 -23.17 7.50 22.84
C PRO C 706 -23.35 8.93 23.34
N SER C 707 -23.43 9.86 22.39
CA SER C 707 -23.62 11.28 22.71
C SER C 707 -25.03 11.50 23.20
N PRO C 708 -25.27 12.46 24.12
CA PRO C 708 -26.59 12.76 24.64
C PRO C 708 -27.65 12.90 23.55
N PHE C 709 -27.25 13.40 22.38
CA PHE C 709 -28.19 13.57 21.27
C PHE C 709 -28.65 12.21 20.75
N ASP C 710 -27.79 11.21 20.83
CA ASP C 710 -28.09 9.85 20.37
C ASP C 710 -28.83 9.10 21.49
N ARG C 711 -28.46 9.37 22.72
CA ARG C 711 -29.10 8.74 23.85
C ARG C 711 -30.57 9.08 23.80
N ASN C 712 -30.89 10.22 23.19
CA ASN C 712 -32.27 10.65 23.10
C ASN C 712 -32.87 10.18 21.80
N PHE C 713 -32.19 10.46 20.70
CA PHE C 713 -32.67 10.08 19.39
C PHE C 713 -33.04 8.62 19.41
N GLY C 714 -32.15 7.80 19.95
CA GLY C 714 -32.40 6.38 20.03
C GLY C 714 -33.71 6.05 20.73
N THR C 715 -33.94 6.70 21.87
CA THR C 715 -35.14 6.47 22.67
C THR C 715 -36.38 7.15 22.13
N LYS C 716 -36.19 8.36 21.62
CA LYS C 716 -37.27 9.19 21.10
C LYS C 716 -37.94 8.61 19.89
N ILE C 717 -37.25 8.65 18.78
CA ILE C 717 -37.84 8.16 17.58
C ILE C 717 -37.91 6.68 17.49
N SER C 718 -37.71 5.98 18.59
CA SER C 718 -37.80 4.54 18.55
C SER C 718 -39.17 4.13 19.10
N ALA C 719 -39.70 4.95 20.00
CA ALA C 719 -41.01 4.64 20.59
C ALA C 719 -42.11 4.86 19.58
N ARG C 720 -42.01 5.98 18.88
CA ARG C 720 -43.01 6.30 17.88
C ARG C 720 -42.98 5.25 16.79
N ALA C 721 -41.94 4.42 16.83
CA ALA C 721 -41.77 3.36 15.84
C ALA C 721 -42.47 2.09 16.36
N MET C 722 -42.56 2.02 17.68
CA MET C 722 -43.19 0.90 18.34
C MET C 722 -44.73 1.05 18.36
N GLU C 723 -45.20 2.29 18.35
CA GLU C 723 -46.63 2.61 18.37
C GLU C 723 -47.18 2.41 16.98
N TRP C 724 -46.38 2.74 15.98
CA TRP C 724 -46.79 2.56 14.59
C TRP C 724 -47.09 1.07 14.41
N ILE C 725 -46.48 0.23 15.24
CA ILE C 725 -46.67 -1.22 15.19
C ILE C 725 -47.96 -1.60 15.93
N THR C 726 -48.08 -1.10 17.16
CA THR C 726 -49.26 -1.37 17.98
C THR C 726 -50.46 -0.85 17.24
N ALA C 727 -50.28 0.27 16.54
CA ALA C 727 -51.37 0.88 15.79
C ALA C 727 -51.71 0.11 14.53
N LYS C 728 -50.69 -0.42 13.84
CA LYS C 728 -50.93 -1.18 12.62
C LYS C 728 -51.15 -2.69 12.83
N LEU C 729 -51.03 -3.18 14.06
CA LEU C 729 -51.27 -4.59 14.31
C LEU C 729 -52.69 -4.74 14.80
N LYS C 730 -53.23 -3.66 15.35
CA LYS C 730 -54.60 -3.68 15.83
C LYS C 730 -55.57 -3.39 14.70
N GLU C 731 -55.05 -3.34 13.47
CA GLU C 731 -55.87 -3.06 12.28
C GLU C 731 -56.59 -4.34 11.84
N ALA C 732 -56.09 -5.47 12.34
CA ALA C 732 -56.67 -6.76 12.00
C ALA C 732 -57.81 -7.11 12.93
N ARG C 733 -58.24 -6.11 13.71
CA ARG C 733 -59.33 -6.28 14.66
C ARG C 733 -60.66 -5.76 14.10
N PHE C 739 -51.62 -8.99 5.24
CA PHE C 739 -50.56 -8.00 5.46
C PHE C 739 -49.43 -8.07 4.41
N THR C 740 -49.81 -7.91 3.15
CA THR C 740 -48.86 -7.96 2.03
C THR C 740 -49.03 -6.74 1.16
N THR C 741 -48.40 -5.65 1.55
CA THR C 741 -48.50 -4.41 0.80
C THR C 741 -47.26 -3.56 1.01
N ASP C 742 -47.05 -2.58 0.14
CA ASP C 742 -45.88 -1.71 0.23
C ASP C 742 -45.91 -0.84 1.48
N ASP C 743 -47.03 -0.86 2.20
CA ASP C 743 -47.19 -0.08 3.43
C ASP C 743 -47.24 -0.94 4.69
N SER C 744 -46.23 -1.80 4.85
CA SER C 744 -46.13 -2.69 6.00
C SER C 744 -44.65 -2.81 6.37
N ILE C 745 -43.82 -2.42 5.42
CA ILE C 745 -42.37 -2.41 5.57
C ILE C 745 -41.88 -1.01 5.21
N CYS C 746 -41.59 -0.21 6.25
CA CYS C 746 -41.13 1.17 6.07
C CYS C 746 -39.94 1.57 6.97
N VAL C 747 -39.39 2.75 6.69
CA VAL C 747 -38.24 3.28 7.39
C VAL C 747 -38.64 4.56 8.10
N LEU C 748 -38.78 4.49 9.42
CA LEU C 748 -39.14 5.65 10.19
C LEU C 748 -37.92 6.56 10.45
N GLY C 749 -37.94 7.77 9.91
CA GLY C 749 -36.82 8.67 10.11
C GLY C 749 -37.16 10.14 9.92
N ILE C 750 -36.22 11.02 10.29
CA ILE C 750 -36.39 12.46 10.19
C ILE C 750 -36.38 12.89 8.73
N SER C 751 -37.36 13.72 8.35
CA SER C 751 -37.45 14.23 6.98
C SER C 751 -37.43 15.75 7.03
N LYS C 752 -38.61 16.36 6.96
CA LYS C 752 -38.72 17.81 7.03
C LYS C 752 -38.37 18.24 8.44
N ARG C 753 -39.37 18.73 9.17
CA ARG C 753 -39.17 19.17 10.55
C ARG C 753 -39.33 17.98 11.47
N ASN C 754 -40.23 17.08 11.08
CA ASN C 754 -40.52 15.89 11.89
C ASN C 754 -40.33 14.59 11.12
N VAL C 755 -40.39 13.47 11.85
CA VAL C 755 -40.19 12.15 11.28
C VAL C 755 -41.44 11.67 10.60
N ILE C 756 -41.28 10.71 9.70
CA ILE C 756 -42.41 10.17 8.99
C ILE C 756 -42.04 8.80 8.49
N PHE C 757 -43.04 7.92 8.44
CA PHE C 757 -42.85 6.56 7.99
C PHE C 757 -42.97 6.41 6.45
N GLN C 758 -41.84 6.17 5.79
CA GLN C 758 -41.81 6.02 4.34
C GLN C 758 -41.60 4.57 3.92
N PRO C 759 -42.57 3.97 3.22
CA PRO C 759 -42.46 2.57 2.76
C PRO C 759 -41.17 2.29 2.00
N VAL C 760 -40.44 1.27 2.44
CA VAL C 760 -39.16 0.92 1.83
C VAL C 760 -39.27 0.79 0.33
N ALA C 761 -40.50 0.67 -0.10
CA ALA C 761 -40.76 0.50 -1.50
C ALA C 761 -40.38 1.72 -2.32
N GLU C 762 -41.02 2.85 -2.00
CA GLU C 762 -40.83 4.09 -2.73
C GLU C 762 -39.50 4.74 -2.45
N LEU C 763 -38.67 4.08 -1.67
CA LEU C 763 -37.38 4.64 -1.36
C LEU C 763 -36.30 4.14 -2.33
N LYS C 764 -36.65 3.22 -3.21
CA LYS C 764 -35.70 2.68 -4.18
C LYS C 764 -35.26 3.78 -5.16
N LYS C 765 -36.15 4.76 -5.33
CA LYS C 765 -35.91 5.89 -6.22
C LYS C 765 -34.79 6.74 -5.73
N GLN C 766 -34.98 7.47 -4.64
CA GLN C 766 -33.92 8.33 -4.10
C GLN C 766 -32.83 7.56 -3.32
N THR C 767 -32.15 6.61 -3.97
CA THR C 767 -31.10 5.85 -3.31
C THR C 767 -30.10 5.28 -4.28
N ASP C 768 -28.82 5.50 -3.99
CA ASP C 768 -27.74 5.00 -4.83
C ASP C 768 -27.25 3.70 -4.21
N PHE C 769 -27.70 2.58 -4.77
CA PHE C 769 -27.29 1.29 -4.25
C PHE C 769 -25.84 0.91 -4.57
N GLU C 770 -25.28 1.49 -5.61
CA GLU C 770 -23.90 1.19 -5.99
C GLU C 770 -22.92 1.81 -4.99
N HIS C 771 -23.24 2.99 -4.46
CA HIS C 771 -22.35 3.64 -3.50
C HIS C 771 -22.96 3.65 -2.10
N ARG C 772 -24.16 3.09 -1.99
CA ARG C 772 -24.86 3.01 -0.71
C ARG C 772 -25.09 4.35 -0.03
N ILE C 773 -25.61 5.33 -0.76
CA ILE C 773 -25.89 6.66 -0.20
C ILE C 773 -27.19 7.14 -0.80
N PRO C 774 -27.97 7.95 -0.06
CA PRO C 774 -29.23 8.45 -0.59
C PRO C 774 -28.97 9.46 -1.72
N LYS C 775 -29.81 9.43 -2.76
CA LYS C 775 -29.60 10.33 -3.90
C LYS C 775 -29.57 11.80 -3.48
N GLU C 776 -30.68 12.27 -2.96
CA GLU C 776 -30.70 13.65 -2.53
C GLU C 776 -30.24 13.65 -1.08
N GLN C 777 -29.23 14.48 -0.78
CA GLN C 777 -28.70 14.61 0.59
C GLN C 777 -28.71 16.10 0.99
N TRP C 778 -29.49 16.38 2.02
CA TRP C 778 -29.69 17.73 2.49
C TRP C 778 -28.46 18.52 2.90
N TRP C 779 -27.60 17.92 3.72
CA TRP C 779 -26.44 18.60 4.24
C TRP C 779 -25.44 19.09 3.18
N LEU C 780 -25.81 18.95 1.93
CA LEU C 780 -24.92 19.40 0.85
C LEU C 780 -25.07 20.91 0.61
N LYS C 781 -26.12 21.48 1.19
CA LYS C 781 -26.42 22.89 1.06
C LYS C 781 -25.41 23.70 1.86
N LEU C 782 -24.79 23.05 2.82
CA LEU C 782 -23.81 23.72 3.65
C LEU C 782 -22.43 23.74 2.99
N ARG C 783 -22.32 23.12 1.82
CA ARG C 783 -21.03 23.06 1.12
C ARG C 783 -20.40 24.42 0.85
N PRO C 784 -21.14 25.33 0.19
CA PRO C 784 -20.56 26.64 -0.10
C PRO C 784 -20.19 27.33 1.20
N LEU C 785 -21.13 27.31 2.14
CA LEU C 785 -20.91 27.92 3.43
C LEU C 785 -19.64 27.40 4.09
N MET C 786 -19.59 26.08 4.29
CA MET C 786 -18.47 25.43 4.95
C MET C 786 -17.13 25.93 4.43
N LYS C 787 -17.07 26.14 3.13
CA LYS C 787 -15.85 26.58 2.50
C LYS C 787 -15.50 28.04 2.66
N ILE C 788 -16.48 28.93 2.52
CA ILE C 788 -16.20 30.37 2.67
C ILE C 788 -15.73 30.72 4.08
N LEU C 789 -16.13 29.87 5.03
CA LEU C 789 -15.81 30.07 6.41
C LEU C 789 -14.35 29.74 6.66
N ALA C 790 -13.85 28.69 6.02
CA ALA C 790 -12.45 28.23 6.15
C ALA C 790 -11.55 28.93 5.14
N LYS C 791 -12.16 29.34 4.04
CA LYS C 791 -11.44 30.03 2.96
C LYS C 791 -10.70 29.04 2.05
N PHE D 44 10.02 -15.45 36.26
CA PHE D 44 11.08 -16.01 37.09
C PHE D 44 10.60 -16.56 38.45
N LEU D 45 9.47 -16.05 38.92
CA LEU D 45 8.91 -16.49 40.19
C LEU D 45 7.51 -17.09 39.97
N GLU D 46 7.18 -17.34 38.71
CA GLU D 46 5.88 -17.92 38.34
C GLU D 46 5.70 -19.31 38.93
N HIS D 47 6.82 -20.00 39.17
CA HIS D 47 6.76 -21.36 39.73
C HIS D 47 6.11 -21.35 41.09
N LEU D 48 6.72 -20.64 42.05
CA LEU D 48 6.17 -20.56 43.39
C LEU D 48 4.72 -20.05 43.34
N SER D 49 3.78 -20.95 43.61
CA SER D 49 2.34 -20.63 43.60
C SER D 49 1.52 -21.53 44.55
N GLY D 50 1.16 -21.01 45.73
CA GLY D 50 0.37 -21.76 46.69
C GLY D 50 -0.99 -22.10 46.10
N ALA D 51 -1.29 -23.39 46.02
CA ALA D 51 -2.56 -23.83 45.45
C ALA D 51 -3.44 -24.56 46.42
N GLY D 52 -4.62 -24.93 45.96
CA GLY D 52 -5.53 -25.63 46.84
C GLY D 52 -6.29 -24.72 47.78
N LYS D 53 -5.61 -23.70 48.31
CA LYS D 53 -6.21 -22.74 49.24
C LYS D 53 -7.19 -21.81 48.49
N ALA D 54 -7.87 -20.93 49.23
CA ALA D 54 -8.84 -19.97 48.66
C ALA D 54 -8.71 -18.59 49.30
N ILE D 55 -9.21 -17.56 48.60
CA ILE D 55 -9.17 -16.19 49.10
C ILE D 55 -10.45 -15.43 48.87
N GLY D 56 -10.81 -14.64 49.85
CA GLY D 56 -12.01 -13.87 49.71
C GLY D 56 -11.61 -12.44 49.47
N VAL D 57 -12.31 -11.78 48.54
CA VAL D 57 -12.05 -10.38 48.19
C VAL D 57 -13.31 -9.51 48.41
N LEU D 58 -13.13 -8.32 48.98
CA LEU D 58 -14.28 -7.45 49.22
C LEU D 58 -13.86 -5.98 49.13
N THR D 59 -14.85 -5.09 49.15
CA THR D 59 -14.54 -3.66 49.09
C THR D 59 -15.40 -2.93 50.11
N SER D 60 -14.77 -2.21 51.05
CA SER D 60 -15.50 -1.47 52.09
C SER D 60 -14.85 -0.11 52.32
N GLY D 61 -15.58 0.96 51.96
CA GLY D 61 -15.06 2.30 52.12
C GLY D 61 -15.41 3.19 50.95
N GLY D 62 -14.84 4.38 50.90
CA GLY D 62 -15.11 5.30 49.81
C GLY D 62 -14.86 4.69 48.44
N ASP D 63 -15.91 4.17 47.82
CA ASP D 63 -15.81 3.56 46.51
C ASP D 63 -15.16 4.49 45.55
N ALA D 64 -13.87 4.24 45.29
CA ALA D 64 -13.09 5.05 44.36
C ALA D 64 -12.88 4.35 43.01
N GLN D 65 -12.59 5.12 41.96
CA GLN D 65 -12.38 4.54 40.65
C GLN D 65 -11.19 3.58 40.63
N GLY D 66 -11.14 2.70 39.64
CA GLY D 66 -10.04 1.77 39.59
C GLY D 66 -10.12 0.63 40.59
N MET D 67 -11.17 0.64 41.39
CA MET D 67 -11.37 -0.41 42.38
C MET D 67 -11.65 -1.73 41.65
N ASN D 68 -12.38 -1.66 40.54
CA ASN D 68 -12.69 -2.83 39.76
C ASN D 68 -11.41 -3.41 39.19
N ALA D 69 -10.59 -2.56 38.59
CA ALA D 69 -9.32 -2.99 37.97
C ALA D 69 -8.44 -3.74 38.97
N ALA D 70 -8.75 -3.53 40.23
CA ALA D 70 -8.03 -4.19 41.31
C ALA D 70 -8.54 -5.59 41.52
N VAL D 71 -9.82 -5.70 41.86
CA VAL D 71 -10.43 -6.99 42.10
C VAL D 71 -10.29 -7.86 40.87
N ARG D 72 -9.92 -7.27 39.75
CA ARG D 72 -9.75 -8.01 38.52
C ARG D 72 -8.38 -8.69 38.55
N ALA D 73 -7.37 -7.95 38.99
CA ALA D 73 -6.03 -8.51 39.04
C ALA D 73 -5.92 -9.56 40.13
N VAL D 74 -6.73 -9.41 41.17
CA VAL D 74 -6.76 -10.32 42.31
C VAL D 74 -7.39 -11.63 41.91
N VAL D 75 -8.55 -11.60 41.28
CA VAL D 75 -9.19 -12.83 40.88
C VAL D 75 -8.38 -13.62 39.86
N ARG D 76 -8.00 -12.97 38.76
CA ARG D 76 -7.23 -13.61 37.70
C ARG D 76 -5.85 -14.08 38.15
N MET D 77 -5.28 -13.45 39.18
CA MET D 77 -3.98 -13.85 39.71
C MET D 77 -4.18 -15.02 40.68
N GLY D 78 -5.17 -14.86 41.56
CA GLY D 78 -5.49 -15.90 42.52
C GLY D 78 -5.73 -17.25 41.86
N ILE D 79 -6.23 -17.21 40.63
CA ILE D 79 -6.49 -18.42 39.87
C ILE D 79 -5.20 -18.90 39.25
N TYR D 80 -4.41 -17.96 38.75
CA TYR D 80 -3.15 -18.30 38.12
C TYR D 80 -2.27 -19.10 39.07
N VAL D 81 -2.21 -18.69 40.32
CA VAL D 81 -1.40 -19.38 41.32
C VAL D 81 -1.97 -20.74 41.66
N GLY D 82 -3.21 -21.00 41.21
CA GLY D 82 -3.88 -22.28 41.44
C GLY D 82 -4.72 -22.35 42.71
N ALA D 83 -5.39 -21.27 43.06
CA ALA D 83 -6.22 -21.26 44.24
C ALA D 83 -7.66 -20.82 43.91
N LYS D 84 -8.56 -20.98 44.86
CA LYS D 84 -9.96 -20.59 44.66
C LYS D 84 -10.21 -19.18 45.15
N VAL D 85 -10.84 -18.36 44.30
CA VAL D 85 -11.13 -16.99 44.67
C VAL D 85 -12.63 -16.80 44.81
N TYR D 86 -13.06 -16.29 45.97
CA TYR D 86 -14.47 -16.08 46.22
C TYR D 86 -14.82 -14.59 46.28
N PHE D 87 -16.03 -14.27 45.86
CA PHE D 87 -16.54 -12.91 45.87
C PHE D 87 -17.26 -12.60 47.20
N ILE D 88 -17.09 -11.37 47.68
CA ILE D 88 -17.74 -10.94 48.92
C ILE D 88 -18.42 -9.60 48.70
N TYR D 89 -19.68 -9.68 48.30
CA TYR D 89 -20.50 -8.49 48.03
C TYR D 89 -20.78 -7.64 49.27
N GLU D 90 -21.12 -6.38 49.06
CA GLU D 90 -21.41 -5.42 50.13
C GLU D 90 -20.30 -5.35 51.20
N GLY D 91 -19.05 -5.33 50.75
CA GLY D 91 -17.92 -5.28 51.66
C GLY D 91 -18.06 -6.21 52.86
N TYR D 92 -17.79 -5.70 54.05
CA TYR D 92 -17.88 -6.47 55.27
C TYR D 92 -19.27 -7.08 55.51
N GLN D 93 -20.32 -6.28 55.33
CA GLN D 93 -21.67 -6.76 55.55
C GLN D 93 -21.91 -8.09 54.88
N GLY D 94 -21.26 -8.31 53.74
CA GLY D 94 -21.42 -9.54 53.03
C GLY D 94 -20.89 -10.74 53.80
N MET D 95 -19.84 -10.51 54.59
CA MET D 95 -19.26 -11.58 55.37
C MET D 95 -20.23 -12.02 56.46
N VAL D 96 -20.82 -11.07 57.17
CA VAL D 96 -21.76 -11.37 58.25
C VAL D 96 -22.92 -12.18 57.68
N ASP D 97 -23.55 -11.64 56.66
CA ASP D 97 -24.65 -12.30 56.04
C ASP D 97 -24.24 -13.67 55.54
N GLY D 98 -23.66 -13.71 54.34
CA GLY D 98 -23.25 -14.96 53.77
C GLY D 98 -24.22 -15.46 52.70
N GLY D 99 -24.05 -16.71 52.29
CA GLY D 99 -24.92 -17.30 51.27
C GLY D 99 -24.85 -16.62 49.91
N SER D 100 -25.83 -15.78 49.62
CA SER D 100 -25.83 -15.08 48.35
C SER D 100 -24.73 -14.04 48.23
N ASN D 101 -24.11 -13.69 49.36
CA ASN D 101 -23.05 -12.69 49.36
C ASN D 101 -21.65 -13.31 49.27
N ILE D 102 -21.58 -14.56 48.83
CA ILE D 102 -20.30 -15.27 48.68
C ILE D 102 -20.42 -16.23 47.51
N ALA D 103 -19.57 -16.05 46.51
CA ALA D 103 -19.55 -16.91 45.33
C ALA D 103 -18.17 -16.94 44.69
N GLU D 104 -17.85 -18.05 44.03
CA GLU D 104 -16.57 -18.19 43.37
C GLU D 104 -16.57 -17.36 42.11
N ALA D 105 -15.39 -16.89 41.72
CA ALA D 105 -15.27 -16.07 40.53
C ALA D 105 -14.38 -16.68 39.47
N ASP D 106 -14.90 -16.81 38.24
CA ASP D 106 -14.15 -17.38 37.12
C ASP D 106 -13.39 -16.30 36.34
N TRP D 107 -12.46 -16.74 35.52
CA TRP D 107 -11.67 -15.82 34.72
C TRP D 107 -12.58 -14.89 33.94
N GLU D 108 -13.72 -15.40 33.52
CA GLU D 108 -14.69 -14.66 32.74
C GLU D 108 -15.43 -13.63 33.59
N SER D 109 -15.52 -13.90 34.89
CA SER D 109 -16.21 -13.01 35.81
C SER D 109 -15.64 -11.58 35.80
N VAL D 110 -14.42 -11.42 36.28
CA VAL D 110 -13.81 -10.10 36.35
C VAL D 110 -13.44 -9.53 35.00
N SER D 111 -14.11 -9.98 33.96
CA SER D 111 -13.85 -9.48 32.62
C SER D 111 -14.84 -8.39 32.24
N SER D 112 -14.33 -7.33 31.62
CA SER D 112 -15.18 -6.25 31.15
C SER D 112 -15.62 -5.38 32.29
N ILE D 113 -14.77 -5.24 33.31
CA ILE D 113 -15.11 -4.41 34.46
C ILE D 113 -13.97 -3.44 34.74
N LEU D 114 -12.79 -3.81 34.25
CA LEU D 114 -11.60 -2.98 34.41
C LEU D 114 -11.83 -1.51 34.06
N GLN D 115 -12.59 -1.25 33.00
CA GLN D 115 -12.84 0.11 32.54
C GLN D 115 -14.06 0.80 33.14
N VAL D 116 -14.31 0.54 34.43
CA VAL D 116 -15.48 1.12 35.10
C VAL D 116 -15.14 1.60 36.49
N GLY D 117 -15.75 2.70 36.91
CA GLY D 117 -15.49 3.24 38.23
C GLY D 117 -16.24 2.48 39.29
N GLY D 118 -16.30 3.05 40.48
CA GLY D 118 -17.02 2.40 41.56
C GLY D 118 -16.50 0.99 41.76
N THR D 119 -17.39 0.09 42.18
CA THR D 119 -17.05 -1.31 42.45
C THR D 119 -18.22 -2.21 42.18
N ILE D 120 -18.01 -3.21 41.32
CA ILE D 120 -19.07 -4.14 40.97
C ILE D 120 -19.37 -5.08 42.10
N ILE D 121 -18.38 -5.35 42.94
CA ILE D 121 -18.52 -6.23 44.10
C ILE D 121 -19.49 -5.60 45.12
N GLY D 122 -19.63 -4.29 45.03
CA GLY D 122 -20.50 -3.58 45.95
C GLY D 122 -19.78 -3.28 47.24
N SER D 123 -20.06 -2.08 47.79
CA SER D 123 -19.47 -1.64 49.04
C SER D 123 -20.58 -1.26 50.03
N ALA D 124 -20.31 -1.38 51.33
CA ALA D 124 -21.26 -1.04 52.40
C ALA D 124 -20.66 -1.00 53.79
N ARG D 125 -21.12 -0.06 54.60
CA ARG D 125 -20.60 0.06 55.92
C ARG D 125 -21.34 -0.94 56.82
N CYS D 126 -20.61 -1.90 57.39
CA CYS D 126 -21.21 -2.91 58.27
C CYS D 126 -20.85 -2.65 59.73
N GLN D 127 -21.87 -2.39 60.56
CA GLN D 127 -21.62 -2.11 61.98
C GLN D 127 -21.66 -3.41 62.77
N ALA D 128 -22.47 -4.34 62.28
CA ALA D 128 -22.62 -5.63 62.92
C ALA D 128 -21.31 -6.46 62.87
N PHE D 129 -20.20 -5.80 62.63
CA PHE D 129 -18.92 -6.46 62.54
C PHE D 129 -18.00 -5.85 63.55
N ARG D 130 -18.25 -4.60 63.87
CA ARG D 130 -17.41 -3.87 64.83
C ARG D 130 -17.66 -4.44 66.23
N THR D 131 -18.43 -5.52 66.27
CA THR D 131 -18.76 -6.14 67.53
C THR D 131 -18.47 -7.61 67.47
N ARG D 132 -17.78 -8.12 68.49
CA ARG D 132 -17.45 -9.53 68.48
C ARG D 132 -18.72 -10.40 68.43
N GLU D 133 -19.78 -9.93 69.07
CA GLU D 133 -21.04 -10.68 69.08
C GLU D 133 -21.51 -11.07 67.68
N GLY D 134 -21.04 -10.34 66.69
CA GLY D 134 -21.41 -10.62 65.31
C GLY D 134 -20.23 -10.92 64.39
N ARG D 135 -19.04 -10.54 64.86
CA ARG D 135 -17.83 -10.76 64.08
C ARG D 135 -17.63 -12.28 63.95
N LEU D 136 -18.32 -13.01 64.82
CA LEU D 136 -18.24 -14.46 64.83
C LEU D 136 -18.99 -15.05 63.66
N LYS D 137 -20.15 -14.48 63.36
CA LYS D 137 -20.96 -14.93 62.24
C LYS D 137 -20.16 -14.80 60.95
N ALA D 138 -19.32 -13.78 60.89
CA ALA D 138 -18.48 -13.56 59.72
C ALA D 138 -17.47 -14.72 59.56
N ALA D 139 -16.73 -14.94 60.63
CA ALA D 139 -15.73 -15.98 60.67
C ALA D 139 -16.36 -17.30 60.30
N CYS D 140 -17.42 -17.67 61.01
CA CYS D 140 -18.10 -18.93 60.76
C CYS D 140 -18.42 -19.09 59.29
N ASN D 141 -18.92 -18.03 58.68
CA ASN D 141 -19.30 -18.15 57.30
C ASN D 141 -18.10 -18.37 56.41
N LEU D 142 -16.93 -17.97 56.88
CA LEU D 142 -15.74 -18.18 56.07
C LEU D 142 -15.31 -19.63 56.01
N LEU D 143 -15.30 -20.30 57.16
CA LEU D 143 -14.90 -21.70 57.19
C LEU D 143 -15.84 -22.59 56.36
N GLN D 144 -17.10 -22.16 56.24
CA GLN D 144 -18.06 -22.92 55.45
C GLN D 144 -17.68 -22.95 53.98
N ARG D 145 -16.85 -21.98 53.56
CA ARG D 145 -16.41 -21.90 52.17
C ARG D 145 -14.95 -22.28 52.02
N GLY D 146 -14.29 -22.52 53.15
CA GLY D 146 -12.90 -22.93 53.12
C GLY D 146 -11.90 -21.82 52.83
N ILE D 147 -12.26 -20.60 53.17
CA ILE D 147 -11.37 -19.48 52.91
C ILE D 147 -10.42 -19.24 54.09
N THR D 148 -9.12 -19.34 53.85
CA THR D 148 -8.15 -19.15 54.92
C THR D 148 -7.40 -17.83 54.77
N ASN D 149 -7.49 -17.25 53.59
CA ASN D 149 -6.82 -15.98 53.31
C ASN D 149 -7.84 -14.92 52.86
N LEU D 150 -7.58 -13.64 53.14
CA LEU D 150 -8.50 -12.56 52.79
C LEU D 150 -7.79 -11.29 52.34
N CYS D 151 -8.39 -10.61 51.37
CA CYS D 151 -7.84 -9.36 50.85
C CYS D 151 -8.89 -8.28 50.91
N VAL D 152 -8.65 -7.30 51.78
CA VAL D 152 -9.58 -6.17 51.93
C VAL D 152 -9.10 -4.89 51.21
N ILE D 153 -10.00 -4.29 50.45
CA ILE D 153 -9.71 -3.07 49.71
C ILE D 153 -10.62 -1.94 50.22
N GLY D 154 -10.14 -1.20 51.22
CA GLY D 154 -10.94 -0.13 51.78
C GLY D 154 -10.11 1.06 52.17
N GLY D 155 -10.40 1.61 53.37
CA GLY D 155 -9.69 2.76 53.90
C GLY D 155 -9.20 2.67 55.34
N ASP D 156 -8.78 3.82 55.89
CA ASP D 156 -8.25 3.91 57.25
C ASP D 156 -8.91 2.97 58.23
N GLY D 157 -10.23 2.99 58.28
CA GLY D 157 -10.94 2.12 59.19
C GLY D 157 -11.12 0.67 58.75
N SER D 158 -11.58 0.52 57.52
CA SER D 158 -11.86 -0.79 56.99
C SER D 158 -10.70 -1.74 57.17
N LEU D 159 -9.50 -1.26 56.91
CA LEU D 159 -8.31 -2.10 57.09
C LEU D 159 -8.13 -2.52 58.56
N THR D 160 -8.17 -1.53 59.46
CA THR D 160 -7.98 -1.77 60.88
C THR D 160 -8.96 -2.86 61.35
N GLY D 161 -10.05 -3.03 60.60
CA GLY D 161 -11.06 -4.02 60.91
C GLY D 161 -10.53 -5.44 60.85
N ALA D 162 -9.83 -5.75 59.78
CA ALA D 162 -9.24 -7.05 59.59
C ALA D 162 -8.02 -7.24 60.47
N ASN D 163 -7.37 -6.14 60.80
CA ASN D 163 -6.17 -6.16 61.64
C ASN D 163 -6.56 -6.84 62.98
N LEU D 164 -7.81 -6.59 63.39
CA LEU D 164 -8.35 -7.17 64.62
C LEU D 164 -8.83 -8.59 64.30
N PHE D 165 -9.65 -8.74 63.25
CA PHE D 165 -10.13 -10.06 62.88
C PHE D 165 -8.98 -11.07 62.83
N ARG D 166 -7.86 -10.61 62.27
CA ARG D 166 -6.66 -11.43 62.15
C ARG D 166 -6.27 -12.01 63.51
N LYS D 167 -6.27 -11.16 64.52
CA LYS D 167 -5.90 -11.58 65.87
C LYS D 167 -6.99 -12.41 66.53
N GLU D 168 -8.22 -11.90 66.51
CA GLU D 168 -9.36 -12.59 67.13
C GLU D 168 -9.68 -13.96 66.51
N TRP D 169 -9.12 -14.22 65.34
CA TRP D 169 -9.36 -15.50 64.67
C TRP D 169 -9.21 -16.73 65.60
N SER D 170 -8.04 -16.87 66.20
CA SER D 170 -7.78 -17.98 67.10
C SER D 170 -8.84 -17.98 68.16
N GLY D 171 -9.37 -16.81 68.50
CA GLY D 171 -10.38 -16.74 69.53
C GLY D 171 -11.79 -16.96 69.00
N LEU D 172 -12.00 -16.72 67.70
CA LEU D 172 -13.32 -16.92 67.11
C LEU D 172 -13.56 -18.39 66.78
N LEU D 173 -12.49 -19.14 66.58
CA LEU D 173 -12.62 -20.54 66.27
C LEU D 173 -12.84 -21.35 67.53
N GLU D 174 -12.46 -20.76 68.66
CA GLU D 174 -12.60 -21.40 69.96
C GLU D 174 -14.07 -21.42 70.37
N GLU D 175 -14.80 -20.40 69.93
CA GLU D 175 -16.20 -20.27 70.27
C GLU D 175 -17.08 -21.06 69.30
N LEU D 176 -16.66 -21.08 68.05
CA LEU D 176 -17.40 -21.81 67.06
C LEU D 176 -17.28 -23.31 67.31
N ALA D 177 -16.12 -23.74 67.77
CA ALA D 177 -15.89 -25.15 68.03
C ALA D 177 -16.61 -25.51 69.32
N ARG D 178 -16.52 -24.62 70.30
CA ARG D 178 -17.16 -24.83 71.58
C ARG D 178 -18.66 -25.03 71.42
N ASN D 179 -19.33 -23.97 70.98
CA ASN D 179 -20.77 -24.03 70.77
C ASN D 179 -21.13 -25.08 69.75
N GLY D 180 -20.12 -25.68 69.13
CA GLY D 180 -20.34 -26.69 68.11
C GLY D 180 -21.22 -26.23 66.95
N GLN D 181 -20.78 -25.16 66.30
CA GLN D 181 -21.49 -24.62 65.14
C GLN D 181 -20.71 -25.00 63.88
N ILE D 182 -19.40 -25.23 64.03
CA ILE D 182 -18.60 -25.65 62.88
C ILE D 182 -17.93 -27.00 63.18
N ASP D 183 -17.70 -27.82 62.16
CA ASP D 183 -17.05 -29.12 62.33
C ASP D 183 -15.86 -28.96 63.31
N LYS D 184 -15.77 -29.87 64.28
CA LYS D 184 -14.69 -29.79 65.26
C LYS D 184 -13.31 -29.92 64.61
N GLU D 185 -13.26 -30.56 63.46
CA GLU D 185 -11.99 -30.70 62.77
C GLU D 185 -11.49 -29.34 62.30
N ALA D 186 -12.33 -28.63 61.58
CA ALA D 186 -11.96 -27.34 61.05
C ALA D 186 -11.18 -26.45 62.04
N VAL D 187 -11.40 -26.69 63.32
CA VAL D 187 -10.76 -25.87 64.36
C VAL D 187 -9.27 -25.91 64.30
N GLN D 188 -8.74 -26.84 63.51
CA GLN D 188 -7.30 -26.97 63.37
C GLN D 188 -6.78 -26.83 61.93
N LYS D 189 -7.64 -27.08 60.94
CA LYS D 189 -7.19 -26.97 59.54
C LYS D 189 -7.11 -25.51 59.14
N TYR D 190 -8.07 -24.73 59.62
CA TYR D 190 -8.10 -23.31 59.32
C TYR D 190 -7.75 -22.50 60.58
N ALA D 191 -6.68 -22.90 61.25
CA ALA D 191 -6.25 -22.22 62.47
C ALA D 191 -5.59 -20.88 62.22
N TYR D 192 -4.80 -20.80 61.17
CA TYR D 192 -4.11 -19.57 60.80
C TYR D 192 -4.94 -18.76 59.81
N LEU D 193 -4.96 -17.45 60.00
CA LEU D 193 -5.74 -16.57 59.12
C LEU D 193 -4.87 -15.43 58.59
N ASN D 194 -4.62 -15.46 57.27
CA ASN D 194 -3.81 -14.43 56.62
C ASN D 194 -4.67 -13.41 55.90
N VAL D 195 -4.34 -12.15 56.09
CA VAL D 195 -5.08 -11.07 55.47
C VAL D 195 -4.12 -10.04 54.92
N VAL D 196 -4.60 -9.28 53.94
CA VAL D 196 -3.80 -8.24 53.33
C VAL D 196 -4.69 -7.07 52.91
N GLY D 197 -4.27 -5.86 53.29
CA GLY D 197 -5.02 -4.65 52.96
C GLY D 197 -4.52 -3.97 51.70
N MET D 198 -5.36 -3.14 51.10
CA MET D 198 -5.00 -2.44 49.86
C MET D 198 -5.50 -1.02 49.80
N VAL D 199 -4.57 -0.13 49.53
CA VAL D 199 -4.89 1.28 49.43
C VAL D 199 -6.01 1.51 48.42
N GLY D 200 -7.18 1.97 48.90
CA GLY D 200 -8.30 2.24 48.00
C GLY D 200 -9.32 3.28 48.43
N SER D 201 -9.05 4.55 48.06
CA SER D 201 -9.89 5.70 48.39
C SER D 201 -9.25 6.99 47.85
N ILE D 202 -10.06 7.83 47.17
CA ILE D 202 -9.57 9.08 46.59
C ILE D 202 -9.04 10.12 47.58
N ASP D 203 -9.25 9.86 48.86
CA ASP D 203 -8.80 10.78 49.89
C ASP D 203 -7.28 10.84 49.95
N ASN D 204 -6.66 9.67 49.90
CA ASN D 204 -5.21 9.57 49.97
C ASN D 204 -4.67 10.01 51.33
N ASP D 205 -5.57 10.04 52.32
CA ASP D 205 -5.17 10.41 53.66
C ASP D 205 -4.39 9.23 54.22
N PHE D 206 -3.51 8.68 53.41
CA PHE D 206 -2.71 7.55 53.85
C PHE D 206 -1.29 7.85 53.46
N CYS D 207 -0.39 7.78 54.44
CA CYS D 207 1.01 8.07 54.21
C CYS D 207 1.81 6.79 54.03
N GLY D 208 1.14 5.64 54.09
CA GLY D 208 1.86 4.40 53.89
C GLY D 208 2.25 4.27 52.43
N THR D 209 1.46 4.92 51.56
CA THR D 209 1.72 4.95 50.13
C THR D 209 1.57 6.38 49.62
N ASP D 210 2.34 6.71 48.60
CA ASP D 210 2.28 8.05 48.07
C ASP D 210 0.92 8.28 47.43
N MET D 211 0.53 7.37 46.55
CA MET D 211 -0.75 7.43 45.83
C MET D 211 -1.64 6.22 46.14
N THR D 212 -2.88 6.49 46.51
CA THR D 212 -3.83 5.43 46.84
C THR D 212 -4.79 5.26 45.68
N ILE D 213 -5.10 4.03 45.30
CA ILE D 213 -6.01 3.79 44.17
C ILE D 213 -7.20 4.75 44.26
N GLY D 214 -7.33 5.62 43.24
CA GLY D 214 -8.42 6.57 43.15
C GLY D 214 -7.97 8.00 42.94
N THR D 215 -6.94 8.43 43.65
CA THR D 215 -6.44 9.78 43.53
C THR D 215 -6.41 10.33 42.10
N ASP D 216 -5.53 9.78 41.26
CA ASP D 216 -5.41 10.25 39.89
C ASP D 216 -6.76 10.33 39.21
N SER D 217 -7.65 9.38 39.50
CA SER D 217 -9.00 9.34 38.92
C SER D 217 -9.84 10.49 39.40
N ALA D 218 -9.93 10.66 40.72
CA ALA D 218 -10.70 11.75 41.31
C ALA D 218 -10.11 13.10 40.88
N LEU D 219 -8.79 13.14 40.74
CA LEU D 219 -8.05 14.32 40.37
C LEU D 219 -8.51 14.73 38.98
N HIS D 220 -8.74 13.74 38.12
CA HIS D 220 -9.25 13.99 36.77
C HIS D 220 -10.60 14.68 36.88
N ARG D 221 -11.52 14.00 37.57
CA ARG D 221 -12.86 14.50 37.79
C ARG D 221 -12.84 15.96 38.26
N ILE D 222 -11.92 16.30 39.15
CA ILE D 222 -11.82 17.67 39.64
C ILE D 222 -11.39 18.64 38.52
N ILE D 223 -10.27 18.32 37.88
CA ILE D 223 -9.75 19.14 36.80
C ILE D 223 -10.73 19.24 35.65
N GLU D 224 -11.45 18.16 35.38
CA GLU D 224 -12.41 18.17 34.31
C GLU D 224 -13.44 19.26 34.61
N VAL D 225 -13.95 19.29 35.84
CA VAL D 225 -14.95 20.27 36.23
C VAL D 225 -14.40 21.68 36.13
N VAL D 226 -13.20 21.89 36.65
CA VAL D 226 -12.58 23.21 36.58
C VAL D 226 -12.37 23.72 35.15
N ASP D 227 -11.64 22.95 34.35
CA ASP D 227 -11.34 23.34 32.97
C ASP D 227 -12.61 23.75 32.26
N ALA D 228 -13.75 23.23 32.71
CA ALA D 228 -15.01 23.58 32.09
C ALA D 228 -15.47 24.88 32.70
N ILE D 229 -15.37 25.00 34.02
CA ILE D 229 -15.81 26.22 34.68
C ILE D 229 -15.02 27.46 34.28
N MET D 230 -13.74 27.25 33.96
CA MET D 230 -12.85 28.34 33.57
C MET D 230 -13.31 29.11 32.33
N THR D 231 -14.10 28.46 31.48
CA THR D 231 -14.61 29.10 30.25
C THR D 231 -15.83 29.96 30.54
N THR D 232 -16.55 29.63 31.60
CA THR D 232 -17.72 30.38 32.02
C THR D 232 -17.31 31.55 32.85
N ALA D 233 -16.13 31.49 33.44
CA ALA D 233 -15.64 32.59 34.26
C ALA D 233 -14.78 33.53 33.45
N GLN D 234 -14.13 33.02 32.42
CA GLN D 234 -13.30 33.87 31.61
C GLN D 234 -14.17 34.80 30.76
N SER D 235 -15.47 34.59 30.80
CA SER D 235 -16.39 35.41 30.04
C SER D 235 -17.00 36.50 30.90
N HIS D 236 -17.75 36.08 31.92
CA HIS D 236 -18.38 37.02 32.84
C HIS D 236 -17.36 37.58 33.82
N GLN D 237 -16.09 37.33 33.55
CA GLN D 237 -14.99 37.80 34.39
C GLN D 237 -15.33 37.79 35.87
N ARG D 238 -15.63 36.59 36.38
CA ARG D 238 -15.98 36.42 37.79
C ARG D 238 -15.00 35.52 38.53
N THR D 239 -15.29 35.28 39.80
CA THR D 239 -14.46 34.43 40.64
C THR D 239 -15.25 33.24 41.21
N PHE D 240 -14.64 32.05 41.16
CA PHE D 240 -15.28 30.83 41.66
C PHE D 240 -14.54 30.22 42.85
N VAL D 241 -15.32 29.59 43.74
CA VAL D 241 -14.77 28.94 44.92
C VAL D 241 -15.25 27.50 44.85
N LEU D 242 -14.30 26.58 44.81
CA LEU D 242 -14.61 25.17 44.71
C LEU D 242 -14.30 24.43 46.00
N GLU D 243 -15.08 23.38 46.27
CA GLU D 243 -14.87 22.59 47.47
C GLU D 243 -14.60 21.12 47.11
N VAL D 244 -13.33 20.74 47.13
CA VAL D 244 -12.97 19.38 46.79
C VAL D 244 -13.09 18.44 47.98
N MET D 245 -13.15 17.15 47.71
CA MET D 245 -13.27 16.19 48.79
C MET D 245 -12.03 16.12 49.70
N GLY D 246 -12.18 15.50 50.85
CA GLY D 246 -11.07 15.39 51.77
C GLY D 246 -11.36 16.01 53.11
N ARG D 247 -12.23 15.34 53.87
CA ARG D 247 -12.63 15.80 55.19
C ARG D 247 -11.43 15.82 56.15
N HIS D 248 -10.49 14.90 55.98
CA HIS D 248 -9.29 14.86 56.80
C HIS D 248 -8.08 15.33 56.04
N CYS D 249 -7.67 14.60 55.00
CA CYS D 249 -6.51 15.00 54.22
C CYS D 249 -6.87 16.00 53.16
N GLY D 250 -6.06 17.04 53.05
CA GLY D 250 -6.27 18.08 52.06
C GLY D 250 -5.31 17.87 50.92
N TYR D 251 -5.32 16.65 50.39
CA TYR D 251 -4.45 16.31 49.29
C TYR D 251 -5.07 16.73 47.98
N LEU D 252 -6.14 16.06 47.57
CA LEU D 252 -6.76 16.42 46.32
C LEU D 252 -7.03 17.91 46.19
N ALA D 253 -6.95 18.62 47.31
CA ALA D 253 -7.19 20.05 47.32
C ALA D 253 -5.98 20.83 46.80
N LEU D 254 -4.77 20.32 47.03
CA LEU D 254 -3.51 20.94 46.64
C LEU D 254 -3.06 20.54 45.24
N VAL D 255 -3.01 19.23 44.95
CA VAL D 255 -2.61 18.76 43.64
C VAL D 255 -3.46 19.31 42.50
N SER D 256 -4.78 19.31 42.67
CA SER D 256 -5.75 19.82 41.70
C SER D 256 -5.46 21.30 41.47
N ALA D 257 -5.29 22.04 42.55
CA ALA D 257 -5.01 23.48 42.46
C ALA D 257 -3.76 23.73 41.60
N LEU D 258 -2.65 23.07 41.92
CA LEU D 258 -1.41 23.19 41.16
C LEU D 258 -1.63 22.77 39.72
N ALA D 259 -2.63 21.95 39.51
CA ALA D 259 -2.91 21.47 38.18
C ALA D 259 -3.67 22.47 37.33
N CYS D 260 -4.40 23.38 37.96
CA CYS D 260 -5.17 24.38 37.21
C CYS D 260 -4.67 25.79 37.49
N GLY D 261 -3.45 25.89 38.02
CA GLY D 261 -2.88 27.19 38.32
C GLY D 261 -3.85 28.05 39.10
N ALA D 262 -4.33 27.51 40.21
CA ALA D 262 -5.28 28.21 41.06
C ALA D 262 -4.68 29.47 41.67
N ASP D 263 -5.55 30.33 42.19
CA ASP D 263 -5.12 31.58 42.79
C ASP D 263 -4.77 31.42 44.24
N TRP D 264 -5.66 30.74 44.99
CA TRP D 264 -5.43 30.47 46.43
C TRP D 264 -5.98 29.10 46.88
N VAL D 265 -5.32 28.48 47.85
CA VAL D 265 -5.77 27.19 48.35
C VAL D 265 -5.88 27.16 49.86
N PHE D 266 -6.82 26.37 50.35
CA PHE D 266 -7.03 26.23 51.79
C PHE D 266 -6.82 24.77 52.18
N LEU D 267 -5.79 24.47 52.95
CA LEU D 267 -5.53 23.08 53.35
C LEU D 267 -5.58 22.91 54.85
N PRO D 268 -6.12 21.77 55.29
CA PRO D 268 -6.24 21.44 56.72
C PRO D 268 -4.87 21.25 57.40
N GLU D 269 -3.86 20.87 56.62
CA GLU D 269 -2.54 20.65 57.18
C GLU D 269 -1.72 21.91 57.28
N SER D 270 -1.87 22.77 56.28
CA SER D 270 -1.14 24.03 56.22
C SER D 270 -2.10 25.19 56.10
N PRO D 271 -2.76 25.57 57.20
CA PRO D 271 -3.72 26.68 57.24
C PRO D 271 -3.09 28.02 56.92
N PRO D 272 -3.91 29.03 56.64
CA PRO D 272 -3.44 30.37 56.32
C PRO D 272 -2.87 31.12 57.52
N GLU D 273 -1.74 31.81 57.32
CA GLU D 273 -1.09 32.58 58.39
C GLU D 273 -2.09 33.66 58.80
N GLU D 274 -2.21 33.92 60.10
CA GLU D 274 -3.15 34.96 60.55
C GLU D 274 -2.94 36.24 59.74
N GLY D 275 -4.03 36.77 59.20
CA GLY D 275 -3.97 37.99 58.40
C GLY D 275 -4.06 37.66 56.92
N TRP D 276 -4.62 36.50 56.63
CA TRP D 276 -4.77 36.05 55.25
C TRP D 276 -5.96 36.73 54.56
N GLU D 277 -6.94 37.15 55.37
CA GLU D 277 -8.12 37.79 54.79
C GLU D 277 -7.76 38.95 53.86
N GLU D 278 -6.87 39.82 54.31
CA GLU D 278 -6.43 40.95 53.51
C GLU D 278 -5.37 40.56 52.50
N GLN D 279 -4.64 39.50 52.80
CA GLN D 279 -3.62 39.04 51.89
C GLN D 279 -4.23 38.42 50.67
N MET D 280 -5.40 37.79 50.75
CA MET D 280 -6.03 37.19 49.57
C MET D 280 -6.58 38.28 48.67
N CYS D 281 -7.30 39.23 49.26
CA CYS D 281 -7.87 40.34 48.49
C CYS D 281 -6.73 41.08 47.77
N VAL D 282 -5.53 41.03 48.34
CA VAL D 282 -4.38 41.69 47.72
C VAL D 282 -4.11 41.01 46.39
N LYS D 283 -4.23 39.69 46.37
CA LYS D 283 -4.03 38.92 45.15
C LYS D 283 -5.12 39.22 44.09
N LEU D 284 -6.36 38.91 44.46
CA LEU D 284 -7.47 39.16 43.55
C LEU D 284 -7.48 40.62 43.03
N SER D 285 -7.05 41.56 43.86
CA SER D 285 -7.03 42.97 43.49
C SER D 285 -6.00 43.22 42.41
N GLU D 286 -4.92 42.45 42.44
CA GLU D 286 -3.85 42.56 41.45
C GLU D 286 -4.14 41.77 40.17
N ASN D 287 -4.93 40.71 40.32
CA ASN D 287 -5.30 39.89 39.18
C ASN D 287 -6.26 40.63 38.19
N ARG D 288 -6.94 41.66 38.70
CA ARG D 288 -7.86 42.46 37.88
C ARG D 288 -7.04 43.57 37.26
N ALA D 289 -5.97 43.96 37.94
CA ALA D 289 -5.08 44.99 37.47
C ALA D 289 -4.13 44.43 36.42
N ARG D 290 -3.91 43.12 36.46
CA ARG D 290 -3.04 42.50 35.48
C ARG D 290 -3.87 42.00 34.31
N LYS D 291 -5.18 42.14 34.42
CA LYS D 291 -6.11 41.73 33.36
C LYS D 291 -6.55 40.27 33.37
N LYS D 292 -6.32 39.58 34.46
CA LYS D 292 -6.75 38.19 34.52
C LYS D 292 -8.23 38.15 34.88
N ARG D 293 -9.08 38.18 33.86
CA ARG D 293 -10.53 38.18 34.04
C ARG D 293 -11.07 36.85 34.56
N LEU D 294 -10.29 36.16 35.39
CA LEU D 294 -10.72 34.88 35.92
C LEU D 294 -9.96 34.57 37.18
N ASN D 295 -10.70 34.14 38.20
CA ASN D 295 -10.12 33.76 39.49
C ASN D 295 -10.73 32.44 40.01
N ILE D 296 -9.88 31.46 40.32
CA ILE D 296 -10.33 30.16 40.81
C ILE D 296 -9.79 29.86 42.22
N ILE D 297 -10.71 29.61 43.14
CA ILE D 297 -10.38 29.31 44.53
C ILE D 297 -10.67 27.86 44.92
N ILE D 298 -9.63 27.17 45.35
CA ILE D 298 -9.75 25.77 45.73
C ILE D 298 -9.75 25.63 47.23
N VAL D 299 -10.82 25.06 47.77
CA VAL D 299 -10.97 24.88 49.21
C VAL D 299 -11.13 23.41 49.62
N ALA D 300 -10.41 22.97 50.65
CA ALA D 300 -10.50 21.60 51.13
C ALA D 300 -11.77 21.39 51.93
N GLU D 301 -12.36 20.21 51.78
CA GLU D 301 -13.59 19.91 52.50
C GLU D 301 -13.45 20.13 54.00
N GLY D 302 -12.22 20.01 54.48
CA GLY D 302 -11.99 20.18 55.90
C GLY D 302 -11.05 21.34 56.17
N ALA D 303 -11.26 22.46 55.50
CA ALA D 303 -10.41 23.62 55.70
C ALA D 303 -10.48 24.23 57.08
N ILE D 304 -9.34 24.71 57.55
CA ILE D 304 -9.26 25.32 58.88
C ILE D 304 -8.17 26.35 58.86
N ASP D 305 -8.17 27.26 59.82
CA ASP D 305 -7.13 28.27 59.93
C ASP D 305 -6.17 27.95 61.09
N THR D 306 -5.37 28.94 61.50
CA THR D 306 -4.41 28.76 62.59
C THR D 306 -5.01 27.96 63.74
N GLN D 307 -6.30 28.17 63.97
CA GLN D 307 -7.00 27.44 65.02
C GLN D 307 -8.01 26.54 64.32
N ASN D 308 -8.35 25.44 64.98
CA ASN D 308 -9.27 24.46 64.43
C ASN D 308 -10.53 25.10 63.79
N LYS D 309 -10.76 26.39 64.00
CA LYS D 309 -11.91 27.08 63.42
C LYS D 309 -12.05 26.79 61.94
N PRO D 310 -13.15 26.13 61.53
CA PRO D 310 -13.41 25.79 60.13
C PRO D 310 -13.44 26.99 59.18
N ILE D 311 -13.06 26.71 57.94
CA ILE D 311 -13.05 27.72 56.90
C ILE D 311 -14.00 27.30 55.79
N THR D 312 -15.29 27.61 55.95
CA THR D 312 -16.28 27.24 54.96
C THR D 312 -16.07 28.04 53.68
N SER D 313 -16.52 27.46 52.58
CA SER D 313 -16.39 28.10 51.28
C SER D 313 -17.26 29.34 51.21
N GLU D 314 -18.31 29.42 52.02
CA GLU D 314 -19.18 30.60 52.01
C GLU D 314 -18.49 31.75 52.74
N LYS D 315 -17.86 31.43 53.86
CA LYS D 315 -17.14 32.41 54.67
C LYS D 315 -16.20 33.18 53.76
N ILE D 316 -15.88 32.59 52.59
CA ILE D 316 -14.99 33.20 51.62
C ILE D 316 -15.80 33.98 50.61
N LYS D 317 -16.84 33.36 50.10
CA LYS D 317 -17.72 34.01 49.15
C LYS D 317 -18.12 35.35 49.72
N GLU D 318 -18.32 35.37 51.03
CA GLU D 318 -18.72 36.60 51.71
C GLU D 318 -17.53 37.55 51.73
N LEU D 319 -16.38 37.03 52.12
CA LEU D 319 -15.17 37.83 52.22
C LEU D 319 -14.81 38.64 50.96
N VAL D 320 -14.79 37.99 49.79
CA VAL D 320 -14.42 38.65 48.55
C VAL D 320 -15.46 39.61 48.01
N VAL D 321 -16.72 39.20 48.04
CA VAL D 321 -17.77 40.08 47.55
C VAL D 321 -18.08 41.23 48.49
N THR D 322 -17.87 41.03 49.79
CA THR D 322 -18.14 42.08 50.77
C THR D 322 -16.87 42.88 51.08
N GLN D 323 -15.88 42.83 50.20
CA GLN D 323 -14.63 43.54 50.45
C GLN D 323 -13.90 43.88 49.16
N LEU D 324 -14.42 43.33 48.06
CA LEU D 324 -13.87 43.58 46.74
C LEU D 324 -14.97 43.90 45.74
N GLY D 325 -16.16 43.34 45.97
CA GLY D 325 -17.28 43.61 45.09
C GLY D 325 -17.35 42.75 43.82
N TYR D 326 -16.38 41.86 43.63
CA TYR D 326 -16.36 40.98 42.47
C TYR D 326 -17.51 39.98 42.55
N ASP D 327 -18.09 39.67 41.39
CA ASP D 327 -19.16 38.70 41.36
C ASP D 327 -18.52 37.36 41.73
N THR D 328 -19.11 36.65 42.68
CA THR D 328 -18.56 35.37 43.13
C THR D 328 -19.61 34.27 43.29
N ARG D 329 -19.24 33.08 42.86
CA ARG D 329 -20.11 31.92 42.94
C ARG D 329 -19.32 30.73 43.43
N VAL D 330 -19.84 30.07 44.47
CA VAL D 330 -19.20 28.90 45.04
C VAL D 330 -19.98 27.61 44.76
N THR D 331 -19.29 26.53 44.38
CA THR D 331 -19.97 25.27 44.10
C THR D 331 -19.19 24.11 44.72
N ILE D 332 -19.94 23.19 45.33
CA ILE D 332 -19.38 22.02 45.97
C ILE D 332 -19.38 20.85 45.00
N LEU D 333 -18.21 20.53 44.46
CA LEU D 333 -18.10 19.43 43.52
C LEU D 333 -18.71 18.17 44.11
N GLY D 334 -19.87 17.76 43.58
CA GLY D 334 -20.58 16.59 44.08
C GLY D 334 -19.73 15.34 44.13
N HIS D 335 -20.37 14.21 44.46
CA HIS D 335 -19.69 12.95 44.53
C HIS D 335 -19.13 12.60 43.17
N VAL D 336 -19.08 13.57 42.26
CA VAL D 336 -18.56 13.32 40.92
C VAL D 336 -17.08 13.03 41.01
N GLN D 337 -16.54 13.18 42.20
CA GLN D 337 -15.13 12.92 42.44
C GLN D 337 -14.83 11.45 42.70
N ARG D 338 -15.81 10.69 43.19
CA ARG D 338 -15.61 9.28 43.46
C ARG D 338 -16.07 8.41 42.28
N GLY D 339 -16.84 8.99 41.37
CA GLY D 339 -17.32 8.23 40.23
C GLY D 339 -16.55 8.59 38.99
N GLY D 340 -17.02 8.06 37.87
CA GLY D 340 -16.38 8.28 36.59
C GLY D 340 -15.48 7.13 36.20
N THR D 341 -14.93 7.22 35.00
CA THR D 341 -14.05 6.21 34.44
C THR D 341 -12.64 6.28 35.03
N PRO D 342 -12.09 5.13 35.42
CA PRO D 342 -10.74 5.09 36.00
C PRO D 342 -9.66 5.51 35.02
N SER D 343 -8.78 6.41 35.43
CA SER D 343 -7.67 6.87 34.59
C SER D 343 -6.66 5.73 34.38
N ALA D 344 -5.71 5.95 33.46
CA ALA D 344 -4.68 4.96 33.19
C ALA D 344 -3.86 4.67 34.47
N PHE D 345 -3.32 5.72 35.09
CA PHE D 345 -2.51 5.57 36.31
C PHE D 345 -3.21 4.69 37.33
N ASP D 346 -4.48 4.98 37.59
CA ASP D 346 -5.25 4.23 38.56
C ASP D 346 -5.37 2.78 38.15
N ARG D 347 -5.68 2.47 36.89
CA ARG D 347 -5.82 1.08 36.48
C ARG D 347 -4.53 0.30 36.67
N ILE D 348 -3.43 0.93 36.26
CA ILE D 348 -2.13 0.28 36.40
C ILE D 348 -1.84 -0.01 37.86
N LEU D 349 -1.81 1.04 38.68
CA LEU D 349 -1.53 0.89 40.09
C LEU D 349 -2.44 -0.18 40.66
N ALA D 350 -3.72 -0.16 40.28
CA ALA D 350 -4.70 -1.13 40.79
C ALA D 350 -4.34 -2.55 40.40
N SER D 351 -4.15 -2.73 39.10
CA SER D 351 -3.83 -4.05 38.62
C SER D 351 -2.53 -4.60 39.22
N ARG D 352 -1.57 -3.72 39.54
CA ARG D 352 -0.29 -4.14 40.12
C ARG D 352 -0.46 -4.47 41.58
N MET D 353 -1.27 -3.69 42.28
CA MET D 353 -1.51 -3.92 43.69
C MET D 353 -2.29 -5.22 43.87
N GLY D 354 -3.28 -5.42 43.02
CA GLY D 354 -4.08 -6.63 43.12
C GLY D 354 -3.24 -7.89 43.03
N VAL D 355 -2.16 -7.83 42.25
CA VAL D 355 -1.26 -8.98 42.13
C VAL D 355 -0.30 -9.08 43.32
N GLU D 356 0.43 -8.00 43.57
CA GLU D 356 1.38 -7.96 44.68
C GLU D 356 0.72 -8.31 45.97
N ALA D 357 -0.61 -8.22 46.01
CA ALA D 357 -1.41 -8.55 47.19
C ALA D 357 -1.62 -10.06 47.26
N VAL D 358 -1.99 -10.66 46.12
CA VAL D 358 -2.22 -12.09 46.04
C VAL D 358 -1.00 -12.87 46.46
N ILE D 359 0.17 -12.45 45.96
CA ILE D 359 1.42 -13.12 46.29
C ILE D 359 1.77 -12.92 47.79
N ALA D 360 1.47 -11.73 48.30
CA ALA D 360 1.75 -11.42 49.69
C ALA D 360 0.92 -12.28 50.61
N LEU D 361 -0.24 -12.72 50.13
CA LEU D 361 -1.13 -13.56 50.93
C LEU D 361 -0.60 -14.96 51.13
N LEU D 362 -0.18 -15.62 50.06
CA LEU D 362 0.35 -16.96 50.18
C LEU D 362 1.86 -16.97 50.48
N GLU D 363 2.45 -15.78 50.58
CA GLU D 363 3.87 -15.67 50.86
C GLU D 363 4.02 -15.09 52.27
N ALA D 364 2.95 -15.22 53.04
CA ALA D 364 2.96 -14.70 54.39
C ALA D 364 2.88 -15.82 55.39
N THR D 365 3.64 -15.67 56.49
CA THR D 365 3.67 -16.63 57.58
C THR D 365 2.62 -16.35 58.65
N PRO D 366 2.18 -17.40 59.38
CA PRO D 366 1.19 -17.34 60.45
C PRO D 366 1.48 -16.29 61.50
N ASP D 367 2.75 -15.93 61.62
CA ASP D 367 3.15 -14.95 62.61
C ASP D 367 3.66 -13.65 62.00
N THR D 368 3.55 -13.52 60.68
CA THR D 368 4.03 -12.30 60.03
C THR D 368 2.94 -11.22 60.08
N PRO D 369 3.33 -9.95 60.40
CA PRO D 369 2.42 -8.81 60.50
C PRO D 369 1.51 -8.65 59.30
N ALA D 370 0.36 -8.02 59.53
CA ALA D 370 -0.59 -7.78 58.45
C ALA D 370 0.06 -6.80 57.47
N CYS D 371 0.06 -7.17 56.20
CA CYS D 371 0.66 -6.34 55.16
C CYS D 371 -0.37 -5.54 54.36
N VAL D 372 0.04 -4.34 53.93
CA VAL D 372 -0.80 -3.46 53.11
C VAL D 372 -0.01 -3.04 51.85
N VAL D 373 -0.14 -3.82 50.77
CA VAL D 373 0.59 -3.53 49.53
C VAL D 373 0.40 -2.07 49.12
N SER D 374 1.47 -1.45 48.63
CA SER D 374 1.43 -0.05 48.25
C SER D 374 2.61 0.31 47.33
N LEU D 375 2.38 1.27 46.44
CA LEU D 375 3.41 1.69 45.51
C LEU D 375 4.28 2.79 46.09
N ASN D 376 5.54 2.48 46.37
CA ASN D 376 6.44 3.49 46.90
C ASN D 376 7.53 3.80 45.88
N GLY D 377 7.75 5.09 45.63
CA GLY D 377 8.77 5.49 44.68
C GLY D 377 8.36 5.11 43.27
N ASN D 378 8.49 3.84 42.94
CA ASN D 378 8.16 3.36 41.61
C ASN D 378 7.88 1.87 41.61
N HIS D 379 8.47 1.16 42.58
CA HIS D 379 8.29 -0.28 42.72
C HIS D 379 7.38 -0.60 43.88
N ALA D 380 6.46 -1.54 43.67
CA ALA D 380 5.48 -1.94 44.68
C ALA D 380 6.18 -2.68 45.80
N VAL D 381 5.83 -2.34 47.03
CA VAL D 381 6.41 -2.93 48.23
C VAL D 381 5.36 -3.04 49.32
N ARG D 382 5.32 -4.20 49.99
CA ARG D 382 4.38 -4.46 51.07
C ARG D 382 4.88 -3.80 52.39
N LEU D 383 3.94 -3.34 53.22
CA LEU D 383 4.25 -2.67 54.49
C LEU D 383 3.32 -3.13 55.58
N PRO D 384 3.75 -3.02 56.85
CA PRO D 384 2.93 -3.44 57.99
C PRO D 384 1.70 -2.54 58.11
N LEU D 385 0.54 -3.18 58.25
CA LEU D 385 -0.71 -2.47 58.38
C LEU D 385 -0.75 -1.55 59.59
N MET D 386 -0.61 -2.11 60.80
CA MET D 386 -0.67 -1.28 62.01
C MET D 386 0.21 -0.02 61.94
N GLU D 387 1.49 -0.21 61.62
CA GLU D 387 2.43 0.90 61.53
C GLU D 387 1.95 1.99 60.56
N CYS D 388 1.23 1.59 59.52
CA CYS D 388 0.71 2.55 58.53
C CYS D 388 -0.48 3.37 59.06
N VAL D 389 -1.42 2.69 59.73
CA VAL D 389 -2.57 3.35 60.31
C VAL D 389 -2.10 4.36 61.37
N GLN D 390 -0.97 4.05 61.99
CA GLN D 390 -0.40 4.93 63.00
C GLN D 390 -0.07 6.25 62.33
N MET D 391 0.75 6.22 61.29
CA MET D 391 1.14 7.43 60.61
C MET D 391 -0.10 8.25 60.25
N THR D 392 -1.11 7.60 59.69
CA THR D 392 -2.34 8.26 59.25
C THR D 392 -3.04 8.97 60.41
N GLN D 393 -3.10 8.29 61.55
CA GLN D 393 -3.76 8.89 62.69
C GLN D 393 -2.96 10.04 63.27
N ASP D 394 -1.63 9.94 63.18
CA ASP D 394 -0.72 10.95 63.71
C ASP D 394 -0.91 12.29 63.04
N VAL D 395 -1.26 12.27 61.76
CA VAL D 395 -1.47 13.51 61.04
C VAL D 395 -2.65 14.23 61.64
N GLN D 396 -3.67 13.47 62.02
CA GLN D 396 -4.86 14.02 62.66
C GLN D 396 -4.52 14.59 64.05
N LYS D 397 -3.60 13.92 64.70
CA LYS D 397 -3.16 14.28 66.04
C LYS D 397 -2.51 15.66 66.01
N ALA D 398 -1.53 15.81 65.13
CA ALA D 398 -0.81 17.06 65.01
C ALA D 398 -1.76 18.20 64.68
N MET D 399 -2.60 17.99 63.68
CA MET D 399 -3.54 19.02 63.28
C MET D 399 -4.39 19.51 64.42
N ASP D 400 -4.85 18.59 65.26
CA ASP D 400 -5.70 18.95 66.37
C ASP D 400 -4.96 19.66 67.44
N GLU D 401 -3.63 19.61 67.42
CA GLU D 401 -2.81 20.30 68.42
C GLU D 401 -1.97 21.42 67.82
N ARG D 402 -2.56 22.18 66.89
CA ARG D 402 -1.88 23.29 66.22
C ARG D 402 -0.41 22.98 65.94
N ARG D 403 -0.12 21.76 65.53
CA ARG D 403 1.24 21.36 65.26
C ARG D 403 1.41 21.21 63.74
N PHE D 404 0.58 21.94 63.00
CA PHE D 404 0.54 21.92 61.54
C PHE D 404 1.88 21.69 60.85
N GLN D 405 2.91 22.36 61.35
CA GLN D 405 4.26 22.27 60.81
C GLN D 405 4.78 20.84 60.77
N ASP D 406 4.40 20.05 61.77
CA ASP D 406 4.85 18.65 61.82
C ASP D 406 3.90 17.74 61.05
N ALA D 407 2.61 18.08 61.12
CA ALA D 407 1.57 17.31 60.47
C ALA D 407 1.77 17.29 58.96
N VAL D 408 2.53 18.26 58.46
CA VAL D 408 2.81 18.34 57.03
C VAL D 408 3.88 17.31 56.59
N ARG D 409 5.00 17.25 57.31
CA ARG D 409 6.08 16.34 56.99
C ARG D 409 5.73 14.94 57.51
N LEU D 410 4.44 14.70 57.68
CA LEU D 410 3.97 13.42 58.18
C LEU D 410 3.02 12.78 57.16
N ARG D 411 2.55 13.60 56.21
CA ARG D 411 1.60 13.13 55.17
C ARG D 411 2.35 12.61 53.94
N GLY D 412 3.58 13.12 53.80
CA GLY D 412 4.41 12.72 52.68
C GLY D 412 5.59 13.65 52.45
N ARG D 413 6.75 13.07 52.15
CA ARG D 413 7.94 13.85 51.93
C ARG D 413 7.93 14.61 50.60
N SER D 414 6.81 14.50 49.86
CA SER D 414 6.63 15.17 48.57
C SER D 414 5.61 16.29 48.79
N PHE D 415 4.74 16.11 49.76
CA PHE D 415 3.71 17.07 50.09
C PHE D 415 4.34 18.43 50.39
N ALA D 416 5.35 18.48 51.26
CA ALA D 416 6.03 19.74 51.57
C ALA D 416 6.59 20.41 50.30
N GLY D 417 7.21 19.58 49.46
CA GLY D 417 7.78 20.09 48.23
C GLY D 417 6.74 20.62 47.26
N ASN D 418 5.54 20.02 47.30
CA ASN D 418 4.44 20.44 46.44
C ASN D 418 3.91 21.79 46.93
N LEU D 419 3.59 21.88 48.21
CA LEU D 419 3.05 23.14 48.75
C LEU D 419 4.04 24.27 48.45
N ASN D 420 5.30 24.03 48.76
CA ASN D 420 6.33 25.02 48.52
C ASN D 420 6.35 25.42 47.05
N THR D 421 6.39 24.45 46.16
CA THR D 421 6.42 24.71 44.70
C THR D 421 5.21 25.59 44.32
N TYR D 422 4.01 25.17 44.72
CA TYR D 422 2.82 25.92 44.37
C TYR D 422 2.89 27.38 44.76
N LYS D 423 2.90 27.62 46.06
CA LYS D 423 2.93 28.96 46.62
C LYS D 423 4.05 29.86 46.04
N ARG D 424 5.28 29.36 46.02
CA ARG D 424 6.41 30.13 45.50
C ARG D 424 6.26 30.33 44.00
N LEU D 425 5.09 30.01 43.48
CA LEU D 425 4.83 30.15 42.03
C LEU D 425 3.49 30.80 41.75
N ALA D 426 2.73 31.02 42.81
CA ALA D 426 1.43 31.65 42.69
C ALA D 426 1.42 33.01 43.40
N ILE D 427 2.60 33.50 43.81
CA ILE D 427 2.72 34.77 44.49
C ILE D 427 4.01 35.48 44.08
N LYS D 428 3.86 36.63 43.43
CA LYS D 428 5.01 37.42 42.98
C LYS D 428 5.29 38.58 43.92
N LEU D 429 6.23 38.39 44.84
CA LEU D 429 6.61 39.45 45.76
C LEU D 429 7.04 40.65 44.92
N PRO D 430 6.52 41.86 45.24
CA PRO D 430 6.79 43.13 44.55
C PRO D 430 8.10 43.19 43.76
N ASP D 431 8.00 43.72 42.54
CA ASP D 431 9.13 43.82 41.62
C ASP D 431 10.47 44.29 42.24
N ASP D 432 10.37 45.21 43.21
CA ASP D 432 11.55 45.78 43.87
C ASP D 432 12.06 45.03 45.09
N GLN D 433 11.28 44.07 45.58
CA GLN D 433 11.67 43.28 46.73
C GLN D 433 12.37 41.99 46.29
N ILE D 434 12.50 41.81 44.97
CA ILE D 434 13.15 40.64 44.39
C ILE D 434 14.56 41.03 44.01
N PRO D 435 15.54 40.49 44.75
CA PRO D 435 16.95 40.78 44.49
C PRO D 435 17.39 40.25 43.14
N LYS D 436 17.42 41.13 42.13
CA LYS D 436 17.83 40.75 40.78
C LYS D 436 19.23 40.16 40.77
N THR D 437 19.51 39.25 39.85
CA THR D 437 20.83 38.64 39.76
C THR D 437 21.48 39.11 38.49
N ASN D 438 20.69 39.78 37.66
CA ASN D 438 21.17 40.29 36.38
C ASN D 438 21.81 39.21 35.50
N CYS D 439 21.11 38.09 35.36
CA CYS D 439 21.56 36.97 34.55
C CYS D 439 20.50 36.61 33.52
N ASN D 440 20.92 36.12 32.37
CA ASN D 440 19.96 35.75 31.32
C ASN D 440 19.76 34.25 31.18
N VAL D 441 18.56 33.78 31.53
CA VAL D 441 18.24 32.36 31.44
C VAL D 441 17.20 32.23 30.36
N ALA D 442 17.41 31.25 29.48
CA ALA D 442 16.49 31.01 28.37
C ALA D 442 15.90 29.62 28.36
N VAL D 443 14.61 29.54 28.05
CA VAL D 443 13.88 28.27 27.95
C VAL D 443 13.52 27.97 26.50
N ILE D 444 13.33 26.68 26.20
CA ILE D 444 13.01 26.28 24.82
C ILE D 444 12.36 24.90 24.75
N ASN D 445 11.59 24.67 23.70
CA ASN D 445 10.93 23.40 23.50
C ASN D 445 11.45 22.69 22.26
N VAL D 446 12.35 21.73 22.47
CA VAL D 446 12.97 20.97 21.38
C VAL D 446 12.41 19.56 21.26
N GLY D 447 11.93 19.22 20.08
CA GLY D 447 11.38 17.90 19.88
C GLY D 447 9.91 17.92 19.45
N ALA D 448 9.24 16.78 19.56
CA ALA D 448 7.84 16.71 19.19
C ALA D 448 6.99 17.30 20.30
N PRO D 449 5.92 17.99 19.92
CA PRO D 449 5.05 18.58 20.93
C PRO D 449 4.46 17.56 21.89
N ALA D 450 4.50 17.85 23.18
CA ALA D 450 3.97 16.95 24.20
C ALA D 450 2.99 17.64 25.12
N ALA D 451 1.84 17.01 25.33
CA ALA D 451 0.83 17.59 26.18
C ALA D 451 1.34 17.91 27.58
N GLY D 452 1.05 19.12 28.03
CA GLY D 452 1.50 19.50 29.35
C GLY D 452 2.89 20.08 29.27
N MET D 453 3.30 20.49 28.07
CA MET D 453 4.62 21.10 27.88
C MET D 453 4.58 22.57 28.31
N ASN D 454 3.50 23.28 27.97
CA ASN D 454 3.36 24.67 28.33
C ASN D 454 3.42 24.80 29.84
N ALA D 455 2.98 23.75 30.53
CA ALA D 455 2.97 23.70 32.00
C ALA D 455 4.40 23.79 32.55
N ALA D 456 5.32 23.15 31.83
CA ALA D 456 6.72 23.13 32.21
C ALA D 456 7.34 24.50 32.01
N VAL D 457 6.85 25.21 31.00
CA VAL D 457 7.36 26.54 30.69
C VAL D 457 6.86 27.55 31.73
N ARG D 458 5.58 27.48 32.06
CA ARG D 458 5.00 28.37 33.06
C ARG D 458 5.85 28.33 34.33
N SER D 459 6.07 27.12 34.83
CA SER D 459 6.88 26.94 36.04
C SER D 459 8.28 27.50 35.80
N ALA D 460 8.99 26.92 34.84
CA ALA D 460 10.36 27.32 34.52
C ALA D 460 10.56 28.82 34.47
N VAL D 461 9.61 29.55 33.89
CA VAL D 461 9.71 31.00 33.81
C VAL D 461 9.52 31.70 35.14
N ARG D 462 8.40 31.43 35.81
CA ARG D 462 8.10 32.05 37.09
C ARG D 462 9.11 31.72 38.18
N VAL D 463 9.48 30.45 38.32
CA VAL D 463 10.46 30.06 39.33
C VAL D 463 11.82 30.71 39.02
N GLY D 464 11.93 31.33 37.84
CA GLY D 464 13.14 32.01 37.40
C GLY D 464 13.11 33.49 37.76
N ILE D 465 12.03 34.14 37.38
CA ILE D 465 11.84 35.56 37.69
C ILE D 465 11.81 35.76 39.22
N ALA D 466 11.14 34.84 39.92
CA ALA D 466 11.01 34.90 41.37
C ALA D 466 12.31 34.55 42.05
N ASP D 467 13.28 34.12 41.25
CA ASP D 467 14.59 33.75 41.77
C ASP D 467 15.59 34.87 41.49
N GLY D 468 15.21 35.80 40.62
CA GLY D 468 16.08 36.93 40.31
C GLY D 468 16.79 36.87 38.96
N HIS D 469 16.15 36.25 37.99
CA HIS D 469 16.77 36.16 36.68
C HIS D 469 15.85 36.78 35.65
N ARG D 470 16.40 37.19 34.53
CA ARG D 470 15.57 37.73 33.46
C ARG D 470 15.34 36.58 32.49
N MET D 471 14.08 36.34 32.11
CA MET D 471 13.74 35.23 31.24
C MET D 471 13.65 35.50 29.76
N LEU D 472 14.33 34.64 28.99
CA LEU D 472 14.33 34.72 27.54
C LEU D 472 13.67 33.44 26.98
N ALA D 473 12.69 33.60 26.08
CA ALA D 473 11.98 32.47 25.46
C ALA D 473 12.41 32.21 24.02
N ILE D 474 12.87 30.99 23.74
CA ILE D 474 13.31 30.62 22.40
C ILE D 474 12.15 29.93 21.67
N TYR D 475 11.58 30.59 20.67
CA TYR D 475 10.44 30.04 19.94
C TYR D 475 10.87 29.13 18.81
N ASP D 476 9.97 28.25 18.37
CA ASP D 476 10.23 27.29 17.29
C ASP D 476 11.47 26.41 17.54
N GLY D 477 11.57 25.84 18.74
CA GLY D 477 12.71 24.99 19.02
C GLY D 477 14.04 25.54 18.53
N PHE D 478 14.92 24.64 18.10
CA PHE D 478 16.24 25.02 17.61
C PHE D 478 16.13 25.78 16.32
N ASP D 479 15.23 25.35 15.45
CA ASP D 479 15.02 26.02 14.18
C ASP D 479 14.92 27.53 14.37
N GLY D 480 14.28 27.94 15.48
CA GLY D 480 14.11 29.35 15.80
C GLY D 480 15.29 29.93 16.52
N PHE D 481 15.90 29.10 17.36
CA PHE D 481 17.07 29.49 18.13
C PHE D 481 18.09 30.08 17.19
N ALA D 482 18.39 29.36 16.11
CA ALA D 482 19.38 29.83 15.12
C ALA D 482 18.90 31.02 14.32
N LYS D 483 17.59 31.10 14.10
CA LYS D 483 17.02 32.22 13.35
C LYS D 483 16.95 33.49 14.18
N GLY D 484 17.02 33.37 15.51
CA GLY D 484 16.96 34.57 16.35
C GLY D 484 15.57 34.80 16.91
N GLN D 485 14.75 33.76 16.91
CA GLN D 485 13.41 33.85 17.40
C GLN D 485 13.39 33.85 18.91
N ILE D 486 14.15 34.76 19.49
CA ILE D 486 14.26 34.85 20.93
C ILE D 486 13.60 36.14 21.42
N LYS D 487 12.87 36.05 22.53
CA LYS D 487 12.18 37.20 23.10
C LYS D 487 12.04 37.04 24.62
N GLU D 488 12.35 38.09 25.37
CA GLU D 488 12.23 38.04 26.81
C GLU D 488 10.75 38.04 27.20
N ILE D 489 10.36 37.08 28.04
CA ILE D 489 8.97 37.00 28.47
C ILE D 489 8.88 37.31 29.97
N GLY D 490 7.68 37.66 30.42
CA GLY D 490 7.49 38.03 31.80
C GLY D 490 6.69 37.05 32.61
N TRP D 491 6.24 37.49 33.78
CA TRP D 491 5.47 36.65 34.69
C TRP D 491 4.02 36.55 34.25
N THR D 492 3.39 37.70 34.02
CA THR D 492 2.01 37.75 33.59
C THR D 492 1.81 37.10 32.21
N ASP D 493 2.93 36.82 31.53
CA ASP D 493 2.92 36.22 30.20
C ASP D 493 2.58 34.71 30.21
N VAL D 494 3.37 33.94 30.94
CA VAL D 494 3.17 32.50 31.08
C VAL D 494 2.02 32.19 32.05
N GLY D 495 1.04 33.07 32.11
CA GLY D 495 -0.07 32.86 33.05
C GLY D 495 -1.23 32.18 32.40
N GLY D 496 -1.61 31.02 32.95
CA GLY D 496 -2.72 30.25 32.41
C GLY D 496 -2.25 29.28 31.35
N TRP D 497 -1.13 28.60 31.60
CA TRP D 497 -0.60 27.67 30.63
C TRP D 497 -0.65 26.25 31.17
N THR D 498 -0.58 26.13 32.48
CA THR D 498 -0.62 24.84 33.12
C THR D 498 -1.77 24.02 32.63
N GLY D 499 -2.79 24.69 32.10
CA GLY D 499 -3.96 23.98 31.61
C GLY D 499 -3.95 23.68 30.12
N GLN D 500 -3.16 24.46 29.37
CA GLN D 500 -3.12 24.25 27.94
C GLN D 500 -2.16 23.16 27.50
N GLY D 501 -2.56 22.45 26.46
CA GLY D 501 -1.74 21.38 25.94
C GLY D 501 -0.90 21.87 24.79
N GLY D 502 -0.32 20.93 24.05
CA GLY D 502 0.48 21.31 22.88
C GLY D 502 1.56 22.27 23.28
N SER D 503 2.13 23.00 22.33
CA SER D 503 3.19 23.94 22.63
C SER D 503 2.84 25.33 22.16
N ILE D 504 3.50 26.32 22.75
CA ILE D 504 3.25 27.69 22.39
C ILE D 504 4.54 28.26 21.88
N LEU D 505 5.64 27.95 22.54
CA LEU D 505 6.94 28.46 22.11
C LEU D 505 7.42 27.67 20.91
N GLY D 506 6.52 26.92 20.28
CA GLY D 506 6.89 26.11 19.14
C GLY D 506 7.81 24.98 19.54
N THR D 507 8.11 24.10 18.59
CA THR D 507 8.99 22.98 18.90
C THR D 507 9.26 22.11 17.68
N LYS D 508 10.53 22.05 17.28
CA LYS D 508 10.90 21.28 16.12
C LYS D 508 11.94 20.24 16.49
N ARG D 509 11.82 19.05 15.94
CA ARG D 509 12.80 18.01 16.25
C ARG D 509 14.07 18.31 15.47
N VAL D 510 14.15 19.55 14.99
CA VAL D 510 15.28 20.03 14.21
C VAL D 510 16.59 19.93 14.97
N LEU D 511 17.48 19.07 14.51
CA LEU D 511 18.78 18.90 15.17
C LEU D 511 19.65 20.12 14.94
N PRO D 512 20.34 20.59 15.98
CA PRO D 512 21.23 21.75 15.93
C PRO D 512 22.66 21.38 15.44
N GLY D 513 22.90 20.08 15.33
CA GLY D 513 24.21 19.58 14.91
C GLY D 513 24.82 20.17 13.65
N LYS D 514 24.06 20.95 12.90
CA LYS D 514 24.61 21.51 11.70
C LYS D 514 24.50 23.03 11.74
N TYR D 515 23.72 23.58 12.67
CA TYR D 515 23.53 25.03 12.78
C TYR D 515 24.19 25.47 14.07
N LEU D 516 25.18 24.69 14.46
CA LEU D 516 25.91 24.96 15.67
C LEU D 516 26.59 26.32 15.69
N GLU D 517 26.46 27.10 14.62
CA GLU D 517 27.10 28.42 14.54
C GLU D 517 26.06 29.51 14.75
N GLU D 518 25.03 29.46 13.92
CA GLU D 518 23.96 30.44 13.97
C GLU D 518 23.40 30.55 15.38
N ILE D 519 23.56 29.48 16.15
CA ILE D 519 23.07 29.47 17.52
C ILE D 519 23.98 30.30 18.43
N ALA D 520 25.20 29.83 18.59
CA ALA D 520 26.17 30.51 19.43
C ALA D 520 26.19 31.98 19.07
N THR D 521 26.10 32.23 17.78
CA THR D 521 26.13 33.59 17.29
C THR D 521 24.99 34.39 17.90
N GLN D 522 23.90 33.70 18.20
CA GLN D 522 22.72 34.36 18.75
C GLN D 522 22.88 34.60 20.24
N MET D 523 23.43 33.61 20.92
CA MET D 523 23.64 33.74 22.35
C MET D 523 24.65 34.82 22.60
N ARG D 524 25.56 34.99 21.64
CA ARG D 524 26.60 36.02 21.74
C ARG D 524 25.98 37.36 21.34
N THR D 525 24.68 37.49 21.56
CA THR D 525 23.94 38.71 21.27
C THR D 525 22.57 38.67 21.89
N HIS D 526 22.53 38.23 23.14
CA HIS D 526 21.31 38.16 23.94
C HIS D 526 21.68 38.01 25.41
N SER D 527 22.99 37.90 25.69
CA SER D 527 23.52 37.74 27.05
C SER D 527 23.10 36.42 27.69
N ILE D 528 22.62 35.50 26.86
CA ILE D 528 22.18 34.19 27.33
C ILE D 528 23.28 33.51 28.14
N ASN D 529 22.98 33.24 29.41
CA ASN D 529 23.95 32.60 30.30
C ASN D 529 23.43 31.27 30.81
N ALA D 530 22.25 30.88 30.38
CA ALA D 530 21.66 29.63 30.84
C ALA D 530 20.69 29.09 29.80
N LEU D 531 20.42 27.79 29.90
CA LEU D 531 19.50 27.14 28.99
C LEU D 531 18.62 26.12 29.70
N LEU D 532 17.40 25.95 29.20
CA LEU D 532 16.44 25.00 29.75
C LEU D 532 15.64 24.33 28.62
N ILE D 533 16.06 23.16 28.22
CA ILE D 533 15.39 22.44 27.15
C ILE D 533 14.25 21.56 27.69
N ILE D 534 13.17 21.47 26.93
CA ILE D 534 12.03 20.66 27.33
C ILE D 534 11.54 19.91 26.13
N GLY D 535 11.94 18.65 26.00
CA GLY D 535 11.53 17.83 24.88
C GLY D 535 11.78 16.35 25.08
N GLY D 536 12.30 15.70 24.05
CA GLY D 536 12.58 14.29 24.18
C GLY D 536 13.99 13.96 23.77
N PHE D 537 14.19 12.74 23.29
CA PHE D 537 15.50 12.26 22.83
C PHE D 537 16.16 13.31 21.92
N GLU D 538 15.36 14.00 21.09
CA GLU D 538 15.90 15.02 20.17
C GLU D 538 16.68 16.09 20.94
N ALA D 539 16.18 16.39 22.12
CA ALA D 539 16.80 17.35 22.98
C ALA D 539 18.10 16.81 23.53
N TYR D 540 18.12 15.52 23.87
CA TYR D 540 19.32 14.88 24.40
C TYR D 540 20.46 15.13 23.42
N LEU D 541 20.26 14.69 22.19
CA LEU D 541 21.27 14.85 21.17
C LEU D 541 21.62 16.33 21.07
N GLY D 542 20.64 17.18 21.40
CA GLY D 542 20.83 18.61 21.36
C GLY D 542 21.95 19.03 22.28
N LEU D 543 21.83 18.70 23.56
CA LEU D 543 22.86 19.06 24.53
C LEU D 543 24.13 18.28 24.22
N LEU D 544 23.99 16.98 23.97
CA LEU D 544 25.13 16.13 23.68
C LEU D 544 25.99 16.70 22.55
N GLU D 545 25.35 17.39 21.61
CA GLU D 545 26.06 17.98 20.49
C GLU D 545 26.60 19.33 20.88
N LEU D 546 25.81 20.07 21.63
CA LEU D 546 26.22 21.41 22.05
C LEU D 546 27.56 21.34 22.73
N SER D 547 27.70 20.41 23.66
CA SER D 547 28.93 20.25 24.40
C SER D 547 30.16 20.10 23.48
N ALA D 548 29.91 19.79 22.22
CA ALA D 548 31.00 19.61 21.28
C ALA D 548 31.64 20.93 20.96
N ALA D 549 30.86 21.87 20.44
CA ALA D 549 31.37 23.18 20.05
C ALA D 549 31.73 24.12 21.21
N ARG D 550 32.31 23.56 22.27
CA ARG D 550 32.72 24.35 23.42
C ARG D 550 34.18 24.72 23.27
N GLU D 551 34.95 23.84 22.66
CA GLU D 551 36.35 24.12 22.44
C GLU D 551 36.44 24.63 21.01
N LYS D 552 35.28 25.00 20.48
CA LYS D 552 35.16 25.55 19.13
C LYS D 552 34.35 26.87 19.13
N HIS D 553 33.41 26.96 20.08
CA HIS D 553 32.54 28.11 20.30
C HIS D 553 32.38 28.37 21.79
N GLU D 554 32.99 29.47 22.26
CA GLU D 554 33.00 29.87 23.67
C GLU D 554 31.63 30.32 24.17
N GLU D 555 30.58 30.10 23.38
CA GLU D 555 29.24 30.56 23.77
C GLU D 555 28.42 29.48 24.44
N PHE D 556 28.58 28.25 23.99
CA PHE D 556 27.83 27.14 24.56
C PHE D 556 28.33 26.78 25.95
N CYS D 557 29.44 27.40 26.35
CA CYS D 557 30.07 27.13 27.64
C CYS D 557 29.23 27.66 28.82
N VAL D 558 27.96 27.29 28.83
CA VAL D 558 27.03 27.71 29.87
C VAL D 558 26.20 26.55 30.41
N PRO D 559 25.51 26.76 31.55
CA PRO D 559 24.69 25.73 32.16
C PRO D 559 23.41 25.43 31.39
N MET D 560 23.22 24.16 31.05
CA MET D 560 22.03 23.75 30.34
C MET D 560 21.42 22.51 31.03
N VAL D 561 20.11 22.55 31.26
CA VAL D 561 19.44 21.41 31.90
C VAL D 561 18.22 20.94 31.10
N MET D 562 18.22 19.67 30.70
CA MET D 562 17.12 19.18 29.91
C MET D 562 16.13 18.44 30.76
N VAL D 563 14.85 18.63 30.48
CA VAL D 563 13.78 17.97 31.23
C VAL D 563 12.94 17.11 30.29
N PRO D 564 12.70 15.85 30.67
CA PRO D 564 11.91 14.90 29.86
C PRO D 564 10.57 15.48 29.45
N ALA D 565 10.38 15.65 28.14
CA ALA D 565 9.11 16.18 27.62
C ALA D 565 8.76 15.55 26.27
N THR D 566 8.27 14.32 26.32
CA THR D 566 7.86 13.59 25.12
C THR D 566 6.86 12.49 25.50
N VAL D 567 5.98 12.17 24.56
CA VAL D 567 4.97 11.15 24.79
C VAL D 567 5.55 9.77 24.68
N SER D 568 6.74 9.71 24.13
CA SER D 568 7.39 8.42 23.95
C SER D 568 7.97 7.88 25.25
N ASN D 569 8.64 8.76 26.00
CA ASN D 569 9.28 8.39 27.24
C ASN D 569 10.59 7.63 26.96
N ASN D 570 11.23 7.95 25.84
CA ASN D 570 12.45 7.28 25.44
C ASN D 570 13.61 8.02 26.02
N VAL D 571 13.34 9.12 26.70
CA VAL D 571 14.40 9.93 27.29
C VAL D 571 15.20 9.16 28.34
N PRO D 572 16.47 8.80 28.04
CA PRO D 572 17.31 8.06 28.97
C PRO D 572 17.73 8.89 30.16
N GLY D 573 17.61 8.32 31.34
CA GLY D 573 17.96 9.05 32.54
C GLY D 573 16.72 9.50 33.29
N SER D 574 15.58 8.86 32.99
CA SER D 574 14.28 9.17 33.62
C SER D 574 13.28 8.05 33.32
N ASP D 575 12.59 7.59 34.35
CA ASP D 575 11.61 6.54 34.17
C ASP D 575 10.31 7.11 33.63
N PHE D 576 10.19 8.43 33.66
CA PHE D 576 8.99 9.07 33.14
C PHE D 576 9.30 10.31 32.30
N SER D 577 8.34 10.71 31.47
CA SER D 577 8.47 11.87 30.58
C SER D 577 7.20 12.74 30.66
N ILE D 578 7.34 14.03 30.40
CA ILE D 578 6.20 14.95 30.44
C ILE D 578 5.31 14.73 29.21
N GLY D 579 4.01 14.61 29.46
CA GLY D 579 3.05 14.40 28.39
C GLY D 579 2.88 12.93 28.08
N ALA D 580 3.58 12.08 28.82
CA ALA D 580 3.50 10.66 28.59
C ALA D 580 2.20 10.12 29.16
N ASP D 581 1.96 10.45 30.42
CA ASP D 581 0.76 9.95 31.08
C ASP D 581 -0.49 10.49 30.44
N THR D 582 -0.31 11.49 29.58
CA THR D 582 -1.46 12.08 28.91
C THR D 582 -1.89 11.18 27.76
N ALA D 583 -0.99 11.00 26.81
CA ALA D 583 -1.27 10.14 25.67
C ALA D 583 -1.70 8.74 26.14
N LEU D 584 -1.00 8.25 27.17
CA LEU D 584 -1.29 6.95 27.71
C LEU D 584 -2.74 6.90 28.17
N ASN D 585 -3.22 8.03 28.66
CA ASN D 585 -4.59 8.13 29.13
C ASN D 585 -5.55 8.21 27.92
N THR D 586 -5.12 8.91 26.88
CA THR D 586 -5.92 9.05 25.68
C THR D 586 -6.04 7.69 24.99
N ILE D 587 -4.94 6.93 25.00
CA ILE D 587 -4.93 5.60 24.38
C ILE D 587 -5.82 4.62 25.13
N THR D 588 -5.55 4.47 26.42
CA THR D 588 -6.33 3.58 27.25
C THR D 588 -7.80 3.87 27.07
N ASP D 589 -8.14 5.14 26.90
CA ASP D 589 -9.53 5.54 26.71
C ASP D 589 -10.03 5.01 25.39
N THR D 590 -9.35 5.40 24.32
CA THR D 590 -9.73 4.97 22.97
C THR D 590 -9.88 3.47 22.83
N CYS D 591 -9.08 2.71 23.58
CA CYS D 591 -9.17 1.25 23.52
C CYS D 591 -10.45 0.75 24.12
N ASP D 592 -11.02 1.50 25.06
CA ASP D 592 -12.27 1.14 25.68
C ASP D 592 -13.41 1.36 24.71
N ARG D 593 -13.31 2.46 23.97
CA ARG D 593 -14.33 2.75 22.99
C ARG D 593 -14.26 1.78 21.83
N ILE D 594 -13.10 1.15 21.62
CA ILE D 594 -12.89 0.17 20.54
C ILE D 594 -13.31 -1.18 21.06
N LYS D 595 -13.17 -1.42 22.34
CA LYS D 595 -13.58 -2.70 22.91
C LYS D 595 -15.10 -2.71 22.98
N GLN D 596 -15.72 -1.59 22.59
CA GLN D 596 -17.18 -1.43 22.57
C GLN D 596 -17.75 -2.09 21.33
N SER D 597 -17.21 -1.74 20.16
CA SER D 597 -17.62 -2.28 18.87
C SER D 597 -17.14 -3.71 18.68
N ALA D 598 -16.27 -4.14 19.58
CA ALA D 598 -15.72 -5.47 19.51
C ALA D 598 -16.60 -6.40 20.33
N SER D 599 -17.35 -5.82 21.24
CA SER D 599 -18.27 -6.57 22.07
C SER D 599 -19.65 -6.57 21.43
N GLY D 600 -20.01 -5.46 20.80
CA GLY D 600 -21.32 -5.38 20.16
C GLY D 600 -21.45 -6.47 19.11
N THR D 601 -20.39 -6.61 18.33
CA THR D 601 -20.32 -7.60 17.28
C THR D 601 -19.50 -8.72 17.88
N LYS D 602 -20.19 -9.77 18.30
CA LYS D 602 -19.57 -10.95 18.90
C LYS D 602 -18.46 -11.52 18.00
N ARG D 603 -17.41 -12.03 18.62
CA ARG D 603 -16.26 -12.64 17.94
C ARG D 603 -15.57 -11.73 16.96
N ARG D 604 -14.79 -10.82 17.50
CA ARG D 604 -14.04 -9.87 16.70
C ARG D 604 -12.80 -9.39 17.45
N VAL D 605 -11.70 -9.28 16.70
CA VAL D 605 -10.42 -8.86 17.25
C VAL D 605 -9.87 -7.59 16.60
N PHE D 606 -9.30 -6.71 17.42
CA PHE D 606 -8.76 -5.44 16.92
C PHE D 606 -7.26 -5.36 17.10
N ILE D 607 -6.60 -4.79 16.13
CA ILE D 607 -5.15 -4.62 16.19
C ILE D 607 -4.86 -3.13 16.14
N ILE D 608 -4.48 -2.53 17.27
CA ILE D 608 -4.16 -1.10 17.32
C ILE D 608 -2.64 -0.79 17.37
N GLU D 609 -2.21 0.11 16.49
CA GLU D 609 -0.80 0.47 16.43
C GLU D 609 -0.54 1.78 17.13
N THR D 610 -0.06 1.71 18.35
CA THR D 610 0.26 2.90 19.13
C THR D 610 1.60 3.45 18.67
N MET D 611 1.83 4.75 18.85
CA MET D 611 3.07 5.37 18.43
C MET D 611 4.04 5.49 19.57
N GLY D 612 5.21 6.03 19.25
CA GLY D 612 6.24 6.19 20.25
C GLY D 612 7.58 5.54 19.87
N GLY D 613 8.08 5.92 18.69
CA GLY D 613 9.34 5.40 18.20
C GLY D 613 9.50 3.94 18.52
N TYR D 614 10.70 3.54 18.92
CA TYR D 614 11.01 2.15 19.27
C TYR D 614 10.65 1.86 20.72
N CYS D 615 10.49 2.92 21.51
CA CYS D 615 10.11 2.78 22.92
C CYS D 615 8.71 2.22 23.07
N GLY D 616 8.62 0.99 23.52
CA GLY D 616 7.32 0.37 23.66
C GLY D 616 6.58 0.74 24.94
N TYR D 617 7.02 1.83 25.53
CA TYR D 617 6.42 2.25 26.76
C TYR D 617 4.92 2.40 26.55
N LEU D 618 4.56 3.35 25.69
CA LEU D 618 3.15 3.62 25.42
C LEU D 618 2.34 2.37 25.11
N ALA D 619 2.93 1.52 24.28
CA ALA D 619 2.30 0.29 23.82
C ALA D 619 2.03 -0.69 24.95
N ASN D 620 2.98 -0.79 25.87
CA ASN D 620 2.83 -1.71 26.99
C ASN D 620 1.87 -1.24 28.09
N MET D 621 2.17 -0.06 28.66
CA MET D 621 1.34 0.54 29.69
C MET D 621 -0.13 0.65 29.26
N GLY D 622 -0.34 0.98 27.97
CA GLY D 622 -1.70 1.07 27.47
C GLY D 622 -2.28 -0.33 27.32
N GLY D 623 -1.46 -1.30 26.95
CA GLY D 623 -2.01 -2.62 26.80
C GLY D 623 -2.43 -3.18 28.14
N LEU D 624 -1.71 -2.82 29.20
CA LEU D 624 -2.03 -3.33 30.53
C LEU D 624 -3.18 -2.59 31.16
N ALA D 625 -3.37 -1.36 30.70
CA ALA D 625 -4.42 -0.52 31.23
C ALA D 625 -5.72 -0.76 30.54
N ALA D 626 -5.71 -1.37 29.36
CA ALA D 626 -6.97 -1.62 28.67
C ALA D 626 -7.18 -3.11 28.64
N GLY D 627 -6.26 -3.87 29.22
CA GLY D 627 -6.40 -5.31 29.21
C GLY D 627 -6.35 -5.97 27.86
N ALA D 628 -5.31 -5.65 27.09
CA ALA D 628 -5.11 -6.22 25.78
C ALA D 628 -4.57 -7.66 25.92
N ASP D 629 -5.02 -8.53 25.03
CA ASP D 629 -4.60 -9.91 25.06
C ASP D 629 -3.11 -10.05 24.80
N ALA D 630 -2.50 -9.02 24.23
CA ALA D 630 -1.08 -9.02 23.93
C ALA D 630 -0.61 -7.72 23.31
N ALA D 631 0.57 -7.27 23.73
CA ALA D 631 1.10 -6.03 23.19
C ALA D 631 2.53 -6.30 22.73
N TYR D 632 2.73 -6.22 21.42
CA TYR D 632 4.04 -6.47 20.82
C TYR D 632 4.95 -5.26 20.76
N ILE D 633 5.90 -5.22 21.68
CA ILE D 633 6.82 -4.11 21.71
C ILE D 633 8.11 -4.56 21.09
N PHE D 634 8.99 -3.62 20.80
CA PHE D 634 10.28 -3.89 20.20
C PHE D 634 11.19 -4.53 21.20
N GLU D 635 11.27 -3.92 22.38
CA GLU D 635 12.15 -4.40 23.46
C GLU D 635 12.04 -5.88 23.80
N GLU D 636 11.01 -6.56 23.30
CA GLU D 636 10.83 -7.98 23.56
C GLU D 636 10.64 -8.72 22.24
N PRO D 637 11.72 -9.30 21.71
CA PRO D 637 11.69 -10.04 20.43
C PRO D 637 10.62 -11.11 20.38
N PHE D 638 10.21 -11.50 19.18
CA PHE D 638 9.19 -12.55 19.02
C PHE D 638 9.21 -13.07 17.60
N ASP D 639 9.03 -14.38 17.44
CA ASP D 639 9.00 -15.00 16.11
C ASP D 639 7.55 -15.37 15.74
N ILE D 640 7.38 -15.97 14.56
CA ILE D 640 6.07 -16.37 14.04
C ILE D 640 5.42 -17.38 14.99
N ARG D 641 6.21 -17.88 15.92
CA ARG D 641 5.69 -18.83 16.88
C ARG D 641 5.04 -18.10 18.05
N ASP D 642 5.69 -17.06 18.58
CA ASP D 642 5.10 -16.33 19.71
C ASP D 642 3.77 -15.75 19.24
N LEU D 643 3.70 -15.53 17.94
CA LEU D 643 2.53 -14.97 17.31
C LEU D 643 1.51 -16.11 17.13
N GLN D 644 1.96 -17.23 16.58
CA GLN D 644 1.09 -18.36 16.37
C GLN D 644 0.47 -18.85 17.68
N SER D 645 1.32 -18.96 18.71
CA SER D 645 0.92 -19.44 20.02
C SER D 645 0.02 -18.48 20.76
N ASN D 646 -0.24 -17.34 20.14
CA ASN D 646 -1.10 -16.36 20.79
C ASN D 646 -2.44 -16.31 20.10
N VAL D 647 -2.46 -16.73 18.84
CA VAL D 647 -3.70 -16.74 18.07
C VAL D 647 -4.52 -17.90 18.61
N GLU D 648 -3.84 -18.91 19.16
CA GLU D 648 -4.50 -20.06 19.72
C GLU D 648 -5.27 -19.65 20.97
N HIS D 649 -4.61 -18.90 21.87
CA HIS D 649 -5.23 -18.43 23.09
C HIS D 649 -6.42 -17.55 22.76
N LEU D 650 -6.34 -16.82 21.66
CA LEU D 650 -7.40 -15.94 21.26
C LEU D 650 -8.60 -16.70 20.76
N THR D 651 -8.36 -17.92 20.31
CA THR D 651 -9.40 -18.79 19.80
C THR D 651 -10.18 -19.41 20.95
N GLU D 652 -9.47 -19.80 22.00
CA GLU D 652 -10.08 -20.42 23.16
C GLU D 652 -10.90 -19.39 23.92
N LYS D 653 -10.66 -18.12 23.65
CA LYS D 653 -11.45 -17.10 24.34
C LYS D 653 -12.74 -16.93 23.57
N MET D 654 -12.72 -17.18 22.28
CA MET D 654 -13.93 -17.04 21.46
C MET D 654 -14.87 -18.20 21.72
N LYS D 655 -14.72 -18.79 22.90
CA LYS D 655 -15.57 -19.89 23.34
C LYS D 655 -16.33 -19.42 24.56
N THR D 656 -15.65 -18.62 25.37
CA THR D 656 -16.22 -18.10 26.60
C THR D 656 -17.20 -16.97 26.32
N THR D 657 -17.46 -16.18 27.36
CA THR D 657 -18.36 -15.05 27.28
C THR D 657 -17.66 -13.92 26.54
N ILE D 658 -16.40 -13.66 26.87
CA ILE D 658 -15.66 -12.57 26.23
C ILE D 658 -15.35 -12.94 24.77
N GLN D 659 -16.18 -12.47 23.85
CA GLN D 659 -15.98 -12.73 22.44
C GLN D 659 -15.28 -11.54 21.73
N ARG D 660 -14.39 -10.88 22.46
CA ARG D 660 -13.66 -9.72 21.95
C ARG D 660 -12.20 -10.03 21.92
N GLY D 661 -11.46 -9.18 21.22
CA GLY D 661 -10.02 -9.36 21.12
C GLY D 661 -9.29 -8.06 20.87
N LEU D 662 -8.29 -7.77 21.71
CA LEU D 662 -7.52 -6.54 21.56
C LEU D 662 -6.01 -6.75 21.62
N VAL D 663 -5.32 -6.34 20.57
CA VAL D 663 -3.89 -6.49 20.52
C VAL D 663 -3.24 -5.18 20.09
N LEU D 664 -2.28 -4.71 20.89
CA LEU D 664 -1.58 -3.46 20.60
C LEU D 664 -0.21 -3.73 20.03
N ARG D 665 0.22 -2.92 19.06
CA ARG D 665 1.53 -3.08 18.44
C ARG D 665 2.32 -1.78 18.39
N ASN D 666 3.57 -1.83 18.82
CA ASN D 666 4.43 -0.67 18.83
C ASN D 666 4.73 -0.20 17.43
N GLU D 667 4.60 1.10 17.21
CA GLU D 667 4.83 1.73 15.90
C GLU D 667 5.86 0.98 15.07
N SER D 668 7.03 0.73 15.64
CA SER D 668 8.02 -0.01 14.87
C SER D 668 8.75 -1.03 15.72
N CYS D 669 8.04 -2.08 16.12
CA CYS D 669 8.64 -3.13 16.92
C CYS D 669 9.32 -4.18 16.05
N SER D 670 8.96 -4.21 14.77
CA SER D 670 9.53 -5.17 13.81
C SER D 670 9.42 -4.63 12.39
N GLU D 671 10.46 -4.80 11.60
CA GLU D 671 10.46 -4.27 10.25
C GLU D 671 9.73 -5.15 9.28
N ASN D 672 9.44 -6.37 9.69
CA ASN D 672 8.74 -7.30 8.82
C ASN D 672 7.30 -7.54 9.26
N TYR D 673 7.11 -7.71 10.58
CA TYR D 673 5.77 -7.95 11.14
C TYR D 673 5.12 -6.64 11.44
N THR D 674 4.48 -6.07 10.41
CA THR D 674 3.82 -4.77 10.53
C THR D 674 2.37 -4.92 10.91
N THR D 675 1.73 -3.80 11.21
CA THR D 675 0.33 -3.78 11.61
C THR D 675 -0.53 -4.58 10.63
N ASP D 676 -0.16 -4.51 9.36
CA ASP D 676 -0.84 -5.21 8.30
C ASP D 676 -0.57 -6.71 8.38
N PHE D 677 0.70 -7.05 8.62
CA PHE D 677 1.09 -8.45 8.74
C PHE D 677 0.33 -9.11 9.86
N ILE D 678 0.42 -8.52 11.05
CA ILE D 678 -0.25 -9.04 12.24
C ILE D 678 -1.72 -9.30 11.93
N TYR D 679 -2.38 -8.33 11.33
CA TYR D 679 -3.78 -8.48 10.97
C TYR D 679 -3.94 -9.55 9.90
N GLN D 680 -3.10 -9.52 8.87
CA GLN D 680 -3.15 -10.49 7.78
C GLN D 680 -3.05 -11.91 8.30
N LEU D 681 -2.21 -12.13 9.32
CA LEU D 681 -2.07 -13.45 9.89
C LEU D 681 -3.33 -13.78 10.71
N TYR D 682 -3.68 -12.93 11.66
CA TYR D 682 -4.84 -13.17 12.54
C TYR D 682 -6.12 -13.44 11.82
N SER D 683 -6.25 -12.88 10.65
CA SER D 683 -7.45 -13.10 9.86
C SER D 683 -7.50 -14.51 9.28
N GLU D 684 -6.47 -14.89 8.52
CA GLU D 684 -6.40 -16.20 7.86
C GLU D 684 -6.28 -17.34 8.87
N GLU D 685 -5.79 -17.02 10.06
CA GLU D 685 -5.61 -18.01 11.11
C GLU D 685 -6.82 -18.14 12.01
N GLY D 686 -7.79 -17.23 11.85
CA GLY D 686 -9.00 -17.28 12.64
C GLY D 686 -10.15 -17.69 11.76
N LYS D 687 -10.11 -17.19 10.54
CA LYS D 687 -11.14 -17.49 9.55
C LYS D 687 -12.07 -18.62 9.98
N GLY D 688 -13.24 -18.23 10.48
CA GLY D 688 -14.20 -19.23 10.90
C GLY D 688 -14.49 -19.16 12.38
N VAL D 689 -13.59 -18.57 13.14
CA VAL D 689 -13.79 -18.46 14.58
C VAL D 689 -14.03 -17.01 14.97
N PHE D 690 -13.35 -16.07 14.34
CA PHE D 690 -13.55 -14.68 14.70
C PHE D 690 -13.19 -13.78 13.55
N ASP D 691 -13.59 -12.52 13.66
CA ASP D 691 -13.37 -11.48 12.67
C ASP D 691 -12.32 -10.55 13.26
N CYS D 692 -11.70 -9.71 12.45
CA CYS D 692 -10.71 -8.78 12.97
C CYS D 692 -10.44 -7.61 12.01
N ARG D 693 -10.11 -6.47 12.61
CA ARG D 693 -9.83 -5.24 11.89
C ARG D 693 -8.56 -4.66 12.46
N LYS D 694 -8.13 -3.52 11.91
CA LYS D 694 -6.90 -2.85 12.35
C LYS D 694 -7.04 -1.32 12.37
N ASN D 695 -6.41 -0.67 13.36
CA ASN D 695 -6.44 0.80 13.50
C ASN D 695 -5.07 1.33 13.84
N VAL D 696 -4.71 2.44 13.20
CA VAL D 696 -3.41 3.04 13.43
C VAL D 696 -3.59 4.36 14.16
N LEU D 697 -3.61 4.30 15.49
CA LEU D 697 -3.77 5.52 16.27
C LEU D 697 -2.91 6.65 15.74
N GLY D 698 -3.57 7.74 15.33
CA GLY D 698 -2.88 8.92 14.82
C GLY D 698 -2.28 9.75 15.94
N HIS D 699 -1.84 10.95 15.61
CA HIS D 699 -1.25 11.83 16.63
C HIS D 699 -2.27 12.32 17.63
N MET D 700 -3.47 11.72 17.60
CA MET D 700 -4.53 12.12 18.50
C MET D 700 -4.09 11.89 19.93
N GLN D 701 -3.13 11.00 20.06
CA GLN D 701 -2.57 10.66 21.35
C GLN D 701 -1.92 11.87 21.97
N GLN D 702 -0.81 12.30 21.40
CA GLN D 702 -0.10 13.46 21.93
C GLN D 702 -0.78 14.70 21.44
N GLY D 703 -1.94 15.03 22.00
CA GLY D 703 -2.65 16.20 21.55
C GLY D 703 -3.53 16.87 22.57
N GLY D 704 -4.59 16.17 22.99
CA GLY D 704 -5.52 16.75 23.96
C GLY D 704 -4.94 17.42 25.18
N ALA D 705 -5.80 18.06 25.98
CA ALA D 705 -5.38 18.75 27.20
C ALA D 705 -4.56 17.82 28.08
N PRO D 706 -3.47 18.33 28.65
CA PRO D 706 -2.61 17.50 29.51
C PRO D 706 -3.29 16.90 30.74
N SER D 707 -2.94 15.66 31.07
CA SER D 707 -3.46 14.93 32.22
C SER D 707 -2.93 15.57 33.49
N PRO D 708 -3.76 15.64 34.52
CA PRO D 708 -3.38 16.23 35.80
C PRO D 708 -2.01 15.80 36.28
N PHE D 709 -1.60 14.58 35.92
CA PHE D 709 -0.30 14.05 36.33
C PHE D 709 0.81 14.78 35.60
N ASP D 710 0.53 15.26 34.39
CA ASP D 710 1.51 16.01 33.62
C ASP D 710 1.42 17.51 34.00
N ARG D 711 0.22 17.96 34.27
CA ARG D 711 0.03 19.34 34.66
C ARG D 711 0.90 19.61 35.90
N ASN D 712 1.10 18.58 36.71
CA ASN D 712 1.91 18.70 37.91
C ASN D 712 3.35 18.36 37.59
N PHE D 713 3.59 17.23 36.95
CA PHE D 713 4.96 16.83 36.62
C PHE D 713 5.68 17.97 35.89
N GLY D 714 4.98 18.56 34.95
CA GLY D 714 5.55 19.64 34.20
C GLY D 714 5.93 20.78 35.11
N THR D 715 5.04 21.15 36.01
CA THR D 715 5.31 22.25 36.91
C THR D 715 6.31 21.89 38.06
N LYS D 716 6.18 20.68 38.58
CA LYS D 716 6.99 20.18 39.72
C LYS D 716 8.46 20.04 39.43
N ILE D 717 8.83 19.07 38.61
CA ILE D 717 10.24 18.85 38.31
C ILE D 717 10.88 19.84 37.37
N SER D 718 10.23 20.96 37.09
CA SER D 718 10.85 21.97 36.23
C SER D 718 11.42 23.09 37.10
N ALA D 719 10.82 23.27 38.27
CA ALA D 719 11.25 24.31 39.19
C ALA D 719 12.56 23.86 39.78
N ARG D 720 12.62 22.60 40.20
CA ARG D 720 13.86 22.09 40.77
C ARG D 720 14.94 22.09 39.69
N ALA D 721 14.53 22.34 38.46
CA ALA D 721 15.47 22.37 37.35
C ALA D 721 15.95 23.79 37.18
N MET D 722 15.14 24.72 37.64
CA MET D 722 15.44 26.13 37.55
C MET D 722 16.35 26.59 38.70
N GLU D 723 16.27 25.89 39.84
CA GLU D 723 17.07 26.18 41.02
C GLU D 723 18.45 25.62 40.82
N TRP D 724 18.54 24.46 40.17
CA TRP D 724 19.84 23.85 39.91
C TRP D 724 20.59 24.86 39.07
N ILE D 725 19.85 25.70 38.36
CA ILE D 725 20.45 26.72 37.53
C ILE D 725 20.88 27.89 38.40
N THR D 726 19.94 28.40 39.19
CA THR D 726 20.24 29.54 40.07
C THR D 726 21.35 29.19 41.03
N ALA D 727 21.39 27.93 41.45
CA ALA D 727 22.38 27.44 42.39
C ALA D 727 23.76 27.30 41.74
N LYS D 728 23.78 26.84 40.49
CA LYS D 728 25.05 26.68 39.77
C LYS D 728 25.41 27.89 38.95
N LEU D 729 24.54 28.90 38.95
CA LEU D 729 24.80 30.11 38.21
C LEU D 729 25.38 31.09 39.22
N LYS D 730 25.08 30.86 40.50
CA LYS D 730 25.58 31.67 41.59
C LYS D 730 27.02 31.26 41.83
N GLU D 731 27.38 30.02 41.50
CA GLU D 731 28.75 29.55 41.69
C GLU D 731 29.76 30.46 40.99
N ALA D 732 29.27 31.20 39.99
CA ALA D 732 30.11 32.12 39.24
C ALA D 732 29.64 33.56 39.46
N ARG D 733 28.69 33.73 40.38
CA ARG D 733 28.12 35.03 40.69
C ARG D 733 29.12 35.86 41.49
N PHE D 739 31.71 27.89 32.54
CA PHE D 739 31.25 26.53 32.82
C PHE D 739 31.83 25.58 31.79
N THR D 740 32.68 24.66 32.24
CA THR D 740 33.31 23.70 31.32
C THR D 740 32.92 22.25 31.58
N THR D 741 33.55 21.66 32.60
CA THR D 741 33.29 20.26 32.99
C THR D 741 31.97 19.69 32.48
N ASP D 742 32.10 18.71 31.59
CA ASP D 742 30.95 18.05 30.98
C ASP D 742 29.99 17.49 32.00
N ASP D 743 29.14 18.37 32.53
CA ASP D 743 28.15 17.99 33.51
C ASP D 743 27.22 19.18 33.70
N SER D 744 27.73 20.40 33.55
CA SER D 744 26.87 21.58 33.70
C SER D 744 25.70 21.47 32.73
N ILE D 745 25.72 20.43 31.90
CA ILE D 745 24.65 20.17 30.93
C ILE D 745 24.15 18.75 31.16
N CYS D 746 23.16 18.62 32.03
CA CYS D 746 22.61 17.32 32.37
C CYS D 746 21.14 17.19 31.97
N VAL D 747 20.47 16.21 32.59
CA VAL D 747 19.05 15.93 32.35
C VAL D 747 18.31 15.50 33.62
N LEU D 748 17.63 16.45 34.23
CA LEU D 748 16.87 16.14 35.43
C LEU D 748 15.77 15.15 35.05
N GLY D 749 15.47 14.18 35.92
CA GLY D 749 14.43 13.22 35.61
C GLY D 749 14.20 12.22 36.72
N ILE D 750 13.03 11.60 36.75
CA ILE D 750 12.70 10.62 37.77
C ILE D 750 13.57 9.39 37.63
N SER D 751 14.21 8.98 38.73
CA SER D 751 15.07 7.80 38.74
C SER D 751 14.52 6.82 39.76
N LYS D 752 15.05 6.82 40.98
CA LYS D 752 14.56 5.92 42.00
C LYS D 752 13.21 6.42 42.46
N ARG D 753 13.15 6.86 43.71
CA ARG D 753 11.91 7.37 44.23
C ARG D 753 11.76 8.81 43.80
N ASN D 754 12.88 9.53 43.75
CA ASN D 754 12.89 10.94 43.41
C ASN D 754 13.77 11.25 42.22
N VAL D 755 13.66 12.50 41.74
CA VAL D 755 14.39 12.98 40.58
C VAL D 755 15.84 13.32 40.92
N ILE D 756 16.70 13.31 39.91
CA ILE D 756 18.10 13.61 40.14
C ILE D 756 18.71 14.09 38.83
N PHE D 757 19.67 15.00 38.95
CA PHE D 757 20.32 15.57 37.77
C PHE D 757 21.50 14.71 37.29
N GLN D 758 21.35 14.05 36.14
CA GLN D 758 22.43 13.20 35.61
C GLN D 758 23.09 13.86 34.39
N PRO D 759 24.39 14.15 34.48
CA PRO D 759 25.12 14.78 33.36
C PRO D 759 24.97 13.98 32.08
N VAL D 760 24.51 14.65 31.03
CA VAL D 760 24.29 14.02 29.76
C VAL D 760 25.49 13.20 29.33
N ALA D 761 26.62 13.50 29.95
CA ALA D 761 27.85 12.80 29.61
C ALA D 761 27.80 11.31 29.92
N GLU D 762 27.54 10.97 31.20
CA GLU D 762 27.50 9.58 31.68
C GLU D 762 26.23 8.83 31.31
N LEU D 763 25.39 9.47 30.49
CA LEU D 763 24.18 8.81 30.05
C LEU D 763 24.37 8.13 28.70
N LYS D 764 25.53 8.35 28.09
CA LYS D 764 25.88 7.76 26.80
C LYS D 764 25.91 6.25 26.94
N LYS D 765 26.21 5.75 28.13
CA LYS D 765 26.27 4.30 28.38
C LYS D 765 24.89 3.61 28.28
N GLN D 766 23.98 3.94 29.20
CA GLN D 766 22.67 3.31 29.22
C GLN D 766 21.73 3.93 28.22
N THR D 767 22.10 3.89 26.94
CA THR D 767 21.25 4.44 25.90
C THR D 767 21.51 3.83 24.53
N ASP D 768 20.44 3.38 23.87
CA ASP D 768 20.52 2.78 22.56
C ASP D 768 20.18 3.84 21.51
N PHE D 769 21.23 4.43 20.95
CA PHE D 769 21.11 5.49 19.97
C PHE D 769 20.55 5.01 18.64
N GLU D 770 20.77 3.73 18.35
CA GLU D 770 20.30 3.13 17.11
C GLU D 770 18.77 3.05 17.03
N HIS D 771 18.15 2.74 18.17
CA HIS D 771 16.69 2.65 18.25
C HIS D 771 16.07 3.78 19.07
N ARG D 772 16.92 4.64 19.63
CA ARG D 772 16.49 5.80 20.42
C ARG D 772 15.69 5.42 21.64
N ILE D 773 16.22 4.48 22.41
CA ILE D 773 15.58 4.03 23.65
C ILE D 773 16.64 3.75 24.71
N PRO D 774 16.35 4.05 25.99
CA PRO D 774 17.33 3.80 27.07
C PRO D 774 17.63 2.33 27.18
N LYS D 775 18.88 1.96 27.49
CA LYS D 775 19.27 0.55 27.61
C LYS D 775 18.43 -0.17 28.65
N GLU D 776 18.62 0.22 29.89
CA GLU D 776 17.84 -0.41 30.94
C GLU D 776 16.51 0.33 31.05
N GLN D 777 15.40 -0.41 31.01
CA GLN D 777 14.05 0.16 31.13
C GLN D 777 13.28 -0.57 32.20
N TRP D 778 12.91 0.18 33.23
CA TRP D 778 12.20 -0.36 34.38
C TRP D 778 10.90 -1.08 34.13
N TRP D 779 9.98 -0.44 33.40
CA TRP D 779 8.67 -1.02 33.16
C TRP D 779 8.64 -2.36 32.48
N LEU D 780 9.80 -3.00 32.31
CA LEU D 780 9.83 -4.31 31.68
C LEU D 780 9.59 -5.40 32.71
N LYS D 781 9.67 -5.00 33.98
CA LYS D 781 9.46 -5.92 35.10
C LYS D 781 7.98 -6.30 35.14
N LEU D 782 7.14 -5.46 34.54
CA LEU D 782 5.70 -5.71 34.53
C LEU D 782 5.31 -6.68 33.44
N ARG D 783 6.28 -7.05 32.62
CA ARG D 783 6.04 -7.94 31.48
C ARG D 783 5.41 -9.26 31.85
N PRO D 784 6.03 -10.01 32.77
CA PRO D 784 5.43 -11.29 33.14
C PRO D 784 4.07 -11.04 33.73
N LEU D 785 3.97 -10.07 34.62
CA LEU D 785 2.70 -9.75 35.26
C LEU D 785 1.60 -9.43 34.24
N MET D 786 1.85 -8.41 33.42
CA MET D 786 0.90 -7.98 32.40
C MET D 786 0.25 -9.15 31.63
N LYS D 787 1.03 -10.17 31.32
CA LYS D 787 0.57 -11.31 30.55
C LYS D 787 -0.24 -12.34 31.32
N ILE D 788 0.16 -12.64 32.56
CA ILE D 788 -0.57 -13.63 33.32
C ILE D 788 -2.01 -13.16 33.53
N LEU D 789 -2.27 -11.91 33.19
CA LEU D 789 -3.63 -11.39 33.30
C LEU D 789 -4.35 -11.61 31.97
N ALA D 790 -3.75 -12.42 31.09
CA ALA D 790 -4.32 -12.73 29.76
C ALA D 790 -4.93 -14.12 29.80
N LYS D 791 -4.19 -15.07 30.36
CA LYS D 791 -4.63 -16.46 30.49
C LYS D 791 -3.42 -17.36 30.77
#